data_7MJQ
#
_entry.id   7MJQ
#
_cell.length_a   1.00
_cell.length_b   1.00
_cell.length_c   1.00
_cell.angle_alpha   90.00
_cell.angle_beta   90.00
_cell.angle_gamma   90.00
#
_symmetry.space_group_name_H-M   'P 1'
#
loop_
_entity.id
_entity.type
_entity.pdbx_description
1 polymer 'ATP-sensitive inward rectifier potassium channel 8'
2 polymer 'Isoform SUR2B of ATP-binding cassette sub-family C member 9'
3 branched 2-acetamido-2-deoxy-beta-D-glucopyranose-(1-4)-2-acetamido-2-deoxy-beta-D-glucopyranose
4 non-polymer 'POTASSIUM ION'
5 non-polymer "ADENOSINE-5'-TRIPHOSPHATE"
#
loop_
_entity_poly.entity_id
_entity_poly.type
_entity_poly.pdbx_seq_one_letter_code
_entity_poly.pdbx_strand_id
1 'polypeptide(L)'
;MLARKSIIPEEYVLARIAAENLRKPRIRDRLPKARFIAKSGACNLAHKNIREQGRFLQDIFTTLVDLKWRHTLVIFTMSF
LCSWLLFAIMWWLVAFAHGDIYAYMEKGITEKSGLESAVCVTNVRSFTSAFLFSIEVQVTIGFGGRMMTEECPLAITVLI
LQNIVGLIINAVMLGCIFMKTAQAHRRAETLIFSRHAVIAVRNGKLCFMFRVGDLRKSMIISASVRIQVVKKTTTPEGEV
VPIHQQDIPVDNPIESNNIFLVAPLIICHVIDKRSPLYDISATDLVNQDLEVIVILEGVVETTGITTQARTSYIAEEIQW
GHRFVSIVTEEEGVYSVDYSKFGNTVRVAAPRCSARELDEKPSILIQTLQKSELSHQNSLRKRNSMRRNNSMRRSNSIRR
NNSSLMVPKVQFMTPEGNQCPSES
;
A,B,C,D
2 'polypeptide(L)'
;MSLSFCGNNISSYNIYHGVLQNPCFVDALNLVPHVFLLFITFPILFIGWGSQSSKVQIHHNTWLHFPGHNLRWILTFALL
FVHVCEIAEGIVSDSQRASRHLHLFMPAVMGFVATTTSIVYYHNIETSNFPKLLLALFLYWVMAFITKTIKLVKYWQLGW
GMSDLRFCITGVMVILNGLLMAVEINVIRVRRYVFFMNPQKVKPPEDLQDLGVRFLQPFVNLLSKATYWWMNTLIISAHR
KPIDLKAIGKLPIAMRAVTNYVCLKEAYEEQKKKAADHPNRTPSIWLAMYRAFGRPILLSSTFRYLADLLGFAGPLCISG
IVQRVNEPKNNTTRFSETLSSKEFLENAHVLAVLLFLALILQRTFLQASYYVTIETGINLRGALLAMIYNKILRLSTSNL
SMGEMTLGQINNLVAIETNQLMWFLFLCPNLWAMPVQIIMGVILLYNLLGSSALVGAAVIVLLAPIQYFIATKLAEAQKS
TLDYSTERLKKTNEILKGIKLLKLYAWEHIFCKSVEETRMKELSSLKTFALYTSLSIFMNAAIPIAAVLATFVTHAYASG
NNLKPAEAFASLSLFHILVTPLFLLSTVVRFAVKAIISVQKLNEFLLSDEIGEDSWRTGEGTLPFESCKKHTGVQSKPIN
RKQPGRYHLDNYEQARRLRPAETEDVAIKVTNGYFSWGSGLATLSNIDIRIPTGQLTMIVGQVGCGKSSLLLAILGEMQT
LEGKVYWNNVNESEPSFEATRSRSRYSVAYAAQKPWLLNATVEENITFGSSFNRQRYKAVTDACSLQPDIDLLPFGDQTE
IGERGINLSGGQRQRICVARALYQNTNIVFLDDPFSALDIHLSDHLMQEGILKFLQDDKRTVVLVTHKLQYLTHADWIIA
MKDGSVLREGTLKDIQTKDVELYEHWKTLMNRQDQELEKDMEADQTTLERKTLRRAMYSREAKAQMEDEDEEEEEEEDED
DNMSTVMRLRTKMPWKTCWWYLTSGGFFLLFLMIFSKLLKHSVIVAIDYWLATWTSEYSINDPGKADQTFYVAGFSILCG
AGIFLCLVTSLTVEWMGLTAAKNLHHNLLNKIILGPIRFFDTTPLGLILNRFSADTNIIDQHIPPTLESLTRSTLLCLSA
IGMISYATPVFLIALAPLGVAFYFIQKYFRVASKDLQELDDSTQLPLLCHFSETAEGLTTIRAFRHETRFKQRMLELTDT
NNIAYLFLSAANRWLEVRTDYLGACIVLTASIASISGSSNSGLVGLGLLYALTITNYLNWVVRNLADLEVQMGAVKKVNS
FLTMESENYEGTMDPSQVPEHWPQEGEIKIHDLCVRYENNLKPVLKHVKAYIKPGQKVGICGRTGSGKSSLSLAFFRMVD
IFDGKIVIDGIDISKLPLHTLRSRLSIILQDPILFSGSIRFNLDPECKCTDDRLWEALEIAQLKNMVKSLPGGLDATVTE
GGENFSVGQRQLFCLARAFVRKSSILIMDEATASIDMATENILQKVVMTAFADRTVVTIAHRVHTILTADLVIVMKRGNI
LEYDTPESLLAQEDGVFASFVRADM
;
E,G
#
# COMPACT_ATOMS: atom_id res chain seq x y z
N ARG A 23 22.47 16.23 -5.31
CA ARG A 23 21.46 16.34 -6.36
C ARG A 23 20.33 17.24 -5.92
N LYS A 24 20.67 18.44 -5.45
CA LYS A 24 19.64 19.39 -5.07
C LYS A 24 18.71 19.75 -6.22
N PRO A 25 19.20 19.94 -7.44
CA PRO A 25 18.26 20.09 -8.57
C PRO A 25 17.27 18.95 -8.66
N ARG A 26 17.74 17.70 -8.53
CA ARG A 26 16.81 16.57 -8.50
C ARG A 26 15.96 16.61 -7.23
N ILE A 27 16.49 17.15 -6.14
CA ILE A 27 15.73 17.25 -4.91
C ILE A 27 14.51 18.14 -5.12
N ARG A 28 14.67 19.25 -5.82
CA ARG A 28 13.53 20.10 -6.15
C ARG A 28 12.79 19.59 -7.37
N ASP A 29 13.39 18.63 -8.09
CA ASP A 29 12.80 18.01 -9.26
C ASP A 29 12.20 16.65 -8.94
N ARG A 30 12.04 16.33 -7.65
CA ARG A 30 11.45 15.05 -7.26
C ARG A 30 10.11 14.81 -7.95
N LEU A 31 9.33 15.86 -8.17
CA LEU A 31 8.10 15.71 -8.93
C LEU A 31 8.43 15.55 -10.42
N PRO A 32 9.15 16.51 -11.07
CA PRO A 32 9.50 16.27 -12.48
C PRO A 32 10.26 14.98 -12.66
N LYS A 33 9.61 14.00 -13.27
CA LYS A 33 10.14 12.65 -13.36
C LYS A 33 9.34 11.90 -14.42
N ALA A 34 10.04 11.25 -15.34
CA ALA A 34 9.40 10.43 -16.37
C ALA A 34 9.27 9.02 -15.83
N ARG A 35 8.20 8.78 -15.09
CA ARG A 35 7.88 7.46 -14.55
C ARG A 35 6.46 7.13 -14.99
N PHE A 36 6.34 6.49 -16.15
CA PHE A 36 5.02 6.14 -16.66
C PHE A 36 4.38 5.02 -15.85
N ILE A 37 5.16 4.01 -15.47
CA ILE A 37 4.67 2.94 -14.62
C ILE A 37 5.60 2.77 -13.43
N ALA A 38 5.02 2.74 -12.24
CA ALA A 38 5.82 2.65 -11.03
C ALA A 38 6.47 1.29 -10.93
N LYS A 39 7.67 1.26 -10.34
CA LYS A 39 8.43 0.02 -10.23
C LYS A 39 7.60 -1.11 -9.65
N SER A 40 6.57 -0.77 -8.85
CA SER A 40 5.64 -1.80 -8.41
C SER A 40 4.92 -2.43 -9.59
N GLY A 41 4.48 -1.61 -10.54
CA GLY A 41 3.84 -2.16 -11.72
C GLY A 41 2.58 -1.43 -12.12
N ALA A 42 2.04 -0.61 -11.22
CA ALA A 42 0.80 0.07 -11.50
C ALA A 42 0.99 1.08 -12.62
N CYS A 43 -0.13 1.57 -13.14
CA CYS A 43 -0.15 2.54 -14.23
C CYS A 43 -0.34 3.92 -13.63
N ASN A 44 0.74 4.50 -13.12
CA ASN A 44 0.63 5.83 -12.55
C ASN A 44 0.22 6.81 -13.63
N LEU A 45 -1.04 7.22 -13.61
CA LEU A 45 -1.58 8.07 -14.64
C LEU A 45 -2.68 8.91 -14.01
N ALA A 46 -3.47 9.59 -14.83
CA ALA A 46 -4.59 10.38 -14.31
C ALA A 46 -5.59 10.58 -15.45
N HIS A 47 -6.73 9.92 -15.35
CA HIS A 47 -7.82 10.13 -16.29
C HIS A 47 -8.79 11.15 -15.72
N LYS A 48 -9.37 11.96 -16.60
CA LYS A 48 -10.32 12.97 -16.16
C LYS A 48 -11.19 13.36 -17.33
N ASN A 49 -12.24 14.13 -17.05
CA ASN A 49 -13.15 14.62 -18.08
C ASN A 49 -13.87 13.47 -18.77
N ILE A 50 -14.08 12.37 -18.05
CA ILE A 50 -14.69 11.19 -18.62
C ILE A 50 -16.20 11.19 -18.34
N ARG A 51 -16.92 10.34 -19.08
CA ARG A 51 -18.38 10.33 -19.03
C ARG A 51 -18.88 9.26 -18.04
N GLU A 52 -18.66 9.53 -16.76
CA GLU A 52 -19.06 8.59 -15.71
C GLU A 52 -20.58 8.54 -15.67
N GLN A 53 -21.14 7.45 -16.20
CA GLN A 53 -22.59 7.31 -16.26
C GLN A 53 -23.19 7.12 -14.87
N GLY A 54 -22.43 6.56 -13.94
CA GLY A 54 -22.94 6.34 -12.61
C GLY A 54 -22.32 5.08 -12.04
N ARG A 55 -22.91 4.62 -10.94
CA ARG A 55 -22.50 3.36 -10.31
C ARG A 55 -23.77 2.58 -10.07
N PHE A 56 -24.16 1.79 -11.07
CA PHE A 56 -25.42 1.06 -11.06
C PHE A 56 -25.43 0.07 -9.91
N LEU A 57 -26.60 -0.50 -9.62
CA LEU A 57 -26.74 -1.26 -8.39
C LEU A 57 -25.79 -2.45 -8.38
N GLN A 58 -25.80 -3.25 -9.45
CA GLN A 58 -25.08 -4.53 -9.42
C GLN A 58 -23.64 -4.37 -8.97
N ASP A 59 -23.08 -3.17 -9.10
CA ASP A 59 -21.70 -2.95 -8.69
C ASP A 59 -21.46 -3.39 -7.27
N ILE A 60 -22.36 -3.03 -6.36
CA ILE A 60 -22.17 -3.38 -4.96
C ILE A 60 -22.02 -4.88 -4.80
N PHE A 61 -22.82 -5.66 -5.54
CA PHE A 61 -22.73 -7.10 -5.41
C PHE A 61 -21.34 -7.60 -5.78
N THR A 62 -20.74 -7.01 -6.82
CA THR A 62 -19.39 -7.43 -7.18
C THR A 62 -18.42 -7.17 -6.04
N THR A 63 -18.59 -6.06 -5.33
CA THR A 63 -17.72 -5.80 -4.20
C THR A 63 -17.90 -6.87 -3.14
N LEU A 64 -19.10 -7.46 -3.07
CA LEU A 64 -19.33 -8.54 -2.13
C LEU A 64 -18.44 -9.74 -2.44
N VAL A 65 -18.19 -9.99 -3.72
CA VAL A 65 -17.40 -11.17 -4.07
C VAL A 65 -15.95 -10.98 -3.65
N ASP A 66 -15.40 -9.79 -3.87
CA ASP A 66 -13.97 -9.56 -3.74
C ASP A 66 -13.57 -9.03 -2.38
N LEU A 67 -14.26 -9.43 -1.33
CA LEU A 67 -13.90 -9.01 0.01
C LEU A 67 -12.83 -9.93 0.57
N LYS A 68 -12.35 -9.63 1.77
CA LYS A 68 -11.41 -10.47 2.48
C LYS A 68 -12.14 -11.25 3.56
N TRP A 69 -11.45 -12.24 4.13
CA TRP A 69 -12.15 -13.19 4.99
C TRP A 69 -12.78 -12.54 6.19
N ARG A 70 -12.10 -11.61 6.85
CA ARG A 70 -12.71 -11.01 8.04
C ARG A 70 -13.98 -10.26 7.66
N HIS A 71 -13.92 -9.46 6.59
CA HIS A 71 -15.10 -8.73 6.16
C HIS A 71 -16.18 -9.67 5.62
N THR A 72 -15.80 -10.70 4.88
CA THR A 72 -16.82 -11.61 4.37
C THR A 72 -17.53 -12.32 5.50
N LEU A 73 -16.79 -12.77 6.50
CA LEU A 73 -17.42 -13.44 7.63
C LEU A 73 -18.33 -12.48 8.37
N VAL A 74 -17.89 -11.24 8.55
CA VAL A 74 -18.73 -10.27 9.25
C VAL A 74 -20.01 -10.02 8.47
N ILE A 75 -19.93 -9.80 7.16
CA ILE A 75 -21.13 -9.49 6.39
C ILE A 75 -22.06 -10.68 6.40
N PHE A 76 -21.49 -11.89 6.34
CA PHE A 76 -22.26 -13.12 6.39
C PHE A 76 -23.07 -13.18 7.69
N THR A 77 -22.39 -13.13 8.82
CA THR A 77 -23.08 -13.29 10.09
C THR A 77 -24.07 -12.15 10.33
N MET A 78 -23.67 -10.92 10.00
CA MET A 78 -24.57 -9.80 10.17
C MET A 78 -25.83 -9.96 9.33
N SER A 79 -25.68 -10.47 8.10
CA SER A 79 -26.85 -10.64 7.26
C SER A 79 -27.80 -11.67 7.84
N PHE A 80 -27.26 -12.80 8.27
CA PHE A 80 -28.14 -13.80 8.85
C PHE A 80 -28.86 -13.26 10.07
N LEU A 81 -28.12 -12.59 10.96
CA LEU A 81 -28.75 -12.09 12.17
C LEU A 81 -29.77 -11.00 11.88
N CYS A 82 -29.47 -10.12 10.92
CA CYS A 82 -30.43 -9.08 10.60
C CYS A 82 -31.72 -9.68 10.06
N SER A 83 -31.62 -10.66 9.16
CA SER A 83 -32.83 -11.27 8.65
C SER A 83 -33.63 -11.93 9.78
N TRP A 84 -32.96 -12.66 10.66
CA TRP A 84 -33.67 -13.31 11.75
C TRP A 84 -34.40 -12.30 12.62
N LEU A 85 -33.69 -11.26 13.06
CA LEU A 85 -34.31 -10.28 13.95
C LEU A 85 -35.47 -9.57 13.27
N LEU A 86 -35.29 -9.18 12.01
CA LEU A 86 -36.35 -8.47 11.31
C LEU A 86 -37.62 -9.30 11.24
N PHE A 87 -37.52 -10.53 10.75
CA PHE A 87 -38.75 -11.29 10.66
C PHE A 87 -39.27 -11.71 12.02
N ALA A 88 -38.42 -11.73 13.04
CA ALA A 88 -38.93 -11.94 14.39
C ALA A 88 -39.78 -10.76 14.84
N ILE A 89 -39.33 -9.53 14.55
CA ILE A 89 -40.15 -8.36 14.86
C ILE A 89 -41.48 -8.45 14.14
N MET A 90 -41.47 -8.89 12.89
CA MET A 90 -42.73 -9.00 12.16
C MET A 90 -43.64 -10.01 12.83
N TRP A 91 -43.09 -11.17 13.18
CA TRP A 91 -43.88 -12.19 13.87
C TRP A 91 -44.41 -11.67 15.19
N TRP A 92 -43.64 -10.84 15.87
CA TRP A 92 -44.10 -10.30 17.13
C TRP A 92 -45.34 -9.44 16.91
N LEU A 93 -45.29 -8.58 15.90
CA LEU A 93 -46.48 -7.78 15.58
C LEU A 93 -47.65 -8.69 15.26
N VAL A 94 -47.40 -9.74 14.48
CA VAL A 94 -48.47 -10.63 14.04
C VAL A 94 -49.11 -11.29 15.25
N ALA A 95 -48.29 -11.82 16.15
CA ALA A 95 -48.84 -12.46 17.34
C ALA A 95 -49.40 -11.42 18.30
N PHE A 96 -49.20 -10.14 18.02
CA PHE A 96 -49.88 -9.11 18.80
C PHE A 96 -51.26 -8.85 18.25
N ALA A 97 -51.36 -8.58 16.96
CA ALA A 97 -52.62 -8.12 16.39
C ALA A 97 -53.72 -9.17 16.49
N HIS A 98 -53.38 -10.43 16.42
CA HIS A 98 -54.42 -11.45 16.45
C HIS A 98 -55.00 -11.63 17.84
N GLY A 99 -54.68 -10.76 18.78
CA GLY A 99 -55.20 -10.93 20.12
C GLY A 99 -54.70 -12.25 20.67
N ASP A 100 -53.41 -12.51 20.51
CA ASP A 100 -52.83 -13.74 21.00
C ASP A 100 -52.08 -13.56 22.30
N ILE A 101 -51.28 -12.51 22.42
CA ILE A 101 -50.50 -12.30 23.63
C ILE A 101 -51.42 -12.12 24.83
N TYR A 102 -52.49 -11.35 24.66
CA TYR A 102 -53.46 -11.22 25.74
C TYR A 102 -54.08 -12.56 26.10
N ALA A 103 -54.49 -13.33 25.09
CA ALA A 103 -55.12 -14.62 25.39
C ALA A 103 -54.22 -15.50 26.23
N TYR A 104 -52.92 -15.41 26.01
CA TYR A 104 -51.98 -16.14 26.86
C TYR A 104 -51.84 -15.50 28.23
N MET A 105 -51.86 -14.17 28.29
CA MET A 105 -51.61 -13.51 29.55
C MET A 105 -52.73 -13.73 30.55
N GLU A 106 -53.85 -14.29 30.15
CA GLU A 106 -54.97 -14.51 31.06
C GLU A 106 -54.68 -15.72 31.94
N LYS A 107 -54.17 -15.47 33.14
CA LYS A 107 -53.85 -16.55 34.08
C LYS A 107 -54.99 -16.87 35.03
N GLY A 108 -56.20 -17.04 34.49
CA GLY A 108 -57.26 -17.63 35.29
C GLY A 108 -56.97 -19.09 35.58
N ILE A 109 -56.37 -19.77 34.61
CA ILE A 109 -55.87 -21.12 34.71
C ILE A 109 -54.43 -21.10 34.19
N THR A 110 -53.83 -22.29 34.05
CA THR A 110 -52.53 -22.35 33.39
C THR A 110 -52.61 -21.67 32.02
N GLU A 111 -53.64 -22.00 31.24
CA GLU A 111 -54.06 -21.20 30.10
C GLU A 111 -55.53 -21.54 29.91
N LYS A 112 -56.42 -20.72 30.49
CA LYS A 112 -57.82 -21.08 30.61
C LYS A 112 -58.52 -21.16 29.26
N SER A 113 -58.56 -20.06 28.52
CA SER A 113 -59.23 -20.03 27.22
C SER A 113 -58.28 -19.84 26.05
N GLY A 114 -57.07 -20.41 26.12
CA GLY A 114 -56.08 -20.29 25.07
C GLY A 114 -56.17 -21.30 23.95
N LEU A 115 -57.11 -22.24 24.02
CA LEU A 115 -57.23 -23.28 23.00
C LEU A 115 -58.15 -22.86 21.85
N GLU A 116 -59.35 -22.36 22.17
CA GLU A 116 -60.33 -22.04 21.14
C GLU A 116 -59.97 -20.76 20.40
N SER A 117 -59.30 -19.83 21.07
CA SER A 117 -59.04 -18.51 20.50
C SER A 117 -58.15 -18.57 19.27
N ALA A 118 -57.66 -19.76 18.90
CA ALA A 118 -56.82 -19.94 17.72
C ALA A 118 -55.60 -19.04 17.79
N VAL A 119 -54.79 -19.33 18.79
CA VAL A 119 -53.52 -18.63 18.93
C VAL A 119 -52.89 -18.75 17.56
N CYS A 120 -52.59 -17.62 16.95
CA CYS A 120 -52.20 -17.63 15.55
C CYS A 120 -50.95 -18.47 15.34
N VAL A 121 -50.00 -18.38 16.27
CA VAL A 121 -48.82 -19.22 16.27
C VAL A 121 -48.74 -19.86 17.64
N THR A 122 -48.80 -21.19 17.69
CA THR A 122 -48.99 -21.86 18.98
C THR A 122 -47.85 -21.52 19.93
N ASN A 123 -48.20 -21.14 21.16
CA ASN A 123 -47.23 -20.88 22.22
C ASN A 123 -46.21 -19.82 21.81
N VAL A 124 -46.69 -18.69 21.30
CA VAL A 124 -45.85 -17.52 21.09
C VAL A 124 -46.26 -16.49 22.12
N ARG A 125 -45.41 -16.27 23.12
CA ARG A 125 -45.76 -15.46 24.26
C ARG A 125 -45.20 -14.04 24.20
N SER A 126 -43.92 -13.87 23.87
CA SER A 126 -43.33 -12.53 23.83
C SER A 126 -42.25 -12.50 22.77
N PHE A 127 -41.79 -11.28 22.46
CA PHE A 127 -40.85 -11.11 21.36
C PHE A 127 -39.68 -12.05 21.44
N THR A 128 -39.16 -12.32 22.64
CA THR A 128 -38.12 -13.34 22.74
C THR A 128 -38.61 -14.67 22.17
N SER A 129 -39.80 -15.10 22.57
CA SER A 129 -40.32 -16.36 22.06
C SER A 129 -40.54 -16.30 20.55
N ALA A 130 -41.05 -15.19 20.06
CA ALA A 130 -41.25 -15.06 18.63
C ALA A 130 -39.92 -15.15 17.91
N PHE A 131 -38.88 -14.58 18.48
CA PHE A 131 -37.55 -14.67 17.89
C PHE A 131 -37.06 -16.10 17.88
N LEU A 132 -37.31 -16.84 18.95
CA LEU A 132 -36.94 -18.25 18.92
C LEU A 132 -37.68 -18.94 17.80
N PHE A 133 -38.93 -18.56 17.56
CA PHE A 133 -39.65 -19.15 16.45
C PHE A 133 -39.06 -18.75 15.11
N SER A 134 -38.64 -17.50 14.97
CA SER A 134 -38.00 -17.10 13.71
C SER A 134 -36.77 -17.93 13.42
N ILE A 135 -35.90 -18.10 14.41
CA ILE A 135 -34.75 -18.97 14.23
C ILE A 135 -35.20 -20.35 13.85
N GLU A 136 -36.20 -20.87 14.56
CA GLU A 136 -36.66 -22.23 14.33
C GLU A 136 -37.27 -22.43 12.96
N VAL A 137 -37.73 -21.37 12.30
CA VAL A 137 -38.40 -21.55 11.01
C VAL A 137 -37.51 -21.15 9.86
N GLN A 138 -36.43 -20.43 10.08
CA GLN A 138 -35.62 -20.03 8.95
C GLN A 138 -34.50 -21.01 8.66
N VAL A 139 -33.85 -21.50 9.70
CA VAL A 139 -32.73 -22.40 9.55
C VAL A 139 -33.16 -23.86 9.53
N THR A 140 -34.46 -24.10 9.37
CA THR A 140 -35.02 -25.44 9.19
C THR A 140 -34.81 -26.32 10.41
N ILE A 141 -34.74 -25.74 11.61
CA ILE A 141 -34.64 -26.56 12.80
C ILE A 141 -35.99 -27.13 13.16
N GLY A 142 -36.95 -26.27 13.47
CA GLY A 142 -38.30 -26.75 13.71
C GLY A 142 -38.50 -27.57 14.98
N PHE A 143 -38.51 -26.91 16.13
CA PHE A 143 -38.61 -27.63 17.38
C PHE A 143 -40.02 -28.12 17.70
N GLY A 144 -41.01 -27.80 16.88
CA GLY A 144 -42.29 -28.45 17.05
C GLY A 144 -43.15 -27.88 18.16
N GLY A 145 -42.50 -27.38 19.20
CA GLY A 145 -43.23 -26.83 20.32
C GLY A 145 -44.07 -25.62 19.96
N ARG A 146 -43.84 -25.03 18.80
CA ARG A 146 -44.54 -23.81 18.40
C ARG A 146 -44.75 -23.85 16.90
N MET A 147 -45.94 -24.30 16.49
CA MET A 147 -46.25 -24.52 15.09
C MET A 147 -47.25 -23.49 14.59
N MET A 148 -47.24 -23.25 13.28
CA MET A 148 -48.28 -22.43 12.67
C MET A 148 -49.59 -23.19 12.71
N THR A 149 -50.69 -22.44 12.82
CA THR A 149 -52.00 -23.05 13.02
C THR A 149 -52.87 -22.75 11.81
N GLU A 150 -54.13 -23.22 11.87
CA GLU A 150 -55.01 -23.23 10.73
C GLU A 150 -56.00 -22.07 10.74
N GLU A 151 -55.67 -20.97 11.39
CA GLU A 151 -56.61 -19.88 11.52
C GLU A 151 -56.21 -18.64 10.73
N CYS A 152 -54.99 -18.16 10.91
CA CYS A 152 -54.65 -16.82 10.46
C CYS A 152 -53.95 -16.86 9.11
N PRO A 153 -54.60 -16.46 8.02
CA PRO A 153 -53.90 -16.48 6.72
C PRO A 153 -52.75 -15.52 6.65
N LEU A 154 -52.81 -14.41 7.38
CA LEU A 154 -51.70 -13.46 7.36
C LEU A 154 -50.41 -14.13 7.80
N ALA A 155 -50.47 -14.96 8.84
CA ALA A 155 -49.28 -15.66 9.31
C ALA A 155 -48.76 -16.59 8.23
N ILE A 156 -49.66 -17.24 7.49
CA ILE A 156 -49.22 -18.13 6.44
C ILE A 156 -48.53 -17.33 5.33
N THR A 157 -49.04 -16.13 5.04
CA THR A 157 -48.40 -15.28 4.06
C THR A 157 -47.00 -14.92 4.52
N VAL A 158 -46.86 -14.55 5.78
CA VAL A 158 -45.54 -14.18 6.26
C VAL A 158 -44.62 -15.38 6.29
N LEU A 159 -45.15 -16.58 6.54
CA LEU A 159 -44.30 -17.77 6.53
C LEU A 159 -43.77 -18.04 5.12
N ILE A 160 -44.64 -17.92 4.12
CA ILE A 160 -44.20 -18.12 2.74
C ILE A 160 -43.11 -17.12 2.41
N LEU A 161 -43.35 -15.85 2.74
CA LEU A 161 -42.35 -14.83 2.47
C LEU A 161 -41.06 -15.16 3.19
N GLN A 162 -41.16 -15.60 4.43
CA GLN A 162 -39.97 -15.96 5.18
C GLN A 162 -39.17 -17.02 4.45
N ASN A 163 -39.82 -18.09 4.00
CA ASN A 163 -39.04 -19.17 3.42
C ASN A 163 -38.43 -18.77 2.08
N ILE A 164 -39.16 -18.01 1.26
CA ILE A 164 -38.59 -17.58 -0.02
C ILE A 164 -37.36 -16.71 0.21
N VAL A 165 -37.47 -15.72 1.09
CA VAL A 165 -36.33 -14.85 1.31
C VAL A 165 -35.20 -15.63 1.94
N GLY A 166 -35.54 -16.59 2.80
CA GLY A 166 -34.50 -17.38 3.43
C GLY A 166 -33.70 -18.17 2.43
N LEU A 167 -34.39 -18.83 1.49
CA LEU A 167 -33.63 -19.60 0.51
C LEU A 167 -32.79 -18.70 -0.39
N ILE A 168 -33.31 -17.53 -0.80
CA ILE A 168 -32.48 -16.67 -1.65
C ILE A 168 -31.25 -16.18 -0.91
N ILE A 169 -31.41 -15.72 0.34
CA ILE A 169 -30.26 -15.24 1.09
C ILE A 169 -29.28 -16.37 1.34
N ASN A 170 -29.79 -17.56 1.65
CA ASN A 170 -28.91 -18.70 1.87
C ASN A 170 -28.10 -19.00 0.62
N ALA A 171 -28.77 -19.02 -0.53
CA ALA A 171 -28.06 -19.30 -1.77
C ALA A 171 -27.03 -18.23 -2.08
N VAL A 172 -27.37 -16.96 -1.89
CA VAL A 172 -26.43 -15.90 -2.24
C VAL A 172 -25.21 -15.95 -1.34
N MET A 173 -25.41 -16.16 -0.04
CA MET A 173 -24.27 -16.21 0.86
C MET A 173 -23.43 -17.44 0.60
N LEU A 174 -24.07 -18.56 0.25
CA LEU A 174 -23.31 -19.74 -0.10
C LEU A 174 -22.48 -19.50 -1.34
N GLY A 175 -23.06 -18.81 -2.33
CA GLY A 175 -22.30 -18.48 -3.52
C GLY A 175 -21.11 -17.59 -3.21
N CYS A 176 -21.30 -16.63 -2.32
CA CYS A 176 -20.19 -15.77 -1.92
C CYS A 176 -19.07 -16.60 -1.30
N ILE A 177 -19.41 -17.44 -0.33
CA ILE A 177 -18.37 -18.20 0.38
C ILE A 177 -17.69 -19.16 -0.57
N PHE A 178 -18.46 -19.83 -1.41
CA PHE A 178 -17.84 -20.71 -2.38
C PHE A 178 -16.87 -19.95 -3.27
N MET A 179 -17.30 -18.84 -3.86
CA MET A 179 -16.41 -18.13 -4.78
C MET A 179 -15.16 -17.61 -4.08
N LYS A 180 -15.24 -17.32 -2.78
CA LYS A 180 -13.99 -17.03 -2.07
C LYS A 180 -13.18 -18.29 -1.79
N THR A 181 -13.81 -19.46 -1.88
CA THR A 181 -13.04 -20.71 -1.80
C THR A 181 -12.41 -21.12 -3.13
N ALA A 182 -13.13 -21.00 -4.24
CA ALA A 182 -12.65 -21.41 -5.54
C ALA A 182 -11.57 -20.48 -6.08
N GLN A 183 -11.36 -19.34 -5.44
CA GLN A 183 -10.29 -18.43 -5.81
C GLN A 183 -9.12 -18.56 -4.84
N ALA A 184 -8.92 -19.76 -4.30
CA ALA A 184 -7.79 -20.03 -3.42
C ALA A 184 -6.54 -20.43 -4.18
N HIS A 185 -6.65 -20.73 -5.47
CA HIS A 185 -5.46 -20.95 -6.28
C HIS A 185 -4.62 -19.68 -6.36
N ARG A 186 -5.27 -18.55 -6.56
CA ARG A 186 -4.57 -17.28 -6.65
C ARG A 186 -4.02 -16.87 -5.29
N ARG A 187 -2.70 -16.78 -5.19
CA ARG A 187 -2.07 -16.24 -3.99
C ARG A 187 -1.42 -14.90 -4.27
N ALA A 188 -0.48 -14.83 -5.19
CA ALA A 188 0.18 -13.58 -5.54
C ALA A 188 1.10 -13.79 -6.73
N GLU A 189 1.17 -12.82 -7.64
CA GLU A 189 2.12 -12.90 -8.73
C GLU A 189 3.54 -12.70 -8.20
N THR A 190 4.42 -13.64 -8.54
CA THR A 190 5.79 -13.55 -8.06
C THR A 190 6.78 -13.68 -9.21
N LEU A 191 7.05 -12.61 -9.93
CA LEU A 191 7.98 -12.57 -11.02
C LEU A 191 8.99 -11.49 -10.70
N ILE A 192 10.27 -11.76 -10.86
CA ILE A 192 11.31 -10.93 -10.30
C ILE A 192 12.24 -10.43 -11.39
N PHE A 193 12.52 -9.13 -11.37
CA PHE A 193 13.44 -8.50 -12.29
C PHE A 193 14.69 -8.06 -11.56
N SER A 194 15.75 -7.86 -12.32
CA SER A 194 16.90 -7.15 -11.79
C SER A 194 16.49 -5.70 -11.55
N ARG A 195 16.60 -5.26 -10.29
CA ARG A 195 16.17 -3.91 -9.96
C ARG A 195 16.85 -2.89 -10.86
N HIS A 196 18.06 -3.18 -11.30
CA HIS A 196 18.78 -2.36 -12.25
C HIS A 196 18.86 -3.08 -13.60
N ALA A 197 19.09 -2.29 -14.63
CA ALA A 197 19.38 -2.80 -15.96
C ALA A 197 20.87 -3.11 -16.03
N VAL A 198 21.38 -3.26 -17.24
CA VAL A 198 22.81 -3.33 -17.50
C VAL A 198 23.00 -3.10 -18.99
N ILE A 199 24.08 -2.41 -19.35
CA ILE A 199 24.46 -2.27 -20.75
C ILE A 199 25.91 -2.67 -20.89
N ALA A 200 26.23 -3.37 -21.97
CA ALA A 200 27.62 -3.81 -22.10
C ALA A 200 27.93 -4.08 -23.56
N VAL A 201 29.07 -4.71 -23.80
CA VAL A 201 29.46 -5.20 -25.12
C VAL A 201 29.53 -6.71 -25.05
N ARG A 202 28.80 -7.39 -25.91
CA ARG A 202 28.94 -8.84 -25.98
C ARG A 202 29.01 -9.26 -27.43
N ASN A 203 29.74 -10.34 -27.69
CA ASN A 203 29.81 -10.95 -29.01
C ASN A 203 30.20 -9.96 -30.10
N GLY A 204 30.89 -8.88 -29.74
CA GLY A 204 31.38 -7.94 -30.71
C GLY A 204 30.58 -6.66 -30.84
N LYS A 205 29.38 -6.61 -30.26
CA LYS A 205 28.55 -5.43 -30.44
C LYS A 205 27.86 -5.06 -29.13
N LEU A 206 27.34 -3.84 -29.10
CA LEU A 206 26.69 -3.34 -27.89
C LEU A 206 25.43 -4.14 -27.61
N CYS A 207 25.17 -4.39 -26.34
CA CYS A 207 24.03 -5.20 -25.93
C CYS A 207 23.37 -4.56 -24.73
N PHE A 208 22.05 -4.70 -24.67
CA PHE A 208 21.24 -4.26 -23.56
C PHE A 208 20.79 -5.50 -22.84
N MET A 209 20.83 -5.49 -21.52
CA MET A 209 20.51 -6.68 -20.77
C MET A 209 19.43 -6.38 -19.75
N PHE A 210 19.02 -7.43 -19.07
CA PHE A 210 18.11 -7.38 -17.93
C PHE A 210 17.99 -8.80 -17.44
N ARG A 211 17.66 -8.96 -16.17
CA ARG A 211 17.57 -10.29 -15.59
C ARG A 211 16.13 -10.58 -15.20
N VAL A 212 15.67 -11.80 -15.47
CA VAL A 212 14.32 -12.21 -15.15
C VAL A 212 14.37 -13.55 -14.45
N GLY A 213 13.67 -13.66 -13.32
CA GLY A 213 13.66 -14.87 -12.54
C GLY A 213 12.27 -15.14 -11.98
N ASP A 214 12.08 -16.38 -11.56
CA ASP A 214 10.79 -16.80 -11.03
C ASP A 214 10.99 -17.55 -9.73
N LEU A 215 9.99 -17.47 -8.86
CA LEU A 215 10.04 -18.07 -7.54
C LEU A 215 9.09 -19.24 -7.40
N ARG A 216 7.92 -19.14 -8.00
CA ARG A 216 6.94 -20.22 -8.00
C ARG A 216 7.53 -21.50 -8.57
N LYS A 217 7.19 -22.62 -7.97
CA LYS A 217 7.66 -23.90 -8.49
C LYS A 217 7.07 -24.17 -9.88
N SER A 218 5.79 -23.86 -10.07
CA SER A 218 5.11 -24.17 -11.31
C SER A 218 5.72 -23.42 -12.48
N MET A 219 5.68 -24.04 -13.65
CA MET A 219 6.21 -23.42 -14.84
C MET A 219 5.23 -22.36 -15.36
N ILE A 220 5.67 -21.62 -16.37
CA ILE A 220 4.83 -20.63 -17.03
C ILE A 220 4.80 -20.96 -18.51
N ILE A 221 3.69 -21.44 -18.97
CA ILE A 221 3.61 -21.99 -20.32
C ILE A 221 3.34 -20.86 -21.30
N SER A 222 3.84 -21.03 -22.53
CA SER A 222 3.60 -20.09 -23.61
C SER A 222 4.07 -18.70 -23.23
N ALA A 223 5.19 -18.64 -22.53
CA ALA A 223 5.69 -17.37 -22.05
C ALA A 223 6.06 -16.47 -23.20
N SER A 224 6.00 -15.17 -22.95
CA SER A 224 6.46 -14.22 -23.93
C SER A 224 6.86 -12.94 -23.22
N VAL A 225 7.78 -12.22 -23.84
CA VAL A 225 8.25 -10.94 -23.31
C VAL A 225 8.14 -9.93 -24.43
N ARG A 226 8.01 -8.66 -24.04
CA ARG A 226 8.04 -7.55 -24.98
C ARG A 226 8.76 -6.40 -24.29
N ILE A 227 9.64 -5.74 -25.04
CA ILE A 227 10.38 -4.59 -24.57
C ILE A 227 10.02 -3.40 -25.43
N GLN A 228 9.62 -2.31 -24.78
CA GLN A 228 9.20 -1.12 -25.50
C GLN A 228 9.92 0.10 -24.96
N VAL A 229 10.18 1.04 -25.85
CA VAL A 229 10.74 2.33 -25.51
C VAL A 229 9.64 3.36 -25.49
N VAL A 230 9.50 4.08 -24.38
CA VAL A 230 8.54 5.17 -24.27
C VAL A 230 9.34 6.46 -24.28
N LYS A 231 8.98 7.36 -25.19
CA LYS A 231 9.71 8.61 -25.38
C LYS A 231 8.77 9.60 -26.04
N LYS A 232 9.07 10.89 -25.85
CA LYS A 232 8.35 11.93 -26.56
C LYS A 232 9.01 12.18 -27.91
N THR A 233 8.22 12.12 -28.97
CA THR A 233 8.77 12.11 -30.30
C THR A 233 8.43 13.39 -31.03
N THR A 234 9.02 13.55 -32.22
CA THR A 234 8.74 14.63 -33.13
C THR A 234 8.60 14.03 -34.52
N THR A 235 7.87 14.72 -35.39
CA THR A 235 7.73 14.16 -36.71
C THR A 235 8.08 15.20 -37.78
N PRO A 236 8.71 14.77 -38.87
CA PRO A 236 9.04 15.71 -39.94
C PRO A 236 7.83 16.42 -40.48
N GLU A 237 6.68 15.75 -40.53
CA GLU A 237 5.48 16.42 -41.03
C GLU A 237 5.02 17.51 -40.08
N GLY A 238 5.32 17.37 -38.79
CA GLY A 238 5.04 18.41 -37.83
C GLY A 238 4.36 17.95 -36.56
N GLU A 239 3.67 16.83 -36.63
CA GLU A 239 2.98 16.32 -35.45
C GLU A 239 3.97 15.87 -34.40
N VAL A 240 3.53 15.90 -33.15
CA VAL A 240 4.29 15.35 -32.03
C VAL A 240 3.36 14.41 -31.27
N VAL A 241 3.82 13.21 -31.01
CA VAL A 241 3.09 12.25 -30.20
C VAL A 241 3.69 12.30 -28.79
N PRO A 242 2.97 12.79 -27.80
CA PRO A 242 3.59 13.04 -26.49
C PRO A 242 4.22 11.83 -25.85
N ILE A 243 3.46 10.78 -25.62
CA ILE A 243 3.98 9.53 -25.08
C ILE A 243 3.98 8.53 -26.23
N HIS A 244 5.09 8.43 -26.92
CA HIS A 244 5.28 7.52 -28.04
C HIS A 244 5.86 6.21 -27.58
N GLN A 245 5.29 5.12 -28.07
CA GLN A 245 5.75 3.78 -27.75
C GLN A 245 6.29 3.13 -29.01
N GLN A 246 7.47 2.51 -28.91
CA GLN A 246 7.94 1.72 -30.04
C GLN A 246 8.57 0.44 -29.54
N ASP A 247 8.24 -0.67 -30.21
CA ASP A 247 8.74 -1.96 -29.79
C ASP A 247 10.21 -2.12 -30.14
N ILE A 248 10.82 -3.15 -29.56
CA ILE A 248 12.18 -3.53 -29.96
C ILE A 248 12.26 -5.04 -29.99
N PRO A 249 13.11 -5.58 -30.85
CA PRO A 249 13.25 -7.04 -30.92
C PRO A 249 13.75 -7.62 -29.61
N VAL A 250 13.48 -8.89 -29.40
CA VAL A 250 13.94 -9.49 -28.17
C VAL A 250 15.11 -10.39 -28.41
N ASP A 251 15.70 -10.31 -29.59
CA ASP A 251 16.96 -10.98 -29.88
C ASP A 251 17.16 -12.42 -29.51
N ASN A 252 16.17 -13.29 -29.74
CA ASN A 252 16.37 -14.71 -29.47
C ASN A 252 17.01 -15.34 -30.70
N PRO A 253 17.44 -16.60 -30.59
CA PRO A 253 18.15 -17.16 -31.73
C PRO A 253 17.37 -17.22 -33.02
N ILE A 254 16.12 -17.60 -32.96
CA ILE A 254 15.39 -17.69 -34.18
C ILE A 254 14.24 -16.70 -34.23
N GLU A 255 14.46 -15.47 -33.75
CA GLU A 255 13.43 -14.44 -33.80
C GLU A 255 12.07 -14.79 -33.23
N SER A 256 12.01 -15.21 -32.00
CA SER A 256 10.71 -15.54 -31.44
C SER A 256 10.56 -15.16 -29.98
N ASN A 257 9.53 -14.43 -29.65
CA ASN A 257 9.38 -14.04 -28.25
C ASN A 257 8.83 -15.19 -27.41
N ASN A 258 9.55 -16.29 -27.38
CA ASN A 258 9.26 -17.40 -26.48
C ASN A 258 10.42 -17.44 -25.51
N ILE A 259 10.23 -18.08 -24.37
CA ILE A 259 11.30 -18.21 -23.39
C ILE A 259 10.94 -19.31 -22.41
N PHE A 260 11.90 -20.20 -22.14
CA PHE A 260 11.74 -21.25 -21.15
C PHE A 260 12.33 -20.76 -19.84
N LEU A 261 11.59 -20.95 -18.75
CA LEU A 261 11.95 -20.36 -17.46
C LEU A 261 12.01 -21.44 -16.38
N VAL A 262 13.15 -22.11 -16.28
CA VAL A 262 13.41 -23.05 -15.20
C VAL A 262 14.32 -22.35 -14.22
N ALA A 263 15.49 -21.96 -14.69
CA ALA A 263 16.36 -21.08 -13.94
C ALA A 263 16.21 -19.65 -14.43
N PRO A 264 16.56 -18.68 -13.61
CA PRO A 264 16.59 -17.30 -14.10
C PRO A 264 17.66 -17.11 -15.17
N LEU A 265 17.47 -16.09 -16.01
CA LEU A 265 18.32 -15.89 -17.18
C LEU A 265 18.48 -14.40 -17.47
N ILE A 266 19.12 -14.09 -18.61
CA ILE A 266 19.37 -12.72 -19.05
C ILE A 266 18.81 -12.42 -20.43
N ILE A 267 17.64 -11.74 -20.50
CA ILE A 267 16.88 -11.43 -21.73
C ILE A 267 17.34 -10.24 -22.56
N CYS A 268 18.40 -10.44 -23.31
CA CYS A 268 19.10 -9.38 -24.05
C CYS A 268 18.67 -8.86 -25.41
N HIS A 269 18.05 -7.66 -25.44
CA HIS A 269 17.54 -6.98 -26.63
C HIS A 269 18.52 -6.13 -27.40
N VAL A 270 19.61 -6.72 -27.84
CA VAL A 270 20.72 -5.99 -28.48
C VAL A 270 20.30 -5.12 -29.61
N ILE A 271 20.84 -3.92 -29.69
CA ILE A 271 20.42 -2.96 -30.71
C ILE A 271 21.41 -2.61 -31.79
N ASP A 272 20.97 -2.64 -33.03
CA ASP A 272 21.87 -2.32 -34.10
C ASP A 272 21.59 -0.97 -34.65
N LYS A 273 20.61 -0.88 -35.55
CA LYS A 273 20.26 0.40 -36.15
C LYS A 273 18.79 0.79 -36.01
N ARG A 274 17.90 -0.12 -36.36
CA ARG A 274 16.48 0.20 -36.34
C ARG A 274 16.02 0.56 -34.95
N SER A 275 16.48 -0.11 -33.92
CA SER A 275 16.07 0.22 -32.57
C SER A 275 16.62 1.56 -32.17
N PRO A 276 15.95 2.30 -31.26
CA PRO A 276 16.53 3.61 -30.91
C PRO A 276 17.62 3.62 -29.86
N LEU A 277 18.74 3.02 -30.21
CA LEU A 277 19.88 3.03 -29.36
C LEU A 277 21.08 3.54 -30.13
N TYR A 278 20.92 3.90 -31.39
CA TYR A 278 22.05 4.37 -32.13
C TYR A 278 22.60 5.67 -31.53
N ASP A 279 21.71 6.58 -31.14
CA ASP A 279 22.09 7.88 -30.58
C ASP A 279 22.78 7.98 -29.22
N ILE A 280 22.59 6.97 -28.37
CA ILE A 280 23.12 6.96 -27.01
C ILE A 280 24.56 7.35 -26.77
N SER A 281 24.73 8.37 -25.93
CA SER A 281 26.01 8.91 -25.53
C SER A 281 26.06 8.78 -24.03
N ALA A 282 27.18 8.35 -23.52
CA ALA A 282 27.31 8.08 -22.09
C ALA A 282 27.02 9.25 -21.22
N THR A 283 27.43 10.43 -21.61
CA THR A 283 27.12 11.61 -20.79
C THR A 283 25.59 11.86 -20.71
N ASP A 284 24.90 11.64 -21.83
CA ASP A 284 23.49 11.92 -21.96
C ASP A 284 22.55 11.15 -21.05
N LEU A 285 22.97 10.01 -20.49
CA LEU A 285 22.10 9.15 -19.70
C LEU A 285 21.47 9.88 -18.54
N VAL A 286 22.17 10.77 -17.86
CA VAL A 286 21.50 11.49 -16.79
C VAL A 286 20.31 12.34 -17.33
N ASN A 287 20.49 12.97 -18.48
CA ASN A 287 19.47 13.79 -19.08
C ASN A 287 18.64 13.00 -20.06
N GLN A 288 18.92 11.71 -20.19
CA GLN A 288 18.17 10.90 -21.13
C GLN A 288 16.68 10.91 -20.84
N ASP A 289 15.87 10.98 -21.89
CA ASP A 289 14.43 11.00 -21.71
C ASP A 289 13.76 9.66 -22.03
N LEU A 290 14.46 8.74 -22.68
CA LEU A 290 13.86 7.46 -23.02
C LEU A 290 13.67 6.62 -21.78
N GLU A 291 12.57 5.87 -21.74
CA GLU A 291 12.30 4.97 -20.63
C GLU A 291 11.97 3.58 -21.15
N VAL A 292 12.59 2.55 -20.59
CA VAL A 292 12.34 1.20 -21.07
C VAL A 292 11.22 0.58 -20.26
N ILE A 293 10.29 -0.08 -20.91
CA ILE A 293 9.21 -0.76 -20.21
C ILE A 293 9.27 -2.22 -20.64
N VAL A 294 9.08 -3.14 -19.70
CA VAL A 294 9.07 -4.55 -20.01
C VAL A 294 7.74 -5.13 -19.59
N ILE A 295 7.06 -5.79 -20.52
CA ILE A 295 5.79 -6.44 -20.24
C ILE A 295 5.90 -7.86 -20.74
N LEU A 296 5.77 -8.82 -19.83
CA LEU A 296 5.82 -10.23 -20.22
C LEU A 296 4.58 -10.90 -19.68
N GLU A 297 4.21 -12.01 -20.30
CA GLU A 297 2.96 -12.64 -19.92
C GLU A 297 2.97 -14.10 -20.31
N GLY A 298 2.06 -14.83 -19.69
CA GLY A 298 1.88 -16.24 -19.97
C GLY A 298 0.79 -16.78 -19.08
N VAL A 299 0.43 -18.03 -19.34
CA VAL A 299 -0.65 -18.68 -18.60
C VAL A 299 -0.02 -19.69 -17.66
N VAL A 300 -0.48 -19.73 -16.43
CA VAL A 300 0.10 -20.60 -15.42
C VAL A 300 -0.44 -22.01 -15.63
N GLU A 301 0.45 -22.99 -15.49
CA GLU A 301 0.13 -24.36 -15.88
C GLU A 301 -0.94 -24.97 -15.00
N THR A 302 -0.83 -24.81 -13.69
CA THR A 302 -1.72 -25.49 -12.76
C THR A 302 -2.90 -24.65 -12.32
N THR A 303 -3.08 -23.47 -12.90
CA THR A 303 -4.23 -22.67 -12.53
C THR A 303 -5.16 -22.38 -13.69
N GLY A 304 -4.61 -22.05 -14.86
CA GLY A 304 -5.43 -21.72 -16.01
C GLY A 304 -5.67 -20.24 -16.20
N ILE A 305 -4.98 -19.38 -15.48
CA ILE A 305 -5.17 -17.94 -15.52
C ILE A 305 -4.07 -17.31 -16.35
N THR A 306 -4.42 -16.34 -17.18
CA THR A 306 -3.42 -15.64 -17.96
C THR A 306 -2.89 -14.48 -17.13
N THR A 307 -1.61 -14.52 -16.80
CA THR A 307 -1.01 -13.46 -16.00
C THR A 307 -0.05 -12.63 -16.83
N GLN A 308 0.19 -11.41 -16.36
CA GLN A 308 1.01 -10.43 -17.06
C GLN A 308 1.75 -9.57 -16.06
N ALA A 309 3.08 -9.52 -16.14
CA ALA A 309 3.88 -8.74 -15.20
C ALA A 309 4.65 -7.67 -15.96
N ARG A 310 4.70 -6.47 -15.38
CA ARG A 310 5.30 -5.31 -16.03
C ARG A 310 6.24 -4.58 -15.09
N THR A 311 7.35 -4.11 -15.64
CA THR A 311 8.36 -3.37 -14.89
C THR A 311 8.85 -2.19 -15.71
N SER A 312 9.42 -1.21 -15.02
CA SER A 312 9.89 0.01 -15.63
C SER A 312 11.38 0.18 -15.35
N TYR A 313 12.11 0.57 -16.38
CA TYR A 313 13.55 0.81 -16.32
C TYR A 313 13.74 2.30 -16.61
N ILE A 314 13.88 3.09 -15.55
CA ILE A 314 14.09 4.53 -15.70
C ILE A 314 15.58 4.81 -15.94
N ALA A 315 15.86 6.02 -16.43
CA ALA A 315 17.23 6.38 -16.75
C ALA A 315 18.13 6.34 -15.54
N GLU A 316 17.59 6.62 -14.35
CA GLU A 316 18.45 6.71 -13.18
C GLU A 316 18.94 5.34 -12.73
N GLU A 317 18.30 4.26 -13.18
CA GLU A 317 18.60 2.92 -12.71
C GLU A 317 19.49 2.15 -13.68
N ILE A 318 19.89 2.76 -14.79
CA ILE A 318 20.63 2.07 -15.84
C ILE A 318 22.12 2.26 -15.53
N GLN A 319 22.67 1.37 -14.73
CA GLN A 319 24.08 1.47 -14.39
C GLN A 319 24.92 0.97 -15.57
N TRP A 320 25.25 1.89 -16.47
CA TRP A 320 25.94 1.60 -17.73
C TRP A 320 27.24 0.86 -17.50
N GLY A 321 27.73 0.21 -18.57
CA GLY A 321 29.06 -0.34 -18.61
C GLY A 321 29.26 -1.61 -17.83
N HIS A 322 28.35 -1.97 -16.93
CA HIS A 322 28.53 -3.16 -16.13
C HIS A 322 28.35 -4.42 -16.97
N ARG A 323 28.48 -5.56 -16.30
CA ARG A 323 28.16 -6.85 -16.88
C ARG A 323 27.59 -7.71 -15.75
N PHE A 324 26.80 -8.70 -16.11
CA PHE A 324 26.09 -9.47 -15.10
C PHE A 324 26.93 -10.63 -14.58
N VAL A 325 26.53 -11.16 -13.43
CA VAL A 325 27.27 -12.19 -12.75
C VAL A 325 26.67 -13.55 -13.06
N SER A 326 27.43 -14.60 -12.75
CA SER A 326 26.96 -15.95 -13.00
C SER A 326 26.39 -16.58 -11.74
N ILE A 327 25.28 -17.31 -11.88
CA ILE A 327 24.51 -17.82 -10.75
C ILE A 327 24.19 -19.30 -10.87
N VAL A 328 25.08 -20.09 -11.47
CA VAL A 328 24.81 -21.51 -11.64
C VAL A 328 26.02 -22.28 -11.15
N THR A 329 25.82 -23.21 -10.20
CA THR A 329 26.96 -23.99 -9.74
C THR A 329 26.68 -25.47 -9.68
N GLU A 330 27.71 -26.25 -10.00
CA GLU A 330 27.63 -27.70 -9.90
C GLU A 330 27.65 -28.09 -8.43
N GLU A 331 26.53 -28.57 -7.91
CA GLU A 331 26.56 -29.22 -6.61
C GLU A 331 26.76 -30.72 -6.83
N GLU A 332 26.54 -31.51 -5.79
CA GLU A 332 26.69 -32.94 -5.95
C GLU A 332 25.53 -33.51 -6.76
N GLY A 333 25.68 -33.57 -8.07
CA GLY A 333 24.73 -34.26 -8.93
C GLY A 333 23.54 -33.44 -9.37
N VAL A 334 23.29 -32.31 -8.74
CA VAL A 334 22.15 -31.45 -9.07
C VAL A 334 22.62 -30.01 -8.95
N TYR A 335 22.23 -29.18 -9.91
CA TYR A 335 22.69 -27.80 -9.92
C TYR A 335 22.09 -27.00 -8.76
N SER A 336 22.92 -26.14 -8.17
CA SER A 336 22.44 -25.19 -7.18
C SER A 336 22.40 -23.80 -7.80
N VAL A 337 21.48 -22.99 -7.30
CA VAL A 337 21.26 -21.64 -7.81
C VAL A 337 21.05 -20.68 -6.65
N ASP A 338 21.62 -19.49 -6.76
CA ASP A 338 21.45 -18.42 -5.80
C ASP A 338 20.40 -17.45 -6.29
N TYR A 339 19.78 -16.74 -5.35
CA TYR A 339 18.96 -15.60 -5.70
C TYR A 339 19.41 -14.31 -5.03
N SER A 340 20.40 -14.38 -4.15
CA SER A 340 20.90 -13.17 -3.49
C SER A 340 21.63 -12.26 -4.47
N LYS A 341 22.43 -12.86 -5.36
CA LYS A 341 23.31 -12.12 -6.26
C LYS A 341 22.61 -11.56 -7.49
N PHE A 342 21.28 -11.40 -7.46
CA PHE A 342 20.56 -11.00 -8.66
C PHE A 342 21.14 -9.73 -9.28
N GLY A 343 21.09 -8.62 -8.55
CA GLY A 343 21.51 -7.36 -9.12
C GLY A 343 22.98 -7.04 -8.98
N ASN A 344 23.76 -7.92 -8.37
CA ASN A 344 25.18 -7.67 -8.24
C ASN A 344 25.88 -7.83 -9.58
N THR A 345 26.74 -6.88 -9.90
CA THR A 345 27.44 -6.85 -11.18
C THR A 345 28.92 -6.59 -10.96
N VAL A 346 29.74 -7.08 -11.88
CA VAL A 346 31.17 -6.81 -11.90
C VAL A 346 31.43 -5.85 -13.05
N ARG A 347 32.05 -4.71 -12.73
CA ARG A 347 32.14 -3.61 -13.69
C ARG A 347 33.25 -3.89 -14.70
N VAL A 348 32.93 -4.80 -15.62
CA VAL A 348 33.84 -5.11 -16.72
C VAL A 348 33.97 -3.89 -17.61
N ALA A 349 35.21 -3.57 -17.99
CA ALA A 349 35.46 -2.41 -18.83
C ALA A 349 34.81 -2.56 -20.19
N ALA A 350 34.28 -1.46 -20.70
CA ALA A 350 33.57 -1.40 -21.97
C ALA A 350 33.84 -0.06 -22.64
N PRO A 351 33.73 0.01 -23.96
CA PRO A 351 33.90 1.29 -24.65
C PRO A 351 32.83 2.29 -24.24
N ARG A 352 33.10 3.55 -24.55
CA ARG A 352 32.26 4.66 -24.14
C ARG A 352 31.63 5.35 -25.34
N CYS A 353 30.31 5.54 -25.29
CA CYS A 353 29.53 6.29 -26.29
C CYS A 353 29.74 5.76 -27.70
N SER A 354 30.15 4.50 -27.83
CA SER A 354 30.41 3.87 -29.11
C SER A 354 29.14 3.54 -29.86
N ALA A 355 27.98 3.96 -29.35
CA ALA A 355 26.70 3.62 -29.97
C ALA A 355 26.64 4.08 -31.42
N ARG A 356 27.11 5.29 -31.69
CA ARG A 356 27.23 5.70 -33.07
C ARG A 356 28.64 5.52 -33.60
N GLU A 357 29.65 5.77 -32.76
CA GLU A 357 31.02 5.67 -33.23
C GLU A 357 31.36 4.25 -33.71
N LEU A 358 31.08 3.25 -32.89
CA LEU A 358 31.37 1.88 -33.30
C LEU A 358 30.43 1.44 -34.42
N ASP A 359 29.16 1.82 -34.35
CA ASP A 359 28.22 1.44 -35.39
C ASP A 359 28.61 2.04 -36.73
N GLU A 360 28.57 3.38 -36.83
CA GLU A 360 29.01 4.06 -38.03
C GLU A 360 30.53 3.93 -38.06
N LYS A 361 30.97 2.77 -38.56
CA LYS A 361 32.35 2.37 -38.37
C LYS A 361 33.30 3.42 -38.94
N PRO A 362 34.25 3.89 -38.16
CA PRO A 362 35.25 4.82 -38.69
C PRO A 362 36.19 4.13 -39.66
N SER A 363 37.23 4.85 -40.12
CA SER A 363 38.19 4.26 -41.04
C SER A 363 38.80 2.99 -40.47
N ILE A 364 39.04 2.96 -39.16
CA ILE A 364 39.55 1.75 -38.53
C ILE A 364 38.52 0.63 -38.56
N LEU A 365 37.23 0.99 -38.58
CA LEU A 365 36.11 0.04 -38.52
C LEU A 365 36.15 -0.76 -37.23
N ILE A 366 36.95 -0.29 -36.27
CA ILE A 366 37.07 -0.90 -34.96
C ILE A 366 37.11 0.17 -33.87
N GLN A 367 36.16 1.12 -33.89
CA GLN A 367 36.23 2.30 -33.03
C GLN A 367 36.46 1.98 -31.57
N THR A 368 36.28 0.73 -31.16
CA THR A 368 36.58 0.29 -29.80
C THR A 368 38.03 -0.19 -29.71
N ARG B 30 -30.26 6.83 -51.81
CA ARG B 30 -31.19 6.81 -50.69
C ARG B 30 -30.59 6.05 -49.54
N LEU B 31 -31.09 4.85 -49.32
CA LEU B 31 -30.54 4.10 -48.24
C LEU B 31 -29.20 3.72 -48.75
N PRO B 32 -28.17 4.01 -47.98
CA PRO B 32 -26.82 3.62 -48.38
C PRO B 32 -26.67 2.14 -48.16
N LYS B 33 -25.80 1.48 -48.91
CA LYS B 33 -25.59 0.05 -48.74
C LYS B 33 -25.13 -0.15 -47.31
N ALA B 34 -25.72 -1.09 -46.62
CA ALA B 34 -25.43 -1.27 -45.22
C ALA B 34 -24.00 -1.60 -44.90
N ARG B 35 -23.52 -0.96 -43.85
CA ARG B 35 -22.18 -1.19 -43.41
C ARG B 35 -22.06 -2.64 -42.97
N PHE B 36 -20.96 -3.31 -43.34
CA PHE B 36 -20.78 -4.69 -42.94
C PHE B 36 -20.61 -4.66 -41.46
N ILE B 37 -20.55 -3.46 -40.90
CA ILE B 37 -20.51 -3.44 -39.44
C ILE B 37 -21.16 -2.16 -38.97
N ALA B 38 -22.15 -2.29 -38.09
CA ALA B 38 -22.75 -1.10 -37.51
C ALA B 38 -21.74 -0.41 -36.62
N LYS B 39 -21.92 0.90 -36.45
CA LYS B 39 -20.93 1.71 -35.77
C LYS B 39 -20.55 1.14 -34.40
N SER B 40 -21.53 0.77 -33.58
CA SER B 40 -21.24 0.20 -32.28
C SER B 40 -20.74 -1.24 -32.35
N GLY B 41 -20.80 -1.86 -33.51
CA GLY B 41 -20.48 -3.28 -33.65
C GLY B 41 -21.68 -4.02 -34.15
N ALA B 42 -21.84 -5.28 -33.75
CA ALA B 42 -23.08 -6.02 -33.99
C ALA B 42 -23.39 -6.13 -35.47
N CYS B 43 -22.56 -6.91 -36.17
CA CYS B 43 -22.67 -7.08 -37.61
C CYS B 43 -24.12 -7.33 -38.01
N ASN B 44 -24.67 -6.40 -38.79
CA ASN B 44 -26.08 -6.44 -39.18
C ASN B 44 -26.16 -6.96 -40.61
N LEU B 45 -26.15 -8.29 -40.73
CA LEU B 45 -26.32 -8.92 -42.02
C LEU B 45 -27.47 -9.91 -41.93
N ALA B 46 -28.22 -10.04 -43.01
CA ALA B 46 -29.35 -10.94 -43.00
C ALA B 46 -28.86 -12.38 -42.99
N HIS B 47 -29.79 -13.32 -42.85
CA HIS B 47 -29.45 -14.74 -42.94
C HIS B 47 -30.70 -15.47 -43.40
N LYS B 48 -30.76 -15.77 -44.69
CA LYS B 48 -31.96 -16.29 -45.32
C LYS B 48 -31.70 -17.71 -45.81
N ASN B 49 -32.77 -18.51 -45.83
CA ASN B 49 -32.70 -19.91 -46.23
C ASN B 49 -31.64 -20.65 -45.43
N ILE B 50 -31.80 -20.62 -44.12
CA ILE B 50 -30.99 -21.42 -43.20
C ILE B 50 -31.90 -22.52 -42.67
N ARG B 51 -31.48 -23.76 -42.81
CA ARG B 51 -32.30 -24.87 -42.38
C ARG B 51 -32.44 -24.84 -40.86
N GLU B 52 -33.66 -24.96 -40.39
CA GLU B 52 -33.92 -24.84 -38.96
C GLU B 52 -33.21 -25.97 -38.22
N GLN B 53 -32.61 -25.62 -37.09
CA GLN B 53 -31.97 -26.59 -36.20
C GLN B 53 -32.91 -27.00 -35.07
N GLY B 54 -34.15 -26.56 -35.12
CA GLY B 54 -35.15 -26.87 -34.12
C GLY B 54 -34.95 -26.17 -32.79
N ARG B 55 -34.92 -26.97 -31.73
CA ARG B 55 -34.73 -26.50 -30.37
C ARG B 55 -34.53 -27.75 -29.52
N PHE B 56 -34.07 -27.54 -28.28
CA PHE B 56 -33.85 -28.62 -27.33
C PHE B 56 -34.09 -28.09 -25.94
N LEU B 57 -34.49 -28.96 -25.02
CA LEU B 57 -34.72 -28.47 -23.68
C LEU B 57 -33.42 -28.04 -23.00
N GLN B 58 -32.29 -28.61 -23.42
CA GLN B 58 -31.01 -28.05 -23.01
C GLN B 58 -30.97 -26.55 -23.27
N ASP B 59 -31.58 -26.12 -24.38
CA ASP B 59 -31.64 -24.70 -24.69
C ASP B 59 -32.49 -23.95 -23.68
N ILE B 60 -33.60 -24.54 -23.22
CA ILE B 60 -34.41 -23.83 -22.23
C ILE B 60 -33.59 -23.64 -20.96
N PHE B 61 -32.82 -24.66 -20.58
CA PHE B 61 -31.98 -24.51 -19.39
C PHE B 61 -30.94 -23.43 -19.59
N THR B 62 -30.33 -23.39 -20.78
CA THR B 62 -29.33 -22.37 -21.05
C THR B 62 -29.96 -20.98 -20.99
N THR B 63 -31.18 -20.85 -21.48
CA THR B 63 -31.88 -19.58 -21.35
C THR B 63 -32.09 -19.24 -19.88
N LEU B 64 -32.42 -20.24 -19.07
CA LEU B 64 -32.60 -20.00 -17.64
C LEU B 64 -31.34 -19.48 -16.98
N VAL B 65 -30.20 -20.14 -17.23
CA VAL B 65 -28.98 -19.75 -16.53
C VAL B 65 -28.60 -18.32 -16.87
N ASP B 66 -28.75 -17.94 -18.13
CA ASP B 66 -28.29 -16.66 -18.63
C ASP B 66 -29.28 -15.53 -18.43
N LEU B 67 -30.22 -15.66 -17.50
CA LEU B 67 -31.20 -14.61 -17.28
C LEU B 67 -30.54 -13.40 -16.63
N LYS B 68 -31.35 -12.37 -16.40
CA LYS B 68 -30.95 -11.24 -15.59
C LYS B 68 -31.77 -11.26 -14.30
N TRP B 69 -31.27 -10.57 -13.29
CA TRP B 69 -31.82 -10.74 -11.95
C TRP B 69 -33.31 -10.47 -11.92
N ARG B 70 -33.75 -9.36 -12.51
CA ARG B 70 -35.16 -8.97 -12.45
C ARG B 70 -36.11 -10.08 -12.87
N HIS B 71 -35.62 -11.10 -13.57
CA HIS B 71 -36.47 -12.24 -13.90
C HIS B 71 -36.06 -13.52 -13.19
N THR B 72 -34.80 -13.65 -12.78
CA THR B 72 -34.41 -14.80 -11.97
C THR B 72 -35.12 -14.78 -10.64
N LEU B 73 -35.09 -13.66 -9.97
CA LEU B 73 -35.75 -13.63 -8.68
C LEU B 73 -37.24 -13.68 -8.80
N VAL B 74 -37.77 -13.87 -10.00
CA VAL B 74 -39.19 -14.11 -10.21
C VAL B 74 -39.45 -15.54 -10.61
N ILE B 75 -38.68 -16.08 -11.55
CA ILE B 75 -38.91 -17.46 -11.98
C ILE B 75 -38.61 -18.39 -10.83
N PHE B 76 -37.59 -18.06 -10.05
CA PHE B 76 -37.24 -18.83 -8.87
C PHE B 76 -38.42 -18.87 -7.89
N THR B 77 -38.93 -17.70 -7.53
CA THR B 77 -40.03 -17.63 -6.58
C THR B 77 -41.26 -18.32 -7.12
N MET B 78 -41.56 -18.14 -8.41
CA MET B 78 -42.73 -18.78 -8.98
C MET B 78 -42.60 -20.30 -8.99
N SER B 79 -41.41 -20.81 -9.27
CA SER B 79 -41.20 -22.25 -9.18
C SER B 79 -41.50 -22.73 -7.76
N PHE B 80 -40.94 -22.05 -6.76
CA PHE B 80 -41.20 -22.50 -5.39
C PHE B 80 -42.68 -22.46 -5.05
N LEU B 81 -43.34 -21.33 -5.32
CA LEU B 81 -44.73 -21.19 -4.89
C LEU B 81 -45.63 -22.18 -5.63
N CYS B 82 -45.40 -22.35 -6.94
CA CYS B 82 -46.18 -23.34 -7.67
C CYS B 82 -45.94 -24.74 -7.13
N SER B 83 -44.69 -25.08 -6.83
CA SER B 83 -44.41 -26.39 -6.27
C SER B 83 -45.21 -26.62 -5.01
N TRP B 84 -45.16 -25.67 -4.08
CA TRP B 84 -45.86 -25.86 -2.82
C TRP B 84 -47.35 -26.00 -3.04
N LEU B 85 -47.93 -25.15 -3.88
CA LEU B 85 -49.37 -25.20 -4.05
C LEU B 85 -49.80 -26.51 -4.70
N LEU B 86 -49.08 -26.98 -5.72
CA LEU B 86 -49.46 -28.22 -6.37
C LEU B 86 -49.41 -29.39 -5.41
N PHE B 87 -48.32 -29.49 -4.65
CA PHE B 87 -48.27 -30.61 -3.71
C PHE B 87 -49.32 -30.47 -2.63
N ALA B 88 -49.66 -29.25 -2.24
CA ALA B 88 -50.72 -29.10 -1.25
C ALA B 88 -52.04 -29.60 -1.80
N ILE B 89 -52.34 -29.32 -3.07
CA ILE B 89 -53.56 -29.85 -3.66
C ILE B 89 -53.55 -31.38 -3.62
N MET B 90 -52.42 -31.98 -3.97
CA MET B 90 -52.34 -33.44 -3.92
C MET B 90 -52.56 -33.95 -2.52
N TRP B 91 -51.98 -33.27 -1.54
CA TRP B 91 -52.17 -33.66 -0.16
C TRP B 91 -53.62 -33.58 0.23
N TRP B 92 -54.30 -32.54 -0.23
CA TRP B 92 -55.70 -32.39 0.12
C TRP B 92 -56.48 -33.57 -0.44
N LEU B 93 -56.21 -33.94 -1.69
CA LEU B 93 -56.90 -35.11 -2.25
C LEU B 93 -56.62 -36.36 -1.43
N VAL B 94 -55.36 -36.56 -1.02
CA VAL B 94 -55.03 -37.76 -0.28
C VAL B 94 -55.77 -37.79 1.04
N ALA B 95 -55.79 -36.67 1.75
CA ALA B 95 -56.53 -36.59 2.99
C ALA B 95 -58.04 -36.64 2.77
N PHE B 96 -58.49 -36.46 1.53
CA PHE B 96 -59.91 -36.62 1.22
C PHE B 96 -60.29 -38.07 1.04
N ALA B 97 -59.50 -38.82 0.26
CA ALA B 97 -59.90 -40.18 -0.07
C ALA B 97 -60.05 -41.02 1.18
N HIS B 98 -59.03 -41.03 2.03
CA HIS B 98 -59.11 -41.84 3.22
C HIS B 98 -60.15 -41.32 4.21
N GLY B 99 -60.80 -40.25 3.82
CA GLY B 99 -61.80 -39.64 4.65
C GLY B 99 -61.26 -38.96 5.89
N ASP B 100 -60.07 -38.38 5.80
CA ASP B 100 -59.50 -37.72 6.95
C ASP B 100 -60.41 -36.58 7.30
N ILE B 101 -60.82 -35.79 6.32
CA ILE B 101 -61.68 -34.70 6.60
C ILE B 101 -63.00 -35.15 7.18
N TYR B 102 -63.57 -36.24 6.66
CA TYR B 102 -64.88 -36.75 7.11
C TYR B 102 -64.94 -37.17 8.52
N ALA B 103 -63.88 -37.79 9.00
CA ALA B 103 -63.79 -38.15 10.40
C ALA B 103 -63.64 -36.95 11.32
N TYR B 104 -62.81 -36.00 10.92
CA TYR B 104 -62.55 -34.85 11.76
C TYR B 104 -63.70 -33.95 11.99
N MET B 105 -64.42 -33.61 10.95
CA MET B 105 -65.48 -32.66 11.12
C MET B 105 -66.59 -33.08 12.08
N GLU B 106 -67.06 -34.32 12.02
CA GLU B 106 -68.13 -34.69 12.92
C GLU B 106 -67.43 -35.13 14.16
N LYS B 107 -67.30 -34.17 15.05
CA LYS B 107 -66.66 -34.38 16.33
C LYS B 107 -67.69 -34.19 17.42
N GLY B 108 -67.62 -35.05 18.43
CA GLY B 108 -68.48 -34.94 19.58
C GLY B 108 -67.89 -33.96 20.59
N ILE B 109 -68.58 -33.74 21.71
CA ILE B 109 -68.05 -32.85 22.74
C ILE B 109 -66.74 -33.46 23.25
N THR B 110 -65.74 -32.59 23.48
CA THR B 110 -64.38 -32.98 23.86
C THR B 110 -63.90 -33.85 22.68
N GLU B 111 -63.43 -35.09 22.90
CA GLU B 111 -62.97 -35.94 21.79
C GLU B 111 -62.81 -37.44 22.02
N LYS B 112 -63.85 -38.22 21.77
CA LYS B 112 -63.69 -39.67 21.84
C LYS B 112 -63.54 -40.43 20.52
N SER B 113 -64.38 -40.11 19.54
CA SER B 113 -64.36 -40.77 18.23
C SER B 113 -63.21 -40.51 17.27
N GLY B 114 -62.83 -39.25 17.13
CA GLY B 114 -61.81 -38.81 16.20
C GLY B 114 -60.33 -39.13 16.21
N LEU B 115 -59.69 -39.02 17.37
CA LEU B 115 -58.26 -39.25 17.43
C LEU B 115 -57.71 -40.65 17.12
N GLU B 116 -58.36 -41.68 17.65
CA GLU B 116 -57.88 -43.05 17.54
C GLU B 116 -58.03 -43.82 16.21
N SER B 117 -58.92 -43.35 15.32
CA SER B 117 -59.19 -44.02 14.05
C SER B 117 -58.07 -43.78 13.05
N ALA B 118 -58.14 -44.50 11.93
CA ALA B 118 -57.05 -44.50 10.96
C ALA B 118 -57.05 -43.19 10.19
N VAL B 119 -56.56 -42.13 10.83
CA VAL B 119 -56.28 -40.92 10.10
C VAL B 119 -54.99 -41.18 9.35
N CYS B 120 -54.80 -40.53 8.22
CA CYS B 120 -53.60 -40.82 7.44
C CYS B 120 -52.49 -39.85 7.73
N VAL B 121 -52.83 -38.59 8.02
CA VAL B 121 -51.87 -37.56 8.35
C VAL B 121 -52.44 -36.76 9.50
N THR B 122 -51.91 -36.96 10.70
CA THR B 122 -52.53 -36.39 11.89
C THR B 122 -52.65 -34.89 11.77
N ASN B 123 -53.84 -34.37 12.09
CA ASN B 123 -54.09 -32.93 12.15
C ASN B 123 -53.93 -32.25 10.80
N VAL B 124 -54.46 -32.87 9.75
CA VAL B 124 -54.78 -32.17 8.52
C VAL B 124 -56.26 -32.33 8.31
N ARG B 125 -56.96 -31.21 8.20
CA ARG B 125 -58.41 -31.26 8.19
C ARG B 125 -59.02 -30.27 7.21
N SER B 126 -58.23 -29.60 6.40
CA SER B 126 -58.73 -28.57 5.50
C SER B 126 -57.59 -28.21 4.57
N PHE B 127 -57.90 -27.46 3.53
CA PHE B 127 -56.85 -27.12 2.57
C PHE B 127 -55.71 -26.41 3.26
N THR B 128 -55.97 -25.22 3.81
CA THR B 128 -54.92 -24.43 4.45
C THR B 128 -54.06 -25.31 5.34
N SER B 129 -54.67 -26.26 6.06
CA SER B 129 -53.89 -27.19 6.84
C SER B 129 -52.97 -28.01 5.94
N ALA B 130 -53.49 -28.54 4.84
CA ALA B 130 -52.65 -29.35 3.97
C ALA B 130 -51.55 -28.51 3.37
N PHE B 131 -51.86 -27.27 3.03
CA PHE B 131 -50.86 -26.33 2.56
C PHE B 131 -49.75 -26.21 3.57
N LEU B 132 -50.11 -26.03 4.84
CA LEU B 132 -49.09 -25.91 5.87
C LEU B 132 -48.30 -27.20 5.97
N PHE B 133 -48.95 -28.34 5.79
CA PHE B 133 -48.20 -29.59 5.84
C PHE B 133 -47.17 -29.62 4.73
N SER B 134 -47.54 -29.18 3.52
CA SER B 134 -46.55 -29.13 2.45
C SER B 134 -45.40 -28.22 2.84
N ILE B 135 -45.71 -26.99 3.21
CA ILE B 135 -44.67 -26.01 3.47
C ILE B 135 -43.80 -26.49 4.62
N GLU B 136 -44.33 -27.36 5.48
CA GLU B 136 -43.50 -27.97 6.50
C GLU B 136 -42.72 -29.17 6.02
N VAL B 137 -43.10 -29.77 4.89
CA VAL B 137 -42.37 -30.95 4.45
C VAL B 137 -41.27 -30.57 3.49
N GLN B 138 -41.60 -29.81 2.47
CA GLN B 138 -40.61 -29.56 1.42
C GLN B 138 -39.47 -28.70 1.94
N VAL B 139 -39.76 -27.50 2.45
CA VAL B 139 -38.72 -26.55 2.80
C VAL B 139 -37.98 -27.03 4.04
N THR B 140 -38.38 -28.18 4.57
CA THR B 140 -37.69 -28.89 5.66
C THR B 140 -37.88 -28.22 7.03
N ILE B 141 -38.92 -27.41 7.20
CA ILE B 141 -39.19 -26.86 8.53
C ILE B 141 -39.60 -27.97 9.48
N GLY B 142 -40.71 -28.63 9.19
CA GLY B 142 -41.15 -29.78 9.97
C GLY B 142 -41.40 -29.51 11.44
N PHE B 143 -42.47 -28.79 11.76
CA PHE B 143 -42.71 -28.45 13.16
C PHE B 143 -42.97 -29.70 13.99
N GLY B 144 -44.10 -30.35 13.77
CA GLY B 144 -44.42 -31.55 14.52
C GLY B 144 -45.88 -31.71 14.87
N GLY B 145 -46.67 -30.66 14.82
CA GLY B 145 -48.10 -30.84 14.97
C GLY B 145 -48.71 -31.70 13.89
N ARG B 146 -48.05 -31.81 12.74
CA ARG B 146 -48.55 -32.58 11.61
C ARG B 146 -47.64 -33.78 11.42
N MET B 147 -47.99 -34.90 12.05
CA MET B 147 -47.21 -36.12 11.93
C MET B 147 -47.88 -37.05 10.93
N MET B 148 -47.08 -37.91 10.32
CA MET B 148 -47.55 -38.84 9.31
C MET B 148 -47.32 -40.27 9.76
N THR B 149 -48.33 -41.11 9.60
CA THR B 149 -48.27 -42.47 10.12
C THR B 149 -48.02 -43.44 8.98
N GLU B 150 -47.75 -44.70 9.35
CA GLU B 150 -47.51 -45.76 8.37
C GLU B 150 -48.78 -46.62 8.27
N GLU B 151 -49.81 -46.08 7.62
CA GLU B 151 -51.02 -46.83 7.38
C GLU B 151 -51.60 -46.60 6.01
N CYS B 152 -51.02 -45.76 5.21
CA CYS B 152 -51.63 -45.43 3.93
C CYS B 152 -50.51 -45.37 2.91
N PRO B 153 -50.30 -46.45 2.15
CA PRO B 153 -49.15 -46.48 1.23
C PRO B 153 -49.14 -45.30 0.29
N LEU B 154 -50.32 -44.84 -0.12
CA LEU B 154 -50.39 -43.66 -0.94
C LEU B 154 -49.68 -42.49 -0.27
N ALA B 155 -49.83 -42.37 1.05
CA ALA B 155 -49.14 -41.29 1.74
C ALA B 155 -47.63 -41.46 1.70
N ILE B 156 -47.13 -42.69 1.77
CA ILE B 156 -45.69 -42.85 1.71
C ILE B 156 -45.16 -42.51 0.33
N THR B 157 -45.86 -42.92 -0.72
CA THR B 157 -45.37 -42.57 -2.04
C THR B 157 -45.44 -41.07 -2.28
N VAL B 158 -46.50 -40.41 -1.83
CA VAL B 158 -46.54 -38.97 -2.02
C VAL B 158 -45.43 -38.29 -1.24
N LEU B 159 -45.13 -38.75 -0.03
CA LEU B 159 -44.05 -38.11 0.71
C LEU B 159 -42.72 -38.26 -0.02
N ILE B 160 -42.43 -39.47 -0.48
CA ILE B 160 -41.17 -39.68 -1.20
C ILE B 160 -41.10 -38.77 -2.41
N LEU B 161 -42.19 -38.74 -3.20
CA LEU B 161 -42.16 -37.93 -4.41
C LEU B 161 -41.97 -36.46 -4.07
N GLN B 162 -42.66 -35.97 -3.05
CA GLN B 162 -42.53 -34.57 -2.70
C GLN B 162 -41.09 -34.26 -2.31
N ASN B 163 -40.49 -35.12 -1.50
CA ASN B 163 -39.13 -34.84 -1.06
C ASN B 163 -38.15 -34.84 -2.23
N ILE B 164 -38.29 -35.79 -3.14
CA ILE B 164 -37.38 -35.83 -4.28
C ILE B 164 -37.54 -34.58 -5.14
N VAL B 165 -38.79 -34.20 -5.41
CA VAL B 165 -39.01 -33.00 -6.21
C VAL B 165 -38.41 -31.80 -5.50
N GLY B 166 -38.59 -31.72 -4.18
CA GLY B 166 -38.03 -30.61 -3.45
C GLY B 166 -36.53 -30.53 -3.56
N LEU B 167 -35.86 -31.68 -3.45
CA LEU B 167 -34.40 -31.64 -3.57
C LEU B 167 -33.96 -31.22 -4.96
N ILE B 168 -34.61 -31.73 -6.00
CA ILE B 168 -34.18 -31.37 -7.35
C ILE B 168 -34.39 -29.88 -7.60
N ILE B 169 -35.54 -29.35 -7.20
CA ILE B 169 -35.79 -27.93 -7.42
C ILE B 169 -34.79 -27.10 -6.63
N ASN B 170 -34.53 -27.49 -5.38
CA ASN B 170 -33.58 -26.74 -4.56
C ASN B 170 -32.19 -26.75 -5.17
N ALA B 171 -31.75 -27.92 -5.65
CA ALA B 171 -30.42 -28.00 -6.23
C ALA B 171 -30.30 -27.12 -7.46
N VAL B 172 -31.28 -27.19 -8.36
CA VAL B 172 -31.14 -26.41 -9.58
C VAL B 172 -31.21 -24.92 -9.30
N MET B 173 -32.03 -24.50 -8.35
CA MET B 173 -32.12 -23.06 -8.06
C MET B 173 -30.87 -22.56 -7.36
N LEU B 174 -30.30 -23.37 -6.47
CA LEU B 174 -29.02 -22.98 -5.88
C LEU B 174 -27.95 -22.88 -6.94
N GLY B 175 -27.95 -23.81 -7.89
CA GLY B 175 -26.99 -23.72 -8.98
C GLY B 175 -27.13 -22.44 -9.76
N CYS B 176 -28.37 -22.07 -10.11
CA CYS B 176 -28.56 -20.86 -10.89
C CYS B 176 -28.12 -19.61 -10.12
N ILE B 177 -28.52 -19.51 -8.86
CA ILE B 177 -28.17 -18.33 -8.08
C ILE B 177 -26.67 -18.22 -7.94
N PHE B 178 -26.02 -19.35 -7.64
CA PHE B 178 -24.58 -19.29 -7.57
C PHE B 178 -23.95 -18.94 -8.91
N MET B 179 -24.47 -19.46 -10.01
CA MET B 179 -23.84 -19.14 -11.28
C MET B 179 -23.87 -17.64 -11.51
N LYS B 180 -24.96 -16.99 -11.12
CA LYS B 180 -24.98 -15.54 -11.25
C LYS B 180 -23.98 -14.90 -10.29
N THR B 181 -23.95 -15.35 -9.04
CA THR B 181 -22.99 -14.77 -8.09
C THR B 181 -21.55 -15.03 -8.49
N ALA B 182 -21.30 -16.01 -9.34
CA ALA B 182 -19.96 -16.36 -9.76
C ALA B 182 -19.52 -15.62 -11.02
N GLN B 183 -20.38 -15.53 -12.02
CA GLN B 183 -19.99 -14.96 -13.30
C GLN B 183 -20.42 -13.51 -13.45
N ALA B 184 -20.87 -12.89 -12.37
CA ALA B 184 -21.11 -11.45 -12.33
C ALA B 184 -19.87 -10.69 -11.93
N HIS B 185 -18.70 -11.27 -12.15
CA HIS B 185 -17.46 -10.55 -11.95
C HIS B 185 -17.08 -9.74 -13.18
N ARG B 186 -17.83 -9.89 -14.26
CA ARG B 186 -17.60 -9.23 -15.53
C ARG B 186 -18.76 -8.31 -15.84
N ARG B 187 -18.53 -7.36 -16.75
CA ARG B 187 -19.61 -6.45 -17.10
C ARG B 187 -19.70 -6.29 -18.60
N ALA B 188 -20.54 -5.36 -19.03
CA ALA B 188 -20.72 -5.13 -20.46
C ALA B 188 -19.42 -4.65 -21.07
N GLU B 189 -19.17 -5.07 -22.31
CA GLU B 189 -17.96 -4.64 -22.99
C GLU B 189 -17.96 -3.12 -23.11
N THR B 190 -16.98 -2.49 -22.48
CA THR B 190 -16.87 -1.04 -22.48
C THR B 190 -15.52 -0.70 -23.10
N LEU B 191 -15.49 -0.62 -24.42
CA LEU B 191 -14.32 -0.17 -25.13
C LEU B 191 -14.74 0.95 -26.09
N ILE B 192 -13.91 1.97 -26.17
CA ILE B 192 -14.25 3.18 -26.90
C ILE B 192 -13.22 3.41 -28.00
N PHE B 193 -13.69 3.43 -29.23
CA PHE B 193 -12.90 3.88 -30.36
C PHE B 193 -13.19 5.36 -30.60
N SER B 194 -12.29 6.03 -31.30
CA SER B 194 -12.58 7.39 -31.71
C SER B 194 -13.78 7.41 -32.65
N ARG B 195 -14.43 8.58 -32.73
CA ARG B 195 -15.54 8.72 -33.65
C ARG B 195 -15.10 8.65 -35.10
N HIS B 196 -14.08 9.42 -35.46
CA HIS B 196 -13.71 9.60 -36.85
C HIS B 196 -12.39 8.91 -37.14
N ALA B 197 -11.92 9.10 -38.37
CA ALA B 197 -10.64 8.61 -38.83
C ALA B 197 -9.94 9.73 -39.59
N VAL B 198 -8.62 9.68 -39.64
CA VAL B 198 -7.84 10.77 -40.21
C VAL B 198 -6.89 10.20 -41.24
N ILE B 199 -6.92 10.77 -42.45
CA ILE B 199 -5.87 10.50 -43.43
C ILE B 199 -4.89 11.65 -43.26
N ALA B 200 -3.69 11.34 -42.80
CA ALA B 200 -2.77 12.43 -42.49
C ALA B 200 -1.43 12.26 -43.18
N VAL B 201 -0.47 13.07 -42.78
CA VAL B 201 0.89 12.97 -43.29
C VAL B 201 1.80 12.60 -42.12
N ARG B 202 2.72 11.66 -42.36
CA ARG B 202 3.66 11.17 -41.36
C ARG B 202 4.91 10.72 -42.09
N ASN B 203 6.07 11.13 -41.59
CA ASN B 203 7.34 10.70 -42.15
C ASN B 203 7.39 10.98 -43.65
N GLY B 204 6.80 12.09 -44.06
CA GLY B 204 6.79 12.41 -45.48
C GLY B 204 6.05 11.38 -46.31
N LYS B 205 4.91 10.90 -45.82
CA LYS B 205 4.10 9.98 -46.60
C LYS B 205 2.67 10.02 -46.08
N LEU B 206 1.73 9.72 -46.96
CA LEU B 206 0.35 9.55 -46.54
C LEU B 206 0.25 8.50 -45.46
N CYS B 207 -0.80 8.57 -44.65
CA CYS B 207 -0.95 7.62 -43.57
C CYS B 207 -2.39 7.59 -43.11
N PHE B 208 -2.74 6.55 -42.36
CA PHE B 208 -4.11 6.34 -41.90
C PHE B 208 -4.04 6.26 -40.39
N MET B 209 -4.99 6.87 -39.69
CA MET B 209 -4.94 6.86 -38.25
C MET B 209 -6.35 6.83 -37.66
N PHE B 210 -6.51 6.06 -36.59
CA PHE B 210 -7.68 6.13 -35.72
C PHE B 210 -7.20 6.01 -34.29
N ARG B 211 -8.11 6.26 -33.33
CA ARG B 211 -7.74 6.27 -31.93
C ARG B 211 -8.46 5.15 -31.19
N VAL B 212 -7.70 4.47 -30.34
CA VAL B 212 -8.21 3.36 -29.54
C VAL B 212 -7.81 3.61 -28.11
N GLY B 213 -8.80 3.73 -27.23
CA GLY B 213 -8.54 4.05 -25.85
C GLY B 213 -9.08 3.01 -24.91
N ASP B 214 -9.34 3.39 -23.67
CA ASP B 214 -9.89 2.45 -22.71
C ASP B 214 -10.48 3.21 -21.55
N LEU B 215 -11.55 2.65 -20.98
CA LEU B 215 -12.22 3.19 -19.82
C LEU B 215 -12.29 2.10 -18.76
N ARG B 216 -11.96 0.88 -19.15
CA ARG B 216 -11.98 -0.26 -18.24
C ARG B 216 -10.86 -0.09 -17.21
N LYS B 217 -10.77 -1.03 -16.27
CA LYS B 217 -9.73 -0.96 -15.25
C LYS B 217 -8.53 -1.83 -15.63
N SER B 218 -8.75 -3.14 -15.75
CA SER B 218 -7.66 -4.08 -15.96
C SER B 218 -7.14 -3.98 -17.38
N MET B 219 -5.83 -3.80 -17.54
CA MET B 219 -5.25 -3.68 -18.86
C MET B 219 -5.45 -4.97 -19.62
N ILE B 220 -5.90 -4.85 -20.87
CA ILE B 220 -6.07 -6.05 -21.67
C ILE B 220 -4.72 -6.73 -21.83
N ILE B 221 -4.76 -8.07 -21.84
CA ILE B 221 -3.56 -8.89 -21.84
C ILE B 221 -3.42 -9.52 -23.21
N SER B 222 -2.24 -9.39 -23.81
CA SER B 222 -1.97 -9.96 -25.12
C SER B 222 -2.97 -9.46 -26.15
N ALA B 223 -3.25 -8.17 -26.11
CA ALA B 223 -4.17 -7.59 -27.07
C ALA B 223 -3.60 -7.70 -28.49
N SER B 224 -4.49 -7.75 -29.48
CA SER B 224 -4.13 -7.74 -30.89
C SER B 224 -5.11 -6.85 -31.64
N VAL B 225 -4.64 -6.24 -32.74
CA VAL B 225 -5.46 -5.35 -33.55
C VAL B 225 -5.35 -5.81 -35.00
N ARG B 226 -6.46 -5.73 -35.73
CA ARG B 226 -6.47 -6.06 -37.15
C ARG B 226 -7.37 -5.09 -37.91
N ILE B 227 -7.00 -4.85 -39.15
CA ILE B 227 -7.67 -3.89 -40.02
C ILE B 227 -8.04 -4.60 -41.31
N GLN B 228 -9.31 -4.50 -41.70
CA GLN B 228 -9.79 -5.14 -42.92
C GLN B 228 -10.57 -4.18 -43.79
N VAL B 229 -10.16 -4.06 -45.03
CA VAL B 229 -10.87 -3.28 -46.03
C VAL B 229 -11.81 -4.24 -46.74
N VAL B 230 -13.09 -3.88 -46.81
CA VAL B 230 -14.13 -4.71 -47.42
C VAL B 230 -14.79 -3.91 -48.52
N LYS B 231 -14.62 -4.34 -49.77
CA LYS B 231 -15.25 -3.67 -50.90
C LYS B 231 -15.46 -4.68 -52.02
N LYS B 232 -16.46 -4.41 -52.86
CA LYS B 232 -16.73 -5.28 -53.98
C LYS B 232 -15.54 -5.31 -54.92
N THR B 233 -15.11 -6.52 -55.29
CA THR B 233 -14.00 -6.66 -56.21
C THR B 233 -14.34 -7.63 -57.33
N THR B 234 -13.74 -7.38 -58.49
CA THR B 234 -13.76 -8.33 -59.57
C THR B 234 -12.49 -9.16 -59.53
N THR B 235 -12.42 -10.13 -60.42
CA THR B 235 -11.25 -10.95 -60.66
C THR B 235 -11.08 -11.08 -62.18
N PRO B 236 -9.91 -10.70 -62.70
CA PRO B 236 -9.73 -10.60 -64.16
C PRO B 236 -10.25 -11.77 -64.94
N GLU B 237 -10.33 -12.95 -64.34
CA GLU B 237 -11.03 -14.02 -65.02
C GLU B 237 -12.51 -13.90 -64.69
N GLY B 238 -13.04 -12.69 -64.82
CA GLY B 238 -14.47 -12.43 -64.83
C GLY B 238 -15.28 -12.97 -63.67
N GLU B 239 -14.79 -12.79 -62.43
CA GLU B 239 -15.64 -13.24 -61.34
C GLU B 239 -15.66 -12.20 -60.24
N VAL B 240 -16.84 -11.94 -59.68
CA VAL B 240 -16.95 -10.90 -58.66
C VAL B 240 -17.15 -11.55 -57.31
N VAL B 241 -16.87 -10.78 -56.28
CA VAL B 241 -17.03 -11.23 -54.90
C VAL B 241 -17.50 -10.01 -54.14
N PRO B 242 -18.79 -9.92 -53.87
CA PRO B 242 -19.40 -8.65 -53.50
C PRO B 242 -18.87 -8.01 -52.24
N ILE B 243 -18.49 -8.77 -51.23
CA ILE B 243 -17.88 -8.21 -50.02
C ILE B 243 -16.60 -9.00 -49.76
N HIS B 244 -15.52 -8.55 -50.39
CA HIS B 244 -14.22 -9.12 -50.11
C HIS B 244 -13.81 -8.74 -48.71
N GLN B 245 -12.74 -9.36 -48.24
CA GLN B 245 -12.04 -8.89 -47.05
C GLN B 245 -10.56 -8.98 -47.33
N GLN B 246 -9.85 -7.90 -47.08
CA GLN B 246 -8.45 -7.79 -47.46
C GLN B 246 -7.68 -7.28 -46.25
N ASP B 247 -7.15 -8.19 -45.44
CA ASP B 247 -6.36 -7.77 -44.29
C ASP B 247 -5.28 -6.81 -44.74
N ILE B 248 -4.93 -5.88 -43.86
CA ILE B 248 -3.98 -4.85 -44.29
C ILE B 248 -3.06 -4.51 -43.13
N PRO B 249 -1.80 -4.20 -43.40
CA PRO B 249 -0.77 -4.27 -42.36
C PRO B 249 -0.78 -3.03 -41.49
N VAL B 250 -0.95 -3.23 -40.18
CA VAL B 250 -0.75 -2.13 -39.25
C VAL B 250 0.73 -1.83 -39.15
N ASP B 251 1.08 -0.55 -39.20
CA ASP B 251 2.49 -0.18 -39.10
C ASP B 251 2.98 -0.52 -37.70
N ASN B 252 4.22 -0.98 -37.63
CA ASN B 252 4.88 -1.29 -36.38
C ASN B 252 6.34 -1.56 -36.70
N PRO B 253 7.29 -1.17 -35.85
CA PRO B 253 8.71 -1.32 -36.20
C PRO B 253 9.16 -2.76 -36.36
N ILE B 254 8.37 -3.75 -35.96
CA ILE B 254 8.75 -5.15 -36.17
C ILE B 254 7.57 -5.92 -36.75
N GLU B 255 6.53 -5.21 -37.17
CA GLU B 255 5.32 -5.81 -37.70
C GLU B 255 4.75 -6.86 -36.74
N SER B 256 4.30 -6.39 -35.59
CA SER B 256 3.70 -7.25 -34.57
C SER B 256 2.32 -6.71 -34.26
N ASN B 257 1.29 -7.52 -34.53
CA ASN B 257 -0.08 -7.08 -34.32
C ASN B 257 -0.37 -6.76 -32.86
N ASN B 258 0.42 -7.28 -31.92
CA ASN B 258 0.18 -7.00 -30.50
C ASN B 258 0.38 -5.51 -30.22
N ILE B 259 -0.27 -5.00 -29.17
CA ILE B 259 -0.15 -3.59 -28.81
C ILE B 259 -0.45 -3.40 -27.31
N PHE B 260 0.46 -2.73 -26.62
CA PHE B 260 0.20 -2.32 -25.24
C PHE B 260 -0.72 -1.11 -25.22
N LEU B 261 -1.63 -1.07 -24.24
CA LEU B 261 -2.55 0.08 -24.17
C LEU B 261 -2.88 0.36 -22.70
N VAL B 262 -2.46 1.54 -22.25
CA VAL B 262 -2.94 2.08 -20.97
C VAL B 262 -3.42 3.51 -21.10
N ALA B 263 -3.04 4.20 -22.16
CA ALA B 263 -3.50 5.53 -22.51
C ALA B 263 -4.00 5.44 -23.94
N PRO B 264 -4.84 6.37 -24.37
CA PRO B 264 -5.34 6.31 -25.73
C PRO B 264 -4.21 6.32 -26.74
N LEU B 265 -4.37 5.53 -27.79
CA LEU B 265 -3.34 5.33 -28.79
C LEU B 265 -3.89 5.69 -30.16
N ILE B 266 -2.99 5.74 -31.14
CA ILE B 266 -3.35 6.07 -32.52
C ILE B 266 -2.79 4.92 -33.37
N ILE B 267 -3.62 3.92 -33.63
CA ILE B 267 -3.14 2.77 -34.39
C ILE B 267 -2.96 3.18 -35.84
N CYS B 268 -1.72 3.36 -36.25
CA CYS B 268 -1.42 3.91 -37.56
C CYS B 268 -1.53 2.87 -38.68
N HIS B 269 -1.27 3.34 -39.89
CA HIS B 269 -1.34 2.51 -41.09
C HIS B 269 -0.54 3.19 -42.21
N VAL B 270 0.68 2.74 -42.45
CA VAL B 270 1.42 3.29 -43.59
C VAL B 270 0.68 2.91 -44.85
N ILE B 271 0.81 3.73 -45.89
CA ILE B 271 0.17 3.46 -47.17
C ILE B 271 1.22 3.31 -48.25
N ASP B 272 1.15 2.22 -49.01
CA ASP B 272 2.09 1.98 -50.09
C ASP B 272 1.34 1.38 -51.28
N LYS B 273 2.01 1.40 -52.43
CA LYS B 273 1.45 0.83 -53.66
C LYS B 273 1.16 -0.64 -53.54
N ARG B 274 1.44 -1.27 -52.41
CA ARG B 274 1.01 -2.64 -52.18
C ARG B 274 -0.22 -2.71 -51.29
N SER B 275 -0.65 -1.61 -50.70
CA SER B 275 -1.79 -1.45 -49.81
C SER B 275 -3.04 -1.05 -50.60
N PRO B 276 -4.22 -1.53 -50.21
CA PRO B 276 -5.42 -1.38 -51.04
C PRO B 276 -6.03 0.01 -51.05
N LEU B 277 -5.43 1.00 -50.41
CA LEU B 277 -5.96 2.36 -50.42
C LEU B 277 -5.21 3.28 -51.37
N TYR B 278 -4.37 2.73 -52.24
CA TYR B 278 -3.45 3.57 -53.00
C TYR B 278 -4.19 4.56 -53.90
N ASP B 279 -5.35 4.18 -54.41
CA ASP B 279 -5.98 4.91 -55.51
C ASP B 279 -7.02 5.92 -55.07
N ILE B 280 -6.84 6.60 -53.94
CA ILE B 280 -7.86 7.51 -53.41
C ILE B 280 -7.23 8.86 -53.08
N SER B 281 -7.82 9.93 -53.57
CA SER B 281 -7.56 11.27 -53.11
C SER B 281 -8.84 11.89 -52.54
N ALA B 282 -8.67 13.04 -51.89
CA ALA B 282 -9.79 13.70 -51.23
C ALA B 282 -10.90 14.06 -52.22
N THR B 283 -10.53 14.42 -53.44
CA THR B 283 -11.52 14.70 -54.46
C THR B 283 -12.42 13.49 -54.73
N ASP B 284 -11.83 12.31 -54.91
CA ASP B 284 -12.62 11.11 -55.16
C ASP B 284 -13.17 10.44 -53.91
N LEU B 285 -12.95 10.99 -52.71
CA LEU B 285 -13.39 10.29 -51.52
C LEU B 285 -14.91 10.27 -51.40
N VAL B 286 -15.57 11.36 -51.79
CA VAL B 286 -16.96 11.62 -51.41
C VAL B 286 -17.90 10.49 -51.83
N ASN B 287 -18.04 10.28 -53.13
CA ASN B 287 -18.97 9.29 -53.65
C ASN B 287 -18.27 7.97 -53.93
N GLN B 288 -17.62 7.38 -52.94
CA GLN B 288 -16.85 6.17 -53.13
C GLN B 288 -17.42 5.04 -52.29
N ASP B 289 -17.51 3.87 -52.89
CA ASP B 289 -17.94 2.67 -52.17
C ASP B 289 -16.72 2.05 -51.50
N LEU B 290 -16.74 1.96 -50.18
CA LEU B 290 -15.59 1.48 -49.44
C LEU B 290 -15.99 1.34 -47.99
N GLU B 291 -15.02 1.01 -47.15
CA GLU B 291 -15.22 0.87 -45.72
C GLU B 291 -13.87 0.54 -45.11
N VAL B 292 -13.79 0.65 -43.80
CA VAL B 292 -12.71 0.04 -43.04
C VAL B 292 -13.31 -0.58 -41.80
N ILE B 293 -12.97 -1.82 -41.51
CA ILE B 293 -13.43 -2.48 -40.31
C ILE B 293 -12.21 -2.67 -39.43
N VAL B 294 -12.31 -2.32 -38.17
CA VAL B 294 -11.20 -2.50 -37.26
C VAL B 294 -11.67 -3.39 -36.13
N ILE B 295 -11.03 -4.55 -35.97
CA ILE B 295 -11.41 -5.51 -34.94
C ILE B 295 -10.18 -5.78 -34.10
N LEU B 296 -10.31 -5.59 -32.79
CA LEU B 296 -9.18 -5.89 -31.91
C LEU B 296 -9.68 -6.76 -30.77
N GLU B 297 -8.83 -7.69 -30.33
CA GLU B 297 -9.23 -8.77 -29.45
C GLU B 297 -8.18 -8.97 -28.38
N GLY B 298 -8.60 -9.46 -27.23
CA GLY B 298 -7.70 -9.71 -26.13
C GLY B 298 -8.48 -10.32 -24.99
N VAL B 299 -7.74 -10.69 -23.94
CA VAL B 299 -8.33 -11.39 -22.82
C VAL B 299 -8.25 -10.46 -21.62
N VAL B 300 -9.39 -10.09 -21.07
CA VAL B 300 -9.35 -9.30 -19.87
C VAL B 300 -8.97 -10.20 -18.70
N GLU B 301 -8.03 -9.71 -17.91
CA GLU B 301 -7.43 -10.48 -16.84
C GLU B 301 -8.23 -10.39 -15.56
N THR B 302 -8.96 -9.29 -15.37
CA THR B 302 -9.82 -9.18 -14.19
C THR B 302 -10.88 -10.26 -14.21
N THR B 303 -11.56 -10.42 -15.34
CA THR B 303 -12.55 -11.48 -15.50
C THR B 303 -11.96 -12.74 -16.11
N GLY B 304 -10.69 -12.71 -16.52
CA GLY B 304 -10.04 -13.88 -17.09
C GLY B 304 -10.73 -14.44 -18.31
N ILE B 305 -11.33 -13.59 -19.13
CA ILE B 305 -12.18 -14.04 -20.22
C ILE B 305 -11.82 -13.31 -21.50
N THR B 306 -11.87 -14.03 -22.61
CA THR B 306 -11.58 -13.46 -23.92
C THR B 306 -12.67 -12.49 -24.35
N THR B 307 -12.29 -11.52 -25.18
CA THR B 307 -13.23 -10.53 -25.67
C THR B 307 -12.64 -9.86 -26.90
N GLN B 308 -13.52 -9.35 -27.76
CA GLN B 308 -13.11 -8.61 -28.95
C GLN B 308 -14.11 -7.51 -29.21
N ALA B 309 -13.60 -6.37 -29.65
CA ALA B 309 -14.46 -5.23 -29.94
C ALA B 309 -14.18 -4.79 -31.37
N ARG B 310 -15.17 -4.15 -31.98
CA ARG B 310 -15.04 -3.80 -33.38
C ARG B 310 -15.65 -2.43 -33.65
N THR B 311 -15.20 -1.82 -34.76
CA THR B 311 -15.76 -0.59 -35.30
C THR B 311 -15.72 -0.66 -36.82
N SER B 312 -16.28 0.36 -37.47
CA SER B 312 -16.33 0.40 -38.93
C SER B 312 -16.57 1.82 -39.41
N TYR B 313 -15.67 2.31 -40.26
CA TYR B 313 -15.73 3.67 -40.77
C TYR B 313 -16.17 3.63 -42.22
N ILE B 314 -17.11 4.48 -42.58
CA ILE B 314 -17.67 4.52 -43.92
C ILE B 314 -17.04 5.68 -44.67
N ALA B 315 -17.31 5.75 -45.97
CA ALA B 315 -16.61 6.72 -46.82
C ALA B 315 -16.80 8.14 -46.30
N GLU B 316 -18.04 8.52 -46.00
CA GLU B 316 -18.34 9.88 -45.59
C GLU B 316 -17.80 10.24 -44.20
N GLU B 317 -17.38 9.26 -43.42
CA GLU B 317 -16.93 9.47 -42.04
C GLU B 317 -15.42 9.67 -41.89
N ILE B 318 -14.66 9.80 -42.98
CA ILE B 318 -13.22 9.97 -42.85
C ILE B 318 -12.75 11.38 -43.19
N GLN B 319 -12.63 12.23 -42.17
CA GLN B 319 -12.21 13.62 -42.38
C GLN B 319 -10.76 13.67 -42.82
N TRP B 320 -10.54 13.96 -44.10
CA TRP B 320 -9.19 14.04 -44.66
C TRP B 320 -8.37 15.12 -43.95
N GLY B 321 -7.06 14.91 -43.91
CA GLY B 321 -6.11 15.94 -43.52
C GLY B 321 -6.14 16.37 -42.08
N HIS B 322 -7.17 15.99 -41.33
CA HIS B 322 -7.34 16.44 -39.95
C HIS B 322 -6.41 15.65 -39.04
N ARG B 323 -5.16 16.10 -38.94
CA ARG B 323 -4.20 15.42 -38.09
C ARG B 323 -4.67 15.49 -36.63
N PHE B 324 -4.43 14.41 -35.90
CA PHE B 324 -4.97 14.25 -34.56
C PHE B 324 -4.35 15.22 -33.57
N VAL B 325 -5.09 15.49 -32.48
CA VAL B 325 -4.71 16.47 -31.46
C VAL B 325 -4.19 15.74 -30.24
N SER B 326 -3.00 16.14 -29.77
CA SER B 326 -2.35 15.49 -28.65
C SER B 326 -3.23 15.53 -27.41
N ILE B 327 -3.02 14.56 -26.52
CA ILE B 327 -3.85 14.43 -25.34
C ILE B 327 -2.94 14.43 -24.12
N VAL B 328 -1.91 13.58 -24.13
CA VAL B 328 -1.06 13.45 -22.95
C VAL B 328 -0.27 14.73 -22.75
N THR B 329 -0.26 15.21 -21.51
CA THR B 329 0.45 16.42 -21.11
C THR B 329 1.54 16.03 -20.13
N GLU B 330 2.11 17.04 -19.49
CA GLU B 330 3.20 16.84 -18.54
C GLU B 330 2.85 17.54 -17.23
N GLU B 331 2.13 16.84 -16.36
CA GLU B 331 1.95 17.35 -15.01
C GLU B 331 3.20 17.05 -14.18
N GLU B 332 3.30 17.72 -13.03
CA GLU B 332 4.58 17.81 -12.34
C GLU B 332 5.11 16.43 -11.98
N GLY B 333 4.44 15.74 -11.06
CA GLY B 333 4.94 14.45 -10.62
C GLY B 333 4.66 13.35 -11.62
N VAL B 334 3.45 13.32 -12.15
CA VAL B 334 2.95 12.19 -12.91
C VAL B 334 2.29 12.73 -14.17
N TYR B 335 2.46 12.00 -15.28
CA TYR B 335 1.80 12.40 -16.51
C TYR B 335 0.29 12.40 -16.31
N SER B 336 -0.40 13.03 -17.25
CA SER B 336 -1.85 13.07 -17.15
C SER B 336 -2.43 13.10 -18.55
N VAL B 337 -3.67 12.60 -18.64
CA VAL B 337 -4.40 12.50 -19.88
C VAL B 337 -5.76 13.13 -19.69
N ASP B 338 -6.53 13.17 -20.77
CA ASP B 338 -7.85 13.77 -20.74
C ASP B 338 -8.74 12.98 -21.67
N TYR B 339 -10.05 13.18 -21.55
CA TYR B 339 -10.99 12.49 -22.42
C TYR B 339 -12.06 13.38 -23.02
N SER B 340 -12.25 14.60 -22.54
CA SER B 340 -13.21 15.50 -23.18
C SER B 340 -12.79 15.80 -24.61
N LYS B 341 -11.51 16.07 -24.82
CA LYS B 341 -10.98 16.34 -26.15
C LYS B 341 -10.37 15.08 -26.76
N PHE B 342 -11.25 14.10 -27.03
CA PHE B 342 -10.79 12.86 -27.63
C PHE B 342 -10.68 13.01 -29.14
N GLY B 343 -11.72 13.52 -29.79
CA GLY B 343 -11.71 13.59 -31.23
C GLY B 343 -11.48 14.97 -31.79
N ASN B 344 -10.78 15.83 -31.05
CA ASN B 344 -10.47 17.15 -31.57
C ASN B 344 -9.55 17.02 -32.77
N THR B 345 -10.00 17.49 -33.92
CA THR B 345 -9.24 17.38 -35.15
C THR B 345 -8.81 18.77 -35.60
N VAL B 346 -7.59 19.17 -35.22
CA VAL B 346 -7.01 20.36 -35.80
C VAL B 346 -6.71 19.99 -37.24
N ARG B 347 -6.63 20.98 -38.11
CA ARG B 347 -6.43 20.72 -39.53
C ARG B 347 -5.13 21.35 -39.99
N VAL B 348 -4.38 20.60 -40.81
CA VAL B 348 -3.14 21.10 -41.36
C VAL B 348 -3.14 20.82 -42.86
N ALA B 349 -2.28 21.55 -43.56
CA ALA B 349 -2.12 21.34 -44.99
C ALA B 349 -1.51 19.98 -45.27
N ALA B 350 -2.12 19.26 -46.21
CA ALA B 350 -1.69 17.98 -46.69
C ALA B 350 -2.05 17.97 -48.16
N PRO B 351 -1.25 17.31 -49.00
CA PRO B 351 -1.53 17.34 -50.44
C PRO B 351 -2.94 16.82 -50.74
N ARG B 352 -3.62 17.52 -51.64
CA ARG B 352 -4.91 17.10 -52.15
C ARG B 352 -4.73 16.42 -53.50
N CYS B 353 -4.06 15.27 -53.47
CA CYS B 353 -3.71 14.59 -54.70
C CYS B 353 -3.67 13.09 -54.45
N SER B 354 -3.36 12.35 -55.51
CA SER B 354 -3.34 10.90 -55.42
C SER B 354 -2.13 10.43 -54.62
N ALA B 355 -2.01 9.11 -54.50
CA ALA B 355 -0.83 8.50 -53.90
C ALA B 355 0.16 8.04 -54.98
N ARG B 356 -0.35 7.51 -56.10
CA ARG B 356 0.52 7.21 -57.23
C ARG B 356 1.13 8.50 -57.77
N GLU B 357 0.30 9.52 -57.96
CA GLU B 357 0.83 10.82 -58.35
C GLU B 357 1.69 11.43 -57.24
N LEU B 358 1.52 10.97 -56.01
CA LEU B 358 2.33 11.49 -54.92
C LEU B 358 3.80 11.16 -55.14
N ASP B 359 4.09 9.95 -55.62
CA ASP B 359 5.47 9.62 -55.96
C ASP B 359 5.81 9.91 -57.41
N GLU B 360 4.82 10.24 -58.24
CA GLU B 360 5.12 10.65 -59.61
C GLU B 360 5.81 12.01 -59.66
N LYS B 361 5.40 12.95 -58.80
CA LYS B 361 5.89 14.32 -58.83
C LYS B 361 6.29 14.82 -57.44
N PRO B 362 7.44 14.38 -56.93
CA PRO B 362 7.86 14.84 -55.60
C PRO B 362 8.71 16.10 -55.68
N SER B 363 8.68 16.80 -56.81
CA SER B 363 9.57 17.94 -57.02
C SER B 363 9.42 18.97 -55.90
N ILE B 364 8.21 19.49 -55.73
CA ILE B 364 7.90 20.44 -54.67
C ILE B 364 6.64 19.95 -53.97
N LEU B 365 6.66 19.98 -52.64
CA LEU B 365 5.55 19.51 -51.83
C LEU B 365 4.84 20.69 -51.20
N ILE B 366 3.51 20.70 -51.28
CA ILE B 366 2.71 21.78 -50.70
C ILE B 366 2.65 21.67 -49.19
N ARG C 30 -15.42 -54.32 -53.64
CA ARG C 30 -15.41 -53.21 -52.68
C ARG C 30 -14.36 -52.21 -53.07
N LEU C 31 -13.14 -52.44 -52.61
CA LEU C 31 -12.02 -51.55 -52.90
C LEU C 31 -12.18 -50.06 -52.59
N PRO C 32 -12.54 -49.70 -51.33
CA PRO C 32 -12.65 -48.28 -50.97
C PRO C 32 -11.37 -47.87 -50.26
N LYS C 33 -10.54 -46.98 -50.83
CA LYS C 33 -9.30 -46.62 -50.16
C LYS C 33 -9.74 -45.92 -48.91
N ALA C 34 -9.16 -46.28 -47.78
CA ALA C 34 -9.61 -45.74 -46.49
C ALA C 34 -9.39 -44.26 -46.24
N ARG C 35 -10.45 -43.50 -45.96
CA ARG C 35 -10.19 -42.09 -45.74
C ARG C 35 -9.59 -41.89 -44.35
N PHE C 36 -8.68 -40.91 -44.25
CA PHE C 36 -8.05 -40.60 -42.98
C PHE C 36 -9.09 -40.13 -41.97
N ILE C 37 -9.86 -39.11 -42.31
CA ILE C 37 -10.95 -38.66 -41.47
C ILE C 37 -12.20 -38.55 -42.33
N ALA C 38 -13.26 -39.19 -41.86
CA ALA C 38 -14.52 -39.28 -42.59
C ALA C 38 -15.12 -37.96 -42.88
N LYS C 39 -15.89 -37.88 -43.94
CA LYS C 39 -16.46 -36.61 -44.36
C LYS C 39 -17.32 -35.92 -43.31
N SER C 40 -18.08 -36.68 -42.54
CA SER C 40 -18.89 -36.02 -41.55
C SER C 40 -18.19 -35.79 -40.24
N GLY C 41 -17.21 -34.91 -40.23
CA GLY C 41 -16.60 -34.50 -39.00
C GLY C 41 -16.14 -35.47 -37.95
N ALA C 42 -15.37 -36.47 -38.28
CA ALA C 42 -14.92 -37.36 -37.22
C ALA C 42 -13.56 -37.91 -37.52
N CYS C 43 -12.93 -38.54 -36.54
CA CYS C 43 -11.63 -39.13 -36.78
C CYS C 43 -11.84 -40.63 -36.83
N ASN C 44 -11.34 -41.30 -37.85
CA ASN C 44 -11.56 -42.72 -37.91
C ASN C 44 -10.33 -43.52 -38.21
N LEU C 45 -9.34 -43.51 -37.31
CA LEU C 45 -8.14 -44.30 -37.47
C LEU C 45 -8.11 -45.19 -36.27
N ALA C 46 -8.00 -46.50 -36.46
CA ALA C 46 -8.04 -47.47 -35.36
C ALA C 46 -6.89 -47.49 -34.35
N HIS C 47 -7.24 -47.57 -33.06
CA HIS C 47 -6.28 -47.62 -31.96
C HIS C 47 -5.98 -49.08 -31.68
N LYS C 48 -4.77 -49.53 -31.98
CA LYS C 48 -4.48 -50.95 -31.86
C LYS C 48 -3.30 -51.24 -30.96
N ASN C 49 -3.39 -52.36 -30.24
CA ASN C 49 -2.24 -53.06 -29.65
C ASN C 49 -1.61 -52.31 -28.47
N ILE C 50 -2.09 -51.11 -28.14
CA ILE C 50 -1.52 -50.37 -27.01
C ILE C 50 -1.78 -51.14 -25.72
N ARG C 51 -0.93 -50.90 -24.72
CA ARG C 51 -1.13 -51.53 -23.43
C ARG C 51 -2.35 -50.93 -22.74
N GLU C 52 -2.88 -51.67 -21.77
CA GLU C 52 -4.08 -51.27 -21.05
C GLU C 52 -3.65 -50.51 -19.80
N GLN C 53 -3.94 -49.22 -19.76
CA GLN C 53 -3.52 -48.40 -18.63
C GLN C 53 -4.28 -48.77 -17.37
N GLY C 54 -5.39 -49.48 -17.51
CA GLY C 54 -6.15 -49.89 -16.34
C GLY C 54 -7.23 -48.90 -15.96
N ARG C 55 -8.48 -49.36 -15.95
CA ARG C 55 -9.59 -48.47 -15.66
C ARG C 55 -9.56 -48.11 -14.18
N PHE C 56 -8.94 -46.98 -13.86
CA PHE C 56 -8.80 -46.57 -12.47
C PHE C 56 -10.16 -46.20 -11.89
N LEU C 57 -10.29 -46.34 -10.57
CA LEU C 57 -11.59 -46.14 -9.95
C LEU C 57 -12.07 -44.71 -10.13
N GLN C 58 -11.15 -43.77 -10.31
CA GLN C 58 -11.62 -42.40 -10.48
C GLN C 58 -12.44 -42.26 -11.74
N ASP C 59 -12.27 -43.17 -12.70
CA ASP C 59 -13.01 -43.02 -13.94
C ASP C 59 -14.49 -43.13 -13.70
N ILE C 60 -14.88 -43.92 -12.70
CA ILE C 60 -16.30 -44.06 -12.44
C ILE C 60 -16.90 -42.71 -12.05
N PHE C 61 -16.26 -42.02 -11.12
CA PHE C 61 -16.79 -40.71 -10.77
C PHE C 61 -16.72 -39.79 -11.98
N THR C 62 -15.62 -39.86 -12.73
CA THR C 62 -15.51 -39.04 -13.92
C THR C 62 -16.69 -39.24 -14.85
N THR C 63 -17.07 -40.50 -15.09
CA THR C 63 -18.19 -40.70 -16.00
C THR C 63 -19.50 -40.33 -15.37
N LEU C 64 -19.60 -40.31 -14.04
CA LEU C 64 -20.82 -39.78 -13.46
C LEU C 64 -20.95 -38.30 -13.78
N VAL C 65 -19.83 -37.55 -13.73
CA VAL C 65 -19.90 -36.10 -13.90
C VAL C 65 -20.48 -35.73 -15.26
N ASP C 66 -19.99 -36.33 -16.33
CA ASP C 66 -20.37 -35.94 -17.69
C ASP C 66 -21.40 -36.93 -18.22
N LEU C 67 -22.66 -36.70 -17.84
CA LEU C 67 -23.78 -37.49 -18.32
C LEU C 67 -24.81 -36.57 -18.93
N LYS C 68 -25.56 -37.06 -19.90
CA LYS C 68 -26.71 -36.26 -20.31
C LYS C 68 -27.83 -36.39 -19.29
N TRP C 69 -28.72 -35.41 -19.32
CA TRP C 69 -29.71 -35.28 -18.27
C TRP C 69 -30.73 -36.40 -18.23
N ARG C 70 -30.83 -37.22 -19.26
CA ARG C 70 -31.70 -38.38 -19.17
C ARG C 70 -31.11 -39.52 -18.37
N HIS C 71 -30.04 -39.31 -17.65
CA HIS C 71 -29.54 -40.36 -16.77
C HIS C 71 -29.20 -39.78 -15.41
N THR C 72 -28.90 -38.48 -15.38
CA THR C 72 -28.43 -37.87 -14.14
C THR C 72 -29.53 -37.87 -13.10
N LEU C 73 -30.73 -37.46 -13.48
CA LEU C 73 -31.84 -37.48 -12.54
C LEU C 73 -32.18 -38.89 -12.10
N VAL C 74 -32.03 -39.86 -13.00
CA VAL C 74 -32.32 -41.25 -12.64
C VAL C 74 -31.34 -41.74 -11.58
N ILE C 75 -30.04 -41.52 -11.81
CA ILE C 75 -29.05 -41.98 -10.85
C ILE C 75 -29.22 -41.23 -9.54
N PHE C 76 -29.51 -39.95 -9.63
CA PHE C 76 -29.82 -39.14 -8.45
C PHE C 76 -30.91 -39.81 -7.61
N THR C 77 -32.08 -40.02 -8.23
CA THR C 77 -33.21 -40.58 -7.50
C THR C 77 -32.88 -41.98 -6.97
N MET C 78 -32.24 -42.79 -7.78
CA MET C 78 -31.93 -44.15 -7.34
C MET C 78 -31.00 -44.12 -6.14
N SER C 79 -30.02 -43.22 -6.14
CA SER C 79 -29.12 -43.13 -5.01
C SER C 79 -29.86 -42.71 -3.76
N PHE C 80 -30.72 -41.71 -3.88
CA PHE C 80 -31.47 -41.26 -2.72
C PHE C 80 -32.34 -42.39 -2.17
N LEU C 81 -33.09 -43.06 -3.04
CA LEU C 81 -33.99 -44.11 -2.58
C LEU C 81 -33.21 -45.26 -1.97
N CYS C 82 -32.08 -45.62 -2.57
CA CYS C 82 -31.33 -46.72 -2.01
C CYS C 82 -30.82 -46.39 -0.62
N SER C 83 -30.30 -45.17 -0.43
CA SER C 83 -29.86 -44.80 0.91
C SER C 83 -31.02 -44.82 1.89
N TRP C 84 -32.16 -44.25 1.50
CA TRP C 84 -33.31 -44.23 2.40
C TRP C 84 -33.69 -45.64 2.83
N LEU C 85 -33.89 -46.51 1.86
CA LEU C 85 -34.36 -47.86 2.16
C LEU C 85 -33.35 -48.62 3.00
N LEU C 86 -32.07 -48.51 2.66
CA LEU C 86 -31.06 -49.24 3.40
C LEU C 86 -31.06 -48.82 4.86
N PHE C 87 -31.03 -47.52 5.12
CA PHE C 87 -31.01 -47.14 6.52
C PHE C 87 -32.32 -47.46 7.22
N ALA C 88 -33.43 -47.46 6.50
CA ALA C 88 -34.68 -47.88 7.13
C ALA C 88 -34.62 -49.32 7.57
N ILE C 89 -34.06 -50.19 6.73
CA ILE C 89 -33.91 -51.58 7.14
C ILE C 89 -33.01 -51.68 8.35
N MET C 90 -31.97 -50.85 8.39
CA MET C 90 -31.11 -50.90 9.56
C MET C 90 -31.85 -50.50 10.83
N TRP C 91 -32.66 -49.44 10.76
CA TRP C 91 -33.43 -49.04 11.95
C TRP C 91 -34.42 -50.11 12.36
N TRP C 92 -35.05 -50.78 11.39
CA TRP C 92 -36.01 -51.82 11.77
C TRP C 92 -35.30 -52.95 12.50
N LEU C 93 -34.13 -53.36 12.00
CA LEU C 93 -33.40 -54.38 12.73
C LEU C 93 -33.05 -53.89 14.12
N VAL C 94 -32.71 -52.61 14.18
CA VAL C 94 -32.24 -51.96 15.39
C VAL C 94 -33.31 -51.68 16.35
N ALA C 95 -34.54 -51.92 15.95
CA ALA C 95 -35.68 -51.83 16.85
C ALA C 95 -36.27 -53.22 16.96
N PHE C 96 -35.38 -54.18 16.72
CA PHE C 96 -35.72 -55.56 16.74
C PHE C 96 -34.96 -56.21 17.82
N ALA C 97 -33.65 -56.10 17.73
CA ALA C 97 -32.85 -56.77 18.70
C ALA C 97 -33.13 -56.20 20.03
N HIS C 98 -33.14 -54.89 20.18
CA HIS C 98 -33.58 -54.37 21.45
C HIS C 98 -35.05 -54.63 21.20
N GLY C 99 -35.76 -55.24 22.13
CA GLY C 99 -37.13 -55.59 21.80
C GLY C 99 -38.22 -54.56 21.84
N ASP C 100 -38.05 -53.48 21.11
CA ASP C 100 -39.04 -52.48 21.07
C ASP C 100 -40.24 -53.04 20.39
N ILE C 101 -40.04 -53.74 19.28
CA ILE C 101 -41.18 -54.16 18.47
C ILE C 101 -42.12 -55.04 19.22
N TYR C 102 -41.60 -55.96 20.02
CA TYR C 102 -42.48 -56.81 20.79
C TYR C 102 -43.26 -56.00 21.76
N ALA C 103 -42.60 -55.07 22.43
CA ALA C 103 -43.27 -54.32 23.46
C ALA C 103 -44.44 -53.52 22.93
N TYR C 104 -44.29 -52.91 21.77
CA TYR C 104 -45.38 -52.14 21.26
C TYR C 104 -46.58 -53.01 20.99
N MET C 105 -46.36 -54.19 20.42
CA MET C 105 -47.47 -55.07 20.13
C MET C 105 -48.28 -55.64 21.30
N GLU C 106 -47.62 -56.12 22.34
CA GLU C 106 -48.37 -56.70 23.43
C GLU C 106 -49.21 -55.74 24.18
N LYS C 107 -48.66 -54.59 24.54
CA LYS C 107 -49.45 -53.69 25.33
C LYS C 107 -50.38 -52.78 24.57
N GLY C 108 -51.34 -53.34 23.86
CA GLY C 108 -52.31 -52.57 23.10
C GLY C 108 -53.32 -51.70 23.84
N ILE C 109 -53.87 -52.22 24.93
CA ILE C 109 -54.91 -51.49 25.63
C ILE C 109 -54.51 -50.16 26.20
N THR C 110 -53.38 -50.11 26.90
CA THR C 110 -52.96 -48.86 27.52
C THR C 110 -51.58 -48.45 27.10
N GLU C 111 -50.70 -49.46 27.19
CA GLU C 111 -49.26 -49.48 26.88
C GLU C 111 -48.39 -48.96 28.01
N LYS C 112 -49.00 -48.39 29.05
CA LYS C 112 -48.28 -47.86 30.22
C LYS C 112 -47.15 -46.92 29.81
N SER C 113 -47.41 -46.02 28.86
CA SER C 113 -46.41 -45.12 28.26
C SER C 113 -45.25 -45.92 27.61
N GLY C 114 -45.60 -47.04 26.97
CA GLY C 114 -44.66 -47.88 26.27
C GLY C 114 -43.52 -48.25 27.14
N LEU C 115 -43.79 -48.73 28.34
CA LEU C 115 -42.76 -49.11 29.30
C LEU C 115 -41.79 -47.96 29.56
N GLU C 116 -42.36 -46.77 29.77
CA GLU C 116 -41.59 -45.54 30.00
C GLU C 116 -40.59 -45.30 28.88
N SER C 117 -41.05 -45.48 27.65
CA SER C 117 -40.23 -45.26 26.47
C SER C 117 -38.91 -46.04 26.50
N ALA C 118 -38.92 -47.28 26.94
CA ALA C 118 -37.69 -48.03 27.01
C ALA C 118 -37.02 -48.20 25.65
N VAL C 119 -37.81 -48.45 24.63
CA VAL C 119 -37.32 -48.68 23.28
C VAL C 119 -36.28 -47.70 22.79
N CYS C 120 -35.25 -48.19 22.11
CA CYS C 120 -34.20 -47.30 21.67
C CYS C 120 -34.71 -46.22 20.78
N VAL C 121 -35.53 -46.52 19.80
CA VAL C 121 -36.08 -45.44 19.01
C VAL C 121 -37.49 -45.33 19.56
N THR C 122 -37.99 -44.14 19.87
CA THR C 122 -39.31 -44.10 20.47
C THR C 122 -40.31 -44.21 19.38
N ASN C 123 -41.48 -44.67 19.76
CA ASN C 123 -42.61 -44.78 18.84
C ASN C 123 -42.37 -45.34 17.45
N VAL C 124 -41.43 -46.25 17.27
CA VAL C 124 -41.32 -46.90 15.98
C VAL C 124 -41.87 -48.27 16.30
N ARG C 125 -42.84 -48.73 15.53
CA ARG C 125 -43.42 -50.00 15.82
C ARG C 125 -44.00 -50.67 14.61
N SER C 126 -43.20 -50.74 13.56
CA SER C 126 -43.44 -51.36 12.28
C SER C 126 -42.16 -51.30 11.48
N PHE C 127 -42.23 -51.66 10.21
CA PHE C 127 -41.16 -51.32 9.29
C PHE C 127 -41.51 -50.05 8.54
N THR C 128 -42.71 -50.01 7.97
CA THR C 128 -43.13 -48.80 7.27
C THR C 128 -42.98 -47.59 8.16
N SER C 129 -43.32 -47.72 9.44
CA SER C 129 -43.11 -46.61 10.36
C SER C 129 -41.63 -46.31 10.50
N ALA C 130 -40.80 -47.36 10.54
CA ALA C 130 -39.37 -47.11 10.60
C ALA C 130 -38.91 -46.47 9.31
N PHE C 131 -39.52 -46.83 8.18
CA PHE C 131 -39.17 -46.16 6.93
C PHE C 131 -39.50 -44.69 6.99
N LEU C 132 -40.66 -44.34 7.56
CA LEU C 132 -41.00 -42.93 7.71
C LEU C 132 -39.96 -42.25 8.59
N PHE C 133 -39.53 -42.92 9.65
CA PHE C 133 -38.50 -42.34 10.49
C PHE C 133 -37.21 -42.12 9.71
N SER C 134 -36.85 -43.06 8.85
CA SER C 134 -35.63 -42.89 8.06
C SER C 134 -35.74 -41.72 7.10
N ILE C 135 -36.88 -41.57 6.45
CA ILE C 135 -37.07 -40.42 5.58
C ILE C 135 -36.93 -39.14 6.40
N GLU C 136 -37.54 -39.11 7.58
CA GLU C 136 -37.43 -37.93 8.42
C GLU C 136 -35.98 -37.60 8.74
N VAL C 137 -35.19 -38.59 9.10
CA VAL C 137 -33.82 -38.29 9.52
C VAL C 137 -32.94 -37.92 8.35
N GLN C 138 -33.13 -38.57 7.20
CA GLN C 138 -32.23 -38.30 6.09
C GLN C 138 -32.41 -36.88 5.57
N VAL C 139 -33.64 -36.51 5.25
CA VAL C 139 -33.89 -35.30 4.47
C VAL C 139 -34.07 -34.10 5.37
N THR C 140 -33.77 -34.26 6.65
CA THR C 140 -33.82 -33.16 7.60
C THR C 140 -35.24 -32.60 7.73
N ILE C 141 -36.19 -33.48 8.05
CA ILE C 141 -37.54 -33.07 8.41
C ILE C 141 -37.76 -33.18 9.91
N GLY C 142 -37.66 -34.39 10.45
CA GLY C 142 -37.79 -34.54 11.88
C GLY C 142 -39.13 -34.15 12.45
N PHE C 143 -40.17 -34.95 12.20
CA PHE C 143 -41.51 -34.56 12.61
C PHE C 143 -41.64 -34.46 14.11
N GLY C 144 -41.22 -35.47 14.84
CA GLY C 144 -41.28 -35.35 16.29
C GLY C 144 -41.92 -36.50 17.03
N GLY C 145 -42.93 -37.14 16.43
CA GLY C 145 -43.49 -38.32 17.05
C GLY C 145 -42.46 -39.42 17.22
N ARG C 146 -41.53 -39.50 16.29
CA ARG C 146 -40.47 -40.50 16.31
C ARG C 146 -39.21 -39.97 17.01
N MET C 147 -39.37 -39.58 18.27
CA MET C 147 -38.23 -39.04 18.99
C MET C 147 -37.20 -40.13 19.26
N MET C 148 -35.95 -39.71 19.47
CA MET C 148 -34.87 -40.62 19.77
C MET C 148 -34.39 -40.35 21.19
N THR C 149 -34.24 -41.40 21.97
CA THR C 149 -33.73 -41.27 23.32
C THR C 149 -32.26 -41.65 23.38
N GLU C 150 -31.65 -41.34 24.51
CA GLU C 150 -30.26 -41.70 24.77
C GLU C 150 -30.20 -42.98 25.57
N GLU C 151 -31.17 -43.85 25.33
CA GLU C 151 -31.30 -45.06 26.12
C GLU C 151 -30.24 -46.09 25.72
N CYS C 152 -30.01 -46.27 24.43
CA CYS C 152 -29.06 -47.26 23.99
C CYS C 152 -28.04 -46.65 23.03
N PRO C 153 -26.77 -47.05 23.12
CA PRO C 153 -25.70 -46.37 22.38
C PRO C 153 -25.76 -46.66 20.89
N LEU C 154 -26.04 -47.93 20.59
CA LEU C 154 -26.00 -48.39 19.21
C LEU C 154 -26.89 -47.52 18.33
N ALA C 155 -28.03 -47.09 18.86
CA ALA C 155 -28.90 -46.19 18.10
C ALA C 155 -28.19 -44.88 17.80
N ILE C 156 -27.43 -44.37 18.76
CA ILE C 156 -26.70 -43.12 18.51
C ILE C 156 -25.67 -43.35 17.41
N THR C 157 -25.00 -44.49 17.45
CA THR C 157 -24.02 -44.76 16.41
C THR C 157 -24.67 -44.81 15.03
N VAL C 158 -25.81 -45.48 14.92
CA VAL C 158 -26.47 -45.50 13.62
C VAL C 158 -26.90 -44.11 13.20
N LEU C 159 -27.37 -43.29 14.15
CA LEU C 159 -27.76 -41.93 13.79
C LEU C 159 -26.59 -41.14 13.23
N ILE C 160 -25.45 -41.17 13.92
CA ILE C 160 -24.29 -40.43 13.44
C ILE C 160 -23.86 -40.93 12.07
N LEU C 161 -23.80 -42.25 11.92
CA LEU C 161 -23.34 -42.81 10.64
C LEU C 161 -24.23 -42.37 9.51
N GLN C 162 -25.53 -42.57 9.66
CA GLN C 162 -26.44 -42.22 8.59
C GLN C 162 -26.42 -40.73 8.33
N ASN C 163 -26.33 -39.92 9.37
CA ASN C 163 -26.29 -38.49 9.16
C ASN C 163 -25.09 -38.09 8.29
N ILE C 164 -23.90 -38.59 8.60
CA ILE C 164 -22.72 -38.16 7.85
C ILE C 164 -22.81 -38.67 6.42
N VAL C 165 -23.26 -39.91 6.23
CA VAL C 165 -23.40 -40.44 4.88
C VAL C 165 -24.42 -39.61 4.11
N GLY C 166 -25.52 -39.26 4.75
CA GLY C 166 -26.50 -38.44 4.08
C GLY C 166 -25.93 -37.12 3.62
N LEU C 167 -25.13 -36.48 4.48
CA LEU C 167 -24.52 -35.23 4.05
C LEU C 167 -23.59 -35.44 2.86
N ILE C 168 -22.80 -36.52 2.87
CA ILE C 168 -21.90 -36.73 1.75
C ILE C 168 -22.68 -36.94 0.46
N ILE C 169 -23.74 -37.75 0.50
CA ILE C 169 -24.52 -37.98 -0.72
C ILE C 169 -25.17 -36.70 -1.21
N ASN C 170 -25.69 -35.90 -0.28
CA ASN C 170 -26.28 -34.62 -0.65
C ASN C 170 -25.25 -33.73 -1.33
N ALA C 171 -24.06 -33.61 -0.74
CA ALA C 171 -23.04 -32.77 -1.33
C ALA C 171 -22.61 -33.26 -2.71
N VAL C 172 -22.42 -34.57 -2.85
CA VAL C 172 -21.98 -35.11 -4.14
C VAL C 172 -23.00 -34.81 -5.21
N MET C 173 -24.28 -35.06 -4.92
CA MET C 173 -25.29 -34.85 -5.95
C MET C 173 -25.44 -33.37 -6.26
N LEU C 174 -25.33 -32.51 -5.25
CA LEU C 174 -25.37 -31.09 -5.52
C LEU C 174 -24.21 -30.69 -6.43
N GLY C 175 -23.03 -31.23 -6.18
CA GLY C 175 -21.91 -30.94 -7.05
C GLY C 175 -22.16 -31.39 -8.47
N CYS C 176 -22.75 -32.57 -8.63
CA CYS C 176 -23.08 -33.04 -9.97
C CYS C 176 -24.00 -32.06 -10.67
N ILE C 177 -25.07 -31.66 -10.00
CA ILE C 177 -26.04 -30.80 -10.64
C ILE C 177 -25.42 -29.46 -10.96
N PHE C 178 -24.52 -28.98 -10.11
CA PHE C 178 -23.93 -27.70 -10.44
C PHE C 178 -22.92 -27.79 -11.57
N MET C 179 -22.15 -28.87 -11.64
CA MET C 179 -21.28 -29.06 -12.79
C MET C 179 -22.08 -29.07 -14.08
N LYS C 180 -23.20 -29.78 -14.08
CA LYS C 180 -24.02 -29.77 -15.28
C LYS C 180 -24.54 -28.37 -15.57
N THR C 181 -24.93 -27.63 -14.53
CA THR C 181 -25.40 -26.26 -14.75
C THR C 181 -24.33 -25.39 -15.38
N ALA C 182 -23.10 -25.52 -14.93
CA ALA C 182 -22.02 -24.69 -15.48
C ALA C 182 -21.67 -25.01 -16.92
N GLN C 183 -22.22 -26.06 -17.50
CA GLN C 183 -21.89 -26.38 -18.89
C GLN C 183 -23.09 -26.22 -19.80
N ALA C 184 -24.03 -25.35 -19.44
CA ALA C 184 -25.20 -25.12 -20.28
C ALA C 184 -24.78 -24.56 -21.63
N HIS C 185 -23.85 -23.60 -21.64
CA HIS C 185 -23.43 -23.01 -22.89
C HIS C 185 -22.70 -24.01 -23.77
N ARG C 186 -21.86 -24.85 -23.18
CA ARG C 186 -21.12 -25.82 -24.00
C ARG C 186 -22.11 -26.86 -24.49
N ARG C 187 -22.54 -26.72 -25.75
CA ARG C 187 -23.63 -27.52 -26.27
C ARG C 187 -23.21 -28.44 -27.41
N ALA C 188 -22.68 -27.89 -28.49
CA ALA C 188 -22.38 -28.67 -29.70
C ALA C 188 -21.52 -27.81 -30.61
N GLU C 189 -21.21 -28.35 -31.79
CA GLU C 189 -20.36 -27.69 -32.77
C GLU C 189 -21.14 -27.45 -34.04
N THR C 190 -21.01 -26.23 -34.59
CA THR C 190 -21.67 -25.88 -35.84
C THR C 190 -20.68 -25.10 -36.68
N LEU C 191 -20.20 -25.72 -37.75
CA LEU C 191 -19.39 -25.02 -38.74
C LEU C 191 -19.65 -25.65 -40.09
N ILE C 192 -20.07 -24.82 -41.03
CA ILE C 192 -20.66 -25.28 -42.28
C ILE C 192 -19.57 -25.28 -43.34
N PHE C 193 -19.03 -26.45 -43.62
CA PHE C 193 -18.08 -26.62 -44.71
C PHE C 193 -18.84 -26.91 -46.01
N SER C 194 -18.13 -27.34 -47.02
CA SER C 194 -18.72 -27.69 -48.30
C SER C 194 -18.32 -29.08 -48.70
N ARG C 195 -19.15 -29.70 -49.51
CA ARG C 195 -18.82 -31.02 -50.02
C ARG C 195 -18.02 -30.94 -51.31
N HIS C 196 -17.60 -29.74 -51.71
CA HIS C 196 -16.98 -29.60 -53.02
C HIS C 196 -15.83 -28.62 -52.97
N ALA C 197 -14.66 -29.07 -53.40
CA ALA C 197 -13.53 -28.19 -53.64
C ALA C 197 -13.45 -27.86 -55.11
N VAL C 198 -13.29 -26.59 -55.42
CA VAL C 198 -13.31 -26.10 -56.79
C VAL C 198 -11.93 -25.55 -57.12
N ILE C 199 -11.35 -26.00 -58.25
CA ILE C 199 -9.98 -25.67 -58.60
C ILE C 199 -9.91 -24.64 -59.71
N ALA C 200 -10.96 -23.83 -59.84
CA ALA C 200 -11.07 -22.93 -60.98
C ALA C 200 -10.01 -21.86 -60.90
N VAL C 201 -9.71 -21.27 -62.06
CA VAL C 201 -8.69 -20.23 -62.14
C VAL C 201 -9.14 -18.98 -61.39
N ARG C 202 -8.18 -18.27 -60.81
CA ARG C 202 -8.49 -17.04 -60.08
C ARG C 202 -7.24 -16.18 -60.07
N ASN C 203 -7.31 -15.04 -60.74
CA ASN C 203 -6.22 -14.08 -60.78
C ASN C 203 -4.93 -14.71 -61.32
N GLY C 204 -5.08 -15.34 -62.48
CA GLY C 204 -3.93 -15.79 -63.25
C GLY C 204 -3.06 -16.84 -62.58
N LYS C 205 -3.69 -17.87 -62.03
CA LYS C 205 -2.98 -19.00 -61.45
C LYS C 205 -4.05 -20.03 -61.10
N LEU C 206 -3.62 -21.09 -60.45
CA LEU C 206 -4.57 -22.07 -59.93
C LEU C 206 -4.89 -21.73 -58.48
N CYS C 207 -5.89 -22.40 -57.95
CA CYS C 207 -6.32 -22.26 -56.56
C CYS C 207 -7.03 -23.56 -56.19
N PHE C 208 -7.23 -23.78 -54.90
CA PHE C 208 -8.10 -24.87 -54.48
C PHE C 208 -9.02 -24.32 -53.39
N MET C 209 -10.13 -23.73 -53.82
CA MET C 209 -11.01 -23.03 -52.89
C MET C 209 -11.98 -23.98 -52.20
N PHE C 210 -12.55 -23.51 -51.10
CA PHE C 210 -13.72 -24.14 -50.49
C PHE C 210 -14.42 -23.09 -49.67
N ARG C 211 -15.63 -23.42 -49.24
CA ARG C 211 -16.47 -22.44 -48.55
C ARG C 211 -16.58 -22.79 -47.07
N VAL C 212 -16.43 -21.77 -46.24
CA VAL C 212 -16.52 -21.91 -44.79
C VAL C 212 -17.62 -20.99 -44.28
N GLY C 213 -18.53 -21.54 -43.49
CA GLY C 213 -19.65 -20.77 -42.99
C GLY C 213 -19.71 -20.64 -41.49
N ASP C 214 -20.83 -20.16 -40.98
CA ASP C 214 -21.05 -20.06 -39.55
C ASP C 214 -22.54 -19.89 -39.31
N LEU C 215 -23.07 -20.58 -38.30
CA LEU C 215 -24.50 -20.53 -38.03
C LEU C 215 -24.87 -19.70 -36.81
N ARG C 216 -24.22 -19.94 -35.68
CA ARG C 216 -24.55 -19.26 -34.44
C ARG C 216 -24.28 -17.77 -34.57
N LYS C 217 -25.03 -16.97 -33.83
CA LYS C 217 -24.85 -15.52 -33.94
C LYS C 217 -23.48 -15.06 -33.47
N SER C 218 -22.75 -15.89 -32.73
CA SER C 218 -21.47 -15.44 -32.22
C SER C 218 -20.41 -15.43 -33.32
N MET C 219 -19.34 -14.68 -33.09
CA MET C 219 -18.21 -14.59 -33.99
C MET C 219 -16.99 -15.22 -33.33
N ILE C 220 -16.38 -16.17 -34.01
CA ILE C 220 -15.26 -16.91 -33.44
C ILE C 220 -14.08 -15.97 -33.28
N ILE C 221 -13.58 -15.84 -32.06
CA ILE C 221 -12.49 -14.93 -31.76
C ILE C 221 -11.17 -15.61 -32.07
N SER C 222 -10.33 -14.94 -32.86
CA SER C 222 -8.97 -15.40 -33.16
C SER C 222 -8.97 -16.73 -33.89
N ALA C 223 -9.81 -16.85 -34.91
CA ALA C 223 -9.85 -18.08 -35.69
C ALA C 223 -8.56 -18.26 -36.47
N SER C 224 -8.30 -19.51 -36.85
CA SER C 224 -7.18 -19.83 -37.70
C SER C 224 -7.58 -20.99 -38.61
N VAL C 225 -6.97 -21.04 -39.78
CA VAL C 225 -7.21 -22.10 -40.74
C VAL C 225 -5.90 -22.82 -40.99
N ARG C 226 -5.97 -24.12 -41.27
CA ARG C 226 -4.81 -24.92 -41.65
C ARG C 226 -5.23 -25.92 -42.71
N ILE C 227 -4.38 -26.13 -43.69
CA ILE C 227 -4.65 -27.07 -44.77
C ILE C 227 -3.51 -28.07 -44.87
N GLN C 228 -3.86 -29.36 -44.82
CA GLN C 228 -2.84 -30.40 -44.84
C GLN C 228 -3.17 -31.40 -45.94
N VAL C 229 -2.12 -32.03 -46.46
CA VAL C 229 -2.22 -32.98 -47.56
C VAL C 229 -1.63 -34.30 -47.11
N VAL C 230 -2.39 -35.37 -47.32
CA VAL C 230 -1.97 -36.71 -46.93
C VAL C 230 -1.84 -37.55 -48.20
N LYS C 231 -0.69 -38.17 -48.36
CA LYS C 231 -0.43 -39.11 -49.44
C LYS C 231 0.78 -39.93 -49.07
N LYS C 232 0.83 -41.15 -49.57
CA LYS C 232 1.99 -41.98 -49.33
C LYS C 232 3.20 -41.43 -50.07
N THR C 233 4.36 -41.52 -49.44
CA THR C 233 5.59 -41.05 -50.04
C THR C 233 6.76 -41.91 -49.61
N THR C 234 7.74 -42.04 -50.50
CA THR C 234 8.94 -42.83 -50.27
C THR C 234 10.14 -41.90 -50.46
N THR C 235 10.82 -41.61 -49.35
CA THR C 235 11.89 -40.64 -49.36
C THR C 235 13.08 -41.11 -50.20
N PRO C 236 13.86 -40.17 -50.73
CA PRO C 236 14.97 -40.55 -51.62
C PRO C 236 15.93 -41.53 -51.01
N GLU C 237 16.14 -41.48 -49.71
CA GLU C 237 17.06 -42.39 -49.07
C GLU C 237 16.42 -43.75 -48.79
N GLY C 238 15.34 -44.06 -49.47
CA GLY C 238 14.74 -45.38 -49.39
C GLY C 238 13.81 -45.59 -48.22
N GLU C 239 13.64 -44.60 -47.35
CA GLU C 239 12.68 -44.70 -46.27
C GLU C 239 11.29 -44.33 -46.75
N VAL C 240 10.31 -45.15 -46.41
CA VAL C 240 8.95 -44.89 -46.83
C VAL C 240 8.19 -44.37 -45.63
N VAL C 241 7.26 -43.48 -45.90
CA VAL C 241 6.41 -42.89 -44.88
C VAL C 241 4.97 -43.15 -45.29
N PRO C 242 4.20 -43.91 -44.53
CA PRO C 242 2.93 -44.43 -45.04
C PRO C 242 1.92 -43.34 -45.33
N ILE C 243 1.63 -42.54 -44.32
CA ILE C 243 0.98 -41.26 -44.52
C ILE C 243 2.01 -40.21 -44.15
N HIS C 244 1.75 -38.98 -44.55
CA HIS C 244 2.73 -37.93 -44.36
C HIS C 244 2.03 -36.60 -44.51
N GLN C 245 1.88 -35.86 -43.41
CA GLN C 245 1.16 -34.60 -43.42
C GLN C 245 2.06 -33.52 -43.99
N GLN C 246 1.92 -33.24 -45.28
CA GLN C 246 2.50 -31.98 -45.72
C GLN C 246 1.52 -30.87 -45.44
N ASP C 247 2.02 -29.65 -45.31
CA ASP C 247 1.15 -28.51 -45.10
C ASP C 247 1.14 -27.65 -46.35
N ILE C 248 0.11 -26.84 -46.48
CA ILE C 248 0.10 -25.94 -47.61
C ILE C 248 -0.27 -24.56 -47.08
N PRO C 249 0.37 -23.50 -47.56
CA PRO C 249 -0.02 -22.17 -47.10
C PRO C 249 -1.37 -21.81 -47.63
N VAL C 250 -2.05 -20.91 -46.93
CA VAL C 250 -3.31 -20.34 -47.39
C VAL C 250 -3.04 -18.93 -47.86
N ASP C 251 -3.67 -18.56 -48.96
CA ASP C 251 -3.44 -17.23 -49.51
C ASP C 251 -3.97 -16.17 -48.57
N ASN C 252 -3.18 -15.15 -48.37
CA ASN C 252 -3.53 -13.98 -47.59
C ASN C 252 -2.50 -12.90 -47.88
N PRO C 253 -2.91 -11.72 -48.19
CA PRO C 253 -1.94 -10.71 -48.63
C PRO C 253 -0.92 -10.29 -47.58
N ILE C 254 -0.92 -10.91 -46.40
CA ILE C 254 0.19 -10.71 -45.47
C ILE C 254 0.66 -12.05 -44.91
N GLU C 255 0.20 -13.13 -45.52
CA GLU C 255 0.54 -14.47 -45.04
C GLU C 255 0.25 -14.60 -43.55
N SER C 256 -1.02 -14.40 -43.22
CA SER C 256 -1.50 -14.52 -41.85
C SER C 256 -2.66 -15.49 -41.82
N ASN C 257 -2.56 -16.52 -40.99
CA ASN C 257 -3.61 -17.51 -40.99
C ASN C 257 -4.81 -17.13 -40.16
N ASN C 258 -4.86 -15.96 -39.54
CA ASN C 258 -6.08 -15.58 -38.86
C ASN C 258 -7.15 -15.25 -39.89
N ILE C 259 -8.39 -15.10 -39.42
CA ILE C 259 -9.51 -14.88 -40.32
C ILE C 259 -10.68 -14.31 -39.53
N PHE C 260 -11.63 -13.69 -40.23
CA PHE C 260 -12.74 -12.95 -39.63
C PHE C 260 -13.99 -13.44 -40.34
N LEU C 261 -14.65 -14.45 -39.77
CA LEU C 261 -15.73 -15.18 -40.45
C LEU C 261 -17.09 -14.69 -39.99
N VAL C 262 -17.69 -13.77 -40.73
CA VAL C 262 -19.08 -13.41 -40.52
C VAL C 262 -19.93 -14.07 -41.60
N ALA C 263 -19.68 -13.71 -42.84
CA ALA C 263 -20.37 -14.29 -43.98
C ALA C 263 -19.72 -15.60 -44.35
N PRO C 264 -20.25 -16.32 -45.34
CA PRO C 264 -19.49 -17.41 -45.94
C PRO C 264 -18.21 -16.85 -46.54
N LEU C 265 -17.12 -17.60 -46.40
CA LEU C 265 -15.87 -17.18 -46.99
C LEU C 265 -15.35 -18.28 -47.90
N ILE C 266 -14.43 -17.91 -48.78
CA ILE C 266 -13.85 -18.81 -49.76
C ILE C 266 -12.36 -18.92 -49.48
N ILE C 267 -11.95 -19.90 -48.66
CA ILE C 267 -10.53 -20.17 -48.50
C ILE C 267 -9.92 -20.62 -49.83
N CYS C 268 -8.72 -20.11 -50.14
CA CYS C 268 -8.04 -20.45 -51.39
C CYS C 268 -6.55 -20.65 -51.16
N HIS C 269 -6.09 -21.88 -51.40
CA HIS C 269 -4.70 -22.27 -51.12
C HIS C 269 -3.95 -22.31 -52.45
N VAL C 270 -3.45 -21.15 -52.87
CA VAL C 270 -2.91 -21.00 -54.22
C VAL C 270 -1.83 -22.05 -54.46
N ILE C 271 -1.69 -22.46 -55.72
CA ILE C 271 -0.72 -23.48 -56.12
C ILE C 271 0.50 -22.77 -56.71
N ASP C 272 1.49 -22.51 -55.87
CA ASP C 272 2.76 -22.02 -56.36
C ASP C 272 3.54 -23.17 -56.98
N LYS C 273 4.73 -22.87 -57.48
CA LYS C 273 5.52 -23.93 -58.11
C LYS C 273 5.91 -25.00 -57.12
N ARG C 274 6.09 -24.64 -55.85
CA ARG C 274 6.62 -25.56 -54.85
C ARG C 274 5.54 -26.26 -54.05
N SER C 275 4.28 -26.03 -54.33
CA SER C 275 3.24 -26.69 -53.57
C SER C 275 3.12 -28.15 -53.97
N PRO C 276 2.64 -29.00 -53.06
CA PRO C 276 2.51 -30.44 -53.38
C PRO C 276 1.56 -30.76 -54.52
N LEU C 277 0.52 -29.98 -54.73
CA LEU C 277 -0.44 -30.25 -55.79
C LEU C 277 0.04 -29.76 -57.12
N TYR C 278 1.33 -29.51 -57.26
CA TYR C 278 1.85 -28.89 -58.47
C TYR C 278 1.82 -29.80 -59.67
N ASP C 279 1.73 -31.12 -59.49
CA ASP C 279 1.76 -32.02 -60.62
C ASP C 279 0.52 -32.90 -60.71
N ILE C 280 -0.65 -32.31 -60.53
CA ILE C 280 -1.89 -33.08 -60.60
C ILE C 280 -2.18 -33.41 -62.06
N SER C 281 -2.90 -34.51 -62.29
CA SER C 281 -3.27 -34.91 -63.64
C SER C 281 -4.56 -34.19 -63.99
N ALA C 282 -4.42 -32.97 -64.51
CA ALA C 282 -5.52 -32.00 -64.55
C ALA C 282 -6.84 -32.62 -64.94
N THR C 283 -6.84 -33.43 -65.98
CA THR C 283 -8.03 -34.18 -66.36
C THR C 283 -7.78 -35.68 -66.38
N ASP C 284 -6.76 -36.14 -65.66
CA ASP C 284 -6.58 -37.55 -65.33
C ASP C 284 -6.47 -37.69 -63.82
N LEU C 285 -7.08 -36.72 -63.14
CA LEU C 285 -7.20 -36.66 -61.70
C LEU C 285 -8.36 -37.53 -61.25
N VAL C 286 -8.23 -38.84 -61.43
CA VAL C 286 -9.27 -39.74 -60.95
C VAL C 286 -8.62 -40.82 -60.10
N ASN C 287 -7.62 -41.49 -60.64
CA ASN C 287 -6.87 -42.50 -59.91
C ASN C 287 -5.67 -41.87 -59.21
N GLN C 288 -5.92 -40.97 -58.26
CA GLN C 288 -4.85 -40.27 -57.58
C GLN C 288 -4.96 -40.53 -56.08
N ASP C 289 -3.82 -40.82 -55.46
CA ASP C 289 -3.77 -41.17 -54.05
C ASP C 289 -3.50 -39.89 -53.27
N LEU C 290 -4.57 -39.25 -52.82
CA LEU C 290 -4.47 -37.92 -52.27
C LEU C 290 -5.56 -37.73 -51.24
N GLU C 291 -5.33 -36.81 -50.31
CA GLU C 291 -6.45 -36.34 -49.50
C GLU C 291 -6.12 -34.96 -48.97
N VAL C 292 -7.13 -34.09 -48.90
CA VAL C 292 -6.94 -32.75 -48.37
C VAL C 292 -7.74 -32.62 -47.09
N ILE C 293 -7.12 -32.03 -46.07
CA ILE C 293 -7.73 -31.87 -44.77
C ILE C 293 -7.75 -30.40 -44.45
N VAL C 294 -8.87 -29.92 -43.93
CA VAL C 294 -9.02 -28.53 -43.51
C VAL C 294 -9.37 -28.54 -42.04
N ILE C 295 -8.67 -27.70 -41.28
CA ILE C 295 -8.85 -27.61 -39.84
C ILE C 295 -9.00 -26.16 -39.44
N LEU C 296 -10.07 -25.84 -38.71
CA LEU C 296 -10.38 -24.48 -38.32
C LEU C 296 -10.41 -24.43 -36.81
N GLU C 297 -9.62 -23.54 -36.23
CA GLU C 297 -9.48 -23.43 -34.78
C GLU C 297 -9.99 -22.09 -34.30
N GLY C 298 -10.58 -22.08 -33.10
CA GLY C 298 -11.04 -20.82 -32.57
C GLY C 298 -11.44 -20.95 -31.13
N VAL C 299 -11.84 -19.84 -30.55
CA VAL C 299 -12.42 -19.78 -29.22
C VAL C 299 -13.67 -18.93 -29.34
N VAL C 300 -14.77 -19.42 -28.79
CA VAL C 300 -16.06 -18.77 -28.96
C VAL C 300 -16.23 -17.67 -27.92
N GLU C 301 -16.56 -16.46 -28.38
CA GLU C 301 -16.60 -15.29 -27.52
C GLU C 301 -17.81 -15.29 -26.61
N THR C 302 -18.57 -16.38 -26.54
CA THR C 302 -19.69 -16.48 -25.63
C THR C 302 -19.34 -17.23 -24.36
N THR C 303 -18.57 -18.30 -24.49
CA THR C 303 -18.12 -19.06 -23.34
C THR C 303 -16.67 -18.73 -22.99
N GLY C 304 -15.79 -18.85 -23.98
CA GLY C 304 -14.36 -18.83 -23.76
C GLY C 304 -13.72 -20.16 -24.01
N ILE C 305 -14.51 -21.17 -24.37
CA ILE C 305 -14.02 -22.50 -24.62
C ILE C 305 -13.36 -22.55 -25.99
N THR C 306 -12.20 -23.17 -26.06
CA THR C 306 -11.61 -23.46 -27.36
C THR C 306 -12.48 -24.47 -28.11
N THR C 307 -12.37 -24.44 -29.43
CA THR C 307 -13.11 -25.38 -30.25
C THR C 307 -12.41 -25.50 -31.58
N GLN C 308 -12.72 -26.59 -32.27
CA GLN C 308 -12.04 -26.92 -33.52
C GLN C 308 -12.94 -27.76 -34.40
N ALA C 309 -13.08 -27.37 -35.65
CA ALA C 309 -13.83 -28.17 -36.61
C ALA C 309 -12.87 -28.62 -37.71
N ARG C 310 -13.27 -29.67 -38.43
CA ARG C 310 -12.36 -30.25 -39.41
C ARG C 310 -13.13 -31.04 -40.44
N THR C 311 -12.50 -31.26 -41.59
CA THR C 311 -13.11 -32.05 -42.65
C THR C 311 -12.05 -32.44 -43.68
N SER C 312 -12.46 -33.27 -44.63
CA SER C 312 -11.54 -33.81 -45.62
C SER C 312 -12.23 -33.95 -46.97
N TYR C 313 -11.43 -33.74 -48.03
CA TYR C 313 -11.85 -33.90 -49.41
C TYR C 313 -11.04 -35.03 -50.03
N ILE C 314 -11.73 -36.09 -50.47
CA ILE C 314 -11.13 -37.15 -51.27
C ILE C 314 -11.15 -36.72 -52.72
N ALA C 315 -10.48 -37.48 -53.58
CA ALA C 315 -10.36 -37.13 -55.00
C ALA C 315 -11.72 -37.02 -55.67
N GLU C 316 -12.66 -37.91 -55.33
CA GLU C 316 -13.92 -37.99 -56.07
C GLU C 316 -14.83 -36.80 -55.82
N GLU C 317 -14.60 -36.04 -54.76
CA GLU C 317 -15.42 -34.89 -54.43
C GLU C 317 -14.77 -33.57 -54.82
N ILE C 318 -13.91 -33.56 -55.82
CA ILE C 318 -13.21 -32.35 -56.25
C ILE C 318 -13.67 -32.01 -57.66
N GLN C 319 -14.62 -31.09 -57.76
CA GLN C 319 -15.02 -30.57 -59.06
C GLN C 319 -13.84 -29.86 -59.69
N TRP C 320 -13.75 -29.92 -61.01
CA TRP C 320 -12.75 -29.17 -61.76
C TRP C 320 -13.43 -28.07 -62.56
N GLY C 321 -12.69 -27.00 -62.79
CA GLY C 321 -13.12 -25.96 -63.70
C GLY C 321 -14.23 -25.10 -63.15
N HIS C 322 -15.01 -25.68 -62.23
CA HIS C 322 -16.12 -24.97 -61.63
C HIS C 322 -15.59 -23.99 -60.59
N ARG C 323 -16.17 -22.80 -60.54
CA ARG C 323 -15.86 -21.85 -59.50
C ARG C 323 -17.09 -21.67 -58.62
N PHE C 324 -16.87 -21.20 -57.40
CA PHE C 324 -17.99 -21.02 -56.50
C PHE C 324 -18.84 -19.84 -56.96
N VAL C 325 -20.06 -19.77 -56.42
CA VAL C 325 -21.10 -18.88 -56.95
C VAL C 325 -21.28 -17.72 -55.98
N SER C 326 -21.28 -16.50 -56.51
CA SER C 326 -21.44 -15.34 -55.67
C SER C 326 -22.76 -15.42 -54.92
N ILE C 327 -22.71 -15.06 -53.64
CA ILE C 327 -23.85 -15.23 -52.75
C ILE C 327 -24.27 -13.88 -52.23
N VAL C 328 -23.31 -13.12 -51.70
CA VAL C 328 -23.64 -11.89 -51.00
C VAL C 328 -24.39 -10.97 -51.96
N THR C 329 -25.56 -10.52 -51.56
CA THR C 329 -26.43 -9.73 -52.43
C THR C 329 -27.08 -8.63 -51.62
N GLU C 330 -26.83 -7.38 -52.00
CA GLU C 330 -27.60 -6.27 -51.46
C GLU C 330 -29.07 -6.49 -51.80
N GLU C 331 -29.96 -6.28 -50.83
CA GLU C 331 -31.38 -6.52 -51.03
C GLU C 331 -32.19 -5.24 -50.99
N GLU C 332 -32.12 -4.48 -49.91
CA GLU C 332 -32.82 -3.20 -49.82
C GLU C 332 -31.95 -2.19 -49.10
N GLY C 333 -30.67 -2.16 -49.43
CA GLY C 333 -29.74 -1.35 -48.67
C GLY C 333 -29.23 -2.01 -47.42
N VAL C 334 -29.55 -3.28 -47.19
CA VAL C 334 -29.02 -4.05 -46.08
C VAL C 334 -28.48 -5.36 -46.65
N TYR C 335 -27.26 -5.72 -46.26
CA TYR C 335 -26.61 -6.87 -46.87
C TYR C 335 -27.35 -8.16 -46.53
N SER C 336 -27.54 -9.00 -47.54
CA SER C 336 -28.25 -10.25 -47.41
C SER C 336 -27.37 -11.40 -47.85
N VAL C 337 -27.41 -12.49 -47.08
CA VAL C 337 -26.68 -13.71 -47.38
C VAL C 337 -27.64 -14.88 -47.33
N ASP C 338 -27.74 -15.62 -48.43
CA ASP C 338 -28.69 -16.72 -48.53
C ASP C 338 -27.91 -18.01 -48.69
N TYR C 339 -28.21 -19.00 -47.86
CA TYR C 339 -27.55 -20.29 -47.94
C TYR C 339 -28.24 -21.23 -48.92
N SER C 340 -29.35 -20.81 -49.52
CA SER C 340 -29.99 -21.66 -50.52
C SER C 340 -29.00 -22.09 -51.59
N LYS C 341 -28.18 -21.16 -52.05
CA LYS C 341 -27.13 -21.45 -53.01
C LYS C 341 -25.79 -21.60 -52.32
N PHE C 342 -25.75 -22.18 -51.12
CA PHE C 342 -24.52 -22.16 -50.33
C PHE C 342 -23.38 -22.87 -51.06
N GLY C 343 -23.61 -24.10 -51.48
CA GLY C 343 -22.51 -24.91 -51.96
C GLY C 343 -22.75 -25.51 -53.33
N ASN C 344 -23.35 -24.73 -54.22
CA ASN C 344 -23.54 -25.15 -55.60
C ASN C 344 -22.61 -24.36 -56.50
N THR C 345 -22.08 -25.03 -57.50
CA THR C 345 -21.02 -24.50 -58.33
C THR C 345 -21.51 -24.28 -59.75
N VAL C 346 -20.73 -23.58 -60.55
CA VAL C 346 -21.03 -23.40 -61.97
C VAL C 346 -19.81 -23.80 -62.78
N ARG C 347 -20.03 -24.62 -63.81
CA ARG C 347 -18.97 -24.96 -64.74
C ARG C 347 -18.56 -23.75 -65.55
N VAL C 348 -17.25 -23.52 -65.66
CA VAL C 348 -16.70 -22.44 -66.47
C VAL C 348 -15.39 -22.91 -67.08
N ALA C 349 -15.22 -22.68 -68.38
CA ALA C 349 -14.07 -23.17 -69.10
C ALA C 349 -12.79 -22.62 -68.48
N ALA C 350 -11.75 -23.45 -68.54
CA ALA C 350 -10.48 -23.16 -67.90
C ALA C 350 -9.42 -24.03 -68.55
N PRO C 351 -8.15 -23.71 -68.35
CA PRO C 351 -7.11 -24.59 -68.87
C PRO C 351 -7.21 -25.96 -68.22
N ARG C 352 -6.75 -26.99 -68.96
CA ARG C 352 -6.73 -28.36 -68.44
C ARG C 352 -5.32 -28.90 -68.64
N CYS C 353 -4.44 -28.53 -67.71
CA CYS C 353 -3.04 -28.94 -67.62
C CYS C 353 -2.53 -28.43 -66.29
N SER C 354 -1.79 -29.27 -65.57
CA SER C 354 -1.30 -28.87 -64.26
C SER C 354 -0.43 -27.64 -64.36
N ALA C 355 -0.26 -26.97 -63.21
CA ALA C 355 0.48 -25.72 -63.22
C ALA C 355 1.87 -25.90 -63.80
N ARG C 356 2.50 -27.06 -63.57
CA ARG C 356 3.77 -27.33 -64.22
C ARG C 356 3.61 -27.28 -65.73
N GLU C 357 2.51 -27.82 -66.23
CA GLU C 357 2.22 -27.70 -67.65
C GLU C 357 1.79 -26.27 -68.00
N LEU C 358 1.78 -25.47 -66.95
CA LEU C 358 1.53 -24.03 -67.10
C LEU C 358 2.82 -23.26 -66.82
N ASP C 359 3.83 -23.94 -66.30
CA ASP C 359 5.09 -23.25 -66.02
C ASP C 359 6.21 -23.43 -67.02
N GLU C 360 6.14 -24.44 -67.85
CA GLU C 360 7.21 -24.68 -68.81
C GLU C 360 7.39 -23.62 -69.92
N LYS C 361 6.32 -23.18 -70.54
CA LYS C 361 6.41 -22.22 -71.62
C LYS C 361 5.47 -21.10 -71.36
N PRO C 362 5.69 -19.94 -71.98
CA PRO C 362 4.75 -18.87 -71.67
C PRO C 362 3.32 -19.19 -72.07
N SER C 363 3.15 -19.81 -73.24
CA SER C 363 1.82 -20.13 -73.77
C SER C 363 1.36 -21.60 -73.75
N ILE C 364 2.01 -22.46 -72.98
CA ILE C 364 1.59 -23.86 -72.92
C ILE C 364 0.18 -23.94 -72.34
N LEU C 365 -0.09 -23.15 -71.31
CA LEU C 365 -1.42 -23.05 -70.72
C LEU C 365 -2.21 -22.06 -71.58
N ILE C 366 -3.51 -21.95 -71.35
CA ILE C 366 -4.33 -21.12 -72.24
C ILE C 366 -3.98 -19.64 -72.40
N GLN C 367 -3.58 -18.98 -71.33
CA GLN C 367 -3.23 -17.55 -71.43
C GLN C 367 -2.21 -17.24 -72.53
N ARG D 30 31.46 -41.83 -11.46
CA ARG D 30 30.58 -42.53 -12.38
C ARG D 30 29.20 -41.89 -12.40
N LEU D 31 29.04 -40.83 -11.62
CA LEU D 31 27.78 -40.13 -11.61
C LEU D 31 27.57 -39.43 -12.93
N PRO D 32 26.33 -39.43 -13.40
CA PRO D 32 26.04 -38.68 -14.60
C PRO D 32 26.21 -37.19 -14.32
N LYS D 33 26.83 -36.50 -15.26
CA LYS D 33 26.90 -35.05 -15.16
C LYS D 33 25.47 -34.52 -15.08
N ALA D 34 25.27 -33.55 -14.21
CA ALA D 34 23.92 -33.15 -13.83
C ALA D 34 23.11 -32.77 -15.05
N ARG D 35 21.90 -33.31 -15.14
CA ARG D 35 21.02 -33.14 -16.28
C ARG D 35 20.02 -32.04 -16.01
N PHE D 36 19.76 -31.21 -17.03
CA PHE D 36 18.91 -30.05 -16.82
C PHE D 36 17.44 -30.46 -16.71
N ILE D 37 17.00 -31.43 -17.51
CA ILE D 37 15.64 -31.94 -17.45
C ILE D 37 15.70 -33.45 -17.49
N ALA D 38 15.22 -34.08 -16.41
CA ALA D 38 15.30 -35.52 -16.32
C ALA D 38 14.47 -36.16 -17.43
N LYS D 39 14.87 -37.37 -17.81
CA LYS D 39 14.31 -38.00 -18.99
C LYS D 39 12.79 -38.11 -18.92
N SER D 40 12.23 -38.20 -17.73
CA SER D 40 10.77 -38.23 -17.58
C SER D 40 10.21 -36.86 -17.24
N GLY D 41 10.50 -35.87 -18.07
CA GLY D 41 10.06 -34.53 -17.78
C GLY D 41 10.60 -34.10 -16.43
N ALA D 42 9.80 -33.33 -15.70
CA ALA D 42 10.08 -33.03 -14.29
C ALA D 42 11.45 -32.39 -14.12
N CYS D 43 11.57 -31.16 -14.60
CA CYS D 43 12.81 -30.41 -14.51
C CYS D 43 13.42 -30.49 -13.12
N ASN D 44 14.64 -31.04 -13.02
CA ASN D 44 15.31 -31.23 -11.73
C ASN D 44 16.37 -30.16 -11.50
N LEU D 45 15.91 -28.93 -11.32
CA LEU D 45 16.78 -27.86 -10.83
C LEU D 45 16.64 -27.72 -9.31
N ALA D 46 17.52 -26.91 -8.74
CA ALA D 46 17.54 -26.69 -7.29
C ALA D 46 18.11 -25.29 -7.01
N HIS D 47 17.22 -24.32 -6.80
CA HIS D 47 17.63 -22.98 -6.40
C HIS D 47 17.27 -22.76 -4.93
N LYS D 48 18.21 -22.23 -4.18
CA LYS D 48 18.09 -21.91 -2.76
C LYS D 48 18.39 -20.44 -2.53
N ASN D 49 18.53 -20.16 -1.25
CA ASN D 49 18.73 -18.84 -0.72
C ASN D 49 17.61 -17.96 -1.21
N ILE D 50 16.49 -18.56 -1.60
CA ILE D 50 15.36 -17.79 -2.05
C ILE D 50 14.89 -17.12 -0.82
N ARG D 51 14.60 -15.82 -0.89
CA ARG D 51 14.13 -15.14 0.31
C ARG D 51 12.82 -15.79 0.65
N GLU D 52 12.78 -16.34 1.85
CA GLU D 52 11.60 -17.02 2.31
C GLU D 52 10.54 -15.97 2.26
N GLN D 53 9.62 -16.14 1.35
CA GLN D 53 8.56 -15.17 1.29
C GLN D 53 7.77 -15.26 2.59
N GLY D 54 7.45 -16.48 3.03
CA GLY D 54 6.70 -16.67 4.26
C GLY D 54 5.70 -17.81 4.17
N ARG D 55 4.83 -17.92 5.17
CA ARG D 55 3.83 -18.96 5.18
C ARG D 55 2.47 -18.35 5.48
N PHE D 56 1.92 -17.69 4.47
CA PHE D 56 0.63 -17.03 4.51
C PHE D 56 -0.45 -17.78 5.28
N LEU D 57 -1.07 -17.08 6.21
CA LEU D 57 -2.12 -17.61 7.03
C LEU D 57 -3.18 -18.35 6.23
N GLN D 58 -3.50 -17.86 5.04
CA GLN D 58 -4.48 -18.48 4.14
C GLN D 58 -3.99 -19.74 3.43
N ASP D 59 -2.70 -20.02 3.49
CA ASP D 59 -2.11 -21.15 2.78
C ASP D 59 -2.72 -22.47 3.13
N ILE D 60 -3.12 -22.72 4.37
CA ILE D 60 -3.70 -24.01 4.72
C ILE D 60 -4.95 -24.27 3.92
N PHE D 61 -5.77 -23.25 3.77
CA PHE D 61 -6.95 -23.40 2.95
C PHE D 61 -6.54 -23.78 1.56
N THR D 62 -5.49 -23.17 0.98
CA THR D 62 -5.19 -23.57 -0.37
C THR D 62 -4.78 -25.01 -0.38
N THR D 63 -3.96 -25.43 0.58
CA THR D 63 -3.56 -26.82 0.64
C THR D 63 -4.76 -27.66 0.91
N LEU D 64 -5.66 -27.20 1.77
CA LEU D 64 -6.85 -27.97 2.02
C LEU D 64 -7.66 -28.22 0.76
N VAL D 65 -7.82 -27.26 -0.14
CA VAL D 65 -8.63 -27.57 -1.35
C VAL D 65 -8.28 -28.79 -2.21
N ASP D 66 -7.01 -28.98 -2.46
CA ASP D 66 -6.45 -30.05 -3.26
C ASP D 66 -5.85 -31.18 -2.44
N LEU D 67 -6.70 -32.07 -1.99
CA LEU D 67 -6.29 -33.24 -1.24
C LEU D 67 -6.73 -34.50 -1.95
N LYS D 68 -6.09 -35.62 -1.59
CA LYS D 68 -6.58 -36.92 -2.05
C LYS D 68 -7.99 -37.11 -1.53
N TRP D 69 -8.85 -37.74 -2.34
CA TRP D 69 -10.21 -37.93 -1.87
C TRP D 69 -10.23 -38.67 -0.54
N ARG D 70 -9.20 -39.45 -0.26
CA ARG D 70 -9.14 -40.14 1.03
C ARG D 70 -9.18 -39.14 2.17
N HIS D 71 -8.52 -38.00 2.02
CA HIS D 71 -8.51 -37.07 3.14
C HIS D 71 -9.79 -36.25 3.16
N THR D 72 -10.25 -35.81 2.01
CA THR D 72 -11.43 -34.97 2.04
C THR D 72 -12.67 -35.74 2.35
N LEU D 73 -12.56 -37.05 2.57
CA LEU D 73 -13.62 -37.83 3.20
C LEU D 73 -13.30 -38.16 4.64
N VAL D 74 -12.26 -37.57 5.20
CA VAL D 74 -11.96 -37.70 6.61
C VAL D 74 -12.00 -36.34 7.31
N ILE D 75 -11.28 -35.35 6.75
CA ILE D 75 -11.35 -34.01 7.32
C ILE D 75 -12.79 -33.53 7.38
N PHE D 76 -13.64 -33.96 6.45
CA PHE D 76 -15.08 -33.73 6.60
C PHE D 76 -15.57 -34.31 7.91
N THR D 77 -15.37 -35.60 8.10
CA THR D 77 -15.86 -36.26 9.30
C THR D 77 -15.20 -35.66 10.53
N MET D 78 -13.90 -35.41 10.47
CA MET D 78 -13.22 -34.85 11.64
C MET D 78 -13.75 -33.47 11.99
N SER D 79 -13.96 -32.61 11.00
CA SER D 79 -14.47 -31.27 11.28
C SER D 79 -15.86 -31.34 11.89
N PHE D 80 -16.76 -32.07 11.24
CA PHE D 80 -18.12 -32.17 11.76
C PHE D 80 -18.13 -32.74 13.16
N LEU D 81 -17.44 -33.85 13.38
CA LEU D 81 -17.49 -34.50 14.67
C LEU D 81 -16.87 -33.62 15.75
N CYS D 82 -15.76 -32.95 15.43
CA CYS D 82 -15.19 -32.00 16.37
C CYS D 82 -16.23 -30.97 16.75
N SER D 83 -16.69 -30.17 15.78
CA SER D 83 -17.63 -29.10 16.09
C SER D 83 -18.80 -29.61 16.92
N TRP D 84 -19.34 -30.78 16.56
CA TRP D 84 -20.44 -31.33 17.33
C TRP D 84 -20.05 -31.54 18.78
N LEU D 85 -18.91 -32.22 19.01
CA LEU D 85 -18.53 -32.52 20.39
C LEU D 85 -18.26 -31.25 21.18
N LEU D 86 -17.58 -30.29 20.56
CA LEU D 86 -17.26 -29.05 21.24
C LEU D 86 -18.54 -28.33 21.65
N PHE D 87 -19.47 -28.17 20.73
CA PHE D 87 -20.69 -27.50 21.16
C PHE D 87 -21.49 -28.33 22.13
N ALA D 88 -21.36 -29.65 22.08
CA ALA D 88 -22.04 -30.47 23.07
C ALA D 88 -21.51 -30.18 24.46
N ILE D 89 -20.19 -30.09 24.61
CA ILE D 89 -19.66 -29.79 25.93
C ILE D 89 -20.10 -28.39 26.35
N MET D 90 -20.20 -27.47 25.39
CA MET D 90 -20.65 -26.12 25.76
C MET D 90 -22.08 -26.17 26.26
N TRP D 91 -22.72 -27.25 25.80
CA TRP D 91 -24.11 -27.64 26.09
C TRP D 91 -24.48 -28.60 27.25
N TRP D 92 -23.74 -29.67 27.57
CA TRP D 92 -24.18 -30.46 28.74
C TRP D 92 -24.05 -29.60 29.95
N LEU D 93 -22.92 -28.90 30.07
CA LEU D 93 -22.68 -28.03 31.21
C LEU D 93 -23.71 -26.95 31.23
N VAL D 94 -24.04 -26.38 30.07
CA VAL D 94 -25.06 -25.33 29.99
C VAL D 94 -26.38 -25.81 30.53
N ALA D 95 -26.79 -27.05 30.30
CA ALA D 95 -28.00 -27.52 30.91
C ALA D 95 -27.85 -27.57 32.43
N PHE D 96 -26.70 -27.97 32.95
CA PHE D 96 -26.59 -28.04 34.40
C PHE D 96 -26.76 -26.71 35.11
N ALA D 97 -26.12 -25.70 34.60
CA ALA D 97 -26.12 -24.42 35.27
C ALA D 97 -27.48 -23.81 35.48
N HIS D 98 -28.41 -23.97 34.57
CA HIS D 98 -29.73 -23.37 34.78
C HIS D 98 -30.69 -24.19 35.64
N GLY D 99 -30.21 -25.26 36.26
CA GLY D 99 -30.99 -26.09 37.14
C GLY D 99 -31.65 -27.22 36.44
N ASP D 100 -31.37 -27.40 35.17
CA ASP D 100 -32.02 -28.48 34.48
C ASP D 100 -31.73 -29.91 34.96
N ILE D 101 -30.48 -30.27 35.24
CA ILE D 101 -30.23 -31.65 35.59
C ILE D 101 -30.90 -32.01 36.85
N TYR D 102 -30.85 -31.15 37.83
CA TYR D 102 -31.45 -31.51 39.11
C TYR D 102 -32.95 -31.79 39.19
N ALA D 103 -33.80 -31.03 38.52
CA ALA D 103 -35.23 -31.26 38.67
C ALA D 103 -35.62 -32.60 38.21
N TYR D 104 -35.11 -33.02 37.09
CA TYR D 104 -35.48 -34.32 36.62
C TYR D 104 -34.99 -35.37 37.56
N MET D 105 -33.75 -35.29 38.00
CA MET D 105 -33.23 -36.34 38.84
C MET D 105 -33.83 -36.54 40.19
N GLU D 106 -34.07 -35.47 40.92
CA GLU D 106 -34.47 -35.66 42.32
C GLU D 106 -35.76 -36.42 42.51
N LYS D 107 -36.80 -36.05 41.80
CA LYS D 107 -38.04 -36.77 41.94
C LYS D 107 -38.23 -37.47 40.64
N GLY D 108 -39.49 -37.70 40.31
CA GLY D 108 -39.80 -38.28 39.02
C GLY D 108 -39.81 -37.16 38.01
N ILE D 109 -39.68 -37.49 36.74
CA ILE D 109 -39.72 -36.44 35.76
C ILE D 109 -41.10 -35.79 35.78
N THR D 110 -42.14 -36.62 35.80
CA THR D 110 -43.55 -36.15 35.85
C THR D 110 -44.50 -36.80 36.88
N GLU D 111 -44.22 -38.03 37.30
CA GLU D 111 -45.15 -38.66 38.19
C GLU D 111 -45.33 -37.94 39.50
N LYS D 112 -44.24 -37.65 40.18
CA LYS D 112 -44.32 -36.91 41.45
C LYS D 112 -44.63 -35.42 41.30
N SER D 113 -44.07 -34.80 40.28
CA SER D 113 -44.19 -33.37 40.09
C SER D 113 -44.33 -32.87 38.66
N GLY D 114 -44.83 -31.67 38.53
CA GLY D 114 -44.96 -30.97 37.26
C GLY D 114 -43.63 -30.33 36.91
N LEU D 115 -43.49 -29.90 35.68
CA LEU D 115 -42.23 -29.33 35.30
C LEU D 115 -41.90 -28.10 36.08
N GLU D 116 -40.59 -27.90 36.30
CA GLU D 116 -40.06 -26.68 36.92
C GLU D 116 -40.36 -25.49 36.01
N SER D 117 -40.49 -25.85 34.75
CA SER D 117 -40.79 -25.02 33.56
C SER D 117 -39.67 -24.11 33.21
N ALA D 118 -38.59 -24.22 33.92
CA ALA D 118 -37.49 -23.36 33.61
C ALA D 118 -36.44 -24.12 32.89
N VAL D 119 -36.72 -25.33 32.46
CA VAL D 119 -35.68 -26.12 31.83
C VAL D 119 -35.18 -25.41 30.60
N CYS D 120 -33.88 -25.33 30.44
CA CYS D 120 -33.39 -24.62 29.31
C CYS D 120 -33.80 -25.27 28.04
N VAL D 121 -33.64 -26.56 27.92
CA VAL D 121 -34.05 -27.29 26.75
C VAL D 121 -34.81 -28.44 27.33
N THR D 122 -36.05 -28.65 26.95
CA THR D 122 -36.86 -29.64 27.59
C THR D 122 -36.32 -31.05 27.54
N ASN D 123 -36.45 -31.76 28.64
CA ASN D 123 -36.00 -33.15 28.75
C ASN D 123 -34.53 -33.38 28.40
N VAL D 124 -33.64 -32.44 28.73
CA VAL D 124 -32.23 -32.63 28.44
C VAL D 124 -31.48 -33.24 29.60
N ARG D 125 -31.70 -34.52 29.84
CA ARG D 125 -31.10 -35.31 30.92
C ARG D 125 -29.64 -35.62 31.00
N SER D 126 -28.94 -35.94 29.94
CA SER D 126 -27.58 -36.42 30.11
C SER D 126 -26.46 -35.75 29.38
N PHE D 127 -25.23 -35.89 29.84
CA PHE D 127 -24.06 -35.30 29.13
C PHE D 127 -23.83 -36.17 27.93
N THR D 128 -24.75 -37.10 27.89
CA THR D 128 -25.11 -37.94 26.76
C THR D 128 -26.26 -37.29 26.02
N SER D 129 -27.30 -36.90 26.76
CA SER D 129 -28.46 -36.24 26.18
C SER D 129 -28.05 -34.93 25.54
N ALA D 130 -27.12 -34.23 26.20
CA ALA D 130 -26.63 -32.95 25.71
C ALA D 130 -25.95 -33.14 24.36
N PHE D 131 -25.16 -34.21 24.24
CA PHE D 131 -24.47 -34.51 23.00
C PHE D 131 -25.48 -34.79 21.88
N LEU D 132 -26.54 -35.51 22.22
CA LEU D 132 -27.58 -35.83 21.26
C LEU D 132 -28.26 -34.54 20.79
N PHE D 133 -28.49 -33.62 21.73
CA PHE D 133 -29.12 -32.34 21.40
C PHE D 133 -28.21 -31.54 20.47
N SER D 134 -26.91 -31.60 20.74
CA SER D 134 -25.93 -30.88 19.92
C SER D 134 -26.08 -31.24 18.46
N ILE D 135 -26.35 -32.52 18.19
CA ILE D 135 -26.52 -32.96 16.81
C ILE D 135 -27.66 -32.20 16.19
N GLU D 136 -28.75 -31.92 16.88
CA GLU D 136 -29.79 -31.16 16.19
C GLU D 136 -29.37 -29.74 15.78
N VAL D 137 -28.80 -28.93 16.64
CA VAL D 137 -28.49 -27.57 16.20
C VAL D 137 -27.48 -27.39 15.05
N GLN D 138 -26.36 -28.06 15.03
CA GLN D 138 -25.41 -27.83 13.94
C GLN D 138 -25.61 -28.75 12.79
N VAL D 139 -26.67 -29.55 12.78
CA VAL D 139 -26.93 -30.39 11.63
C VAL D 139 -28.27 -30.15 11.05
N THR D 140 -29.00 -29.19 11.56
CA THR D 140 -30.33 -28.87 11.06
C THR D 140 -31.41 -29.96 11.00
N ILE D 141 -31.45 -30.88 11.97
CA ILE D 141 -32.47 -31.93 12.01
C ILE D 141 -33.55 -31.56 12.97
N GLY D 142 -33.22 -31.13 14.16
CA GLY D 142 -34.28 -30.70 15.11
C GLY D 142 -35.45 -31.56 15.65
N PHE D 143 -35.21 -32.56 16.48
CA PHE D 143 -36.31 -33.45 16.85
C PHE D 143 -37.51 -32.88 17.53
N GLY D 144 -37.37 -32.05 18.54
CA GLY D 144 -38.57 -31.51 19.16
C GLY D 144 -38.79 -31.79 20.63
N GLY D 145 -38.16 -32.84 21.09
CA GLY D 145 -38.26 -33.23 22.48
C GLY D 145 -37.35 -32.46 23.37
N ARG D 146 -36.55 -31.56 22.79
CA ARG D 146 -35.66 -30.68 23.53
C ARG D 146 -35.90 -29.28 23.00
N MET D 147 -36.88 -28.59 23.56
CA MET D 147 -37.15 -27.24 23.09
C MET D 147 -36.17 -26.27 23.73
N MET D 148 -36.16 -25.06 23.20
CA MET D 148 -35.33 -23.98 23.73
C MET D 148 -36.24 -22.98 24.42
N THR D 149 -36.18 -22.92 25.73
CA THR D 149 -36.95 -21.90 26.42
C THR D 149 -36.20 -20.59 26.29
N GLU D 150 -36.83 -19.50 26.69
CA GLU D 150 -36.27 -18.17 26.49
C GLU D 150 -35.77 -17.52 27.77
N GLU D 151 -35.60 -18.28 28.85
CA GLU D 151 -35.16 -17.67 30.10
C GLU D 151 -33.67 -17.38 30.08
N CYS D 152 -32.86 -18.40 29.91
CA CYS D 152 -31.43 -18.25 30.05
C CYS D 152 -30.82 -17.54 28.85
N PRO D 153 -30.42 -16.27 28.99
CA PRO D 153 -29.89 -15.55 27.83
C PRO D 153 -28.62 -16.15 27.28
N LEU D 154 -27.73 -16.66 28.14
CA LEU D 154 -26.50 -17.26 27.63
C LEU D 154 -26.82 -18.42 26.69
N ALA D 155 -27.91 -19.12 26.95
CA ALA D 155 -28.31 -20.19 26.05
C ALA D 155 -28.60 -19.64 24.68
N ILE D 156 -29.31 -18.50 24.63
CA ILE D 156 -29.61 -17.90 23.35
C ILE D 156 -28.33 -17.45 22.66
N THR D 157 -27.36 -16.96 23.44
CA THR D 157 -26.11 -16.56 22.82
C THR D 157 -25.41 -17.75 22.18
N VAL D 158 -25.33 -18.86 22.91
CA VAL D 158 -24.62 -20.01 22.34
C VAL D 158 -25.41 -20.61 21.19
N LEU D 159 -26.73 -20.46 21.18
CA LEU D 159 -27.48 -20.94 20.02
C LEU D 159 -27.14 -20.13 18.79
N ILE D 160 -27.07 -18.81 18.91
CA ILE D 160 -26.69 -18.00 17.77
C ILE D 160 -25.30 -18.40 17.29
N LEU D 161 -24.37 -18.54 18.24
CA LEU D 161 -23.01 -18.85 17.85
C LEU D 161 -22.91 -20.22 17.19
N GLN D 162 -23.57 -21.23 17.76
CA GLN D 162 -23.50 -22.55 17.15
C GLN D 162 -24.09 -22.54 15.76
N ASN D 163 -25.20 -21.85 15.58
CA ASN D 163 -25.81 -21.85 14.26
C ASN D 163 -24.90 -21.17 13.24
N ILE D 164 -24.29 -20.04 13.61
CA ILE D 164 -23.39 -19.37 12.67
C ILE D 164 -22.21 -20.26 12.32
N VAL D 165 -21.58 -20.88 13.33
CA VAL D 165 -20.43 -21.73 13.03
C VAL D 165 -20.85 -22.88 12.15
N GLY D 166 -22.00 -23.47 12.44
CA GLY D 166 -22.46 -24.55 11.62
C GLY D 166 -22.63 -24.14 10.18
N LEU D 167 -23.21 -22.96 9.96
CA LEU D 167 -23.36 -22.53 8.57
C LEU D 167 -22.02 -22.29 7.90
N ILE D 168 -21.08 -21.66 8.59
CA ILE D 168 -19.78 -21.38 7.97
C ILE D 168 -19.05 -22.67 7.63
N ILE D 169 -19.00 -23.60 8.58
CA ILE D 169 -18.33 -24.88 8.32
C ILE D 169 -19.02 -25.61 7.19
N ASN D 170 -20.35 -25.60 7.19
CA ASN D 170 -21.07 -26.33 6.16
C ASN D 170 -20.75 -25.76 4.78
N ALA D 171 -20.76 -24.42 4.67
CA ALA D 171 -20.48 -23.80 3.39
C ALA D 171 -19.05 -24.06 2.92
N VAL D 172 -18.07 -23.95 3.82
CA VAL D 172 -16.68 -24.18 3.42
C VAL D 172 -16.50 -25.61 2.94
N MET D 173 -17.05 -26.56 3.69
CA MET D 173 -16.91 -27.96 3.30
C MET D 173 -17.61 -28.20 1.97
N LEU D 174 -18.78 -27.60 1.77
CA LEU D 174 -19.47 -27.77 0.51
C LEU D 174 -18.66 -27.22 -0.65
N GLY D 175 -18.02 -26.06 -0.47
CA GLY D 175 -17.20 -25.54 -1.53
C GLY D 175 -16.01 -26.42 -1.82
N CYS D 176 -15.40 -26.99 -0.79
CA CYS D 176 -14.30 -27.93 -1.01
C CYS D 176 -14.76 -29.16 -1.78
N ILE D 177 -15.92 -29.71 -1.43
CA ILE D 177 -16.39 -30.91 -2.11
C ILE D 177 -16.73 -30.59 -3.55
N PHE D 178 -17.28 -29.41 -3.81
CA PHE D 178 -17.52 -29.07 -5.20
C PHE D 178 -16.23 -28.84 -5.97
N MET D 179 -15.21 -28.26 -5.36
CA MET D 179 -13.98 -28.08 -6.12
C MET D 179 -13.39 -29.43 -6.50
N LYS D 180 -13.40 -30.37 -5.56
CA LYS D 180 -12.86 -31.68 -5.89
C LYS D 180 -13.83 -32.55 -6.65
N THR D 181 -15.05 -32.10 -6.92
CA THR D 181 -15.83 -32.75 -7.96
C THR D 181 -15.77 -32.01 -9.29
N ALA D 182 -15.35 -30.74 -9.28
CA ALA D 182 -15.14 -30.04 -10.52
C ALA D 182 -13.89 -30.52 -11.22
N GLN D 183 -12.84 -30.85 -10.47
CA GLN D 183 -11.59 -31.25 -11.10
C GLN D 183 -11.48 -32.74 -11.31
N ALA D 184 -12.58 -33.43 -11.52
CA ALA D 184 -12.55 -34.85 -11.82
C ALA D 184 -12.39 -35.10 -13.31
N HIS D 185 -12.44 -34.04 -14.12
CA HIS D 185 -12.30 -34.20 -15.57
C HIS D 185 -10.83 -34.27 -15.96
N ARG D 186 -10.05 -33.26 -15.58
CA ARG D 186 -8.62 -33.29 -15.88
C ARG D 186 -7.94 -34.34 -15.01
N ARG D 187 -7.14 -35.19 -15.63
CA ARG D 187 -6.40 -36.21 -14.89
C ARG D 187 -4.90 -36.01 -14.94
N ALA D 188 -4.30 -36.05 -16.13
CA ALA D 188 -2.84 -36.07 -16.18
C ALA D 188 -2.40 -35.89 -17.62
N GLU D 189 -1.24 -35.26 -17.78
CA GLU D 189 -0.63 -35.15 -19.09
C GLU D 189 -0.12 -36.52 -19.52
N THR D 190 -0.57 -37.00 -20.67
CA THR D 190 -0.11 -38.25 -21.23
C THR D 190 0.26 -37.96 -22.67
N LEU D 191 1.48 -37.48 -22.88
CA LEU D 191 2.06 -37.28 -24.19
C LEU D 191 3.39 -38.00 -24.20
N ILE D 192 3.54 -38.94 -25.13
CA ILE D 192 4.61 -39.92 -25.04
C ILE D 192 5.63 -39.63 -26.12
N PHE D 193 6.84 -39.31 -25.71
CA PHE D 193 7.96 -39.27 -26.66
C PHE D 193 8.66 -40.61 -26.66
N SER D 194 9.23 -40.95 -27.81
CA SER D 194 9.98 -42.18 -27.89
C SER D 194 11.19 -42.11 -26.97
N ARG D 195 11.81 -43.27 -26.74
CA ARG D 195 12.87 -43.34 -25.76
C ARG D 195 14.03 -42.45 -26.17
N HIS D 196 14.71 -42.77 -27.25
CA HIS D 196 15.83 -41.95 -27.69
C HIS D 196 15.66 -41.52 -29.13
N ALA D 197 16.48 -40.57 -29.54
CA ALA D 197 16.41 -39.96 -30.87
C ALA D 197 17.14 -40.81 -31.89
N VAL D 198 17.30 -40.26 -33.08
CA VAL D 198 18.11 -40.83 -34.14
C VAL D 198 18.86 -39.70 -34.83
N ILE D 199 19.65 -40.04 -35.82
CA ILE D 199 20.22 -39.06 -36.73
C ILE D 199 20.49 -39.77 -38.05
N ALA D 200 19.88 -39.28 -39.13
CA ALA D 200 19.92 -39.97 -40.41
C ALA D 200 20.08 -38.90 -41.50
N VAL D 201 19.79 -39.27 -42.74
CA VAL D 201 19.85 -38.34 -43.86
C VAL D 201 18.52 -38.34 -44.59
N ARG D 202 17.98 -37.16 -44.83
CA ARG D 202 16.82 -36.97 -45.69
C ARG D 202 17.17 -35.91 -46.73
N ASN D 203 17.00 -36.25 -48.00
CA ASN D 203 17.36 -35.40 -49.12
C ASN D 203 18.81 -34.93 -49.02
N GLY D 204 19.71 -35.89 -48.85
CA GLY D 204 21.12 -35.58 -48.88
C GLY D 204 21.58 -34.66 -47.77
N LYS D 205 20.77 -34.53 -46.73
CA LYS D 205 21.17 -33.72 -45.58
C LYS D 205 20.71 -34.42 -44.31
N LEU D 206 21.41 -34.13 -43.20
CA LEU D 206 21.14 -34.77 -41.93
C LEU D 206 19.82 -34.27 -41.34
N CYS D 207 19.49 -34.77 -40.17
CA CYS D 207 18.25 -34.42 -39.51
C CYS D 207 18.37 -34.79 -38.03
N PHE D 208 17.24 -34.78 -37.33
CA PHE D 208 17.20 -35.20 -35.94
C PHE D 208 15.74 -35.47 -35.61
N MET D 209 15.44 -36.67 -35.13
CA MET D 209 14.07 -37.09 -34.98
C MET D 209 13.79 -37.65 -33.60
N PHE D 210 12.67 -37.25 -33.03
CA PHE D 210 12.02 -37.97 -31.96
C PHE D 210 10.70 -38.49 -32.51
N ARG D 211 9.86 -39.02 -31.64
CA ARG D 211 8.56 -39.52 -32.09
C ARG D 211 7.51 -39.13 -31.05
N VAL D 212 6.82 -38.03 -31.27
CA VAL D 212 5.75 -37.63 -30.36
C VAL D 212 4.55 -38.50 -30.68
N GLY D 213 3.53 -38.48 -29.82
CA GLY D 213 2.37 -39.31 -30.03
C GLY D 213 1.26 -38.90 -29.09
N ASP D 214 0.17 -39.67 -29.12
CA ASP D 214 -0.99 -39.32 -28.31
C ASP D 214 -1.68 -40.58 -27.81
N LEU D 215 -2.48 -40.42 -26.77
CA LEU D 215 -3.17 -41.55 -26.15
C LEU D 215 -4.69 -41.45 -26.19
N ARG D 216 -5.29 -40.41 -25.63
CA ARG D 216 -6.74 -40.39 -25.44
C ARG D 216 -7.45 -39.90 -26.69
N LYS D 217 -8.76 -39.78 -26.61
CA LYS D 217 -9.56 -39.54 -27.80
C LYS D 217 -9.32 -38.15 -28.38
N SER D 218 -9.43 -37.11 -27.57
CA SER D 218 -9.46 -35.75 -28.09
C SER D 218 -8.10 -35.31 -28.58
N MET D 219 -8.09 -34.65 -29.74
CA MET D 219 -6.86 -34.07 -30.26
C MET D 219 -6.48 -32.85 -29.45
N ILE D 220 -5.26 -32.39 -29.63
CA ILE D 220 -4.79 -31.16 -29.03
C ILE D 220 -5.06 -30.05 -30.03
N ILE D 221 -5.14 -28.82 -29.54
CA ILE D 221 -5.54 -27.68 -30.34
C ILE D 221 -4.40 -26.69 -30.36
N SER D 222 -4.01 -26.26 -31.54
CA SER D 222 -2.91 -25.33 -31.71
C SER D 222 -1.67 -25.84 -30.99
N ALA D 223 -1.45 -27.15 -31.06
CA ALA D 223 -0.26 -27.73 -30.45
C ALA D 223 0.98 -27.12 -31.06
N SER D 224 1.98 -26.86 -30.23
CA SER D 224 3.20 -26.24 -30.73
C SER D 224 4.40 -26.99 -30.17
N VAL D 225 5.50 -26.95 -30.91
CA VAL D 225 6.72 -27.64 -30.56
C VAL D 225 7.90 -26.69 -30.63
N ARG D 226 8.78 -26.79 -29.63
CA ARG D 226 10.00 -26.00 -29.61
C ARG D 226 11.16 -26.89 -29.17
N ILE D 227 12.30 -26.72 -29.82
CA ILE D 227 13.49 -27.49 -29.54
C ILE D 227 14.54 -26.52 -29.05
N GLN D 228 15.05 -26.77 -27.84
CA GLN D 228 16.11 -25.97 -27.28
C GLN D 228 17.33 -26.83 -26.99
N VAL D 229 18.51 -26.28 -27.28
CA VAL D 229 19.76 -26.94 -26.98
C VAL D 229 20.46 -26.22 -25.84
N VAL D 230 20.83 -26.98 -24.81
CA VAL D 230 21.43 -26.43 -23.60
C VAL D 230 22.91 -26.75 -23.64
N LYS D 231 23.74 -25.74 -23.42
CA LYS D 231 25.17 -25.94 -23.59
C LYS D 231 25.89 -24.89 -22.75
N LYS D 232 27.18 -25.10 -22.53
CA LYS D 232 28.02 -24.14 -21.82
C LYS D 232 28.72 -23.31 -22.87
N THR D 233 28.38 -22.03 -22.94
CA THR D 233 28.88 -21.15 -24.00
C THR D 233 29.77 -20.08 -23.39
N THR D 234 31.06 -20.16 -23.67
CA THR D 234 31.94 -19.02 -23.47
C THR D 234 31.65 -17.99 -24.56
N THR D 235 32.18 -16.79 -24.36
CA THR D 235 32.00 -15.77 -25.38
C THR D 235 33.36 -15.23 -25.77
N PRO D 236 33.52 -14.81 -27.03
CA PRO D 236 34.79 -14.21 -27.45
C PRO D 236 35.13 -12.94 -26.71
N GLU D 237 34.29 -12.49 -25.78
CA GLU D 237 34.53 -11.30 -24.99
C GLU D 237 34.55 -11.66 -23.52
N GLY D 238 35.13 -12.80 -23.21
CA GLY D 238 35.26 -13.21 -21.82
C GLY D 238 34.07 -13.90 -21.19
N GLU D 239 32.87 -13.37 -21.38
CA GLU D 239 31.69 -13.90 -20.70
C GLU D 239 31.50 -15.37 -21.04
N VAL D 240 31.11 -16.15 -20.05
CA VAL D 240 30.89 -17.58 -20.22
C VAL D 240 29.52 -17.88 -19.59
N VAL D 241 28.49 -17.94 -20.42
CA VAL D 241 27.16 -18.26 -19.92
C VAL D 241 27.21 -19.70 -19.46
N PRO D 242 26.93 -19.98 -18.21
CA PRO D 242 27.16 -21.33 -17.67
C PRO D 242 26.29 -22.40 -18.31
N ILE D 243 24.97 -22.23 -18.20
CA ILE D 243 24.00 -23.15 -18.75
C ILE D 243 23.10 -22.31 -19.65
N HIS D 244 23.44 -22.25 -20.92
CA HIS D 244 22.81 -21.34 -21.86
C HIS D 244 21.99 -22.11 -22.86
N GLN D 245 20.83 -21.58 -23.21
CA GLN D 245 19.83 -22.33 -23.95
C GLN D 245 19.51 -21.61 -25.25
N GLN D 246 19.95 -22.18 -26.35
CA GLN D 246 19.56 -21.69 -27.66
C GLN D 246 18.27 -22.36 -28.10
N ASP D 247 17.56 -21.68 -28.99
CA ASP D 247 16.37 -22.20 -29.62
C ASP D 247 16.73 -22.53 -31.06
N ILE D 248 16.20 -23.64 -31.59
CA ILE D 248 16.55 -23.91 -32.98
C ILE D 248 15.25 -24.18 -33.74
N PRO D 249 15.19 -23.85 -35.02
CA PRO D 249 13.96 -24.08 -35.77
C PRO D 249 13.72 -25.55 -36.00
N VAL D 250 12.46 -25.91 -36.18
CA VAL D 250 12.09 -27.25 -36.57
C VAL D 250 11.72 -27.24 -38.04
N ASP D 251 11.47 -28.42 -38.59
CA ASP D 251 11.17 -28.53 -40.01
C ASP D 251 9.68 -28.40 -40.25
N ASN D 252 9.33 -27.58 -41.25
CA ASN D 252 7.98 -27.39 -41.74
C ASN D 252 8.06 -26.57 -43.01
N PRO D 253 7.19 -26.82 -43.99
CA PRO D 253 7.31 -26.10 -45.26
C PRO D 253 6.81 -24.68 -45.22
N ILE D 254 6.36 -24.16 -44.08
CA ILE D 254 6.01 -22.76 -43.98
C ILE D 254 6.71 -22.15 -42.78
N GLU D 255 7.66 -22.90 -42.22
CA GLU D 255 8.48 -22.43 -41.09
C GLU D 255 7.60 -22.01 -39.92
N SER D 256 6.54 -22.77 -39.68
CA SER D 256 5.62 -22.48 -38.59
C SER D 256 5.63 -23.63 -37.60
N ASN D 257 5.72 -23.31 -36.32
CA ASN D 257 5.79 -24.32 -35.29
C ASN D 257 4.46 -24.95 -34.95
N ASN D 258 3.37 -24.82 -35.69
CA ASN D 258 2.17 -25.56 -35.32
C ASN D 258 2.27 -26.99 -35.80
N ILE D 259 1.34 -27.81 -35.34
CA ILE D 259 1.34 -29.24 -35.67
C ILE D 259 -0.04 -29.77 -35.36
N PHE D 260 -0.40 -30.91 -35.96
CA PHE D 260 -1.71 -31.52 -35.74
C PHE D 260 -1.54 -33.03 -35.81
N LEU D 261 -1.69 -33.70 -34.68
CA LEU D 261 -1.29 -35.09 -34.54
C LEU D 261 -2.52 -35.97 -34.33
N VAL D 262 -2.60 -37.05 -35.10
CA VAL D 262 -3.55 -38.13 -34.84
C VAL D 262 -2.82 -39.45 -34.62
N ALA D 263 -1.90 -39.78 -35.49
CA ALA D 263 -0.94 -40.85 -35.32
C ALA D 263 0.43 -40.24 -35.08
N PRO D 264 1.34 -40.93 -34.42
CA PRO D 264 2.61 -40.31 -34.06
C PRO D 264 3.34 -39.77 -35.27
N LEU D 265 3.85 -38.55 -35.13
CA LEU D 265 4.60 -37.88 -36.17
C LEU D 265 6.09 -38.00 -35.88
N ILE D 266 6.90 -37.44 -36.77
CA ILE D 266 8.35 -37.44 -36.60
C ILE D 266 8.81 -36.02 -36.90
N ILE D 267 8.95 -35.22 -35.85
CA ILE D 267 9.26 -33.80 -35.96
C ILE D 267 10.76 -33.59 -36.10
N CYS D 268 11.24 -33.54 -37.34
CA CYS D 268 12.65 -33.29 -37.59
C CYS D 268 13.00 -31.85 -37.30
N HIS D 269 14.31 -31.59 -37.16
CA HIS D 269 14.79 -30.22 -36.99
C HIS D 269 16.20 -30.19 -37.58
N VAL D 270 16.28 -29.83 -38.85
CA VAL D 270 17.51 -30.06 -39.58
C VAL D 270 18.67 -29.29 -38.95
N ILE D 271 19.89 -29.76 -39.25
CA ILE D 271 21.12 -29.14 -38.79
C ILE D 271 21.80 -28.52 -39.99
N ASP D 272 22.33 -27.32 -39.80
CA ASP D 272 22.90 -26.54 -40.87
C ASP D 272 23.96 -25.61 -40.28
N LYS D 273 24.59 -24.83 -41.14
CA LYS D 273 25.62 -23.91 -40.68
C LYS D 273 25.11 -22.99 -39.57
N ARG D 274 23.86 -22.56 -39.67
CA ARG D 274 23.29 -21.72 -38.62
C ARG D 274 23.07 -22.49 -37.32
N SER D 275 22.79 -23.79 -37.41
CA SER D 275 22.43 -24.54 -36.23
C SER D 275 23.64 -24.71 -35.29
N PRO D 276 23.40 -24.93 -34.01
CA PRO D 276 24.51 -25.11 -33.05
C PRO D 276 25.04 -26.54 -33.00
N LEU D 277 24.20 -27.51 -33.30
CA LEU D 277 24.68 -28.90 -33.30
C LEU D 277 25.58 -29.17 -34.46
N TYR D 278 25.84 -28.14 -35.26
CA TYR D 278 26.58 -28.23 -36.52
C TYR D 278 27.99 -28.74 -36.33
N ASP D 279 28.53 -28.66 -35.12
CA ASP D 279 29.88 -29.15 -34.83
C ASP D 279 29.94 -30.53 -34.18
N ILE D 280 28.80 -31.22 -34.04
CA ILE D 280 28.82 -32.57 -33.48
C ILE D 280 29.56 -33.52 -34.42
N SER D 281 30.06 -34.61 -33.85
CA SER D 281 30.94 -35.53 -34.56
C SER D 281 30.59 -36.98 -34.26
N ALA D 282 31.10 -37.88 -35.11
CA ALA D 282 30.82 -39.30 -34.93
C ALA D 282 31.43 -39.81 -33.64
N THR D 283 32.65 -39.43 -33.35
CA THR D 283 33.25 -39.94 -32.12
C THR D 283 32.88 -39.08 -30.93
N ASP D 284 32.75 -37.76 -31.14
CA ASP D 284 32.59 -36.85 -30.02
C ASP D 284 31.25 -37.02 -29.32
N LEU D 285 30.22 -37.46 -30.03
CA LEU D 285 28.93 -37.65 -29.38
C LEU D 285 28.99 -38.74 -28.32
N VAL D 286 29.96 -39.65 -28.41
CA VAL D 286 30.12 -40.65 -27.36
C VAL D 286 30.56 -40.04 -26.03
N ASN D 287 31.18 -38.86 -26.05
CA ASN D 287 31.51 -38.12 -24.81
C ASN D 287 31.34 -36.64 -25.12
N GLN D 288 30.16 -36.11 -24.84
CA GLN D 288 29.82 -34.78 -25.30
C GLN D 288 28.95 -34.07 -24.29
N ASP D 289 28.87 -32.76 -24.44
CA ASP D 289 28.07 -31.89 -23.59
C ASP D 289 26.93 -31.38 -24.47
N LEU D 290 25.85 -32.16 -24.55
CA LEU D 290 24.66 -31.74 -25.29
C LEU D 290 23.41 -32.03 -24.47
N GLU D 291 22.39 -31.24 -24.73
CA GLU D 291 21.12 -31.37 -24.03
C GLU D 291 20.05 -30.76 -24.93
N VAL D 292 19.32 -31.60 -25.65
CA VAL D 292 18.29 -31.16 -26.57
C VAL D 292 16.96 -31.43 -25.87
N ILE D 293 16.45 -30.43 -25.19
CA ILE D 293 15.11 -30.51 -24.65
C ILE D 293 14.09 -30.18 -25.73
N VAL D 294 12.93 -30.81 -25.61
CA VAL D 294 11.80 -30.57 -26.50
C VAL D 294 10.60 -30.29 -25.62
N ILE D 295 9.86 -29.26 -25.99
CA ILE D 295 8.65 -28.84 -25.28
C ILE D 295 7.49 -28.78 -26.26
N LEU D 296 6.33 -29.19 -25.78
CA LEU D 296 5.13 -29.27 -26.60
C LEU D 296 3.98 -28.69 -25.81
N GLU D 297 3.29 -27.74 -26.40
CA GLU D 297 2.24 -27.00 -25.70
C GLU D 297 0.92 -27.23 -26.41
N GLY D 298 -0.15 -26.88 -25.71
CA GLY D 298 -1.45 -26.98 -26.34
C GLY D 298 -2.53 -27.22 -25.31
N VAL D 299 -3.77 -27.19 -25.77
CA VAL D 299 -4.91 -27.38 -24.91
C VAL D 299 -5.58 -28.71 -25.26
N VAL D 300 -6.57 -29.08 -24.47
CA VAL D 300 -7.38 -30.27 -24.71
C VAL D 300 -8.82 -29.82 -24.87
N GLU D 301 -9.49 -30.36 -25.88
CA GLU D 301 -10.71 -29.75 -26.37
C GLU D 301 -11.82 -29.76 -25.32
N THR D 302 -12.13 -30.91 -24.75
CA THR D 302 -13.25 -31.00 -23.82
C THR D 302 -12.96 -30.24 -22.54
N THR D 303 -11.82 -30.51 -21.93
CA THR D 303 -11.50 -29.83 -20.68
C THR D 303 -11.22 -28.36 -20.90
N GLY D 304 -10.74 -27.98 -22.08
CA GLY D 304 -10.42 -26.59 -22.35
C GLY D 304 -9.37 -26.01 -21.45
N ILE D 305 -8.31 -26.77 -21.17
CA ILE D 305 -7.28 -26.39 -20.22
C ILE D 305 -5.93 -26.43 -20.90
N THR D 306 -5.11 -25.40 -20.69
CA THR D 306 -3.78 -25.40 -21.28
C THR D 306 -2.95 -26.51 -20.66
N THR D 307 -1.88 -26.88 -21.36
CA THR D 307 -0.98 -27.90 -20.85
C THR D 307 0.29 -27.88 -21.68
N GLN D 308 1.31 -28.54 -21.14
CA GLN D 308 2.59 -28.64 -21.81
C GLN D 308 3.28 -29.89 -21.30
N ALA D 309 4.23 -30.36 -22.11
CA ALA D 309 5.01 -31.54 -21.78
C ALA D 309 6.43 -31.36 -22.29
N ARG D 310 7.34 -31.79 -21.44
CA ARG D 310 8.76 -31.65 -21.61
C ARG D 310 9.45 -32.98 -21.51
N THR D 311 10.58 -33.15 -22.18
CA THR D 311 11.39 -34.37 -22.13
C THR D 311 12.76 -34.08 -22.69
N SER D 312 13.59 -35.09 -22.98
CA SER D 312 14.94 -34.81 -23.49
C SER D 312 15.68 -35.81 -24.40
N TYR D 313 16.99 -35.53 -24.52
CA TYR D 313 17.94 -36.34 -25.25
C TYR D 313 19.40 -36.05 -24.85
N ILE D 314 20.00 -36.78 -23.92
CA ILE D 314 21.40 -36.50 -23.55
C ILE D 314 22.33 -37.18 -24.53
N ALA D 315 23.63 -36.97 -24.41
CA ALA D 315 24.57 -37.58 -25.37
C ALA D 315 24.51 -39.08 -25.40
N GLU D 316 24.32 -39.73 -24.27
CA GLU D 316 24.23 -41.17 -24.28
C GLU D 316 23.06 -41.67 -25.07
N GLU D 317 21.94 -40.99 -25.02
CA GLU D 317 20.71 -41.39 -25.67
C GLU D 317 20.50 -41.30 -27.18
N ILE D 318 21.38 -40.69 -27.97
CA ILE D 318 21.10 -40.63 -29.39
C ILE D 318 22.02 -41.49 -30.21
N GLN D 319 21.53 -42.47 -30.95
CA GLN D 319 22.45 -43.30 -31.71
C GLN D 319 22.33 -43.16 -33.20
N TRP D 320 23.38 -42.66 -33.83
CA TRP D 320 23.40 -42.32 -35.27
C TRP D 320 23.13 -43.36 -36.30
N GLY D 321 22.57 -42.92 -37.40
CA GLY D 321 22.35 -43.78 -38.53
C GLY D 321 21.20 -44.74 -38.66
N HIS D 322 20.31 -44.85 -37.68
CA HIS D 322 19.18 -45.74 -37.87
C HIS D 322 17.86 -45.00 -37.80
N ARG D 323 17.14 -44.91 -38.92
CA ARG D 323 15.86 -44.21 -39.01
C ARG D 323 14.74 -44.97 -38.31
N PHE D 324 13.63 -44.33 -38.00
CA PHE D 324 12.53 -45.08 -37.37
C PHE D 324 11.73 -45.98 -38.40
N VAL D 325 10.75 -46.77 -37.96
CA VAL D 325 10.06 -47.77 -38.76
C VAL D 325 8.62 -47.36 -38.99
N SER D 326 8.08 -47.71 -40.15
CA SER D 326 6.74 -47.30 -40.54
C SER D 326 5.69 -47.79 -39.56
N ILE D 327 4.59 -47.03 -39.48
CA ILE D 327 3.51 -47.37 -38.57
C ILE D 327 2.21 -47.56 -39.31
N VAL D 328 1.72 -46.52 -39.98
CA VAL D 328 0.38 -46.57 -40.57
C VAL D 328 0.35 -47.69 -41.60
N THR D 329 -0.63 -48.57 -41.46
CA THR D 329 -0.82 -49.66 -42.40
C THR D 329 -2.27 -49.69 -42.86
N GLU D 330 -2.48 -49.72 -44.17
CA GLU D 330 -3.83 -49.70 -44.70
C GLU D 330 -4.38 -51.10 -44.56
N GLU D 331 -5.24 -51.32 -43.57
CA GLU D 331 -5.88 -52.62 -43.46
C GLU D 331 -6.92 -52.71 -44.56
N GLU D 332 -7.63 -53.83 -44.61
CA GLU D 332 -8.64 -53.99 -45.65
C GLU D 332 -9.70 -52.91 -45.52
N GLY D 333 -10.13 -52.63 -44.29
CA GLY D 333 -11.22 -51.70 -44.07
C GLY D 333 -10.79 -50.24 -43.94
N VAL D 334 -9.79 -49.98 -43.10
CA VAL D 334 -9.45 -48.62 -42.73
C VAL D 334 -8.03 -48.58 -42.20
N TYR D 335 -7.43 -47.39 -42.17
CA TYR D 335 -6.08 -47.22 -41.70
C TYR D 335 -5.90 -47.74 -40.28
N SER D 336 -4.71 -48.25 -39.98
CA SER D 336 -4.41 -48.78 -38.66
C SER D 336 -3.09 -48.18 -38.22
N VAL D 337 -3.07 -47.63 -37.01
CA VAL D 337 -1.86 -47.14 -36.37
C VAL D 337 -1.40 -48.14 -35.33
N ASP D 338 -0.16 -48.61 -35.46
CA ASP D 338 0.39 -49.68 -34.63
C ASP D 338 1.41 -49.12 -33.66
N TYR D 339 1.33 -49.55 -32.41
CA TYR D 339 2.19 -49.10 -31.32
C TYR D 339 3.23 -50.14 -30.93
N SER D 340 3.07 -51.37 -31.39
CA SER D 340 4.01 -52.45 -31.07
C SER D 340 5.46 -52.07 -31.27
N LYS D 341 5.75 -51.12 -32.16
CA LYS D 341 7.11 -50.73 -32.48
C LYS D 341 7.27 -49.22 -32.36
N PHE D 342 6.81 -48.68 -31.22
CA PHE D 342 6.83 -47.24 -31.01
C PHE D 342 8.22 -46.68 -31.20
N GLY D 343 9.22 -47.27 -30.55
CA GLY D 343 10.59 -46.80 -30.62
C GLY D 343 11.53 -47.71 -31.36
N ASN D 344 11.03 -48.62 -32.19
CA ASN D 344 11.90 -49.56 -32.89
C ASN D 344 12.78 -48.84 -33.89
N THR D 345 13.98 -49.37 -34.10
CA THR D 345 14.98 -48.73 -34.94
C THR D 345 15.64 -49.75 -35.87
N VAL D 346 16.03 -49.29 -37.07
CA VAL D 346 16.85 -50.06 -38.01
C VAL D 346 17.98 -49.17 -38.49
N ARG D 347 19.16 -49.76 -38.69
CA ARG D 347 20.27 -49.00 -39.21
C ARG D 347 20.10 -48.73 -40.69
N VAL D 348 20.78 -47.69 -41.17
CA VAL D 348 20.72 -47.31 -42.58
C VAL D 348 22.00 -46.57 -42.91
N ALA D 349 22.27 -46.40 -44.20
CA ALA D 349 23.51 -45.80 -44.65
C ALA D 349 23.69 -44.39 -44.07
N ALA D 350 24.91 -44.08 -43.67
CA ALA D 350 25.18 -42.77 -43.10
C ALA D 350 26.68 -42.51 -43.14
N PRO D 351 27.11 -41.27 -43.39
CA PRO D 351 28.52 -40.93 -43.31
C PRO D 351 28.90 -40.48 -41.91
N ARG D 352 30.13 -40.76 -41.55
CA ARG D 352 30.56 -40.53 -40.17
C ARG D 352 31.10 -39.15 -39.93
N CYS D 353 31.12 -38.28 -40.92
CA CYS D 353 31.71 -36.97 -40.72
C CYS D 353 30.75 -36.06 -39.96
N SER D 354 31.18 -34.82 -39.72
CA SER D 354 30.34 -33.84 -39.06
C SER D 354 29.45 -33.14 -40.07
N ALA D 355 28.60 -32.24 -39.57
CA ALA D 355 27.73 -31.47 -40.44
C ALA D 355 28.52 -30.56 -41.37
N ARG D 356 29.51 -29.84 -40.84
CA ARG D 356 30.35 -28.99 -41.67
C ARG D 356 31.26 -29.81 -42.58
N GLU D 357 31.61 -31.01 -42.16
CA GLU D 357 32.39 -31.91 -43.01
C GLU D 357 31.60 -32.38 -44.23
N LEU D 358 30.35 -32.80 -44.05
CA LEU D 358 29.59 -33.31 -45.19
C LEU D 358 29.33 -32.25 -46.24
N ASP D 359 29.11 -31.01 -45.82
CA ASP D 359 28.91 -29.93 -46.77
C ASP D 359 30.20 -29.17 -47.05
N GLU D 360 31.34 -29.69 -46.57
CA GLU D 360 32.60 -28.97 -46.71
C GLU D 360 32.98 -28.81 -48.17
N LYS D 361 32.92 -29.91 -48.93
CA LYS D 361 33.24 -29.86 -50.35
C LYS D 361 32.43 -30.92 -51.05
N PRO D 362 32.10 -30.71 -52.32
CA PRO D 362 31.42 -31.76 -53.08
C PRO D 362 32.22 -33.04 -53.00
N SER D 363 33.49 -32.97 -53.42
CA SER D 363 34.33 -34.16 -53.38
C SER D 363 34.46 -34.66 -51.95
N ILE D 364 34.33 -33.78 -50.97
CA ILE D 364 34.38 -34.23 -49.58
C ILE D 364 33.19 -35.12 -49.29
N LEU D 365 32.01 -34.73 -49.79
CA LEU D 365 30.82 -35.53 -49.60
C LEU D 365 30.97 -36.88 -50.27
N ILE D 366 31.51 -36.89 -51.49
CA ILE D 366 31.72 -38.11 -52.26
C ILE D 366 30.42 -38.91 -52.41
N MET E 1 -41.80 -9.83 37.14
CA MET E 1 -40.54 -9.15 36.88
C MET E 1 -40.29 -9.04 35.37
N SER E 2 -41.05 -9.77 34.60
CA SER E 2 -40.84 -9.80 33.15
C SER E 2 -40.98 -8.42 32.53
N LEU E 3 -40.14 -8.12 31.54
CA LEU E 3 -40.17 -6.82 30.87
C LEU E 3 -41.47 -6.68 30.13
N SER E 4 -42.07 -5.51 30.08
CA SER E 4 -43.33 -5.40 29.36
C SER E 4 -43.37 -4.44 28.19
N PHE E 5 -43.58 -4.96 26.97
CA PHE E 5 -43.60 -4.15 25.73
C PHE E 5 -44.68 -3.17 25.70
N CYS E 6 -45.77 -3.63 26.23
CA CYS E 6 -46.95 -2.93 26.56
C CYS E 6 -46.96 -3.34 28.05
N GLY E 7 -47.24 -2.41 28.93
CA GLY E 7 -47.10 -2.64 30.34
C GLY E 7 -47.76 -3.83 30.97
N ASN E 8 -47.10 -4.34 32.01
CA ASN E 8 -47.44 -5.56 32.72
C ASN E 8 -48.78 -5.66 33.44
N ASN E 9 -49.52 -4.57 33.57
CA ASN E 9 -50.82 -4.60 34.18
C ASN E 9 -51.58 -5.61 33.37
N ILE E 10 -52.21 -6.54 34.06
CA ILE E 10 -52.85 -7.64 33.41
C ILE E 10 -53.90 -7.25 32.44
N SER E 11 -53.92 -8.01 31.36
CA SER E 11 -54.84 -7.83 30.31
C SER E 11 -54.92 -6.41 29.80
N SER E 12 -53.81 -5.69 29.82
CA SER E 12 -53.88 -4.37 29.27
C SER E 12 -53.64 -4.39 27.77
N TYR E 13 -53.40 -5.57 27.24
CA TYR E 13 -53.16 -5.79 25.86
C TYR E 13 -54.40 -6.50 25.31
N ASN E 14 -55.58 -6.24 25.88
CA ASN E 14 -56.80 -6.91 25.47
C ASN E 14 -57.30 -6.22 24.26
N ILE E 15 -56.79 -6.63 23.11
CA ILE E 15 -57.14 -5.98 21.86
C ILE E 15 -58.40 -6.39 21.19
N TYR E 16 -59.49 -6.07 21.88
CA TYR E 16 -60.82 -6.16 21.33
C TYR E 16 -61.16 -4.71 20.93
N HIS E 17 -62.42 -4.43 20.65
CA HIS E 17 -62.84 -3.07 20.31
C HIS E 17 -62.04 -2.37 19.23
N GLY E 18 -61.88 -3.03 18.11
CA GLY E 18 -61.19 -2.43 16.98
C GLY E 18 -59.78 -2.92 16.98
N VAL E 19 -59.29 -3.31 15.82
CA VAL E 19 -57.95 -3.86 15.75
C VAL E 19 -56.82 -2.94 16.13
N LEU E 20 -56.91 -1.70 15.66
CA LEU E 20 -55.91 -0.68 15.91
C LEU E 20 -56.36 0.37 16.88
N GLN E 21 -57.52 0.25 17.47
CA GLN E 21 -57.93 1.26 18.43
C GLN E 21 -57.52 0.89 19.83
N ASN E 22 -56.23 0.77 20.08
CA ASN E 22 -55.76 0.41 21.40
C ASN E 22 -54.72 1.39 21.79
N PRO E 23 -54.58 1.61 23.09
CA PRO E 23 -53.56 2.58 23.45
C PRO E 23 -52.18 2.13 23.08
N CYS E 24 -51.84 0.84 22.92
CA CYS E 24 -50.41 0.47 22.55
C CYS E 24 -49.94 0.18 21.10
N PHE E 25 -50.85 -0.33 20.28
CA PHE E 25 -50.46 -0.73 18.94
C PHE E 25 -49.88 0.35 18.08
N VAL E 26 -50.28 1.59 18.27
CA VAL E 26 -49.71 2.63 17.44
C VAL E 26 -48.18 2.73 17.62
N ASP E 27 -47.73 2.67 18.87
CA ASP E 27 -46.30 2.80 19.11
C ASP E 27 -45.57 1.68 18.49
N ALA E 28 -46.09 0.48 18.64
CA ALA E 28 -45.41 -0.65 18.08
C ALA E 28 -45.30 -0.55 16.60
N LEU E 29 -46.34 -0.14 15.90
CA LEU E 29 -46.21 -0.06 14.46
C LEU E 29 -45.17 1.00 14.02
N ASN E 30 -45.14 2.12 14.74
CA ASN E 30 -44.15 3.13 14.43
C ASN E 30 -42.74 2.54 14.63
N LEU E 31 -42.54 1.79 15.71
CA LEU E 31 -41.25 1.15 15.92
C LEU E 31 -40.93 0.20 14.80
N VAL E 32 -41.90 -0.53 14.26
CA VAL E 32 -41.59 -1.41 13.15
C VAL E 32 -41.01 -0.66 12.01
N PRO E 33 -41.62 0.48 11.64
CA PRO E 33 -40.91 1.12 10.52
C PRO E 33 -39.51 1.55 10.87
N HIS E 34 -39.30 2.08 12.07
CA HIS E 34 -37.91 2.44 12.38
C HIS E 34 -36.93 1.22 12.38
N VAL E 35 -37.36 0.08 12.90
CA VAL E 35 -36.47 -1.08 12.89
C VAL E 35 -36.16 -1.50 11.49
N PHE E 36 -37.14 -1.47 10.59
CA PHE E 36 -36.86 -1.85 9.21
C PHE E 36 -35.81 -0.96 8.61
N LEU E 37 -35.94 0.34 8.84
CA LEU E 37 -34.94 1.22 8.27
C LEU E 37 -33.57 0.90 8.75
N LEU E 38 -33.43 0.71 10.06
CA LEU E 38 -32.08 0.43 10.53
C LEU E 38 -31.52 -0.83 9.98
N PHE E 39 -32.30 -1.92 9.92
CA PHE E 39 -31.70 -3.15 9.40
C PHE E 39 -31.27 -3.03 7.94
N ILE E 40 -32.12 -2.47 7.10
CA ILE E 40 -31.68 -2.42 5.70
C ILE E 40 -30.46 -1.49 5.53
N THR E 41 -30.49 -0.38 6.24
CA THR E 41 -29.40 0.54 6.14
C THR E 41 -28.11 -0.08 6.60
N PHE E 42 -28.11 -0.82 7.70
CA PHE E 42 -26.85 -1.38 8.17
C PHE E 42 -26.30 -2.35 7.18
N PRO E 43 -27.20 -3.22 6.64
CA PRO E 43 -26.55 -4.11 5.68
C PRO E 43 -25.99 -3.39 4.45
N ILE E 44 -26.57 -2.33 3.91
CA ILE E 44 -25.96 -1.71 2.71
C ILE E 44 -24.88 -0.70 2.96
N LEU E 45 -24.62 -0.42 4.21
CA LEU E 45 -23.58 0.53 4.54
C LEU E 45 -22.46 -0.16 5.29
N PHE E 46 -22.47 -1.48 5.31
CA PHE E 46 -21.37 -2.17 5.94
C PHE E 46 -20.46 -2.78 4.88
N ILE E 47 -20.73 -2.47 3.62
CA ILE E 47 -19.91 -2.95 2.55
C ILE E 47 -19.35 -1.76 1.82
N GLY E 48 -20.27 -0.96 1.29
CA GLY E 48 -19.96 0.23 0.55
C GLY E 48 -19.85 -0.06 -0.93
N TRP E 49 -19.95 0.95 -1.78
CA TRP E 49 -19.77 0.72 -3.22
C TRP E 49 -18.28 0.82 -3.63
N GLY E 50 -17.42 -0.03 -3.06
CA GLY E 50 -16.00 -0.05 -3.34
C GLY E 50 -15.78 -0.48 -4.74
N SER E 51 -16.53 -1.47 -5.19
CA SER E 51 -16.46 -2.01 -6.56
C SER E 51 -15.07 -2.14 -7.17
N SER E 54 -9.90 5.91 -14.88
CA SER E 54 -11.28 5.50 -14.70
C SER E 54 -11.86 6.04 -13.39
N LYS E 55 -11.16 6.99 -12.78
CA LYS E 55 -11.61 7.54 -11.50
C LYS E 55 -11.12 8.97 -11.34
N VAL E 56 -11.91 9.77 -10.63
CA VAL E 56 -11.64 11.19 -10.44
C VAL E 56 -11.30 11.48 -8.99
N GLN E 57 -11.03 12.74 -8.69
CA GLN E 57 -10.64 13.15 -7.35
C GLN E 57 -11.74 12.88 -6.35
N ILE E 58 -11.35 12.55 -5.12
CA ILE E 58 -12.31 12.12 -4.10
C ILE E 58 -13.21 13.28 -3.68
N HIS E 59 -12.62 14.42 -3.31
CA HIS E 59 -13.43 15.51 -2.76
C HIS E 59 -13.03 16.90 -3.22
N HIS E 60 -12.00 17.08 -4.03
CA HIS E 60 -11.55 18.42 -4.39
C HIS E 60 -12.64 19.19 -5.12
N ASN E 61 -13.32 18.56 -6.08
CA ASN E 61 -14.33 19.26 -6.86
C ASN E 61 -15.73 18.90 -6.42
N THR E 62 -15.97 17.63 -6.08
CA THR E 62 -17.30 17.11 -5.78
C THR E 62 -17.56 17.03 -4.28
N TRP E 63 -17.21 18.08 -3.54
CA TRP E 63 -17.45 18.19 -2.08
C TRP E 63 -18.86 17.79 -1.66
N LEU E 64 -19.88 18.47 -2.18
CA LEU E 64 -21.29 18.14 -1.89
C LEU E 64 -22.29 18.58 -2.97
N HIS E 65 -22.31 17.96 -4.15
CA HIS E 65 -23.28 18.41 -5.13
C HIS E 65 -24.41 17.42 -5.26
N PHE E 66 -25.59 17.81 -4.76
CA PHE E 66 -26.82 17.03 -4.80
C PHE E 66 -27.97 17.98 -4.56
N PRO E 67 -29.20 17.60 -4.93
CA PRO E 67 -30.27 18.58 -4.72
C PRO E 67 -30.56 18.95 -3.27
N GLY E 68 -30.68 20.24 -3.00
CA GLY E 68 -31.01 20.75 -1.68
C GLY E 68 -30.09 20.30 -0.56
N HIS E 69 -28.81 20.19 -0.83
CA HIS E 69 -27.84 19.69 0.14
C HIS E 69 -27.78 20.47 1.42
N ASN E 70 -27.92 21.78 1.34
CA ASN E 70 -27.93 22.57 2.55
C ASN E 70 -29.17 22.31 3.37
N LEU E 71 -30.33 22.21 2.73
CA LEU E 71 -31.58 22.01 3.44
C LEU E 71 -31.84 20.70 4.22
N ARG E 72 -31.49 19.56 3.64
CA ARG E 72 -31.78 18.28 4.28
C ARG E 72 -31.13 18.17 5.60
N TRP E 73 -29.86 18.51 5.68
CA TRP E 73 -29.17 18.44 6.96
C TRP E 73 -29.79 19.43 7.94
N ILE E 74 -30.16 20.60 7.45
CA ILE E 74 -30.75 21.62 8.28
C ILE E 74 -32.01 21.10 8.93
N LEU E 75 -32.85 20.39 8.20
CA LEU E 75 -34.04 19.90 8.85
C LEU E 75 -33.77 18.71 9.76
N THR E 76 -33.06 17.71 9.24
CA THR E 76 -32.84 16.45 9.95
C THR E 76 -32.34 16.69 11.37
N PHE E 77 -31.54 17.74 11.57
CA PHE E 77 -31.05 18.04 12.88
C PHE E 77 -32.22 18.35 13.83
N ALA E 78 -33.20 19.10 13.33
CA ALA E 78 -34.39 19.43 14.08
C ALA E 78 -35.14 18.18 14.40
N LEU E 79 -35.24 17.28 13.44
CA LEU E 79 -35.94 16.03 13.75
C LEU E 79 -35.25 15.29 14.88
N LEU E 80 -33.92 15.22 14.84
CA LEU E 80 -33.23 14.54 15.92
C LEU E 80 -33.48 15.23 17.25
N PHE E 81 -33.46 16.54 17.28
CA PHE E 81 -33.71 17.23 18.55
C PHE E 81 -35.13 16.95 19.07
N VAL E 82 -36.10 16.90 18.17
CA VAL E 82 -37.46 16.62 18.57
C VAL E 82 -37.53 15.23 19.17
N HIS E 83 -36.83 14.27 18.55
CA HIS E 83 -36.80 12.92 19.06
C HIS E 83 -36.18 12.88 20.45
N VAL E 84 -35.14 13.67 20.67
CA VAL E 84 -34.53 13.69 21.98
C VAL E 84 -35.53 14.18 23.00
N CYS E 85 -36.29 15.21 22.68
CA CYS E 85 -37.28 15.69 23.63
C CYS E 85 -38.32 14.61 23.91
N GLU E 86 -38.73 13.88 22.88
CA GLU E 86 -39.71 12.82 23.10
C GLU E 86 -39.16 11.80 24.05
N ILE E 87 -37.91 11.41 23.91
CA ILE E 87 -37.36 10.44 24.83
C ILE E 87 -37.39 10.98 26.24
N ALA E 88 -36.78 12.13 26.27
CA ALA E 88 -36.60 12.93 27.40
C ALA E 88 -37.92 12.98 28.12
N GLU E 89 -38.98 13.23 27.36
CA GLU E 89 -40.28 13.35 27.98
C GLU E 89 -40.64 12.05 28.60
N GLY E 90 -40.44 10.98 27.88
CA GLY E 90 -40.69 9.70 28.46
C GLY E 90 -39.75 9.42 29.63
N ILE E 91 -38.49 9.76 29.41
CA ILE E 91 -37.45 9.49 30.36
C ILE E 91 -37.88 10.05 31.67
N VAL E 92 -38.53 11.20 31.62
CA VAL E 92 -39.11 11.76 32.82
C VAL E 92 -40.34 10.96 33.24
N SER E 93 -41.18 10.64 32.27
CA SER E 93 -42.41 9.99 32.56
C SER E 93 -42.19 8.64 33.17
N ASP E 94 -41.22 7.89 32.71
CA ASP E 94 -41.06 6.52 33.21
C ASP E 94 -40.89 6.34 34.71
N SER E 95 -40.26 7.29 35.39
CA SER E 95 -40.10 7.20 36.84
C SER E 95 -41.45 7.27 37.53
N GLN E 96 -42.30 8.14 37.03
CA GLN E 96 -43.62 8.28 37.61
C GLN E 96 -44.49 7.02 37.45
N ARG E 97 -44.43 6.35 36.29
CA ARG E 97 -45.25 5.16 36.06
C ARG E 97 -44.82 3.94 36.93
N ALA E 98 -45.72 2.98 37.11
CA ALA E 98 -45.50 1.82 38.00
C ALA E 98 -44.42 0.75 37.83
N SER E 99 -44.20 0.21 36.63
CA SER E 99 -43.20 -0.84 36.47
C SER E 99 -42.37 -0.78 35.20
N ARG E 100 -41.59 0.27 35.07
CA ARG E 100 -40.74 0.45 33.91
C ARG E 100 -41.48 0.30 32.60
N HIS E 101 -42.68 0.87 32.44
CA HIS E 101 -43.42 0.77 31.19
C HIS E 101 -42.53 1.44 30.17
N LEU E 102 -42.23 0.77 29.07
CA LEU E 102 -41.30 1.32 28.07
C LEU E 102 -41.86 1.88 26.77
N HIS E 103 -43.18 2.03 26.67
CA HIS E 103 -43.81 2.52 25.45
C HIS E 103 -43.31 3.87 25.14
N LEU E 104 -43.23 4.72 26.15
CA LEU E 104 -42.77 6.08 26.03
C LEU E 104 -41.31 6.24 25.66
N PHE E 105 -40.40 5.57 26.35
CA PHE E 105 -38.97 5.77 26.09
C PHE E 105 -38.34 5.13 24.87
N MET E 106 -38.61 3.85 24.65
CA MET E 106 -37.94 3.19 23.55
C MET E 106 -38.29 3.59 22.15
N PRO E 107 -39.57 3.76 21.83
CA PRO E 107 -40.15 4.10 20.53
C PRO E 107 -39.41 5.26 20.13
N ALA E 108 -39.10 5.99 21.16
CA ALA E 108 -38.26 7.14 20.92
C ALA E 108 -36.77 6.81 20.75
N VAL E 109 -36.25 5.88 21.53
CA VAL E 109 -34.84 5.56 21.42
C VAL E 109 -34.53 5.01 20.05
N MET E 110 -35.40 4.14 19.57
CA MET E 110 -35.21 3.57 18.29
C MET E 110 -35.27 4.65 17.30
N GLY E 111 -36.21 5.57 17.41
CA GLY E 111 -36.19 6.67 16.47
C GLY E 111 -34.90 7.52 16.46
N PHE E 112 -34.30 7.85 17.60
CA PHE E 112 -33.04 8.63 17.52
C PHE E 112 -31.98 7.86 16.80
N VAL E 113 -31.87 6.57 17.12
CA VAL E 113 -30.87 5.80 16.43
C VAL E 113 -31.13 5.73 14.94
N ALA E 114 -32.38 5.52 14.58
CA ALA E 114 -32.69 5.42 13.19
C ALA E 114 -32.41 6.71 12.49
N THR E 115 -32.72 7.85 13.08
CA THR E 115 -32.48 9.13 12.42
C THR E 115 -31.00 9.36 12.18
N THR E 116 -30.17 9.02 13.16
CA THR E 116 -28.73 9.20 12.92
C THR E 116 -28.29 8.33 11.79
N THR E 117 -28.76 7.09 11.77
CA THR E 117 -28.41 6.17 10.71
C THR E 117 -28.86 6.68 9.34
N SER E 118 -30.04 7.28 9.26
CA SER E 118 -30.52 7.79 7.99
C SER E 118 -29.64 8.88 7.50
N ILE E 119 -29.25 9.75 8.41
CA ILE E 119 -28.37 10.81 7.98
C ILE E 119 -27.05 10.26 7.49
N VAL E 120 -26.51 9.26 8.16
CA VAL E 120 -25.26 8.70 7.70
C VAL E 120 -25.42 8.14 6.31
N TYR E 121 -26.51 7.44 6.02
CA TYR E 121 -26.65 6.94 4.65
C TYR E 121 -26.71 8.08 3.67
N TYR E 122 -27.42 9.16 3.96
CA TYR E 122 -27.39 10.26 2.96
C TYR E 122 -25.97 10.81 2.74
N HIS E 123 -25.20 10.99 3.82
CA HIS E 123 -23.85 11.52 3.63
C HIS E 123 -23.05 10.58 2.80
N ASN E 124 -23.11 9.29 3.09
CA ASN E 124 -22.29 8.40 2.29
C ASN E 124 -22.75 8.36 0.85
N ILE E 125 -24.05 8.38 0.65
CA ILE E 125 -24.63 8.38 -0.67
C ILE E 125 -24.19 9.65 -1.38
N GLU E 126 -23.96 10.72 -0.61
CA GLU E 126 -23.46 11.97 -1.21
C GLU E 126 -22.00 11.96 -1.64
N THR E 127 -21.12 11.39 -0.86
CA THR E 127 -19.72 11.42 -1.24
C THR E 127 -19.50 10.53 -2.40
N SER E 128 -20.18 9.39 -2.38
CA SER E 128 -20.07 8.47 -3.48
C SER E 128 -21.36 8.65 -4.26
N ASN E 129 -21.23 9.05 -5.52
CA ASN E 129 -22.41 9.33 -6.26
C ASN E 129 -23.07 8.02 -6.47
N PHE E 130 -24.33 7.93 -6.05
CA PHE E 130 -25.12 6.74 -6.29
C PHE E 130 -26.54 7.16 -6.12
N PRO E 131 -27.11 7.91 -7.06
CA PRO E 131 -28.49 8.37 -6.80
C PRO E 131 -29.59 7.34 -6.65
N LYS E 132 -29.40 6.10 -7.06
CA LYS E 132 -30.39 5.11 -6.82
C LYS E 132 -30.57 4.91 -5.30
N LEU E 133 -29.49 4.90 -4.53
CA LEU E 133 -29.59 4.70 -3.08
C LEU E 133 -30.63 5.57 -2.37
N LEU E 134 -30.46 6.90 -2.46
CA LEU E 134 -31.37 7.92 -1.98
C LEU E 134 -32.79 7.51 -2.30
N LEU E 135 -33.08 6.88 -3.45
CA LEU E 135 -34.48 6.40 -3.63
C LEU E 135 -34.92 5.43 -2.51
N ALA E 136 -34.03 4.52 -2.16
CA ALA E 136 -34.41 3.65 -1.04
C ALA E 136 -34.67 4.45 0.26
N LEU E 137 -33.82 5.42 0.54
CA LEU E 137 -34.08 6.22 1.75
C LEU E 137 -35.40 6.98 1.68
N PHE E 138 -35.79 7.47 0.51
CA PHE E 138 -37.07 8.19 0.41
C PHE E 138 -38.19 7.28 0.76
N LEU E 139 -38.17 6.04 0.28
CA LEU E 139 -39.27 5.17 0.73
C LEU E 139 -39.28 4.97 2.27
N TYR E 140 -38.09 4.82 2.85
CA TYR E 140 -38.03 4.73 4.30
C TYR E 140 -38.59 5.98 5.01
N TRP E 141 -38.30 7.18 4.52
CA TRP E 141 -38.85 8.41 5.16
C TRP E 141 -40.37 8.43 5.00
N VAL E 142 -40.89 7.95 3.88
CA VAL E 142 -42.34 7.86 3.72
C VAL E 142 -43.04 6.75 4.51
N MET E 143 -42.35 5.77 5.09
CA MET E 143 -43.14 4.80 5.92
C MET E 143 -43.42 5.17 7.40
N ALA E 144 -42.71 6.15 7.90
CA ALA E 144 -42.80 6.80 9.19
C ALA E 144 -43.89 7.85 9.18
N PHE E 145 -44.01 8.62 8.10
CA PHE E 145 -45.08 9.61 8.08
C PHE E 145 -46.42 8.94 8.20
N ILE E 146 -46.66 7.83 7.50
CA ILE E 146 -47.96 7.16 7.67
C ILE E 146 -48.23 6.65 9.10
N THR E 147 -47.21 6.08 9.75
CA THR E 147 -47.44 5.61 11.13
C THR E 147 -47.78 6.80 12.02
N LYS E 148 -47.03 7.89 11.85
CA LYS E 148 -47.27 9.05 12.65
C LYS E 148 -48.65 9.59 12.40
N THR E 149 -49.13 9.61 11.16
CA THR E 149 -50.46 10.14 10.91
C THR E 149 -51.50 9.31 11.61
N ILE E 150 -51.35 7.99 11.61
CA ILE E 150 -52.34 7.21 12.35
C ILE E 150 -52.32 7.53 13.83
N LYS E 151 -51.10 7.67 14.34
CA LYS E 151 -50.95 8.03 15.72
C LYS E 151 -51.62 9.36 15.98
N LEU E 152 -51.41 10.34 15.14
CA LEU E 152 -52.02 11.62 15.37
C LEU E 152 -53.51 11.55 15.33
N VAL E 153 -54.15 10.81 14.43
CA VAL E 153 -55.62 10.81 14.45
C VAL E 153 -56.14 10.20 15.76
N LYS E 154 -55.47 9.12 16.20
CA LYS E 154 -55.88 8.51 17.46
C LYS E 154 -55.67 9.51 18.59
N TYR E 155 -54.57 10.22 18.55
CA TYR E 155 -54.23 11.23 19.49
C TYR E 155 -55.26 12.34 19.46
N TRP E 156 -55.97 12.26 18.33
CA TRP E 156 -57.05 13.15 18.00
C TRP E 156 -58.33 12.92 18.72
N GLN E 157 -58.93 11.77 18.44
CA GLN E 157 -60.24 11.40 18.96
C GLN E 157 -60.28 11.44 20.46
N LEU E 158 -59.21 11.01 21.10
CA LEU E 158 -59.18 11.03 22.54
C LEU E 158 -59.30 12.47 23.02
N GLY E 159 -58.61 13.41 22.36
CA GLY E 159 -58.68 14.80 22.74
C GLY E 159 -58.33 14.99 24.18
N TRP E 160 -57.24 14.36 24.60
CA TRP E 160 -56.74 14.44 25.95
C TRP E 160 -56.57 15.91 26.24
N GLY E 161 -56.02 16.63 25.25
CA GLY E 161 -55.85 18.07 25.37
C GLY E 161 -55.62 18.79 24.06
N MET E 162 -55.96 20.09 24.03
CA MET E 162 -55.75 20.97 22.89
C MET E 162 -54.25 21.21 22.78
N SER E 163 -53.66 21.37 23.95
CA SER E 163 -52.25 21.52 24.12
C SER E 163 -52.01 20.74 25.37
N ASP E 164 -51.91 19.43 25.23
CA ASP E 164 -51.70 18.54 26.36
C ASP E 164 -50.31 17.97 26.39
N LEU E 165 -49.44 18.63 25.64
CA LEU E 165 -48.01 18.31 25.47
C LEU E 165 -47.73 17.10 24.61
N ARG E 166 -48.24 15.94 24.96
CA ARG E 166 -47.95 14.78 24.11
C ARG E 166 -48.53 15.00 22.71
N PHE E 167 -49.74 15.58 22.57
CA PHE E 167 -50.29 15.90 21.24
C PHE E 167 -49.42 16.94 20.57
N CYS E 168 -48.90 17.88 21.32
CA CYS E 168 -48.09 18.89 20.71
C CYS E 168 -46.88 18.33 20.05
N ILE E 169 -46.17 17.43 20.74
CA ILE E 169 -44.94 16.92 20.17
C ILE E 169 -45.17 16.21 18.86
N THR E 170 -46.06 15.21 18.87
CA THR E 170 -46.36 14.37 17.73
C THR E 170 -46.54 15.20 16.50
N GLY E 171 -47.24 16.31 16.63
CA GLY E 171 -47.51 17.18 15.51
C GLY E 171 -46.24 17.71 14.92
N VAL E 172 -45.33 18.10 15.79
CA VAL E 172 -44.08 18.62 15.29
C VAL E 172 -43.35 17.58 14.48
N MET E 173 -43.31 16.35 15.00
CA MET E 173 -42.63 15.31 14.25
C MET E 173 -43.28 15.06 12.89
N VAL E 174 -44.58 15.19 12.80
CA VAL E 174 -45.23 14.97 11.51
C VAL E 174 -44.77 15.92 10.41
N ILE E 175 -44.76 17.22 10.70
CA ILE E 175 -44.39 18.25 9.71
C ILE E 175 -42.96 18.16 9.15
N LEU E 176 -41.99 17.88 10.00
CA LEU E 176 -40.61 17.72 9.55
C LEU E 176 -40.50 16.53 8.60
N ASN E 177 -41.26 15.49 8.94
CA ASN E 177 -41.30 14.28 8.16
C ASN E 177 -41.80 14.66 6.80
N GLY E 178 -42.84 15.48 6.80
CA GLY E 178 -43.41 15.94 5.55
C GLY E 178 -42.42 16.76 4.74
N LEU E 179 -41.65 17.59 5.43
CA LEU E 179 -40.68 18.37 4.72
C LEU E 179 -39.66 17.44 4.06
N LEU E 180 -39.22 16.38 4.77
CA LEU E 180 -38.29 15.42 4.21
C LEU E 180 -38.93 14.70 3.02
N MET E 181 -40.23 14.47 3.02
CA MET E 181 -40.83 13.81 1.86
C MET E 181 -40.68 14.70 0.64
N ALA E 182 -40.81 15.99 0.90
CA ALA E 182 -40.73 17.01 -0.13
C ALA E 182 -39.38 17.00 -0.77
N VAL E 183 -38.34 16.92 0.04
CA VAL E 183 -37.00 16.92 -0.52
C VAL E 183 -36.78 15.71 -1.38
N GLU E 184 -37.29 14.55 -0.98
CA GLU E 184 -37.11 13.35 -1.76
C GLU E 184 -37.73 13.54 -3.11
N ILE E 185 -38.94 14.06 -3.15
CA ILE E 185 -39.51 14.27 -4.47
C ILE E 185 -38.70 15.26 -5.31
N ASN E 186 -38.26 16.34 -4.66
CA ASN E 186 -37.49 17.33 -5.38
C ASN E 186 -36.21 16.75 -5.94
N VAL E 187 -35.50 15.94 -5.14
CA VAL E 187 -34.24 15.33 -5.57
C VAL E 187 -34.43 14.37 -6.72
N ILE E 188 -35.56 13.66 -6.75
CA ILE E 188 -35.85 12.77 -7.87
C ILE E 188 -35.86 13.59 -9.18
N ARG E 189 -36.63 14.66 -9.21
CA ARG E 189 -36.71 15.48 -10.41
C ARG E 189 -35.40 16.12 -10.71
N VAL E 190 -34.76 16.65 -9.69
CA VAL E 190 -33.52 17.39 -9.88
C VAL E 190 -32.39 16.58 -10.48
N ARG E 191 -32.18 15.36 -10.01
CA ARG E 191 -31.13 14.52 -10.58
C ARG E 191 -31.76 13.61 -11.62
N ARG E 192 -31.05 12.57 -12.01
CA ARG E 192 -31.59 11.72 -13.03
C ARG E 192 -32.89 11.08 -12.62
N TYR E 193 -33.93 11.28 -13.43
CA TYR E 193 -35.24 10.69 -13.19
C TYR E 193 -35.71 10.19 -14.53
N VAL E 194 -35.54 8.91 -14.84
CA VAL E 194 -35.94 8.37 -16.15
C VAL E 194 -35.31 9.19 -17.30
N PHE E 195 -34.02 9.46 -17.17
CA PHE E 195 -33.30 10.25 -18.13
C PHE E 195 -31.92 9.64 -18.28
N PHE E 196 -31.21 9.98 -19.35
CA PHE E 196 -29.90 9.40 -19.55
C PHE E 196 -28.95 9.73 -18.43
N MET E 197 -28.91 11.00 -18.01
CA MET E 197 -28.02 11.45 -16.93
C MET E 197 -28.38 12.83 -16.43
N VAL E 213 -34.57 31.97 -4.64
CA VAL E 213 -34.05 30.89 -3.81
C VAL E 213 -32.87 31.38 -3.00
N ARG E 214 -33.12 32.01 -1.85
CA ARG E 214 -31.99 32.49 -1.07
C ARG E 214 -31.80 31.82 0.29
N PHE E 215 -30.68 31.12 0.45
CA PHE E 215 -30.32 30.45 1.69
C PHE E 215 -28.83 30.18 1.76
N LEU E 216 -28.01 31.22 1.89
CA LEU E 216 -26.56 30.98 1.89
C LEU E 216 -25.76 31.44 3.11
N GLN E 217 -25.04 30.50 3.71
CA GLN E 217 -24.22 30.78 4.88
C GLN E 217 -23.13 29.74 5.15
N PRO E 218 -22.16 30.10 5.99
CA PRO E 218 -21.11 29.14 6.29
C PRO E 218 -21.20 28.51 7.68
N PHE E 219 -22.24 28.79 8.46
CA PHE E 219 -22.31 28.18 9.79
C PHE E 219 -22.37 26.66 9.67
N VAL E 220 -23.16 26.18 8.71
CA VAL E 220 -23.40 24.74 8.43
C VAL E 220 -22.13 23.97 8.06
N ASN E 221 -21.24 24.58 7.31
CA ASN E 221 -19.99 23.91 7.09
C ASN E 221 -19.25 23.89 8.42
N LEU E 222 -19.26 25.02 9.12
CA LEU E 222 -18.55 25.10 10.38
C LEU E 222 -19.08 24.18 11.45
N LEU E 223 -20.40 24.05 11.52
CA LEU E 223 -21.10 23.18 12.50
C LEU E 223 -20.94 21.67 12.39
N SER E 224 -20.95 21.12 11.18
CA SER E 224 -20.77 19.67 10.99
C SER E 224 -19.60 19.21 10.08
N LYS E 225 -18.61 20.08 9.85
CA LYS E 225 -17.42 19.69 9.10
C LYS E 225 -16.21 20.30 9.77
N ALA E 226 -15.95 19.89 10.99
CA ALA E 226 -14.85 20.45 11.75
C ALA E 226 -13.73 19.54 12.21
N THR E 227 -12.53 19.94 11.84
CA THR E 227 -11.26 19.37 12.27
C THR E 227 -11.10 17.89 12.15
N TYR E 228 -11.66 17.28 11.14
CA TYR E 228 -11.49 15.86 11.05
C TYR E 228 -11.62 15.33 9.64
N TRP E 229 -11.68 16.20 8.62
CA TRP E 229 -11.91 15.59 7.32
C TRP E 229 -10.73 15.74 6.37
N TRP E 230 -10.15 16.95 6.28
CA TRP E 230 -9.19 17.19 5.21
C TRP E 230 -8.04 16.20 5.24
N MET E 231 -7.50 15.93 6.42
CA MET E 231 -6.39 15.01 6.56
C MET E 231 -6.84 13.62 6.97
N ASN E 232 -8.14 13.33 6.89
CA ASN E 232 -8.66 12.07 7.40
C ASN E 232 -8.05 10.87 6.67
N THR E 233 -8.02 10.94 5.34
CA THR E 233 -7.47 9.81 4.58
C THR E 233 -5.98 9.62 4.85
N LEU E 234 -5.22 10.71 4.86
CA LEU E 234 -3.78 10.61 5.09
C LEU E 234 -3.44 10.13 6.51
N ILE E 235 -4.19 10.62 7.50
CA ILE E 235 -3.90 10.28 8.90
C ILE E 235 -4.12 8.80 9.20
N ILE E 236 -5.19 8.20 8.67
CA ILE E 236 -5.43 6.76 8.88
C ILE E 236 -4.40 5.90 8.17
N SER E 237 -4.00 6.27 6.96
CA SER E 237 -3.23 5.36 6.10
C SER E 237 -2.01 6.05 5.48
N ALA E 238 -1.20 6.74 6.27
CA ALA E 238 0.08 7.24 5.79
C ALA E 238 1.15 6.16 6.00
N HIS E 239 0.98 5.06 5.28
CA HIS E 239 1.88 3.91 5.34
C HIS E 239 2.55 3.74 3.99
N ARG E 240 3.87 3.87 3.96
CA ARG E 240 4.71 3.74 2.76
C ARG E 240 4.45 4.83 1.74
N LYS E 241 3.57 5.78 2.05
CA LYS E 241 3.33 6.96 1.20
C LYS E 241 3.38 8.19 2.11
N PRO E 242 4.54 8.45 2.70
CA PRO E 242 4.57 9.40 3.84
C PRO E 242 4.27 10.84 3.47
N ILE E 243 4.83 11.35 2.38
CA ILE E 243 4.77 12.79 2.14
C ILE E 243 4.04 13.09 0.85
N ASP E 244 2.73 13.27 0.93
CA ASP E 244 1.97 13.63 -0.24
C ASP E 244 1.93 15.14 -0.39
N LEU E 245 2.19 15.62 -1.60
CA LEU E 245 1.96 17.02 -1.92
C LEU E 245 0.57 17.23 -2.51
N LYS E 246 -0.20 16.16 -2.69
CA LYS E 246 -1.53 16.26 -3.25
C LYS E 246 -2.44 17.09 -2.36
N ALA E 247 -2.28 16.95 -1.04
CA ALA E 247 -3.14 17.68 -0.10
C ALA E 247 -3.09 19.19 -0.34
N ILE E 248 -1.93 19.71 -0.74
CA ILE E 248 -1.76 21.16 -0.86
C ILE E 248 -2.77 21.75 -1.83
N GLY E 249 -2.95 21.11 -2.97
CA GLY E 249 -3.91 21.59 -3.96
C GLY E 249 -3.68 23.03 -4.33
N LYS E 250 -4.77 23.76 -4.54
CA LYS E 250 -4.73 25.18 -4.85
C LYS E 250 -5.28 26.04 -3.72
N LEU E 251 -5.49 25.46 -2.54
CA LEU E 251 -5.99 26.23 -1.40
C LEU E 251 -5.04 27.33 -0.97
N PRO E 252 -3.72 27.12 -0.91
CA PRO E 252 -2.85 28.22 -0.46
C PRO E 252 -2.97 29.46 -1.31
N ILE E 253 -3.11 29.32 -2.63
CA ILE E 253 -3.19 30.51 -3.48
C ILE E 253 -4.41 31.35 -3.10
N ALA E 254 -5.54 30.68 -2.90
CA ALA E 254 -6.77 31.35 -2.52
C ALA E 254 -6.66 31.99 -1.14
N MET E 255 -6.05 31.29 -0.18
CA MET E 255 -6.00 31.82 1.19
C MET E 255 -4.75 32.61 1.56
N ARG E 256 -3.60 31.94 1.63
CA ARG E 256 -2.38 32.62 2.07
C ARG E 256 -1.79 33.57 1.03
N ALA E 257 -1.70 33.15 -0.23
CA ALA E 257 -1.12 34.04 -1.23
C ALA E 257 -1.97 35.28 -1.44
N VAL E 258 -3.29 35.10 -1.55
CA VAL E 258 -4.18 36.24 -1.75
C VAL E 258 -4.27 37.11 -0.50
N THR E 259 -4.44 36.49 0.67
CA THR E 259 -4.63 37.25 1.89
C THR E 259 -3.42 38.10 2.23
N ASN E 260 -2.23 37.51 2.15
CA ASN E 260 -1.07 38.23 2.62
C ASN E 260 -0.88 39.52 1.82
N TYR E 261 -0.92 39.42 0.50
CA TYR E 261 -0.72 40.60 -0.32
C TYR E 261 -1.88 41.59 -0.22
N VAL E 262 -3.13 41.12 -0.36
CA VAL E 262 -4.26 42.04 -0.40
C VAL E 262 -4.59 42.66 0.95
N CYS E 263 -4.56 41.88 2.04
CA CYS E 263 -5.00 42.41 3.32
C CYS E 263 -4.12 43.56 3.79
N LEU E 264 -2.81 43.41 3.70
CA LEU E 264 -1.95 44.49 4.15
C LEU E 264 -2.01 45.70 3.24
N LYS E 265 -2.48 45.56 2.01
CA LYS E 265 -2.60 46.74 1.16
C LYS E 265 -3.54 47.76 1.79
N GLU E 266 -4.68 47.28 2.28
CA GLU E 266 -5.63 48.15 2.97
C GLU E 266 -5.00 48.75 4.22
N ALA E 267 -4.26 47.92 4.97
CA ALA E 267 -3.61 48.38 6.18
C ALA E 267 -2.61 49.48 5.88
N TYR E 268 -1.84 49.34 4.81
CA TYR E 268 -0.92 50.39 4.42
C TYR E 268 -1.70 51.64 4.02
N GLU E 269 -2.79 51.47 3.27
CA GLU E 269 -3.55 52.63 2.82
C GLU E 269 -4.10 53.43 3.99
N GLU E 270 -4.68 52.74 4.97
CA GLU E 270 -5.26 53.43 6.12
C GLU E 270 -4.18 54.04 7.00
N GLN E 271 -3.14 53.26 7.34
CA GLN E 271 -2.11 53.77 8.25
C GLN E 271 -1.38 54.94 7.63
N LYS E 272 -1.04 54.86 6.34
CA LYS E 272 -0.38 55.97 5.68
C LYS E 272 -1.32 57.17 5.59
N LYS E 273 -2.61 56.94 5.32
CA LYS E 273 -3.55 58.05 5.24
C LYS E 273 -3.58 58.80 6.56
N LYS E 274 -3.62 58.06 7.67
CA LYS E 274 -3.58 58.72 8.98
C LYS E 274 -2.25 59.40 9.21
N ALA E 275 -1.17 58.82 8.67
CA ALA E 275 0.18 59.33 8.91
C ALA E 275 0.34 60.76 8.42
N ALA E 276 -0.44 61.17 7.42
CA ALA E 276 -0.32 62.53 6.89
C ALA E 276 -0.62 63.59 7.93
N ASP E 277 -1.58 63.33 8.83
CA ASP E 277 -2.03 64.37 9.76
C ASP E 277 -0.89 64.87 10.63
N HIS E 278 -0.32 64.01 11.47
CA HIS E 278 0.75 64.43 12.35
C HIS E 278 1.52 63.20 12.82
N PRO E 279 2.79 63.36 13.19
CA PRO E 279 3.56 62.27 13.80
C PRO E 279 3.62 62.31 15.31
N ASN E 280 2.87 63.22 15.95
CA ASN E 280 2.83 63.27 17.41
C ASN E 280 2.05 62.09 18.00
N ARG E 281 0.88 61.79 17.44
CA ARG E 281 0.07 60.71 17.97
C ARG E 281 -0.26 59.67 16.91
N THR E 282 -0.70 60.12 15.74
CA THR E 282 -1.22 59.21 14.73
C THR E 282 -0.21 58.20 14.21
N PRO E 283 1.05 58.54 13.92
CA PRO E 283 1.93 57.62 13.20
C PRO E 283 2.31 56.40 14.04
N SER E 284 2.03 55.22 13.50
CA SER E 284 2.24 53.96 14.20
C SER E 284 2.15 52.83 13.19
N ILE E 285 2.29 51.60 13.69
CA ILE E 285 2.43 50.45 12.79
C ILE E 285 1.34 49.41 12.98
N TRP E 286 0.99 49.05 14.21
CA TRP E 286 0.14 47.88 14.44
C TRP E 286 -1.35 48.20 14.40
N LEU E 287 -1.73 49.47 14.29
CA LEU E 287 -3.15 49.82 14.25
C LEU E 287 -3.81 49.28 12.98
N ALA E 288 -3.11 49.34 11.88
CA ALA E 288 -3.71 48.91 10.64
C ALA E 288 -4.12 47.47 10.60
N MET E 289 -3.34 46.61 11.22
CA MET E 289 -3.61 45.18 11.08
C MET E 289 -4.95 44.73 11.56
N TYR E 290 -5.44 45.29 12.65
CA TYR E 290 -6.72 44.80 13.11
C TYR E 290 -7.80 45.09 12.11
N ARG E 291 -7.89 46.35 11.68
CA ARG E 291 -8.90 46.70 10.69
C ARG E 291 -8.65 46.18 9.29
N ALA E 292 -7.41 46.28 8.82
CA ALA E 292 -7.09 45.84 7.47
C ALA E 292 -7.16 44.34 7.23
N PHE E 293 -6.57 43.55 8.12
CA PHE E 293 -6.66 42.10 7.96
C PHE E 293 -8.09 41.74 8.22
N GLY E 294 -8.62 42.33 9.29
CA GLY E 294 -10.00 42.16 9.71
C GLY E 294 -10.39 40.76 10.06
N ARG E 295 -9.45 39.99 10.58
CA ARG E 295 -9.75 38.64 10.93
C ARG E 295 -10.71 38.75 12.06
N PRO E 296 -11.78 37.96 11.98
CA PRO E 296 -12.68 38.09 13.10
C PRO E 296 -12.16 37.19 14.19
N ILE E 297 -11.42 37.85 15.08
CA ILE E 297 -10.89 37.25 16.30
C ILE E 297 -12.09 36.98 17.23
N LEU E 298 -13.04 37.93 17.19
CA LEU E 298 -14.29 37.89 17.93
C LEU E 298 -15.07 36.67 17.54
N LEU E 299 -15.11 36.38 16.23
CA LEU E 299 -15.80 35.23 15.67
C LEU E 299 -15.40 34.02 16.46
N SER E 300 -14.15 34.04 16.91
CA SER E 300 -13.68 32.98 17.76
C SER E 300 -13.91 33.36 19.19
N SER E 301 -13.58 34.61 19.53
CA SER E 301 -13.68 35.14 20.87
C SER E 301 -15.07 34.87 21.41
N THR E 302 -16.06 35.09 20.58
CA THR E 302 -17.42 34.72 20.98
C THR E 302 -17.47 33.24 21.32
N PHE E 303 -16.96 32.40 20.42
CA PHE E 303 -16.96 30.97 20.68
C PHE E 303 -16.15 30.66 21.92
N ARG E 304 -15.04 31.36 22.11
CA ARG E 304 -14.20 31.13 23.29
C ARG E 304 -14.97 31.43 24.57
N TYR E 305 -15.65 32.57 24.61
CA TYR E 305 -16.44 32.89 25.79
C TYR E 305 -17.51 31.82 26.02
N LEU E 306 -18.16 31.39 24.94
CA LEU E 306 -19.18 30.34 25.03
C LEU E 306 -18.61 29.05 25.58
N ALA E 307 -17.43 28.65 25.09
CA ALA E 307 -16.81 27.42 25.54
C ALA E 307 -16.49 27.51 27.02
N ASP E 308 -15.97 28.66 27.46
CA ASP E 308 -15.65 28.80 28.88
C ASP E 308 -16.90 28.70 29.74
N LEU E 309 -17.99 29.35 29.32
CA LEU E 309 -19.22 29.27 30.10
C LEU E 309 -19.74 27.83 30.19
N LEU E 310 -19.76 27.10 29.07
CA LEU E 310 -20.24 25.73 29.08
C LEU E 310 -19.38 24.84 29.97
N GLY E 311 -18.06 24.95 29.83
CA GLY E 311 -17.19 24.13 30.64
C GLY E 311 -17.37 24.40 32.12
N PHE E 312 -17.41 25.67 32.51
CA PHE E 312 -17.61 25.97 33.92
C PHE E 312 -18.98 25.53 34.41
N ALA E 313 -19.98 25.50 33.53
CA ALA E 313 -21.29 25.02 33.95
C ALA E 313 -21.29 23.52 34.24
N GLY E 314 -20.59 22.73 33.44
CA GLY E 314 -20.57 21.28 33.58
C GLY E 314 -20.53 20.65 34.96
N PRO E 315 -19.57 21.05 35.80
CA PRO E 315 -19.50 20.48 37.15
C PRO E 315 -20.72 20.69 38.03
N LEU E 316 -21.45 21.81 37.87
CA LEU E 316 -22.70 21.94 38.62
C LEU E 316 -23.72 20.87 38.22
N CYS E 317 -23.74 20.50 36.94
CA CYS E 317 -24.59 19.39 36.53
C CYS E 317 -24.10 18.09 37.12
N ILE E 318 -22.79 17.93 37.24
CA ILE E 318 -22.27 16.74 37.91
C ILE E 318 -22.73 16.70 39.35
N SER E 319 -22.66 17.84 40.03
CA SER E 319 -23.11 17.91 41.42
C SER E 319 -24.59 17.59 41.57
N GLY E 320 -25.38 18.22 40.69
CA GLY E 320 -26.81 18.07 40.68
C GLY E 320 -27.23 16.63 40.80
N ILE E 321 -26.69 15.78 39.93
CA ILE E 321 -27.02 14.38 39.97
C ILE E 321 -26.57 13.77 41.27
N VAL E 322 -25.40 14.15 41.74
CA VAL E 322 -24.89 13.57 42.98
C VAL E 322 -25.74 13.84 44.23
N GLN E 323 -26.23 15.08 44.42
CA GLN E 323 -26.97 15.41 45.65
C GLN E 323 -28.18 14.56 45.76
N ARG E 324 -28.91 14.40 44.66
CA ARG E 324 -30.10 13.56 44.69
C ARG E 324 -29.83 12.08 44.39
N VAL E 325 -28.90 11.49 45.12
CA VAL E 325 -28.59 10.08 45.00
C VAL E 325 -29.77 9.28 45.53
N ASN E 326 -30.35 9.80 46.62
CA ASN E 326 -31.46 9.18 47.33
C ASN E 326 -32.70 10.02 47.67
N GLU E 327 -33.82 9.55 47.14
CA GLU E 327 -35.16 10.09 47.38
C GLU E 327 -36.26 9.09 46.94
N PRO E 328 -37.18 8.65 47.84
CA PRO E 328 -38.27 7.81 47.33
C PRO E 328 -39.19 8.61 46.39
N LYS E 329 -39.51 9.81 46.82
CA LYS E 329 -40.33 10.72 46.01
C LYS E 329 -41.68 10.26 45.47
N ASN E 330 -42.44 9.54 46.28
CA ASN E 330 -43.83 9.21 45.93
C ASN E 330 -44.76 9.80 47.02
N ASN E 331 -44.20 10.71 47.82
CA ASN E 331 -44.84 11.25 48.99
C ASN E 331 -46.11 11.95 48.72
N THR E 332 -46.15 12.71 47.65
CA THR E 332 -47.38 13.42 47.37
C THR E 332 -48.26 12.64 46.41
N THR E 333 -47.80 11.45 46.01
CA THR E 333 -48.49 10.62 45.01
C THR E 333 -48.68 11.47 43.73
N ARG E 334 -47.59 12.10 43.30
CA ARG E 334 -47.64 13.02 42.19
C ARG E 334 -48.16 12.38 40.96
N PHE E 335 -49.08 13.08 40.35
CA PHE E 335 -49.64 12.72 39.07
C PHE E 335 -49.58 13.91 38.12
N SER E 336 -49.04 15.04 38.61
CA SER E 336 -48.94 16.27 37.85
C SER E 336 -47.93 16.13 36.75
N GLU E 337 -48.32 16.54 35.54
CA GLU E 337 -47.43 16.51 34.37
C GLU E 337 -46.35 17.43 34.77
N THR E 338 -45.09 17.04 34.61
CA THR E 338 -44.01 17.86 35.13
C THR E 338 -43.97 19.23 34.52
N LEU E 339 -44.09 20.21 35.38
CA LEU E 339 -44.12 21.53 34.87
C LEU E 339 -42.71 21.80 34.48
N SER E 340 -42.57 22.37 33.30
CA SER E 340 -41.26 22.77 32.77
C SER E 340 -40.38 23.63 33.70
N SER E 341 -41.00 24.55 34.43
CA SER E 341 -40.24 25.41 35.31
C SER E 341 -39.48 24.60 36.34
N LYS E 342 -40.12 23.59 36.93
CA LYS E 342 -39.43 22.81 37.97
C LYS E 342 -39.13 21.33 37.77
N GLU E 343 -40.10 20.56 37.31
CA GLU E 343 -39.94 19.13 37.27
C GLU E 343 -38.77 18.59 36.48
N PHE E 344 -38.49 19.19 35.35
CA PHE E 344 -37.40 18.69 34.52
C PHE E 344 -35.99 18.81 35.09
N LEU E 345 -35.70 19.88 35.80
CA LEU E 345 -34.34 20.04 36.29
C LEU E 345 -33.90 18.94 37.22
N GLU E 346 -34.80 18.53 38.10
CA GLU E 346 -34.56 17.51 39.14
C GLU E 346 -34.25 16.05 38.80
N ASN E 347 -34.88 15.49 37.78
CA ASN E 347 -34.72 14.06 37.51
C ASN E 347 -33.28 13.64 37.30
N ALA E 348 -32.89 12.56 37.96
CA ALA E 348 -31.54 12.07 37.85
C ALA E 348 -31.19 11.66 36.43
N HIS E 349 -32.10 11.01 35.76
CA HIS E 349 -31.78 10.56 34.44
C HIS E 349 -31.46 11.66 33.45
N VAL E 350 -32.20 12.75 33.45
CA VAL E 350 -31.96 13.79 32.45
C VAL E 350 -30.57 14.36 32.44
N LEU E 351 -30.22 14.85 33.60
CA LEU E 351 -28.94 15.50 33.92
C LEU E 351 -27.77 14.78 33.28
N ALA E 352 -27.76 13.44 33.29
CA ALA E 352 -26.65 12.75 32.66
C ALA E 352 -26.57 13.01 31.16
N VAL E 353 -27.70 12.94 30.46
CA VAL E 353 -27.68 13.19 29.01
C VAL E 353 -27.32 14.64 28.73
N LEU E 354 -27.80 15.56 29.56
CA LEU E 354 -27.46 16.96 29.41
C LEU E 354 -25.96 17.14 29.56
N LEU E 355 -25.37 16.47 30.54
CA LEU E 355 -23.94 16.56 30.74
C LEU E 355 -23.20 16.09 29.50
N PHE E 356 -23.64 14.99 28.90
CA PHE E 356 -22.94 14.53 27.70
C PHE E 356 -23.04 15.55 26.57
N LEU E 357 -24.23 16.10 26.36
CA LEU E 357 -24.41 17.06 25.28
C LEU E 357 -23.56 18.29 25.52
N ALA E 358 -23.58 18.80 26.76
CA ALA E 358 -22.81 19.99 27.07
C ALA E 358 -21.34 19.73 26.86
N LEU E 359 -20.84 18.57 27.29
CA LEU E 359 -19.42 18.29 27.16
C LEU E 359 -19.00 18.24 25.70
N ILE E 360 -19.77 17.54 24.88
CA ILE E 360 -19.44 17.41 23.46
C ILE E 360 -19.47 18.78 22.82
N LEU E 361 -20.51 19.56 23.11
CA LEU E 361 -20.67 20.88 22.51
C LEU E 361 -19.53 21.79 22.92
N GLN E 362 -19.15 21.79 24.20
CA GLN E 362 -18.08 22.66 24.66
C GLN E 362 -16.78 22.33 23.96
N ARG E 363 -16.41 21.04 23.97
CA ARG E 363 -15.17 20.65 23.32
C ARG E 363 -15.17 21.07 21.86
N THR E 364 -16.25 20.77 21.15
CA THR E 364 -16.32 21.08 19.73
C THR E 364 -16.22 22.57 19.47
N PHE E 365 -16.98 23.37 20.21
CA PHE E 365 -16.95 24.81 19.99
C PHE E 365 -15.56 25.37 20.25
N LEU E 366 -14.95 24.99 21.37
CA LEU E 366 -13.60 25.48 21.68
C LEU E 366 -12.63 25.12 20.55
N GLN E 367 -12.57 23.84 20.18
CA GLN E 367 -11.63 23.40 19.17
C GLN E 367 -11.86 24.13 17.87
N ALA E 368 -13.12 24.24 17.45
CA ALA E 368 -13.40 24.92 16.19
C ALA E 368 -12.98 26.37 16.24
N SER E 369 -13.27 27.06 17.35
CA SER E 369 -12.95 28.48 17.42
C SER E 369 -11.45 28.70 17.30
N TYR E 370 -10.66 27.94 18.04
CA TYR E 370 -9.25 28.25 17.88
C TYR E 370 -8.60 27.54 16.70
N TYR E 371 -9.28 26.58 16.08
CA TYR E 371 -8.85 26.12 14.75
C TYR E 371 -8.98 27.25 13.74
N VAL E 372 -10.11 27.95 13.75
CA VAL E 372 -10.29 29.09 12.86
C VAL E 372 -9.26 30.15 13.20
N THR E 373 -9.01 30.34 14.49
CA THR E 373 -8.03 31.34 14.89
C THR E 373 -6.67 30.99 14.32
N ILE E 374 -6.30 29.71 14.35
CA ILE E 374 -5.02 29.30 13.79
C ILE E 374 -5.01 29.54 12.29
N GLU E 375 -6.12 29.20 11.62
CA GLU E 375 -6.20 29.45 10.19
C GLU E 375 -6.03 30.91 9.87
N THR E 376 -6.29 31.79 10.84
CA THR E 376 -6.07 33.21 10.62
C THR E 376 -4.64 33.61 10.95
N GLY E 377 -4.11 33.06 12.04
CA GLY E 377 -2.72 33.31 12.38
C GLY E 377 -1.76 32.98 11.27
N ILE E 378 -1.89 31.77 10.70
CA ILE E 378 -1.06 31.39 9.56
C ILE E 378 -1.08 32.46 8.48
N ASN E 379 -2.27 32.98 8.18
CA ASN E 379 -2.39 34.03 7.18
C ASN E 379 -1.63 35.28 7.61
N LEU E 380 -1.73 35.64 8.89
CA LEU E 380 -1.00 36.81 9.37
C LEU E 380 0.50 36.63 9.22
N ARG E 381 1.00 35.42 9.48
CA ARG E 381 2.42 35.15 9.33
C ARG E 381 2.85 35.29 7.87
N GLY E 382 2.05 34.74 6.96
CA GLY E 382 2.37 34.87 5.55
C GLY E 382 2.42 36.33 5.14
N ALA E 383 1.49 37.11 5.69
CA ALA E 383 1.44 38.54 5.41
C ALA E 383 2.70 39.23 5.90
N LEU E 384 3.03 39.05 7.18
CA LEU E 384 4.22 39.67 7.74
C LEU E 384 5.46 39.36 6.90
N LEU E 385 5.63 38.11 6.46
CA LEU E 385 6.79 37.78 5.65
C LEU E 385 6.75 38.49 4.30
N ALA E 386 5.59 38.42 3.64
CA ALA E 386 5.41 39.11 2.37
C ALA E 386 5.77 40.57 2.48
N MET E 387 5.39 41.18 3.60
CA MET E 387 5.66 42.59 3.81
C MET E 387 7.13 42.84 4.06
N ILE E 388 7.79 41.97 4.82
CA ILE E 388 9.22 42.20 5.04
C ILE E 388 9.98 42.13 3.72
N TYR E 389 9.50 41.32 2.77
CA TYR E 389 10.27 41.26 1.53
C TYR E 389 9.90 42.41 0.61
N ASN E 390 8.62 42.77 0.58
CA ASN E 390 8.17 43.89 -0.23
C ASN E 390 8.81 45.19 0.23
N LYS E 391 9.06 45.33 1.52
CA LYS E 391 9.69 46.52 2.08
C LYS E 391 11.21 46.41 2.10
N ILE E 392 11.76 45.23 1.80
CA ILE E 392 13.20 45.08 1.74
C ILE E 392 13.71 45.17 0.31
N LEU E 393 12.83 45.06 -0.67
CA LEU E 393 13.28 45.00 -2.06
C LEU E 393 13.38 46.37 -2.72
N ARG E 394 12.26 47.10 -2.80
CA ARG E 394 12.15 48.25 -3.68
C ARG E 394 12.55 49.58 -3.05
N LEU E 395 13.13 49.57 -1.85
CA LEU E 395 13.53 50.85 -1.25
C LEU E 395 14.96 50.89 -0.73
N SER E 396 15.43 49.81 -0.13
CA SER E 396 16.69 49.82 0.62
C SER E 396 17.89 49.39 -0.22
N THR E 397 17.88 49.63 -1.53
CA THR E 397 18.96 49.16 -2.41
C THR E 397 20.33 49.65 -1.94
N SER E 398 20.48 50.97 -1.80
CA SER E 398 21.77 51.57 -1.42
C SER E 398 21.90 51.61 0.10
N ASN E 399 22.86 50.84 0.61
CA ASN E 399 23.13 50.75 2.04
C ASN E 399 24.49 51.39 2.34
N LEU E 400 24.48 52.39 3.22
CA LEU E 400 25.69 53.05 3.68
C LEU E 400 25.89 52.97 5.18
N SER E 401 24.82 53.04 5.98
CA SER E 401 24.94 52.78 7.40
C SER E 401 24.39 51.40 7.78
N MET E 402 23.47 50.86 6.98
CA MET E 402 22.91 49.56 7.32
C MET E 402 23.95 48.47 7.18
N GLY E 403 25.11 48.80 6.61
CA GLY E 403 26.22 47.90 6.48
C GLY E 403 26.87 47.54 7.79
N GLU E 404 26.47 48.19 8.89
CA GLU E 404 26.99 47.77 10.19
C GLU E 404 26.37 46.47 10.68
N MET E 405 25.04 46.34 10.65
CA MET E 405 24.42 45.07 10.97
C MET E 405 23.13 44.97 10.14
N THR E 406 23.25 44.38 8.96
CA THR E 406 22.08 44.18 8.12
C THR E 406 21.53 42.77 8.25
N LEU E 407 22.34 41.83 8.74
CA LEU E 407 21.91 40.45 8.91
C LEU E 407 21.29 40.22 10.28
N GLY E 408 21.38 41.23 11.15
CA GLY E 408 20.60 41.18 12.38
C GLY E 408 19.12 41.13 12.09
N GLN E 409 18.67 41.93 11.12
CA GLN E 409 17.27 41.92 10.72
C GLN E 409 16.88 40.56 10.18
N ILE E 410 17.69 40.02 9.27
CA ILE E 410 17.42 38.73 8.65
C ILE E 410 17.68 37.62 9.65
N ASN E 411 18.16 37.98 10.84
CA ASN E 411 18.34 37.01 11.91
C ASN E 411 17.16 37.00 12.87
N ASN E 412 16.57 38.18 13.13
CA ASN E 412 15.44 38.28 14.04
C ASN E 412 14.13 38.24 13.27
N LEU E 413 13.98 39.14 12.30
CA LEU E 413 12.72 39.26 11.57
C LEU E 413 12.48 38.08 10.64
N VAL E 414 13.45 37.19 10.47
CA VAL E 414 13.27 36.03 9.61
C VAL E 414 12.35 35.03 10.30
N ALA E 415 12.75 34.56 11.48
CA ALA E 415 12.03 33.52 12.17
C ALA E 415 11.83 33.77 13.65
N ILE E 416 12.31 34.89 14.20
CA ILE E 416 12.06 35.19 15.59
C ILE E 416 10.88 36.15 15.75
N GLU E 417 10.59 36.95 14.74
CA GLU E 417 9.51 37.92 14.81
C GLU E 417 8.20 37.30 14.32
N THR E 418 8.20 36.79 13.09
CA THR E 418 6.98 36.24 12.52
C THR E 418 6.45 35.09 13.36
N ASN E 419 7.34 34.23 13.85
CA ASN E 419 6.89 33.16 14.74
C ASN E 419 6.28 33.76 15.99
N GLN E 420 6.90 34.81 16.53
CA GLN E 420 6.36 35.46 17.71
C GLN E 420 4.97 36.03 17.46
N LEU E 421 4.76 36.71 16.32
CA LEU E 421 3.44 37.27 16.06
C LEU E 421 2.41 36.19 15.83
N MET E 422 2.79 35.13 15.14
CA MET E 422 1.84 34.04 14.91
C MET E 422 1.44 33.41 16.22
N TRP E 423 2.42 33.15 17.08
CA TRP E 423 2.12 32.57 18.38
C TRP E 423 1.27 33.52 19.23
N PHE E 424 1.57 34.82 19.21
CA PHE E 424 0.82 35.75 20.04
C PHE E 424 -0.62 35.91 19.56
N LEU E 425 -0.82 35.95 18.25
CA LEU E 425 -2.18 35.99 17.73
C LEU E 425 -2.93 34.70 18.05
N PHE E 426 -2.26 33.55 17.89
CA PHE E 426 -2.90 32.29 18.20
C PHE E 426 -3.14 32.10 19.69
N LEU E 427 -2.44 32.85 20.54
CA LEU E 427 -2.58 32.66 21.97
C LEU E 427 -3.37 33.76 22.66
N CYS E 428 -3.70 34.83 21.94
CA CYS E 428 -4.45 35.93 22.57
C CYS E 428 -5.73 35.48 23.26
N PRO E 429 -6.55 34.59 22.69
CA PRO E 429 -7.81 34.24 23.35
C PRO E 429 -7.69 33.76 24.79
N ASN E 430 -6.60 33.10 25.18
CA ASN E 430 -6.48 32.70 26.58
C ASN E 430 -6.46 33.93 27.48
N LEU E 431 -5.62 34.90 27.16
CA LEU E 431 -5.60 36.15 27.91
C LEU E 431 -6.95 36.84 27.82
N TRP E 432 -7.60 36.71 26.67
CA TRP E 432 -8.82 37.44 26.36
C TRP E 432 -10.00 36.94 27.18
N ALA E 433 -10.05 35.64 27.48
CA ALA E 433 -11.24 35.07 28.12
C ALA E 433 -10.88 34.07 29.20
N MET E 434 -9.77 34.30 29.91
CA MET E 434 -9.51 33.46 31.07
C MET E 434 -10.27 33.95 32.30
N PRO E 435 -10.29 35.25 32.59
CA PRO E 435 -11.10 35.71 33.73
C PRO E 435 -12.56 35.37 33.62
N VAL E 436 -13.12 35.34 32.41
CA VAL E 436 -14.53 34.95 32.26
C VAL E 436 -14.82 33.56 32.80
N GLN E 437 -13.81 32.70 32.89
CA GLN E 437 -13.96 31.38 33.49
C GLN E 437 -13.49 31.33 34.94
N ILE E 438 -12.35 31.95 35.25
CA ILE E 438 -11.78 31.88 36.59
C ILE E 438 -12.70 32.60 37.57
N ILE E 439 -12.90 33.86 37.20
CA ILE E 439 -13.75 34.79 37.90
C ILE E 439 -15.04 34.03 38.15
N MET E 440 -15.44 33.21 37.21
CA MET E 440 -16.63 32.44 37.41
C MET E 440 -16.42 31.49 38.57
N GLY E 441 -15.28 30.85 38.66
CA GLY E 441 -15.09 29.86 39.69
C GLY E 441 -15.25 30.33 41.12
N VAL E 442 -14.64 31.46 41.47
CA VAL E 442 -14.79 31.92 42.84
C VAL E 442 -16.23 32.25 43.09
N ILE E 443 -16.86 32.93 42.14
CA ILE E 443 -18.25 33.28 42.28
C ILE E 443 -19.07 32.01 42.35
N LEU E 444 -18.77 31.05 41.49
CA LEU E 444 -19.50 29.82 41.51
C LEU E 444 -19.26 29.15 42.84
N LEU E 445 -18.01 29.10 43.28
CA LEU E 445 -17.70 28.45 44.55
C LEU E 445 -18.39 29.17 45.66
N TYR E 446 -18.36 30.50 45.63
CA TYR E 446 -19.06 31.27 46.65
C TYR E 446 -20.57 31.00 46.55
N ASN E 447 -21.09 30.91 45.33
CA ASN E 447 -22.50 30.68 45.17
C ASN E 447 -22.93 29.37 45.79
N LEU E 448 -22.15 28.31 45.64
CA LEU E 448 -22.57 27.02 46.18
C LEU E 448 -21.74 26.33 47.25
N LEU E 449 -20.44 26.55 47.30
CA LEU E 449 -19.68 25.82 48.30
C LEU E 449 -20.05 26.17 49.70
N GLY E 450 -20.30 27.45 49.97
CA GLY E 450 -20.56 27.82 51.33
C GLY E 450 -19.85 29.13 51.56
N SER E 451 -19.24 29.30 52.72
CA SER E 451 -18.52 30.54 52.98
C SER E 451 -17.02 30.39 52.96
N SER E 452 -16.54 29.17 52.80
CA SER E 452 -15.11 28.99 52.81
C SER E 452 -14.52 28.99 51.41
N ALA E 453 -15.38 29.21 50.42
CA ALA E 453 -14.92 29.20 49.06
C ALA E 453 -13.89 30.28 48.82
N LEU E 454 -14.07 31.48 49.37
CA LEU E 454 -13.14 32.58 49.12
C LEU E 454 -11.73 32.20 49.58
N VAL E 455 -11.64 31.58 50.74
CA VAL E 455 -10.36 31.07 51.17
C VAL E 455 -9.95 29.95 50.24
N GLY E 456 -10.89 29.09 49.85
CA GLY E 456 -10.54 27.93 49.06
C GLY E 456 -9.85 28.22 47.74
N ALA E 457 -10.24 29.29 47.06
CA ALA E 457 -9.59 29.65 45.81
C ALA E 457 -8.55 30.71 46.01
N ALA E 458 -8.41 31.18 47.24
CA ALA E 458 -7.46 32.24 47.46
C ALA E 458 -6.05 31.81 47.16
N VAL E 459 -5.70 30.60 47.55
CA VAL E 459 -4.35 30.18 47.32
C VAL E 459 -3.94 30.02 45.85
N ILE E 460 -4.84 29.64 44.97
CA ILE E 460 -4.38 29.37 43.62
C ILE E 460 -4.09 30.66 42.87
N VAL E 461 -4.86 31.72 43.14
CA VAL E 461 -4.62 33.03 42.55
C VAL E 461 -3.23 33.53 42.87
N LEU E 462 -2.64 33.08 43.98
CA LEU E 462 -1.25 33.38 44.27
C LEU E 462 -0.31 32.26 43.87
N LEU E 463 -0.82 31.03 43.71
CA LEU E 463 0.03 29.96 43.21
C LEU E 463 0.52 30.26 41.80
N ALA E 464 -0.36 30.77 40.94
CA ALA E 464 0.08 31.08 39.57
C ALA E 464 1.23 32.08 39.50
N PRO E 465 1.24 33.18 40.25
CA PRO E 465 2.42 34.06 40.26
C PRO E 465 3.69 33.36 40.65
N ILE E 466 3.63 32.21 41.33
CA ILE E 466 4.85 31.48 41.62
C ILE E 466 5.49 30.98 40.32
N GLN E 467 4.68 30.41 39.43
CA GLN E 467 5.20 30.03 38.13
C GLN E 467 5.65 31.25 37.34
N TYR E 468 4.86 32.33 37.38
CA TYR E 468 5.26 33.53 36.66
C TYR E 468 6.58 34.08 37.17
N PHE E 469 6.91 33.83 38.43
CA PHE E 469 8.18 34.28 38.95
C PHE E 469 9.32 33.32 38.63
N ILE E 470 9.06 32.01 38.65
CA ILE E 470 10.14 31.09 38.32
C ILE E 470 10.56 31.19 36.86
N ALA E 471 9.63 31.60 35.98
CA ALA E 471 9.94 31.60 34.56
C ALA E 471 11.14 32.49 34.24
N THR E 472 11.16 33.70 34.80
CA THR E 472 12.20 34.68 34.45
C THR E 472 13.58 34.22 34.90
N LYS E 473 13.70 33.74 36.13
CA LYS E 473 15.00 33.27 36.59
C LYS E 473 15.48 32.07 35.78
N LEU E 474 14.57 31.15 35.45
CA LEU E 474 14.97 30.01 34.63
C LEU E 474 15.45 30.49 33.26
N ALA E 475 14.77 31.48 32.68
CA ALA E 475 15.18 32.00 31.39
C ALA E 475 16.56 32.65 31.46
N GLU E 476 16.84 33.41 32.52
CA GLU E 476 18.15 34.02 32.64
C GLU E 476 19.24 32.96 32.71
N ALA E 477 19.00 31.91 33.49
CA ALA E 477 19.98 30.84 33.58
C ALA E 477 20.17 30.17 32.22
N GLN E 478 19.07 29.94 31.50
CA GLN E 478 19.15 29.32 30.18
C GLN E 478 19.95 30.18 29.22
N LYS E 479 19.76 31.50 29.27
CA LYS E 479 20.54 32.38 28.40
C LYS E 479 22.03 32.31 28.69
N SER E 480 22.38 32.35 29.98
CA SER E 480 23.80 32.24 30.32
C SER E 480 24.36 30.90 29.86
N THR E 481 23.60 29.83 30.06
CA THR E 481 24.02 28.51 29.62
C THR E 481 24.20 28.47 28.11
N LEU E 482 23.29 29.12 27.38
CA LEU E 482 23.39 29.15 25.92
C LEU E 482 24.67 29.86 25.47
N ASP E 483 25.01 30.97 26.11
CA ASP E 483 26.23 31.67 25.72
C ASP E 483 27.45 30.79 26.01
N TYR E 484 27.46 30.13 27.18
CA TYR E 484 28.55 29.21 27.49
C TYR E 484 28.60 28.07 26.48
N SER E 485 27.43 27.58 26.05
CA SER E 485 27.37 26.53 25.05
C SER E 485 27.91 27.01 23.72
N THR E 486 27.66 28.27 23.39
CA THR E 486 28.21 28.85 22.17
C THR E 486 29.72 28.85 22.24
N GLU E 487 30.26 29.23 23.40
CA GLU E 487 31.70 29.18 23.58
C GLU E 487 32.21 27.75 23.41
N ARG E 488 31.52 26.77 24.01
CA ARG E 488 31.93 25.38 23.86
C ARG E 488 31.90 24.94 22.41
N LEU E 489 30.85 25.32 21.68
CA LEU E 489 30.74 24.92 20.28
C LEU E 489 31.84 25.53 19.45
N LYS E 490 32.14 26.82 19.67
CA LYS E 490 33.23 27.47 18.94
C LYS E 490 34.56 26.79 19.23
N LYS E 491 34.81 26.49 20.51
CA LYS E 491 36.06 25.83 20.86
C LYS E 491 36.14 24.46 20.21
N THR E 492 35.01 23.72 20.19
CA THR E 492 34.99 22.41 19.56
C THR E 492 35.21 22.52 18.05
N ASN E 493 34.64 23.55 17.43
CA ASN E 493 34.87 23.78 16.01
C ASN E 493 36.35 24.01 15.74
N GLU E 494 36.99 24.87 16.54
CA GLU E 494 38.43 25.08 16.36
C GLU E 494 39.20 23.78 16.54
N ILE E 495 38.80 22.98 17.53
CA ILE E 495 39.55 21.75 17.79
C ILE E 495 39.41 20.80 16.61
N LEU E 496 38.20 20.62 16.10
CA LEU E 496 38.05 19.66 15.03
C LEU E 496 38.60 20.24 13.72
N LYS E 497 38.78 21.56 13.67
CA LYS E 497 39.32 22.25 12.50
C LYS E 497 40.79 21.96 12.31
N GLY E 498 41.43 21.33 13.28
CA GLY E 498 42.84 21.01 13.27
C GLY E 498 43.03 19.52 13.33
N ILE E 499 42.21 18.81 12.56
CA ILE E 499 42.17 17.35 12.67
C ILE E 499 43.50 16.75 12.23
N LYS E 500 44.06 17.22 11.11
CA LYS E 500 45.31 16.65 10.64
C LYS E 500 46.49 17.06 11.52
N LEU E 501 46.40 18.23 12.17
CA LEU E 501 47.47 18.64 13.06
C LEU E 501 47.44 17.83 14.36
N LEU E 502 46.26 17.66 14.93
CA LEU E 502 46.11 17.01 16.22
C LEU E 502 45.97 15.48 16.12
N LYS E 503 45.88 14.93 14.90
CA LYS E 503 45.59 13.50 14.78
C LYS E 503 46.66 12.63 15.39
N LEU E 504 47.93 13.04 15.30
CA LEU E 504 49.01 12.28 15.90
C LEU E 504 50.04 13.13 16.63
N TYR E 505 50.00 14.46 16.51
CA TYR E 505 51.08 15.28 17.06
C TYR E 505 51.04 15.27 18.58
N ALA E 506 52.00 15.99 19.17
CA ALA E 506 52.17 16.00 20.61
C ALA E 506 51.09 16.76 21.33
N TRP E 507 50.09 17.26 20.61
CA TRP E 507 48.92 17.93 21.16
C TRP E 507 47.67 17.23 20.64
N GLU E 508 47.68 15.89 20.71
CA GLU E 508 46.61 15.07 20.16
C GLU E 508 45.40 15.05 21.08
N HIS E 509 45.60 14.64 22.34
CA HIS E 509 44.54 14.69 23.33
C HIS E 509 44.51 16.02 24.05
N ILE E 510 45.59 16.79 23.94
CA ILE E 510 45.73 18.06 24.63
C ILE E 510 44.68 19.05 24.15
N PHE E 511 44.34 19.02 22.86
CA PHE E 511 43.44 20.01 22.31
C PHE E 511 42.06 20.00 22.94
N CYS E 512 41.65 18.92 23.59
CA CYS E 512 40.34 18.88 24.22
C CYS E 512 40.37 19.29 25.68
N LYS E 513 41.55 19.53 26.25
CA LYS E 513 41.68 19.70 27.70
C LYS E 513 40.76 20.77 28.26
N SER E 514 41.00 22.03 27.91
CA SER E 514 40.12 23.11 28.35
C SER E 514 38.67 22.83 27.94
N VAL E 515 38.49 22.26 26.76
CA VAL E 515 37.14 21.93 26.29
C VAL E 515 36.41 21.06 27.30
N GLU E 516 37.08 20.03 27.83
CA GLU E 516 36.45 19.23 28.86
C GLU E 516 36.02 20.09 30.05
N GLU E 517 36.95 20.89 30.58
CA GLU E 517 36.56 21.82 31.65
C GLU E 517 35.42 22.71 31.17
N THR E 518 35.51 23.18 29.92
CA THR E 518 34.44 23.96 29.31
C THR E 518 33.10 23.27 29.51
N ARG E 519 33.02 22.00 29.09
CA ARG E 519 31.79 21.24 29.27
C ARG E 519 31.38 21.28 30.72
N MET E 520 32.32 20.92 31.60
CA MET E 520 32.04 20.96 33.03
C MET E 520 31.59 22.36 33.42
N LYS E 521 32.31 23.38 32.95
CA LYS E 521 31.88 24.74 33.24
C LYS E 521 30.45 24.96 32.77
N GLU E 522 30.18 24.65 31.50
CA GLU E 522 28.81 24.82 31.03
C GLU E 522 27.86 23.91 31.78
N LEU E 523 28.31 22.70 32.13
CA LEU E 523 27.44 21.78 32.86
C LEU E 523 26.93 22.43 34.13
N SER E 524 27.78 23.22 34.79
CA SER E 524 27.37 23.82 36.05
C SER E 524 26.18 24.72 35.84
N SER E 525 26.21 25.53 34.79
CA SER E 525 25.08 26.40 34.51
C SER E 525 23.83 25.57 34.29
N LEU E 526 23.97 24.46 33.58
CA LEU E 526 22.80 23.62 33.35
C LEU E 526 22.18 23.20 34.66
N LYS E 527 23.01 22.83 35.64
CA LYS E 527 22.45 22.39 36.91
C LYS E 527 21.57 23.48 37.50
N THR E 528 22.06 24.72 37.46
CA THR E 528 21.27 25.82 38.02
C THR E 528 19.92 25.90 37.32
N PHE E 529 19.94 25.83 35.98
CA PHE E 529 18.68 25.92 35.25
C PHE E 529 17.76 24.80 35.67
N ALA E 530 18.30 23.60 35.78
CA ALA E 530 17.46 22.46 36.10
C ALA E 530 16.71 22.71 37.39
N LEU E 531 17.36 23.38 38.35
CA LEU E 531 16.75 23.56 39.64
C LEU E 531 15.42 24.27 39.50
N TYR E 532 15.41 25.40 38.80
CA TYR E 532 14.14 26.12 38.71
C TYR E 532 13.10 25.28 38.01
N THR E 533 13.49 24.58 36.94
CA THR E 533 12.48 23.81 36.23
C THR E 533 11.85 22.79 37.15
N SER E 534 12.68 22.09 37.93
CA SER E 534 12.09 21.09 38.82
C SER E 534 11.19 21.78 39.83
N LEU E 535 11.67 22.89 40.37
CA LEU E 535 10.86 23.61 41.34
C LEU E 535 9.57 24.05 40.71
N SER E 536 9.62 24.55 39.48
CA SER E 536 8.39 25.02 38.87
C SER E 536 7.37 23.89 38.76
N ILE E 537 7.83 22.69 38.42
CA ILE E 537 6.88 21.59 38.32
C ILE E 537 6.24 21.35 39.68
N PHE E 538 7.04 21.36 40.74
CA PHE E 538 6.48 21.19 42.06
C PHE E 538 5.47 22.29 42.36
N MET E 539 5.81 23.52 41.99
CA MET E 539 4.86 24.61 42.20
C MET E 539 3.57 24.33 41.45
N ASN E 540 3.67 23.79 40.24
CA ASN E 540 2.49 23.45 39.46
C ASN E 540 1.88 22.12 39.84
N ALA E 541 2.56 21.29 40.64
CA ALA E 541 2.02 19.99 40.97
C ALA E 541 1.60 19.88 42.43
N ALA E 542 1.72 20.93 43.20
CA ALA E 542 1.39 20.75 44.60
C ALA E 542 0.43 21.82 45.09
N ILE E 543 0.59 23.06 44.64
CA ILE E 543 -0.13 24.19 45.23
C ILE E 543 -1.62 23.86 45.19
N PRO E 544 -2.18 23.35 44.07
CA PRO E 544 -3.61 23.01 44.05
C PRO E 544 -3.99 22.08 45.19
N ILE E 545 -3.39 20.89 45.23
CA ILE E 545 -3.68 19.94 46.29
C ILE E 545 -3.60 20.62 47.64
N ALA E 546 -2.44 21.19 47.96
CA ALA E 546 -2.26 21.94 49.19
C ALA E 546 -3.45 22.89 49.40
N ALA E 547 -3.70 23.72 48.39
CA ALA E 547 -4.75 24.72 48.48
C ALA E 547 -6.08 24.11 48.87
N VAL E 548 -6.47 23.00 48.22
CA VAL E 548 -7.79 22.47 48.47
C VAL E 548 -7.90 22.01 49.92
N LEU E 549 -6.81 21.47 50.48
CA LEU E 549 -6.83 21.11 51.89
C LEU E 549 -7.22 22.30 52.75
N ALA E 550 -6.65 23.46 52.45
CA ALA E 550 -7.00 24.69 53.17
C ALA E 550 -8.50 24.92 53.20
N THR E 551 -9.16 24.78 52.05
CA THR E 551 -10.60 25.01 52.02
C THR E 551 -11.33 24.09 52.99
N PHE E 552 -10.97 22.80 53.02
CA PHE E 552 -11.65 21.93 53.96
C PHE E 552 -11.30 22.29 55.40
N VAL E 553 -10.10 22.83 55.62
CA VAL E 553 -9.81 23.41 56.93
C VAL E 553 -10.76 24.56 57.22
N THR E 554 -10.93 25.45 56.23
CA THR E 554 -11.92 26.50 56.39
C THR E 554 -13.34 25.93 56.38
N HIS E 555 -13.48 24.65 56.04
CA HIS E 555 -14.75 23.97 56.24
C HIS E 555 -15.16 23.99 57.71
N ALA E 556 -14.19 23.95 58.62
CA ALA E 556 -14.51 24.07 60.03
C ALA E 556 -14.98 25.47 60.39
N TYR E 557 -14.85 26.43 59.47
CA TYR E 557 -15.40 27.77 59.59
C TYR E 557 -16.82 27.87 59.05
N ALA E 558 -17.41 26.76 58.61
CA ALA E 558 -18.79 26.77 58.16
C ALA E 558 -19.76 26.34 59.25
N SER E 559 -19.32 25.50 60.20
CA SER E 559 -20.13 25.07 61.35
C SER E 559 -21.45 24.43 60.93
N GLY E 560 -21.58 24.02 59.68
CA GLY E 560 -22.79 23.36 59.23
C GLY E 560 -22.89 21.97 59.80
N ASN E 561 -23.95 21.25 59.38
CA ASN E 561 -24.19 19.92 59.90
C ASN E 561 -22.99 19.01 59.67
N ASN E 562 -22.54 18.91 58.42
CA ASN E 562 -21.39 18.09 58.09
C ASN E 562 -20.96 18.44 56.68
N LEU E 563 -19.99 17.69 56.15
CA LEU E 563 -19.52 17.85 54.79
C LEU E 563 -20.44 17.08 53.86
N LYS E 564 -21.46 17.74 53.35
CA LYS E 564 -22.38 17.07 52.45
C LYS E 564 -21.61 16.59 51.21
N PRO E 565 -21.63 15.29 50.91
CA PRO E 565 -20.90 14.83 49.72
C PRO E 565 -21.38 15.48 48.44
N ALA E 566 -22.57 16.08 48.44
CA ALA E 566 -23.02 16.87 47.32
C ALA E 566 -22.61 18.34 47.47
N GLU E 567 -21.75 18.64 48.43
CA GLU E 567 -21.26 19.98 48.66
C GLU E 567 -19.79 20.13 48.36
N ALA E 568 -19.00 19.07 48.54
CA ALA E 568 -17.55 19.13 48.37
C ALA E 568 -17.06 18.45 47.11
N PHE E 569 -17.80 17.48 46.57
CA PHE E 569 -17.40 16.87 45.31
C PHE E 569 -17.38 17.92 44.18
N ALA E 570 -18.41 18.74 44.09
CA ALA E 570 -18.40 19.79 43.08
C ALA E 570 -17.35 20.83 43.36
N SER E 571 -17.05 21.09 44.62
CA SER E 571 -15.96 22.00 44.95
C SER E 571 -14.64 21.46 44.43
N LEU E 572 -14.39 20.17 44.64
CA LEU E 572 -13.17 19.57 44.12
C LEU E 572 -13.15 19.59 42.60
N SER E 573 -14.30 19.40 41.96
CA SER E 573 -14.33 19.49 40.51
C SER E 573 -13.98 20.89 40.02
N LEU E 574 -14.54 21.91 40.66
CA LEU E 574 -14.19 23.28 40.30
C LEU E 574 -12.71 23.54 40.52
N PHE E 575 -12.17 23.05 41.63
CA PHE E 575 -10.74 23.25 41.85
C PHE E 575 -9.91 22.57 40.78
N HIS E 576 -10.27 21.36 40.39
CA HIS E 576 -9.49 20.68 39.37
C HIS E 576 -9.72 21.21 37.96
N ILE E 577 -10.78 21.97 37.72
CA ILE E 577 -10.99 22.56 36.40
C ILE E 577 -10.37 23.95 36.30
N LEU E 578 -10.48 24.74 37.36
CA LEU E 578 -9.96 26.09 37.36
C LEU E 578 -8.46 26.13 37.09
N VAL E 579 -7.73 25.10 37.50
CA VAL E 579 -6.28 25.17 37.53
C VAL E 579 -5.66 25.12 36.14
N THR E 580 -6.46 24.94 35.11
CA THR E 580 -5.90 24.73 33.78
C THR E 580 -5.40 26.00 33.08
N PRO E 581 -6.22 27.02 32.86
CA PRO E 581 -5.76 28.16 32.04
C PRO E 581 -4.67 28.99 32.66
N LEU E 582 -4.29 28.70 33.91
CA LEU E 582 -3.27 29.48 34.59
C LEU E 582 -1.91 29.37 33.92
N PHE E 583 -1.55 28.18 33.46
CA PHE E 583 -0.28 28.01 32.76
C PHE E 583 -0.28 28.79 31.45
N LEU E 584 -1.41 28.78 30.75
CA LEU E 584 -1.56 29.59 29.55
C LEU E 584 -1.37 31.07 29.85
N LEU E 585 -1.96 31.54 30.94
CA LEU E 585 -1.81 32.94 31.31
C LEU E 585 -0.35 33.27 31.59
N SER E 586 0.34 32.41 32.33
CA SER E 586 1.73 32.67 32.63
C SER E 586 2.58 32.71 31.37
N THR E 587 2.33 31.81 30.41
CA THR E 587 3.05 31.88 29.14
C THR E 587 2.73 33.15 28.37
N VAL E 588 1.47 33.56 28.34
CA VAL E 588 1.11 34.78 27.63
C VAL E 588 1.84 35.97 28.24
N VAL E 589 2.10 35.90 29.54
CA VAL E 589 2.81 36.99 30.23
C VAL E 589 4.13 37.28 29.54
N ARG E 590 4.88 36.25 29.18
CA ARG E 590 6.13 36.44 28.45
C ARG E 590 5.90 36.69 26.97
N PHE E 591 4.86 36.09 26.41
CA PHE E 591 4.64 36.21 24.98
C PHE E 591 4.37 37.65 24.61
N ALA E 592 3.65 38.38 25.46
CA ALA E 592 3.37 39.78 25.17
C ALA E 592 4.65 40.58 25.08
N VAL E 593 5.58 40.34 26.00
CA VAL E 593 6.86 41.04 25.94
C VAL E 593 7.58 40.70 24.65
N LYS E 594 7.56 39.42 24.27
CA LYS E 594 8.22 39.02 23.02
C LYS E 594 7.62 39.75 21.83
N ALA E 595 6.29 39.83 21.77
CA ALA E 595 5.62 40.50 20.66
C ALA E 595 5.97 41.99 20.63
N ILE E 596 6.01 42.62 21.81
CA ILE E 596 6.34 44.05 21.88
C ILE E 596 7.76 44.29 21.37
N ILE E 597 8.70 43.45 21.81
CA ILE E 597 10.08 43.56 21.33
C ILE E 597 10.13 43.38 19.82
N SER E 598 9.38 42.41 19.30
CA SER E 598 9.39 42.15 17.87
C SER E 598 8.87 43.35 17.09
N VAL E 599 7.79 43.96 17.56
CA VAL E 599 7.21 45.08 16.84
C VAL E 599 8.16 46.27 16.90
N GLN E 600 8.84 46.45 18.04
CA GLN E 600 9.82 47.53 18.13
C GLN E 600 10.96 47.34 17.14
N LYS E 601 11.46 46.11 17.02
CA LYS E 601 12.52 45.86 16.04
C LYS E 601 12.05 46.14 14.62
N LEU E 602 10.83 45.71 14.29
CA LEU E 602 10.30 45.97 12.95
C LEU E 602 10.15 47.45 12.71
N ASN E 603 9.69 48.19 13.72
CA ASN E 603 9.52 49.63 13.59
C ASN E 603 10.87 50.29 13.33
N GLU E 604 11.89 49.86 14.06
CA GLU E 604 13.22 50.42 13.86
C GLU E 604 13.69 50.18 12.43
N PHE E 605 13.48 48.97 11.92
CA PHE E 605 13.91 48.69 10.55
C PHE E 605 13.18 49.56 9.53
N LEU E 606 11.85 49.60 9.62
CA LEU E 606 11.12 50.42 8.65
C LEU E 606 11.26 51.91 8.88
N LEU E 607 11.95 52.35 9.94
CA LEU E 607 12.24 53.77 10.09
C LEU E 607 13.73 54.06 10.12
N SER E 608 14.55 53.16 9.56
CA SER E 608 16.00 53.33 9.51
C SER E 608 16.42 53.23 8.06
N ASP E 609 16.31 54.34 7.33
CA ASP E 609 16.72 54.44 5.92
C ASP E 609 16.01 53.39 5.05
N GLU E 610 14.95 52.78 5.58
CA GLU E 610 14.14 51.89 4.74
C GLU E 610 13.19 52.66 3.85
N ILE E 611 13.00 53.94 4.10
CA ILE E 611 12.25 54.85 3.24
C ILE E 611 13.13 56.03 2.91
N GLY E 612 13.21 56.37 1.62
CA GLY E 612 14.07 57.44 1.14
C GLY E 612 15.35 56.97 0.50
N GLU E 613 15.73 55.70 0.71
CA GLU E 613 16.88 55.16 0.02
C GLU E 613 16.60 54.81 -1.43
N ASP E 614 15.32 54.79 -1.85
CA ASP E 614 15.01 54.61 -3.27
C ASP E 614 13.82 55.53 -3.60
N SER E 615 14.13 56.76 -4.01
CA SER E 615 13.13 57.77 -4.30
C SER E 615 12.35 57.34 -5.53
N TRP E 616 11.12 57.83 -5.65
CA TRP E 616 10.29 57.54 -6.81
C TRP E 616 10.28 58.70 -7.81
N GLU E 664 22.68 56.44 -28.87
CA GLU E 664 22.45 55.05 -28.49
C GLU E 664 21.79 54.96 -27.11
N ASP E 665 20.57 55.48 -27.00
CA ASP E 665 19.80 55.48 -25.76
C ASP E 665 20.58 56.16 -24.63
N VAL E 666 20.86 57.46 -24.84
CA VAL E 666 21.60 58.27 -23.88
C VAL E 666 20.60 58.95 -22.96
N ALA E 667 21.04 59.23 -21.73
CA ALA E 667 20.13 59.69 -20.70
C ALA E 667 20.64 60.89 -19.92
N ILE E 668 21.96 61.04 -19.83
CA ILE E 668 22.56 61.90 -18.82
C ILE E 668 22.88 63.24 -19.45
N LYS E 669 22.18 64.28 -19.00
CA LYS E 669 22.65 65.66 -19.18
C LYS E 669 22.29 66.37 -17.89
N VAL E 670 22.92 65.95 -16.81
CA VAL E 670 22.54 66.47 -15.50
C VAL E 670 23.63 67.19 -14.75
N THR E 671 23.43 68.48 -14.53
CA THR E 671 24.40 69.35 -13.86
C THR E 671 24.68 69.00 -12.41
N ASN E 672 23.73 68.35 -11.73
CA ASN E 672 23.86 68.04 -10.30
C ASN E 672 25.14 67.31 -10.02
N GLY E 673 25.90 67.91 -9.12
CA GLY E 673 27.22 67.47 -8.70
C GLY E 673 27.50 66.18 -7.96
N TYR E 674 26.66 65.83 -7.02
CA TYR E 674 26.99 64.68 -6.24
C TYR E 674 27.01 63.34 -6.96
N PHE E 675 28.19 62.74 -6.85
CA PHE E 675 28.54 61.40 -7.32
C PHE E 675 29.34 60.93 -6.12
N SER E 676 28.62 60.83 -4.99
CA SER E 676 29.15 60.44 -3.70
C SER E 676 28.28 59.33 -3.11
N TRP E 677 28.91 58.44 -2.36
CA TRP E 677 28.21 57.29 -1.78
C TRP E 677 27.26 57.53 -0.60
N GLY E 678 26.26 56.67 -0.53
CA GLY E 678 25.28 56.70 0.53
C GLY E 678 24.65 58.06 0.59
N SER E 679 24.61 58.59 1.81
CA SER E 679 24.07 59.90 2.11
C SER E 679 25.23 60.83 2.46
N GLY E 680 26.41 60.47 1.92
CA GLY E 680 27.68 61.17 2.08
C GLY E 680 27.73 62.64 1.74
N LEU E 681 28.81 63.27 2.15
CA LEU E 681 28.91 64.71 1.96
C LEU E 681 29.67 65.29 0.76
N ALA E 682 28.98 66.15 0.03
CA ALA E 682 29.54 66.89 -1.08
C ALA E 682 30.35 66.18 -2.16
N THR E 683 31.51 66.75 -2.45
CA THR E 683 32.44 66.39 -3.53
C THR E 683 31.83 66.58 -4.94
N LEU E 684 31.04 67.65 -5.11
CA LEU E 684 30.35 68.01 -6.37
C LEU E 684 30.91 69.16 -7.22
N SER E 685 31.67 68.87 -8.29
CA SER E 685 32.24 69.94 -9.15
C SER E 685 32.09 69.74 -10.66
N ASN E 686 31.36 70.65 -11.32
CA ASN E 686 31.13 70.63 -12.77
C ASN E 686 30.57 69.29 -13.28
N ILE E 687 29.66 68.70 -12.54
CA ILE E 687 29.16 67.40 -12.93
C ILE E 687 28.27 67.34 -14.11
N ASP E 688 28.63 66.41 -14.99
CA ASP E 688 27.91 66.05 -16.19
C ASP E 688 28.55 64.77 -16.74
N ILE E 689 27.85 64.06 -17.59
CA ILE E 689 28.44 62.90 -18.22
C ILE E 689 27.69 62.63 -19.48
N ARG E 690 28.36 61.95 -20.40
CA ARG E 690 27.77 61.61 -21.66
C ARG E 690 28.71 60.58 -22.23
N ILE E 691 28.20 59.44 -22.62
CA ILE E 691 29.13 58.44 -23.16
C ILE E 691 28.44 57.70 -24.29
N PRO E 692 28.95 57.77 -25.52
CA PRO E 692 28.55 56.78 -26.53
C PRO E 692 29.01 55.40 -26.11
N THR E 693 28.06 54.46 -26.08
CA THR E 693 28.32 53.12 -25.57
C THR E 693 29.26 52.37 -26.51
N GLY E 694 29.61 51.15 -26.10
CA GLY E 694 30.60 50.37 -26.82
C GLY E 694 31.97 50.99 -26.74
N GLN E 695 32.21 51.76 -25.67
CA GLN E 695 33.46 52.47 -25.45
C GLN E 695 33.98 52.12 -24.06
N LEU E 696 35.27 51.80 -24.00
CA LEU E 696 35.85 51.22 -22.79
C LEU E 696 36.47 52.31 -21.92
N THR E 697 35.60 53.20 -21.44
CA THR E 697 35.99 54.32 -20.59
C THR E 697 36.28 53.82 -19.18
N MET E 698 37.49 54.01 -18.70
CA MET E 698 37.92 53.48 -17.42
C MET E 698 38.67 54.56 -16.67
N ILE E 699 38.11 55.04 -15.57
CA ILE E 699 38.75 56.07 -14.75
C ILE E 699 39.78 55.35 -13.89
N VAL E 700 40.99 55.23 -14.43
CA VAL E 700 42.04 54.46 -13.77
C VAL E 700 42.58 55.26 -12.59
N GLY E 701 42.14 54.91 -11.38
CA GLY E 701 42.63 55.55 -10.17
C GLY E 701 42.01 55.03 -8.89
N GLN E 702 42.84 54.72 -7.90
CA GLN E 702 42.40 54.12 -6.65
C GLN E 702 42.45 55.07 -5.45
N VAL E 703 43.13 56.21 -5.56
CA VAL E 703 43.30 57.15 -4.47
C VAL E 703 42.37 58.32 -4.72
N GLY E 704 41.51 58.63 -3.75
CA GLY E 704 40.34 59.41 -4.08
C GLY E 704 39.52 58.73 -5.15
N CYS E 705 39.42 57.40 -5.10
CA CYS E 705 38.92 56.64 -6.24
C CYS E 705 37.47 56.96 -6.56
N GLY E 706 36.54 56.60 -5.69
CA GLY E 706 35.15 56.71 -6.05
C GLY E 706 34.65 55.69 -7.04
N LYS E 707 35.40 54.60 -7.27
CA LYS E 707 35.05 53.64 -8.31
C LYS E 707 33.69 53.00 -8.09
N SER E 708 33.31 52.79 -6.82
CA SER E 708 32.02 52.17 -6.52
C SER E 708 30.89 53.20 -6.57
N SER E 709 31.15 54.41 -6.09
CA SER E 709 30.09 55.41 -6.14
C SER E 709 29.79 55.77 -7.59
N LEU E 710 30.83 55.99 -8.38
CA LEU E 710 30.63 56.30 -9.80
C LEU E 710 30.01 55.12 -10.55
N LEU E 711 30.49 53.90 -10.30
CA LEU E 711 29.93 52.77 -11.03
C LEU E 711 28.45 52.57 -10.72
N LEU E 712 28.05 52.67 -9.45
CA LEU E 712 26.65 52.54 -9.11
C LEU E 712 25.83 53.74 -9.58
N ALA E 713 26.41 54.94 -9.59
CA ALA E 713 25.67 56.14 -9.93
C ALA E 713 25.52 56.34 -11.42
N ILE E 714 26.32 55.67 -12.25
CA ILE E 714 26.18 55.86 -13.69
C ILE E 714 24.83 55.34 -14.14
N LEU E 715 24.41 54.19 -13.59
CA LEU E 715 23.08 53.66 -13.85
C LEU E 715 22.00 54.31 -13.00
N GLY E 716 22.38 55.27 -12.15
CA GLY E 716 21.43 56.01 -11.33
C GLY E 716 21.11 55.39 -9.99
N GLU E 717 21.50 54.13 -9.76
CA GLU E 717 21.13 53.46 -8.53
C GLU E 717 21.75 54.07 -7.28
N MET E 718 22.71 54.98 -7.44
CA MET E 718 23.29 55.70 -6.31
C MET E 718 22.67 57.09 -6.25
N GLN E 719 22.63 57.66 -5.04
CA GLN E 719 21.92 58.92 -4.80
C GLN E 719 22.76 60.08 -5.33
N THR E 720 22.97 60.06 -6.65
CA THR E 720 23.69 61.10 -7.36
C THR E 720 22.83 61.80 -8.41
N LEU E 721 21.54 61.47 -8.49
CA LEU E 721 20.63 62.02 -9.49
C LEU E 721 20.13 63.40 -9.13
N GLU E 722 20.65 63.99 -8.05
CA GLU E 722 20.23 65.32 -7.63
C GLU E 722 20.55 66.35 -8.70
N GLY E 723 19.71 67.38 -8.79
CA GLY E 723 19.82 68.34 -9.86
C GLY E 723 18.74 68.10 -10.90
N LYS E 724 19.08 68.26 -12.18
CA LYS E 724 18.13 68.08 -13.26
C LYS E 724 18.56 66.89 -14.11
N VAL E 725 17.61 66.02 -14.43
CA VAL E 725 17.86 64.84 -15.24
C VAL E 725 17.19 65.06 -16.60
N TYR E 726 17.98 65.39 -17.61
CA TYR E 726 17.51 65.62 -18.95
C TYR E 726 18.10 64.59 -19.90
N TRP E 727 17.22 63.90 -20.62
CA TRP E 727 17.58 62.81 -21.49
C TRP E 727 16.94 63.03 -22.86
N ASN E 728 17.10 62.03 -23.73
CA ASN E 728 16.41 62.02 -24.99
C ASN E 728 14.91 61.83 -24.77
N ASN E 729 14.15 61.96 -25.86
CA ASN E 729 12.70 61.85 -25.73
C ASN E 729 12.24 60.43 -25.46
N VAL E 730 13.07 59.41 -25.66
CA VAL E 730 12.65 58.02 -25.49
C VAL E 730 13.88 57.15 -25.42
N ASN E 731 13.71 55.94 -24.90
CA ASN E 731 14.80 54.98 -24.81
C ASN E 731 15.18 54.39 -26.16
N GLU E 732 14.40 54.66 -27.20
CA GLU E 732 14.70 54.14 -28.53
C GLU E 732 14.08 55.01 -29.60
N ARG E 741 9.80 56.36 -15.11
CA ARG E 741 10.96 57.07 -15.62
C ARG E 741 12.21 56.70 -14.84
N SER E 742 12.83 55.58 -15.21
CA SER E 742 14.01 55.07 -14.50
C SER E 742 15.31 55.54 -15.15
N ARG E 743 15.43 56.84 -15.44
CA ARG E 743 16.66 57.49 -15.91
C ARG E 743 17.16 56.93 -17.24
N SER E 744 16.26 56.38 -18.06
CA SER E 744 16.57 55.92 -19.42
C SER E 744 17.80 55.00 -19.44
N ARG E 745 17.83 54.07 -18.47
CA ARG E 745 18.85 53.05 -18.37
C ARG E 745 18.25 51.70 -17.99
N TYR E 746 17.07 51.38 -18.50
CA TYR E 746 16.34 50.18 -18.10
C TYR E 746 16.96 48.88 -18.62
N SER E 747 17.95 48.94 -19.50
CA SER E 747 18.51 47.76 -20.16
C SER E 747 19.79 47.28 -19.51
N VAL E 748 19.88 47.40 -18.19
CA VAL E 748 21.17 47.25 -17.52
C VAL E 748 21.55 45.78 -17.36
N ALA E 749 22.83 45.58 -17.01
CA ALA E 749 23.46 44.30 -16.71
C ALA E 749 24.76 44.69 -15.97
N TYR E 750 25.23 43.86 -15.04
CA TYR E 750 26.41 44.26 -14.25
C TYR E 750 27.26 43.21 -13.58
N ALA E 751 28.34 43.70 -12.99
CA ALA E 751 29.23 42.91 -12.21
C ALA E 751 29.51 43.74 -10.96
N ALA E 752 29.69 43.06 -9.82
CA ALA E 752 29.95 43.69 -8.51
C ALA E 752 31.40 44.10 -8.21
N GLN E 753 31.62 44.82 -7.12
CA GLN E 753 32.99 45.14 -6.70
C GLN E 753 33.45 44.24 -5.49
N LYS E 754 32.67 43.18 -5.21
CA LYS E 754 32.88 42.17 -4.13
C LYS E 754 32.45 40.77 -4.61
N PRO E 755 32.92 39.69 -3.93
CA PRO E 755 32.53 38.40 -4.53
C PRO E 755 31.05 38.13 -4.41
N TRP E 756 30.40 37.98 -5.55
CA TRP E 756 28.96 37.82 -5.53
C TRP E 756 28.37 36.57 -4.94
N LEU E 757 28.83 35.41 -5.39
CA LEU E 757 28.35 34.13 -4.87
C LEU E 757 26.84 34.02 -4.71
N LEU E 758 26.08 34.26 -5.76
CA LEU E 758 24.62 34.25 -5.68
C LEU E 758 23.98 32.86 -5.51
N ASN E 759 22.66 32.82 -5.38
CA ASN E 759 21.95 31.56 -5.09
C ASN E 759 22.26 30.44 -6.06
N ALA E 760 22.34 29.26 -5.46
CA ALA E 760 22.76 28.00 -6.05
C ALA E 760 24.22 28.28 -6.43
N THR E 761 24.61 28.06 -7.65
CA THR E 761 25.99 28.34 -8.03
C THR E 761 26.00 28.82 -9.48
N VAL E 762 27.13 29.31 -9.99
CA VAL E 762 27.17 29.79 -11.39
C VAL E 762 26.80 28.70 -12.39
N GLU E 763 27.17 27.44 -12.13
CA GLU E 763 26.80 26.29 -12.94
C GLU E 763 25.28 26.18 -13.00
N GLU E 764 24.59 26.39 -11.89
CA GLU E 764 23.15 26.37 -11.90
C GLU E 764 22.60 27.78 -12.13
N ASN E 765 23.49 28.76 -12.23
CA ASN E 765 23.04 30.13 -12.44
C ASN E 765 22.76 30.28 -13.90
N ILE E 766 23.13 29.25 -14.65
CA ILE E 766 22.86 29.27 -16.07
C ILE E 766 21.47 28.72 -16.30
N THR E 767 20.46 29.50 -15.92
CA THR E 767 19.05 29.14 -16.04
C THR E 767 18.33 30.06 -17.02
N PHE E 768 19.07 30.75 -17.87
CA PHE E 768 18.46 31.70 -18.78
C PHE E 768 17.88 31.03 -20.00
N GLY E 769 16.76 30.37 -19.83
CA GLY E 769 16.12 29.68 -20.93
C GLY E 769 17.05 28.71 -21.61
N SER E 770 17.78 27.97 -20.80
CA SER E 770 18.79 27.03 -21.30
C SER E 770 18.63 25.53 -21.02
N SER E 771 17.95 24.83 -21.93
CA SER E 771 17.87 23.39 -21.79
C SER E 771 19.29 22.86 -21.99
N PHE E 772 20.00 23.37 -22.99
CA PHE E 772 21.39 23.00 -23.27
C PHE E 772 22.26 24.21 -23.71
N ASN E 773 21.93 24.76 -24.87
CA ASN E 773 22.66 25.88 -25.46
C ASN E 773 21.84 27.09 -25.94
N ARG E 774 22.32 28.28 -25.59
CA ARG E 774 21.74 29.54 -26.03
C ARG E 774 22.87 30.14 -26.84
N GLN E 775 22.65 30.47 -28.11
CA GLN E 775 23.77 30.84 -28.99
C GLN E 775 24.76 31.92 -28.56
N ARG E 776 24.31 33.00 -27.97
CA ARG E 776 25.24 34.04 -27.51
C ARG E 776 26.22 33.61 -26.38
N TYR E 777 25.79 32.79 -25.43
CA TYR E 777 26.66 32.39 -24.32
C TYR E 777 26.98 30.90 -24.22
N LYS E 778 26.17 30.04 -24.80
CA LYS E 778 26.47 28.65 -24.85
C LYS E 778 27.83 28.44 -25.40
N ALA E 779 28.20 29.17 -26.45
CA ALA E 779 29.55 28.98 -26.99
C ALA E 779 30.57 29.39 -25.93
N VAL E 780 30.35 30.56 -25.35
CA VAL E 780 31.18 30.94 -24.25
C VAL E 780 30.81 29.94 -23.14
N THR E 781 29.57 29.42 -23.13
CA THR E 781 29.21 28.43 -22.11
C THR E 781 30.03 27.13 -22.24
N ASP E 782 30.14 26.59 -23.44
CA ASP E 782 30.95 25.39 -23.65
C ASP E 782 32.46 25.62 -23.53
N ALA E 783 32.94 26.73 -24.11
CA ALA E 783 34.37 27.08 -24.15
C ALA E 783 34.97 28.32 -23.44
N CYS E 784 34.16 29.27 -22.97
CA CYS E 784 34.74 30.40 -22.25
C CYS E 784 34.55 30.19 -20.75
N SER E 785 33.40 29.56 -20.45
CA SER E 785 32.92 29.16 -19.12
C SER E 785 33.69 28.02 -18.42
N LEU E 786 34.17 27.08 -19.22
CA LEU E 786 34.94 25.99 -18.69
C LEU E 786 36.43 26.32 -18.74
N GLN E 787 36.77 27.50 -19.27
CA GLN E 787 38.16 27.96 -19.40
C GLN E 787 38.99 28.34 -18.15
N PRO E 788 38.39 29.05 -17.18
CA PRO E 788 39.06 29.49 -15.93
C PRO E 788 39.53 28.40 -14.97
N ASP E 789 38.67 27.42 -14.71
CA ASP E 789 39.00 26.29 -13.87
C ASP E 789 38.39 25.15 -14.64
N ILE E 790 39.19 24.17 -15.08
CA ILE E 790 38.61 23.12 -15.88
C ILE E 790 37.56 22.34 -15.10
N ASP E 791 37.93 22.00 -13.88
CA ASP E 791 37.07 21.30 -12.95
C ASP E 791 37.45 21.58 -11.49
N LEU E 792 36.46 21.69 -10.64
CA LEU E 792 36.73 21.91 -9.24
C LEU E 792 37.09 20.55 -8.64
N LEU E 793 37.75 20.54 -7.49
CA LEU E 793 38.17 19.27 -6.88
C LEU E 793 36.98 18.36 -6.57
N PRO E 794 35.87 18.95 -6.09
CA PRO E 794 34.65 18.21 -5.76
C PRO E 794 34.03 17.52 -6.98
N PHE E 795 33.37 16.40 -6.74
CA PHE E 795 32.75 15.58 -7.78
C PHE E 795 31.48 16.10 -8.46
N GLY E 796 31.15 15.47 -9.58
CA GLY E 796 30.01 15.80 -10.41
C GLY E 796 30.39 16.59 -11.65
N ASP E 797 31.63 17.07 -11.70
CA ASP E 797 32.18 17.82 -12.82
C ASP E 797 31.43 19.06 -13.29
N GLN E 798 31.10 19.11 -14.58
CA GLN E 798 30.41 20.26 -15.19
C GLN E 798 28.91 20.49 -15.00
N THR E 799 28.09 19.43 -15.06
CA THR E 799 26.64 19.57 -14.95
C THR E 799 26.13 19.72 -13.52
N GLU E 800 25.18 20.64 -13.37
CA GLU E 800 24.58 20.96 -12.08
C GLU E 800 25.70 21.19 -11.08
N ILE E 801 26.86 21.53 -11.64
CA ILE E 801 28.07 21.76 -10.89
C ILE E 801 27.82 22.75 -9.79
N GLY E 802 27.13 23.81 -10.15
CA GLY E 802 26.82 24.86 -9.21
C GLY E 802 25.87 24.50 -8.08
N GLU E 803 24.79 23.78 -8.39
CA GLU E 803 23.80 23.43 -7.39
C GLU E 803 24.53 22.59 -6.41
N ARG E 804 24.38 22.93 -5.14
CA ARG E 804 25.09 22.30 -4.03
C ARG E 804 26.61 22.39 -4.21
N GLY E 805 27.09 23.55 -4.67
CA GLY E 805 28.51 23.80 -4.85
C GLY E 805 28.85 24.56 -3.59
N ILE E 806 29.53 23.88 -2.70
CA ILE E 806 29.86 24.46 -1.42
C ILE E 806 30.81 25.64 -1.37
N ASN E 807 31.91 25.61 -2.11
CA ASN E 807 32.85 26.72 -1.98
C ASN E 807 33.50 27.27 -3.24
N LEU E 808 34.15 28.40 -3.07
CA LEU E 808 34.77 29.08 -4.18
C LEU E 808 36.04 29.83 -3.79
N SER E 809 36.89 30.08 -4.78
CA SER E 809 38.14 30.84 -4.65
C SER E 809 37.85 32.26 -5.07
N GLY E 810 38.61 33.22 -4.56
CA GLY E 810 38.30 34.57 -4.99
C GLY E 810 38.51 34.74 -6.48
N GLY E 811 39.55 34.10 -7.02
CA GLY E 811 39.71 34.07 -8.47
C GLY E 811 38.58 33.38 -9.18
N GLN E 812 38.18 32.20 -8.69
CA GLN E 812 37.01 31.54 -9.25
C GLN E 812 35.72 32.33 -9.04
N ARG E 813 35.60 33.04 -7.92
CA ARG E 813 34.40 33.86 -7.71
C ARG E 813 34.33 34.97 -8.75
N GLN E 814 35.44 35.67 -8.98
CA GLN E 814 35.45 36.74 -9.97
C GLN E 814 35.27 36.21 -11.39
N ARG E 815 35.88 35.06 -11.69
CA ARG E 815 35.67 34.42 -12.98
C ARG E 815 34.20 34.07 -13.19
N ILE E 816 33.55 33.52 -12.16
CA ILE E 816 32.14 33.16 -12.25
C ILE E 816 31.30 34.41 -12.43
N CYS E 817 31.65 35.49 -11.72
CA CYS E 817 30.91 36.75 -11.87
C CYS E 817 31.03 37.25 -13.30
N VAL E 818 32.23 37.24 -13.85
CA VAL E 818 32.43 37.69 -15.22
C VAL E 818 31.66 36.76 -16.17
N ALA E 819 31.57 35.49 -15.83
CA ALA E 819 30.86 34.54 -16.69
C ALA E 819 29.37 34.83 -16.67
N ARG E 820 28.82 35.12 -15.49
CA ARG E 820 27.43 35.55 -15.40
C ARG E 820 27.21 36.88 -16.11
N ALA E 821 28.26 37.70 -16.21
CA ALA E 821 28.23 38.85 -17.09
C ALA E 821 28.15 38.42 -18.55
N LEU E 822 28.81 37.31 -18.89
CA LEU E 822 28.80 36.83 -20.28
C LEU E 822 27.41 36.32 -20.65
N TYR E 823 26.87 35.37 -19.90
CA TYR E 823 25.53 34.88 -20.18
C TYR E 823 24.49 35.89 -19.69
N GLN E 824 24.40 36.98 -20.43
CA GLN E 824 23.31 37.92 -20.34
C GLN E 824 22.85 38.20 -21.76
N ASN E 825 21.61 38.65 -21.90
CA ASN E 825 21.04 38.90 -23.22
C ASN E 825 20.85 40.40 -23.41
N THR E 826 20.90 40.83 -24.67
CA THR E 826 21.03 42.24 -25.03
C THR E 826 22.24 42.85 -24.32
N ASN E 827 23.41 42.28 -24.60
CA ASN E 827 24.62 42.51 -23.81
C ASN E 827 25.07 43.96 -23.94
N ILE E 828 24.79 44.76 -22.91
CA ILE E 828 25.43 46.06 -22.71
C ILE E 828 25.96 46.07 -21.29
N VAL E 829 27.17 45.62 -21.12
CA VAL E 829 27.67 45.15 -19.83
C VAL E 829 28.18 46.36 -19.07
N PHE E 830 28.09 46.31 -17.75
CA PHE E 830 28.60 47.38 -16.91
C PHE E 830 29.50 46.75 -15.85
N LEU E 831 30.77 47.16 -15.83
CA LEU E 831 31.76 46.59 -14.94
C LEU E 831 32.31 47.69 -14.05
N ASP E 832 32.80 47.32 -12.85
CA ASP E 832 33.29 48.30 -11.87
C ASP E 832 34.64 47.87 -11.29
N ASP E 833 35.71 48.24 -12.01
CA ASP E 833 37.12 48.02 -11.66
C ASP E 833 37.38 46.72 -10.91
N PRO E 834 37.06 45.56 -11.48
CA PRO E 834 37.37 44.30 -10.78
C PRO E 834 38.76 43.77 -11.09
N PHE E 835 39.37 44.23 -12.19
CA PHE E 835 40.59 43.62 -12.68
C PHE E 835 41.84 44.34 -12.22
N SER E 836 41.75 44.97 -11.05
CA SER E 836 42.94 45.33 -10.30
C SER E 836 43.18 44.38 -9.13
N ALA E 837 42.15 43.61 -8.76
CA ALA E 837 42.23 42.55 -7.76
C ALA E 837 42.05 41.18 -8.38
N LEU E 838 41.36 41.11 -9.52
CA LEU E 838 41.20 39.85 -10.25
C LEU E 838 42.30 39.76 -11.31
N ASP E 839 43.44 40.37 -10.98
CA ASP E 839 44.56 40.43 -11.91
C ASP E 839 45.23 39.06 -12.02
N ILE E 840 44.62 38.18 -12.82
CA ILE E 840 45.16 36.85 -13.07
C ILE E 840 46.14 36.98 -14.24
N HIS E 841 47.43 37.06 -13.94
CA HIS E 841 48.45 37.20 -14.96
C HIS E 841 48.40 36.02 -15.94
N LEU E 842 48.44 36.34 -17.23
CA LEU E 842 48.37 35.37 -18.33
C LEU E 842 47.01 34.69 -18.44
N SER E 843 46.09 35.03 -17.53
CA SER E 843 44.70 34.57 -17.62
C SER E 843 43.73 35.71 -17.80
N ASP E 844 44.14 36.93 -17.47
CA ASP E 844 43.36 38.12 -17.76
C ASP E 844 43.25 38.36 -19.27
N HIS E 845 44.31 38.11 -20.03
CA HIS E 845 44.23 38.09 -21.48
C HIS E 845 43.31 36.99 -21.98
N LEU E 846 43.34 35.79 -21.38
CA LEU E 846 42.43 34.74 -21.83
C LEU E 846 40.97 35.10 -21.56
N MET E 847 40.70 35.68 -20.38
CA MET E 847 39.34 36.16 -20.09
C MET E 847 38.94 37.29 -21.02
N GLN E 848 39.87 38.18 -21.32
CA GLN E 848 39.58 39.28 -22.22
C GLN E 848 39.42 38.81 -23.66
N GLU E 849 40.00 37.67 -24.01
CA GLU E 849 39.83 37.11 -25.34
C GLU E 849 38.50 36.36 -25.43
N GLY E 850 38.10 35.68 -24.36
CA GLY E 850 36.74 35.16 -24.30
C GLY E 850 35.71 36.27 -24.46
N ILE E 851 35.92 37.37 -23.74
CA ILE E 851 35.06 38.55 -23.90
C ILE E 851 35.21 39.16 -25.30
N LEU E 852 36.38 39.00 -25.92
CA LEU E 852 36.58 39.45 -27.28
C LEU E 852 35.63 38.73 -28.23
N LYS E 853 35.75 37.41 -28.30
CA LYS E 853 34.81 36.65 -29.10
C LYS E 853 33.39 36.89 -28.62
N PHE E 854 33.23 37.34 -27.38
CA PHE E 854 31.92 37.60 -26.80
C PHE E 854 31.39 38.98 -27.19
N LEU E 855 32.21 40.01 -27.01
CA LEU E 855 31.76 41.39 -27.20
C LEU E 855 32.47 42.10 -28.34
N GLN E 856 33.77 41.89 -28.53
CA GLN E 856 34.48 42.51 -29.64
C GLN E 856 34.29 41.73 -30.93
N ASP E 857 33.75 40.51 -30.88
CA ASP E 857 33.34 39.79 -32.09
C ASP E 857 31.83 39.79 -32.28
N ASP E 858 31.09 40.60 -31.53
CA ASP E 858 29.65 40.69 -31.60
C ASP E 858 29.25 42.15 -31.84
N LYS E 859 27.94 42.39 -31.88
CA LYS E 859 27.39 43.74 -31.90
C LYS E 859 26.88 44.05 -30.48
N ARG E 860 27.78 44.53 -29.64
CA ARG E 860 27.48 44.66 -28.21
C ARG E 860 28.35 45.74 -27.57
N THR E 861 27.85 46.33 -26.49
CA THR E 861 28.60 47.31 -25.70
C THR E 861 29.24 46.65 -24.49
N VAL E 862 30.56 46.80 -24.35
CA VAL E 862 31.30 46.29 -23.20
C VAL E 862 32.13 47.44 -22.63
N VAL E 863 32.04 47.64 -21.31
CA VAL E 863 32.70 48.73 -20.64
C VAL E 863 33.37 48.20 -19.37
N LEU E 864 34.24 49.03 -18.79
CA LEU E 864 34.96 48.67 -17.58
C LEU E 864 35.68 49.89 -17.04
N VAL E 865 35.85 49.96 -15.72
CA VAL E 865 36.49 51.08 -15.03
C VAL E 865 37.76 50.60 -14.36
N THR E 866 38.43 49.63 -14.96
CA THR E 866 39.50 48.88 -14.31
C THR E 866 40.67 49.79 -13.92
N HIS E 867 41.52 49.26 -13.04
CA HIS E 867 42.68 49.99 -12.51
C HIS E 867 44.01 49.39 -12.91
N LYS E 868 44.04 48.44 -13.84
CA LYS E 868 45.30 47.86 -14.29
C LYS E 868 45.50 48.13 -15.78
N LEU E 869 46.76 48.36 -16.14
CA LEU E 869 47.12 48.67 -17.52
C LEU E 869 47.57 47.45 -18.30
N GLN E 870 47.60 46.27 -17.66
CA GLN E 870 47.88 45.05 -18.41
C GLN E 870 46.87 44.87 -19.51
N TYR E 871 45.59 45.15 -19.21
CA TYR E 871 44.57 45.31 -20.23
C TYR E 871 44.31 46.81 -20.39
N LEU E 872 45.13 47.43 -21.23
CA LEU E 872 44.94 48.81 -21.65
C LEU E 872 44.79 48.92 -23.16
N THR E 873 44.65 47.79 -23.86
CA THR E 873 44.35 47.83 -25.27
C THR E 873 42.95 48.40 -25.48
N HIS E 874 42.84 49.29 -26.47
CA HIS E 874 41.64 50.08 -26.72
C HIS E 874 41.25 50.91 -25.51
N ALA E 875 42.15 51.10 -24.55
CA ALA E 875 41.92 51.97 -23.40
C ALA E 875 42.10 53.42 -23.84
N ASP E 876 41.08 53.92 -24.56
CA ASP E 876 41.14 55.27 -25.11
C ASP E 876 40.59 56.30 -24.13
N TRP E 877 39.54 55.94 -23.41
CA TRP E 877 38.83 56.89 -22.58
C TRP E 877 39.03 56.58 -21.10
N ILE E 878 39.35 57.61 -20.32
CA ILE E 878 39.71 57.43 -18.92
C ILE E 878 39.44 58.73 -18.18
N ILE E 879 39.36 58.64 -16.86
CA ILE E 879 39.23 59.82 -16.03
C ILE E 879 40.18 59.73 -14.84
N ALA E 880 40.51 60.90 -14.32
CA ALA E 880 41.28 61.09 -13.09
C ALA E 880 40.60 62.18 -12.27
N MET E 881 39.29 62.03 -12.11
CA MET E 881 38.39 63.08 -11.66
C MET E 881 38.84 63.74 -10.36
N LYS E 882 39.15 62.94 -9.34
CA LYS E 882 39.44 63.45 -8.01
C LYS E 882 38.24 64.22 -7.43
N ASP E 883 37.16 63.46 -7.17
CA ASP E 883 35.92 63.96 -6.56
C ASP E 883 35.08 64.80 -7.53
N GLY E 884 35.04 64.41 -8.81
CA GLY E 884 34.19 65.08 -9.77
C GLY E 884 33.54 64.09 -10.70
N SER E 885 32.58 64.57 -11.47
CA SER E 885 31.92 63.74 -12.48
C SER E 885 32.79 63.65 -13.73
N VAL E 886 32.19 63.14 -14.81
CA VAL E 886 32.91 62.90 -16.05
C VAL E 886 33.29 64.24 -16.67
N LEU E 887 34.60 64.52 -16.71
CA LEU E 887 35.11 65.73 -17.32
C LEU E 887 36.35 65.47 -18.18
N ARG E 888 36.81 64.23 -18.28
CA ARG E 888 37.99 63.87 -19.06
C ARG E 888 37.60 62.85 -20.12
N GLU E 889 37.56 63.30 -21.37
CA GLU E 889 37.14 62.45 -22.48
C GLU E 889 37.68 62.99 -23.80
N GLY E 890 38.28 62.12 -24.61
CA GLY E 890 38.88 62.51 -25.86
C GLY E 890 39.14 61.28 -26.70
N THR E 891 40.20 61.35 -27.51
CA THR E 891 40.59 60.21 -28.33
C THR E 891 41.54 59.31 -27.53
N LEU E 892 42.09 58.29 -28.20
CA LEU E 892 43.01 57.38 -27.53
C LEU E 892 44.26 58.12 -27.05
N LYS E 893 44.79 59.02 -27.89
CA LYS E 893 45.99 59.76 -27.57
C LYS E 893 45.74 61.24 -27.32
N ASP E 894 44.50 61.72 -27.46
CA ASP E 894 44.24 63.14 -27.29
C ASP E 894 44.54 63.61 -25.87
N ILE E 895 44.36 62.75 -24.87
CA ILE E 895 44.71 63.17 -23.51
C ILE E 895 46.19 63.48 -23.41
N GLN E 896 47.04 62.64 -23.99
CA GLN E 896 48.48 62.93 -24.05
C GLN E 896 48.79 64.20 -24.83
N THR E 897 47.88 64.61 -25.72
CA THR E 897 48.03 65.90 -26.41
C THR E 897 48.03 67.06 -25.42
N LYS E 898 47.14 66.99 -24.42
CA LYS E 898 47.13 68.01 -23.38
C LYS E 898 48.39 67.95 -22.52
N ASP E 899 49.15 66.84 -22.62
CA ASP E 899 50.46 66.74 -22.00
C ASP E 899 50.38 66.91 -20.48
N VAL E 900 49.34 66.31 -19.88
CA VAL E 900 49.26 66.28 -18.43
C VAL E 900 50.35 65.36 -17.90
N GLU E 901 51.07 65.83 -16.87
CA GLU E 901 52.26 65.12 -16.42
C GLU E 901 51.92 63.70 -15.99
N LEU E 902 50.81 63.53 -15.26
CA LEU E 902 50.37 62.19 -14.92
C LEU E 902 50.01 61.40 -16.17
N TYR E 903 49.34 62.05 -17.12
CA TYR E 903 49.07 61.40 -18.40
C TYR E 903 50.36 61.12 -19.16
N GLU E 904 51.32 62.05 -19.13
CA GLU E 904 52.58 61.84 -19.84
C GLU E 904 53.33 60.62 -19.31
N HIS E 905 53.43 60.50 -17.98
CA HIS E 905 54.04 59.32 -17.37
C HIS E 905 53.25 58.05 -17.64
N TRP E 906 51.92 58.13 -17.58
CA TRP E 906 51.09 56.95 -17.83
C TRP E 906 51.18 56.48 -19.28
N LYS E 907 51.21 57.40 -20.25
CA LYS E 907 51.17 57.01 -21.65
C LYS E 907 52.60 56.86 -22.18
N THR E 908 53.23 55.76 -21.77
CA THR E 908 54.57 55.40 -22.21
C THR E 908 54.64 53.92 -22.52
N LEU E 909 55.68 53.53 -23.25
CA LEU E 909 55.78 52.17 -23.75
C LEU E 909 56.04 51.16 -22.62
N MET E 910 56.79 51.56 -21.60
CA MET E 910 57.34 50.60 -20.64
C MET E 910 56.24 49.97 -19.82
N ASN E 911 55.82 48.78 -20.22
CA ASN E 911 54.78 48.02 -19.55
C ASN E 911 53.51 48.85 -19.36
N ARG E 912 53.15 49.61 -20.39
CA ARG E 912 52.04 50.57 -20.31
C ARG E 912 52.20 51.52 -19.13
N GLN E 913 53.45 51.79 -18.75
CA GLN E 913 53.79 52.57 -17.57
C GLN E 913 53.21 51.95 -16.30
N ASP E 914 53.32 50.62 -16.23
CA ASP E 914 52.92 49.87 -15.04
C ASP E 914 53.67 50.38 -13.83
N GLN E 915 52.91 50.77 -12.81
CA GLN E 915 53.47 51.36 -11.60
C GLN E 915 54.34 52.58 -11.92
N GLU E 916 53.76 53.52 -12.67
CA GLU E 916 54.47 54.70 -13.16
C GLU E 916 55.74 54.35 -13.94
N LEU E 917 55.63 53.36 -14.83
CA LEU E 917 56.75 52.86 -15.63
C LEU E 917 57.93 52.43 -14.77
N GLU E 918 57.69 51.41 -13.94
CA GLU E 918 58.72 50.83 -13.09
C GLU E 918 59.79 50.15 -13.94
N ASP E 961 16.38 5.51 0.81
CA ASP E 961 17.45 4.88 1.58
C ASP E 961 16.88 3.92 2.60
N ASN E 962 17.10 2.63 2.38
CA ASN E 962 16.60 1.58 3.27
C ASN E 962 15.08 1.72 3.47
N MET E 963 14.37 1.98 2.37
CA MET E 963 12.94 2.20 2.45
C MET E 963 12.22 0.97 2.98
N SER E 964 12.66 -0.23 2.59
CA SER E 964 12.03 -1.45 3.10
C SER E 964 12.19 -1.55 4.62
N THR E 965 13.40 -1.29 5.10
CA THR E 965 13.62 -1.27 6.54
C THR E 965 12.88 -0.12 7.20
N VAL E 966 12.85 1.05 6.55
CA VAL E 966 12.14 2.18 7.15
C VAL E 966 10.67 1.84 7.31
N MET E 967 10.09 1.16 6.33
CA MET E 967 8.70 0.73 6.45
C MET E 967 8.57 -0.27 7.58
N ARG E 968 9.52 -1.20 7.69
CA ARG E 968 9.51 -2.14 8.79
C ARG E 968 9.76 -1.43 10.12
N LEU E 969 10.57 -0.37 10.08
CA LEU E 969 10.88 0.45 11.25
C LEU E 969 10.08 1.74 11.27
N ARG E 970 8.83 1.69 10.78
CA ARG E 970 7.99 2.89 10.74
C ARG E 970 7.77 3.45 12.14
N THR E 971 7.62 2.58 13.14
CA THR E 971 7.41 3.01 14.51
C THR E 971 8.03 1.97 15.43
N LYS E 972 7.72 2.09 16.72
CA LYS E 972 8.11 1.12 17.74
C LYS E 972 9.60 0.82 17.69
N MET E 973 10.38 1.86 17.46
CA MET E 973 11.82 1.88 17.64
C MET E 973 12.28 2.12 19.09
N PRO E 974 11.56 2.93 19.87
CA PRO E 974 12.17 3.49 21.09
C PRO E 974 12.71 2.54 22.15
N TRP E 975 12.07 1.40 22.44
CA TRP E 975 12.38 0.70 23.69
C TRP E 975 13.86 0.37 23.89
N LYS E 976 14.56 -0.16 22.89
CA LYS E 976 15.98 -0.49 23.10
C LYS E 976 16.82 0.76 23.36
N THR E 977 16.60 1.81 22.57
CA THR E 977 17.34 3.05 22.68
C THR E 977 17.06 3.66 24.04
N CYS E 978 15.80 4.07 24.27
CA CYS E 978 15.37 4.56 25.57
C CYS E 978 15.89 3.74 26.75
N TRP E 979 15.92 2.41 26.64
CA TRP E 979 16.50 1.63 27.73
C TRP E 979 17.97 1.96 27.92
N TRP E 980 18.72 2.13 26.82
CA TRP E 980 20.10 2.56 26.95
C TRP E 980 20.17 3.94 27.60
N TYR E 981 19.23 4.79 27.20
CA TYR E 981 19.18 6.17 27.70
C TYR E 981 18.94 6.18 29.21
N LEU E 982 17.91 5.47 29.65
CA LEU E 982 17.49 5.51 31.04
C LEU E 982 18.50 4.82 31.94
N THR E 983 18.89 3.59 31.61
CA THR E 983 19.74 2.81 32.50
C THR E 983 21.00 3.58 32.88
N SER E 984 21.65 4.15 31.88
CA SER E 984 22.85 4.95 32.12
C SER E 984 22.52 6.08 33.06
N GLY E 985 21.51 6.84 32.70
CA GLY E 985 21.11 7.94 33.53
C GLY E 985 20.68 7.44 34.89
N GLY E 986 19.88 6.37 34.94
CA GLY E 986 19.39 5.88 36.22
C GLY E 986 19.55 4.44 36.66
N PHE E 987 20.28 4.26 37.74
CA PHE E 987 20.51 2.95 38.32
C PHE E 987 19.49 2.85 39.41
N PHE E 988 18.87 1.68 39.51
CA PHE E 988 17.80 1.44 40.47
C PHE E 988 16.67 2.45 40.28
N LEU E 989 16.28 2.64 39.02
CA LEU E 989 15.19 3.51 38.64
C LEU E 989 13.87 2.99 39.20
N LEU E 990 13.72 1.65 39.23
CA LEU E 990 12.52 0.94 39.67
C LEU E 990 12.09 1.31 41.07
N PHE E 991 13.03 1.51 41.97
CA PHE E 991 12.64 1.94 43.29
C PHE E 991 12.85 3.46 43.48
N LEU E 992 14.02 3.98 43.09
CA LEU E 992 14.27 5.39 43.33
C LEU E 992 13.33 6.29 42.58
N MET E 993 13.15 6.02 41.30
CA MET E 993 12.31 6.88 40.47
C MET E 993 10.94 6.30 40.42
N ILE E 994 10.89 5.21 39.67
CA ILE E 994 9.67 4.43 39.44
C ILE E 994 8.87 4.26 40.73
N PHE E 995 9.53 3.82 41.81
CA PHE E 995 8.82 3.62 43.07
C PHE E 995 8.25 4.92 43.60
N SER E 996 9.01 6.02 43.52
CA SER E 996 8.50 7.31 43.99
C SER E 996 7.30 7.77 43.18
N LYS E 997 7.38 7.65 41.85
CA LYS E 997 6.28 8.06 41.01
C LYS E 997 5.02 7.25 41.30
N LEU E 998 5.18 5.92 41.40
CA LEU E 998 4.03 5.07 41.70
C LEU E 998 3.47 5.39 43.08
N LEU E 999 4.33 5.61 44.06
CA LEU E 999 3.86 5.93 45.40
C LEU E 999 3.08 7.24 45.42
N LYS E 1000 3.59 8.27 44.75
CA LYS E 1000 2.90 9.55 44.73
C LYS E 1000 1.54 9.43 44.06
N HIS E 1001 1.49 8.74 42.92
CA HIS E 1001 0.20 8.59 42.22
C HIS E 1001 -0.79 7.82 43.07
N SER E 1002 -0.37 6.68 43.64
CA SER E 1002 -1.27 5.92 44.48
C SER E 1002 -1.69 6.73 45.71
N VAL E 1003 -0.79 7.59 46.23
CA VAL E 1003 -1.13 8.44 47.35
C VAL E 1003 -2.22 9.42 46.98
N ILE E 1004 -2.14 10.00 45.80
CA ILE E 1004 -3.20 10.91 45.36
C ILE E 1004 -4.52 10.16 45.21
N VAL E 1005 -4.44 8.93 44.67
CA VAL E 1005 -5.64 8.13 44.52
C VAL E 1005 -6.25 7.80 45.88
N ALA E 1006 -5.40 7.47 46.85
CA ALA E 1006 -5.87 7.22 48.21
C ALA E 1006 -6.44 8.47 48.84
N ILE E 1007 -5.92 9.65 48.49
CA ILE E 1007 -6.52 10.89 48.97
C ILE E 1007 -7.94 11.00 48.47
N ASP E 1008 -8.15 10.70 47.19
CA ASP E 1008 -9.50 10.70 46.64
C ASP E 1008 -10.39 9.69 47.33
N TYR E 1009 -9.90 8.47 47.50
CA TYR E 1009 -10.68 7.44 48.20
C TYR E 1009 -11.03 7.86 49.62
N TRP E 1010 -10.10 8.49 50.33
CA TRP E 1010 -10.39 8.98 51.68
C TRP E 1010 -11.42 10.10 51.66
N LEU E 1011 -11.35 10.99 50.67
CA LEU E 1011 -12.37 12.02 50.55
C LEU E 1011 -13.74 11.41 50.33
N ALA E 1012 -13.81 10.38 49.47
CA ALA E 1012 -15.06 9.67 49.28
C ALA E 1012 -15.53 9.02 50.57
N THR E 1013 -14.62 8.38 51.30
CA THR E 1013 -14.98 7.69 52.54
C THR E 1013 -15.51 8.66 53.60
N TRP E 1014 -14.87 9.83 53.72
CA TRP E 1014 -15.26 10.77 54.76
C TRP E 1014 -16.70 11.23 54.62
N THR E 1015 -17.16 11.44 53.40
CA THR E 1015 -18.52 11.89 53.15
C THR E 1015 -19.39 10.73 52.70
N SER E 1016 -19.12 9.57 53.25
CA SER E 1016 -19.87 8.37 52.91
C SER E 1016 -21.26 8.31 53.53
N GLU E 1017 -21.30 8.34 54.86
CA GLU E 1017 -22.54 8.24 55.64
C GLU E 1017 -22.94 9.54 56.30
N TYR E 1018 -22.45 10.67 55.80
CA TYR E 1018 -22.81 11.93 56.43
C TYR E 1018 -24.15 12.45 55.95
N SER E 1019 -25.22 11.83 56.42
CA SER E 1019 -26.58 12.24 56.09
C SER E 1019 -27.06 13.24 57.14
N ILE E 1020 -28.29 13.71 57.01
CA ILE E 1020 -28.85 14.66 57.97
C ILE E 1020 -28.99 14.09 59.40
N ASN E 1021 -29.37 12.82 59.51
CA ASN E 1021 -29.56 12.19 60.82
C ASN E 1021 -28.34 12.09 61.72
N ASP E 1022 -27.18 11.74 61.20
CA ASP E 1022 -25.99 11.62 62.06
C ASP E 1022 -24.73 12.31 61.56
N PRO E 1023 -24.69 13.65 61.60
CA PRO E 1023 -23.55 14.46 61.18
C PRO E 1023 -22.36 14.18 62.05
N GLY E 1024 -22.63 14.04 63.34
CA GLY E 1024 -21.62 13.75 64.32
C GLY E 1024 -21.07 14.96 64.99
N LYS E 1025 -20.51 14.74 66.18
CA LYS E 1025 -19.88 15.77 66.95
C LYS E 1025 -18.38 15.61 66.87
N ALA E 1026 -17.92 14.39 66.55
CA ALA E 1026 -16.49 14.10 66.42
C ALA E 1026 -16.06 13.91 64.96
N ASP E 1027 -17.00 14.15 64.05
CA ASP E 1027 -16.73 13.97 62.64
C ASP E 1027 -15.66 14.92 62.14
N GLN E 1028 -15.71 16.18 62.57
CA GLN E 1028 -14.72 17.15 62.10
C GLN E 1028 -13.32 16.74 62.48
N THR E 1029 -13.15 16.27 63.71
CA THR E 1029 -11.86 15.81 64.15
C THR E 1029 -11.55 14.64 63.25
N PHE E 1030 -12.51 13.74 63.14
CA PHE E 1030 -12.33 12.57 62.30
C PHE E 1030 -11.99 12.96 60.87
N TYR E 1031 -12.61 14.01 60.34
CA TYR E 1031 -12.35 14.41 58.96
C TYR E 1031 -10.91 14.75 58.78
N VAL E 1032 -10.32 15.48 59.73
CA VAL E 1032 -8.91 15.87 59.66
C VAL E 1032 -8.01 14.65 59.66
N ALA E 1033 -8.38 13.65 60.46
CA ALA E 1033 -7.64 12.41 60.55
C ALA E 1033 -7.60 11.68 59.23
N GLY E 1034 -8.63 11.81 58.39
CA GLY E 1034 -8.60 11.14 57.10
C GLY E 1034 -7.98 11.94 55.97
N PHE E 1035 -8.76 12.92 55.52
CA PHE E 1035 -8.39 13.81 54.41
C PHE E 1035 -7.13 14.62 54.68
N SER E 1036 -6.85 15.01 55.92
CA SER E 1036 -5.64 15.78 56.18
C SER E 1036 -4.40 14.99 55.80
N ILE E 1037 -4.43 13.72 56.19
CA ILE E 1037 -3.33 12.82 55.90
C ILE E 1037 -3.14 12.66 54.40
N LEU E 1038 -4.24 12.54 53.67
CA LEU E 1038 -4.13 12.37 52.24
C LEU E 1038 -3.45 13.56 51.62
N CYS E 1039 -3.83 14.77 52.02
CA CYS E 1039 -3.21 15.96 51.45
C CYS E 1039 -1.72 16.00 51.76
N GLY E 1040 -1.35 15.66 53.00
CA GLY E 1040 0.07 15.70 53.33
C GLY E 1040 0.86 14.72 52.48
N ALA E 1041 0.30 13.53 52.34
CA ALA E 1041 0.95 12.50 51.56
C ALA E 1041 1.12 12.90 50.11
N GLY E 1042 0.08 13.53 49.57
CA GLY E 1042 0.10 13.96 48.18
C GLY E 1042 1.19 14.96 47.97
N ILE E 1043 1.35 15.90 48.89
CA ILE E 1043 2.42 16.89 48.73
C ILE E 1043 3.76 16.19 48.73
N PHE E 1044 3.92 15.26 49.67
CA PHE E 1044 5.18 14.55 49.75
C PHE E 1044 5.46 13.79 48.45
N LEU E 1045 4.47 13.08 47.94
CA LEU E 1045 4.69 12.28 46.75
C LEU E 1045 5.03 13.18 45.58
N CYS E 1046 4.32 14.29 45.45
CA CYS E 1046 4.55 15.16 44.31
C CYS E 1046 5.95 15.70 44.32
N LEU E 1047 6.39 16.14 45.49
CA LEU E 1047 7.73 16.70 45.55
C LEU E 1047 8.77 15.67 45.22
N VAL E 1048 8.56 14.47 45.77
CA VAL E 1048 9.47 13.40 45.54
C VAL E 1048 9.56 13.11 44.07
N THR E 1049 8.43 13.03 43.39
CA THR E 1049 8.47 12.72 41.97
C THR E 1049 9.23 13.76 41.19
N SER E 1050 8.97 15.04 41.44
CA SER E 1050 9.71 16.03 40.63
C SER E 1050 11.18 15.95 40.88
N LEU E 1051 11.54 15.81 42.16
CA LEU E 1051 12.95 15.75 42.48
C LEU E 1051 13.63 14.54 41.82
N THR E 1052 12.99 13.37 41.88
CA THR E 1052 13.56 12.16 41.31
C THR E 1052 13.94 12.33 39.85
N VAL E 1053 12.97 12.83 39.10
CA VAL E 1053 13.19 13.03 37.69
C VAL E 1053 14.31 14.01 37.42
N GLU E 1054 14.39 15.07 38.21
CA GLU E 1054 15.42 16.05 37.96
C GLU E 1054 16.78 15.43 38.09
N TRP E 1055 16.97 14.65 39.15
CA TRP E 1055 18.25 14.02 39.33
C TRP E 1055 18.54 13.05 38.18
N MET E 1056 17.53 12.30 37.76
CA MET E 1056 17.71 11.36 36.68
C MET E 1056 18.17 12.07 35.43
N GLY E 1057 17.54 13.18 35.10
CA GLY E 1057 17.93 13.88 33.91
C GLY E 1057 19.35 14.39 33.98
N LEU E 1058 19.72 14.95 35.13
CA LEU E 1058 21.08 15.47 35.22
C LEU E 1058 22.10 14.37 35.06
N THR E 1059 21.85 13.24 35.71
CA THR E 1059 22.80 12.15 35.61
C THR E 1059 22.88 11.61 34.19
N ALA E 1060 21.75 11.54 33.50
CA ALA E 1060 21.71 11.07 32.12
C ALA E 1060 22.54 11.98 31.24
N ALA E 1061 22.42 13.29 31.45
CA ALA E 1061 23.22 14.22 30.66
C ALA E 1061 24.72 14.02 30.93
N LYS E 1062 25.01 13.81 32.21
CA LYS E 1062 26.34 13.56 32.71
C LYS E 1062 26.78 12.27 32.06
N ASN E 1063 25.86 11.34 31.95
CA ASN E 1063 26.18 10.08 31.31
C ASN E 1063 26.55 10.33 29.85
N LEU E 1064 25.79 11.17 29.18
CA LEU E 1064 26.08 11.46 27.78
C LEU E 1064 27.42 12.15 27.66
N HIS E 1065 27.69 13.09 28.56
CA HIS E 1065 28.92 13.86 28.51
C HIS E 1065 30.20 13.04 28.69
N HIS E 1066 30.24 12.13 29.65
CA HIS E 1066 31.43 11.30 29.83
C HIS E 1066 31.63 10.31 28.68
N ASN E 1067 30.55 9.64 28.28
CA ASN E 1067 30.60 8.66 27.18
C ASN E 1067 30.82 9.17 25.76
N LEU E 1068 30.15 10.25 25.40
CA LEU E 1068 30.29 10.72 24.04
C LEU E 1068 31.72 11.11 23.71
N LEU E 1069 32.35 11.86 24.60
CA LEU E 1069 33.72 12.29 24.38
C LEU E 1069 34.64 11.08 24.34
N ASN E 1070 34.39 10.12 25.23
CA ASN E 1070 35.21 8.94 25.35
C ASN E 1070 35.23 8.11 24.09
N LYS E 1071 34.11 8.01 23.41
CA LYS E 1071 34.08 7.20 22.20
C LYS E 1071 34.94 7.66 21.01
N ILE E 1072 34.97 8.96 20.72
CA ILE E 1072 35.71 9.47 19.55
C ILE E 1072 37.13 10.06 19.68
N ILE E 1073 37.68 10.11 20.87
CA ILE E 1073 39.01 10.66 20.98
C ILE E 1073 40.08 9.82 20.24
N LEU E 1074 40.10 8.50 20.44
CA LEU E 1074 41.15 7.63 19.85
C LEU E 1074 40.92 7.05 18.45
N GLY E 1075 40.96 7.91 17.42
CA GLY E 1075 40.73 7.54 16.02
C GLY E 1075 41.53 8.25 14.92
N PRO E 1076 41.68 7.58 13.75
CA PRO E 1076 42.44 7.90 12.54
C PRO E 1076 41.87 9.10 11.81
N ILE E 1077 42.77 9.88 11.20
CA ILE E 1077 42.34 11.07 10.48
C ILE E 1077 41.70 10.76 9.13
N ARG E 1078 41.93 9.56 8.59
CA ARG E 1078 41.42 9.23 7.27
C ARG E 1078 39.90 9.19 7.25
N PHE E 1079 39.31 8.45 8.17
CA PHE E 1079 37.86 8.35 8.22
C PHE E 1079 37.23 9.70 8.51
N PHE E 1080 37.82 10.45 9.44
CA PHE E 1080 37.26 11.72 9.85
C PHE E 1080 37.34 12.77 8.74
N ASP E 1081 38.38 12.71 7.91
CA ASP E 1081 38.47 13.55 6.73
C ASP E 1081 37.74 12.98 5.53
N THR E 1082 37.18 11.77 5.64
CA THR E 1082 36.45 11.15 4.55
C THR E 1082 34.94 11.33 4.75
N THR E 1083 34.44 11.02 5.93
CA THR E 1083 33.10 11.43 6.30
C THR E 1083 33.08 12.92 6.60
N PRO E 1084 31.96 13.60 6.39
CA PRO E 1084 31.94 15.05 6.58
C PRO E 1084 32.08 15.45 8.05
N LEU E 1085 32.59 16.67 8.24
CA LEU E 1085 32.72 17.25 9.57
C LEU E 1085 31.40 17.78 10.10
N GLY E 1086 30.54 18.30 9.22
CA GLY E 1086 29.33 18.97 9.66
C GLY E 1086 28.42 18.06 10.47
N LEU E 1087 28.28 16.81 10.02
CA LEU E 1087 27.44 15.87 10.75
C LEU E 1087 28.00 15.64 12.14
N ILE E 1088 29.33 15.54 12.25
CA ILE E 1088 29.96 15.33 13.56
C ILE E 1088 29.73 16.55 14.47
N LEU E 1089 29.87 17.75 13.93
CA LEU E 1089 29.61 18.94 14.73
C LEU E 1089 28.17 18.96 15.19
N ASN E 1090 27.24 18.57 14.32
CA ASN E 1090 25.84 18.51 14.70
C ASN E 1090 25.63 17.47 15.80
N ARG E 1091 26.24 16.29 15.65
CA ARG E 1091 26.14 15.27 16.68
C ARG E 1091 26.67 15.76 18.00
N PHE E 1092 27.67 16.65 17.97
CA PHE E 1092 28.18 17.18 19.22
C PHE E 1092 27.27 18.25 19.81
N SER E 1093 26.62 19.05 18.97
CA SER E 1093 25.91 20.21 19.48
C SER E 1093 24.41 19.99 19.64
N ALA E 1094 23.73 19.67 18.53
CA ALA E 1094 22.27 19.59 18.57
C ALA E 1094 21.78 18.45 19.47
N ASP E 1095 22.43 17.29 19.37
CA ASP E 1095 21.97 16.16 20.18
C ASP E 1095 22.27 16.37 21.65
N THR E 1096 23.40 17.01 21.97
CA THR E 1096 23.67 17.30 23.37
C THR E 1096 22.68 18.32 23.91
N ASN E 1097 22.30 19.31 23.10
CA ASN E 1097 21.25 20.22 23.51
C ASN E 1097 19.95 19.48 23.74
N ILE E 1098 19.58 18.59 22.82
CA ILE E 1098 18.32 17.88 22.96
C ILE E 1098 18.31 17.06 24.24
N ILE E 1099 19.33 16.23 24.44
CA ILE E 1099 19.34 15.37 25.62
C ILE E 1099 19.43 16.18 26.91
N ASP E 1100 20.12 17.32 26.90
CA ASP E 1100 20.18 18.10 28.14
C ASP E 1100 18.83 18.75 28.42
N GLN E 1101 18.19 19.28 27.38
CA GLN E 1101 17.06 20.19 27.47
C GLN E 1101 15.74 19.50 27.18
N HIS E 1102 15.73 18.56 26.23
CA HIS E 1102 14.49 18.11 25.63
C HIS E 1102 14.06 16.75 26.10
N ILE E 1103 14.95 15.75 26.11
CA ILE E 1103 14.53 14.39 26.46
C ILE E 1103 14.04 14.30 27.90
N PRO E 1104 14.74 14.82 28.90
CA PRO E 1104 14.28 14.63 30.29
C PRO E 1104 12.89 15.20 30.50
N PRO E 1105 12.60 16.46 30.15
CA PRO E 1105 11.25 16.97 30.43
C PRO E 1105 10.19 16.22 29.65
N THR E 1106 10.49 15.81 28.42
CA THR E 1106 9.53 15.05 27.64
C THR E 1106 9.21 13.74 28.33
N LEU E 1107 10.25 13.02 28.76
CA LEU E 1107 10.01 11.74 29.43
C LEU E 1107 9.25 11.93 30.73
N GLU E 1108 9.61 12.94 31.51
CA GLU E 1108 8.91 13.17 32.77
C GLU E 1108 7.44 13.48 32.54
N SER E 1109 7.16 14.37 31.58
CA SER E 1109 5.79 14.74 31.29
C SER E 1109 5.00 13.54 30.79
N LEU E 1110 5.60 12.76 29.88
CA LEU E 1110 4.91 11.60 29.34
C LEU E 1110 4.60 10.61 30.43
N THR E 1111 5.56 10.35 31.31
CA THR E 1111 5.30 9.39 32.37
C THR E 1111 4.20 9.88 33.29
N ARG E 1112 4.23 11.16 33.67
CA ARG E 1112 3.17 11.66 34.55
C ARG E 1112 1.81 11.55 33.89
N SER E 1113 1.70 11.98 32.64
CA SER E 1113 0.42 11.92 31.93
C SER E 1113 -0.08 10.49 31.80
N THR E 1114 0.80 9.58 31.36
CA THR E 1114 0.40 8.20 31.15
C THR E 1114 -0.05 7.58 32.44
N LEU E 1115 0.74 7.78 33.50
CA LEU E 1115 0.40 7.16 34.77
C LEU E 1115 -0.91 7.74 35.30
N LEU E 1116 -1.12 9.05 35.15
CA LEU E 1116 -2.37 9.64 35.63
C LEU E 1116 -3.56 9.12 34.85
N CYS E 1117 -3.44 9.00 33.53
CA CYS E 1117 -4.56 8.47 32.77
C CYS E 1117 -4.86 7.03 33.18
N LEU E 1118 -3.82 6.24 33.41
CA LEU E 1118 -4.03 4.87 33.85
C LEU E 1118 -4.67 4.83 35.22
N SER E 1119 -4.19 5.68 36.13
CA SER E 1119 -4.75 5.74 37.48
C SER E 1119 -6.21 6.15 37.49
N ALA E 1120 -6.57 7.16 36.70
CA ALA E 1120 -7.96 7.57 36.65
C ALA E 1120 -8.84 6.47 36.06
N ILE E 1121 -8.38 5.80 35.01
CA ILE E 1121 -9.16 4.71 34.44
C ILE E 1121 -9.33 3.60 35.46
N GLY E 1122 -8.24 3.28 36.17
CA GLY E 1122 -8.32 2.27 37.21
C GLY E 1122 -9.28 2.64 38.31
N MET E 1123 -9.26 3.89 38.75
CA MET E 1123 -10.18 4.32 39.79
C MET E 1123 -11.62 4.19 39.32
N ILE E 1124 -11.91 4.68 38.12
CA ILE E 1124 -13.29 4.62 37.66
C ILE E 1124 -13.73 3.18 37.45
N SER E 1125 -12.82 2.28 37.10
CA SER E 1125 -13.22 0.90 37.00
C SER E 1125 -13.41 0.21 38.34
N TYR E 1126 -12.59 0.52 39.35
CA TYR E 1126 -12.82 -0.11 40.64
C TYR E 1126 -14.16 0.34 41.21
N ALA E 1127 -14.39 1.66 41.20
CA ALA E 1127 -15.58 2.21 41.85
C ALA E 1127 -16.87 1.68 41.23
N THR E 1128 -16.80 1.16 40.00
CA THR E 1128 -17.97 0.67 39.29
C THR E 1128 -17.65 -0.61 38.53
N PRO E 1129 -18.30 -1.72 38.87
CA PRO E 1129 -17.95 -3.02 38.27
C PRO E 1129 -18.22 -3.13 36.76
N VAL E 1130 -19.33 -2.58 36.28
CA VAL E 1130 -19.69 -2.66 34.86
C VAL E 1130 -18.61 -2.05 33.98
N PHE E 1131 -17.88 -1.07 34.48
CA PHE E 1131 -16.83 -0.43 33.71
C PHE E 1131 -15.81 -1.43 33.18
N LEU E 1132 -15.50 -2.46 33.97
CA LEU E 1132 -14.55 -3.49 33.52
C LEU E 1132 -14.93 -4.11 32.18
N ILE E 1133 -16.20 -4.48 32.00
CA ILE E 1133 -16.64 -4.91 30.66
C ILE E 1133 -16.71 -3.72 29.72
N ALA E 1134 -17.24 -2.59 30.19
CA ALA E 1134 -17.53 -1.47 29.32
C ALA E 1134 -16.26 -0.92 28.70
N LEU E 1135 -15.12 -1.07 29.39
CA LEU E 1135 -13.86 -0.41 29.03
C LEU E 1135 -13.02 -1.18 28.02
N ALA E 1136 -13.52 -2.30 27.49
CA ALA E 1136 -12.72 -3.06 26.54
C ALA E 1136 -12.63 -2.36 25.17
N PRO E 1137 -13.75 -2.05 24.49
CA PRO E 1137 -13.66 -1.58 23.11
C PRO E 1137 -12.94 -0.25 22.96
N LEU E 1138 -13.43 0.74 23.71
CA LEU E 1138 -13.06 2.13 23.47
C LEU E 1138 -11.55 2.34 23.58
N GLY E 1139 -10.96 1.91 24.69
CA GLY E 1139 -9.52 2.04 24.83
C GLY E 1139 -8.73 1.32 23.75
N VAL E 1140 -9.19 0.14 23.31
CA VAL E 1140 -8.54 -0.56 22.21
C VAL E 1140 -8.55 0.29 20.94
N ALA E 1141 -9.69 0.89 20.63
CA ALA E 1141 -9.72 1.81 19.51
C ALA E 1141 -8.76 2.96 19.73
N PHE E 1142 -8.74 3.52 20.93
CA PHE E 1142 -7.75 4.56 21.22
C PHE E 1142 -6.34 4.08 20.96
N TYR E 1143 -6.04 2.82 21.29
CA TYR E 1143 -4.72 2.25 21.02
C TYR E 1143 -4.35 2.37 19.56
N PHE E 1144 -5.27 1.90 18.71
CA PHE E 1144 -5.08 2.01 17.27
C PHE E 1144 -4.87 3.46 16.83
N ILE E 1145 -5.77 4.35 17.27
CA ILE E 1145 -5.63 5.77 16.93
C ILE E 1145 -4.29 6.32 17.40
N GLN E 1146 -3.87 5.95 18.61
CA GLN E 1146 -2.57 6.36 19.10
C GLN E 1146 -1.47 6.01 18.11
N LYS E 1147 -1.41 4.74 17.72
CA LYS E 1147 -0.38 4.35 16.77
C LYS E 1147 -0.46 5.18 15.49
N TYR E 1148 -1.67 5.42 15.01
CA TYR E 1148 -1.85 6.20 13.79
C TYR E 1148 -1.19 7.55 13.92
N PHE E 1149 -1.51 8.30 14.98
CA PHE E 1149 -0.86 9.59 15.15
C PHE E 1149 0.64 9.43 15.38
N ARG E 1150 1.02 8.40 16.14
CA ARG E 1150 2.38 8.01 16.50
C ARG E 1150 3.28 7.89 15.29
N VAL E 1151 2.67 7.86 14.10
CA VAL E 1151 3.42 7.93 12.86
C VAL E 1151 3.09 9.20 12.09
N ALA E 1152 1.82 9.55 12.00
CA ALA E 1152 1.34 10.50 11.01
C ALA E 1152 2.13 11.78 11.22
N SER E 1153 1.89 12.39 12.39
CA SER E 1153 2.56 13.64 12.73
C SER E 1153 4.08 13.50 12.72
N LYS E 1154 4.61 12.31 13.00
CA LYS E 1154 6.06 12.15 12.89
C LYS E 1154 6.50 12.58 11.50
N ASP E 1155 5.84 12.00 10.49
CA ASP E 1155 6.09 12.35 9.10
C ASP E 1155 5.89 13.83 8.83
N LEU E 1156 4.79 14.37 9.35
CA LEU E 1156 4.53 15.81 9.25
C LEU E 1156 5.64 16.67 9.86
N GLN E 1157 6.11 16.32 11.06
CA GLN E 1157 7.25 17.00 11.66
C GLN E 1157 8.47 16.96 10.75
N GLU E 1158 8.76 15.80 10.15
CA GLU E 1158 9.83 15.71 9.15
C GLU E 1158 9.64 16.73 8.04
N LEU E 1159 8.41 16.79 7.52
CA LEU E 1159 8.06 17.77 6.50
C LEU E 1159 8.35 19.19 6.95
N ASP E 1160 7.83 19.58 8.12
CA ASP E 1160 8.18 20.90 8.68
C ASP E 1160 9.69 21.09 8.80
N ASP E 1161 10.39 20.05 9.26
CA ASP E 1161 11.82 20.10 9.47
C ASP E 1161 12.57 20.51 8.23
N SER E 1162 12.03 20.16 7.06
CA SER E 1162 12.71 20.62 5.85
C SER E 1162 12.05 21.81 5.19
N THR E 1163 10.74 22.01 5.40
CA THR E 1163 10.02 22.98 4.59
C THR E 1163 10.58 24.38 4.81
N GLN E 1164 11.14 24.65 5.98
CA GLN E 1164 11.65 25.97 6.30
C GLN E 1164 13.09 26.16 5.89
N LEU E 1165 13.76 25.11 5.44
CA LEU E 1165 15.17 25.27 5.08
C LEU E 1165 15.36 26.21 3.91
N PRO E 1166 14.68 26.06 2.77
CA PRO E 1166 15.01 26.89 1.61
C PRO E 1166 14.53 28.32 1.72
N LEU E 1167 13.30 28.53 2.20
CA LEU E 1167 12.70 29.86 2.09
C LEU E 1167 13.49 30.91 2.83
N LEU E 1168 13.91 30.62 4.07
CA LEU E 1168 14.73 31.60 4.76
C LEU E 1168 16.02 31.87 4.01
N CYS E 1169 16.62 30.81 3.46
CA CYS E 1169 17.83 31.02 2.67
C CYS E 1169 17.60 31.91 1.46
N HIS E 1170 16.40 31.86 0.89
CA HIS E 1170 16.06 32.76 -0.21
C HIS E 1170 16.13 34.22 0.25
N PHE E 1171 15.49 34.53 1.38
CA PHE E 1171 15.59 35.86 1.96
C PHE E 1171 17.00 36.17 2.44
N SER E 1172 17.83 35.13 2.56
CA SER E 1172 19.25 35.31 2.80
C SER E 1172 19.90 35.75 1.51
N GLU E 1173 19.36 35.28 0.39
CA GLU E 1173 19.94 35.45 -0.93
C GLU E 1173 19.61 36.84 -1.42
N THR E 1174 18.31 37.13 -1.56
CA THR E 1174 17.89 38.39 -2.15
C THR E 1174 18.53 39.54 -1.39
N ALA E 1175 18.64 39.39 -0.07
CA ALA E 1175 19.30 40.42 0.72
C ALA E 1175 20.81 40.34 0.46
N GLU E 1176 21.34 39.11 0.39
CA GLU E 1176 22.76 38.90 0.16
C GLU E 1176 23.17 39.52 -1.16
N GLY E 1177 22.31 39.43 -2.16
CA GLY E 1177 22.49 40.21 -3.37
C GLY E 1177 22.00 41.62 -3.11
N LEU E 1178 22.71 42.34 -2.24
CA LEU E 1178 22.28 43.68 -1.85
C LEU E 1178 22.29 44.63 -3.04
N THR E 1179 23.31 44.56 -3.88
CA THR E 1179 23.41 45.42 -5.05
C THR E 1179 23.51 44.67 -6.37
N THR E 1180 23.82 43.37 -6.34
CA THR E 1180 24.00 42.63 -7.58
C THR E 1180 22.68 42.37 -8.29
N ILE E 1181 21.56 42.40 -7.57
CA ILE E 1181 20.25 42.16 -8.16
C ILE E 1181 19.46 43.45 -8.04
N ARG E 1182 20.11 44.50 -7.55
CA ARG E 1182 19.46 45.79 -7.39
C ARG E 1182 18.93 46.31 -8.72
N ALA E 1183 19.76 46.23 -9.76
CA ALA E 1183 19.45 46.74 -11.10
C ALA E 1183 19.88 45.75 -12.15
N PHE E 1184 19.61 44.46 -11.90
CA PHE E 1184 19.87 43.41 -12.87
C PHE E 1184 18.65 43.14 -13.74
N ARG E 1185 17.65 44.04 -13.69
CA ARG E 1185 16.42 43.98 -14.48
C ARG E 1185 15.58 42.73 -14.22
N HIS E 1186 15.97 41.90 -13.25
CA HIS E 1186 15.17 40.74 -12.91
C HIS E 1186 14.50 40.90 -11.55
N GLU E 1187 14.40 42.13 -11.04
CA GLU E 1187 13.91 42.35 -9.69
C GLU E 1187 12.44 41.99 -9.54
N THR E 1188 11.58 42.51 -10.42
CA THR E 1188 10.17 42.27 -10.21
C THR E 1188 9.81 40.81 -10.43
N ARG E 1189 10.45 40.14 -11.40
CA ARG E 1189 10.14 38.74 -11.60
C ARG E 1189 10.53 37.93 -10.39
N PHE E 1190 11.39 38.48 -9.53
CA PHE E 1190 11.77 37.78 -8.31
C PHE E 1190 10.58 37.56 -7.40
N LYS E 1191 9.63 38.51 -7.36
CA LYS E 1191 8.49 38.26 -6.50
C LYS E 1191 7.68 37.08 -7.01
N GLN E 1192 7.67 36.86 -8.33
CA GLN E 1192 6.79 35.85 -8.90
C GLN E 1192 7.09 34.49 -8.31
N ARG E 1193 8.37 34.21 -8.10
CA ARG E 1193 8.83 32.95 -7.56
C ARG E 1193 8.75 32.97 -6.03
N MET E 1194 9.12 34.10 -5.43
CA MET E 1194 9.06 34.25 -3.99
C MET E 1194 7.66 33.94 -3.45
N LEU E 1195 6.63 34.46 -4.11
CA LEU E 1195 5.25 34.28 -3.65
C LEU E 1195 4.81 32.84 -3.70
N GLU E 1196 5.56 31.97 -4.38
CA GLU E 1196 5.26 30.56 -4.24
C GLU E 1196 5.92 29.96 -3.00
N LEU E 1197 7.17 30.31 -2.70
CA LEU E 1197 7.84 29.67 -1.58
C LEU E 1197 7.09 29.93 -0.28
N THR E 1198 6.65 31.18 -0.07
CA THR E 1198 5.95 31.48 1.16
C THR E 1198 4.77 30.54 1.32
N ASP E 1199 3.97 30.39 0.25
CA ASP E 1199 2.84 29.48 0.30
C ASP E 1199 3.34 28.05 0.47
N THR E 1200 4.40 27.71 -0.26
CA THR E 1200 4.91 26.36 -0.19
C THR E 1200 5.31 26.02 1.23
N ASN E 1201 5.56 27.02 2.06
CA ASN E 1201 5.85 26.72 3.45
C ASN E 1201 4.62 26.82 4.35
N ASN E 1202 3.82 27.87 4.20
CA ASN E 1202 2.66 27.95 5.06
C ASN E 1202 1.65 26.85 4.82
N ILE E 1203 1.63 26.28 3.62
CA ILE E 1203 0.72 25.16 3.38
C ILE E 1203 1.10 24.00 4.26
N ALA E 1204 2.40 23.70 4.32
CA ALA E 1204 2.83 22.62 5.19
C ALA E 1204 2.57 22.96 6.63
N TYR E 1205 2.78 24.22 7.00
CA TYR E 1205 2.48 24.61 8.37
C TYR E 1205 1.05 24.28 8.75
N LEU E 1206 0.09 24.65 7.91
CA LEU E 1206 -1.28 24.37 8.29
C LEU E 1206 -1.53 22.87 8.37
N PHE E 1207 -0.91 22.11 7.48
CA PHE E 1207 -1.10 20.67 7.56
C PHE E 1207 -0.57 20.11 8.87
N LEU E 1208 0.61 20.56 9.30
CA LEU E 1208 1.11 20.06 10.58
C LEU E 1208 0.16 20.43 11.71
N SER E 1209 -0.32 21.68 11.72
CA SER E 1209 -1.25 22.08 12.76
C SER E 1209 -2.49 21.20 12.73
N ALA E 1210 -2.98 20.93 11.54
CA ALA E 1210 -4.20 20.15 11.40
C ALA E 1210 -4.01 18.74 11.95
N ALA E 1211 -2.85 18.14 11.75
CA ALA E 1211 -2.69 16.81 12.31
C ALA E 1211 -2.86 16.83 13.83
N ASN E 1212 -2.26 17.80 14.52
CA ASN E 1212 -2.46 17.83 15.96
C ASN E 1212 -3.93 18.03 16.30
N ARG E 1213 -4.59 18.92 15.57
CA ARG E 1213 -6.00 19.18 15.81
C ARG E 1213 -6.82 17.92 15.63
N TRP E 1214 -6.52 17.15 14.58
CA TRP E 1214 -7.33 15.97 14.36
C TRP E 1214 -7.22 15.01 15.54
N LEU E 1215 -6.02 14.88 16.10
CA LEU E 1215 -5.89 13.99 17.24
C LEU E 1215 -6.76 14.46 18.38
N GLU E 1216 -6.74 15.77 18.65
CA GLU E 1216 -7.55 16.25 19.76
C GLU E 1216 -9.03 15.99 19.52
N VAL E 1217 -9.49 16.23 18.29
CA VAL E 1217 -10.90 16.02 18.05
C VAL E 1217 -11.25 14.56 18.25
N ARG E 1218 -10.42 13.66 17.72
CA ARG E 1218 -10.74 12.26 17.93
C ARG E 1218 -10.72 11.94 19.42
N THR E 1219 -9.71 12.45 20.10
CA THR E 1219 -9.62 12.25 21.53
C THR E 1219 -10.84 12.82 22.24
N ASP E 1220 -11.28 13.99 21.80
CA ASP E 1220 -12.42 14.61 22.47
C ASP E 1220 -13.64 13.72 22.36
N TYR E 1221 -13.89 13.15 21.18
CA TYR E 1221 -15.10 12.35 21.09
C TYR E 1221 -14.95 11.08 21.90
N LEU E 1222 -13.74 10.51 21.91
CA LEU E 1222 -13.51 9.36 22.77
C LEU E 1222 -13.79 9.70 24.21
N GLY E 1223 -13.33 10.86 24.68
CA GLY E 1223 -13.59 11.23 26.05
C GLY E 1223 -15.06 11.35 26.35
N ALA E 1224 -15.82 11.91 25.41
CA ALA E 1224 -17.26 12.05 25.63
C ALA E 1224 -17.92 10.71 25.82
N CYS E 1225 -17.51 9.72 25.03
CA CYS E 1225 -18.08 8.39 25.19
C CYS E 1225 -17.85 7.86 26.60
N ILE E 1226 -16.64 8.03 27.12
CA ILE E 1226 -16.36 7.53 28.46
C ILE E 1226 -17.32 8.15 29.47
N VAL E 1227 -17.61 9.44 29.33
CA VAL E 1227 -18.47 10.10 30.31
C VAL E 1227 -19.85 9.48 30.31
N LEU E 1228 -20.43 9.24 29.13
CA LEU E 1228 -21.76 8.66 29.11
C LEU E 1228 -21.74 7.33 29.85
N THR E 1229 -20.71 6.52 29.60
CA THR E 1229 -20.63 5.22 30.23
C THR E 1229 -20.60 5.40 31.74
N ALA E 1230 -19.71 6.27 32.21
CA ALA E 1230 -19.59 6.43 33.65
C ALA E 1230 -20.90 6.93 34.23
N SER E 1231 -21.58 7.83 33.51
CA SER E 1231 -22.84 8.33 34.06
C SER E 1231 -23.84 7.19 34.19
N ILE E 1232 -23.96 6.36 33.16
CA ILE E 1232 -24.90 5.24 33.27
C ILE E 1232 -24.48 4.37 34.43
N ALA E 1233 -23.17 4.13 34.52
CA ALA E 1233 -22.65 3.29 35.59
C ALA E 1233 -22.96 3.92 36.93
N SER E 1234 -22.82 5.24 37.04
CA SER E 1234 -23.09 5.85 38.33
C SER E 1234 -24.54 5.65 38.72
N ILE E 1235 -25.48 5.83 37.79
CA ILE E 1235 -26.87 5.65 38.24
C ILE E 1235 -27.06 4.17 38.50
N SER E 1236 -26.35 3.34 37.74
CA SER E 1236 -26.36 1.91 37.96
C SER E 1236 -25.67 1.54 39.27
N GLY E 1237 -24.53 2.18 39.55
CA GLY E 1237 -23.83 1.84 40.79
C GLY E 1237 -24.61 2.19 42.03
N SER E 1238 -24.76 3.48 42.31
CA SER E 1238 -25.55 3.98 43.43
C SER E 1238 -25.16 3.30 44.74
N SER E 1239 -23.87 2.98 44.89
CA SER E 1239 -23.39 2.40 46.13
C SER E 1239 -23.50 3.40 47.27
N ASN E 1240 -22.81 4.54 47.13
CA ASN E 1240 -22.88 5.62 48.10
C ASN E 1240 -22.47 6.89 47.39
N SER E 1241 -22.76 8.03 48.01
CA SER E 1241 -22.46 9.30 47.36
C SER E 1241 -20.96 9.47 47.15
N GLY E 1242 -20.15 9.01 48.10
CA GLY E 1242 -18.71 9.17 47.95
C GLY E 1242 -18.19 8.44 46.73
N LEU E 1243 -18.65 7.20 46.54
CA LEU E 1243 -18.18 6.40 45.42
C LEU E 1243 -18.55 7.02 44.09
N VAL E 1244 -19.82 7.40 43.93
CA VAL E 1244 -20.26 7.97 42.66
C VAL E 1244 -19.58 9.30 42.41
N GLY E 1245 -19.41 10.12 43.45
CA GLY E 1245 -18.73 11.38 43.27
C GLY E 1245 -17.31 11.22 42.80
N LEU E 1246 -16.55 10.34 43.45
CA LEU E 1246 -15.18 10.10 43.03
C LEU E 1246 -15.12 9.57 41.61
N GLY E 1247 -16.00 8.61 41.27
CA GLY E 1247 -15.96 8.04 39.94
C GLY E 1247 -16.26 9.07 38.86
N LEU E 1248 -17.32 9.86 39.05
CA LEU E 1248 -17.68 10.84 38.03
C LEU E 1248 -16.61 11.91 37.90
N LEU E 1249 -16.08 12.39 39.03
CA LEU E 1249 -15.04 13.41 38.96
C LEU E 1249 -13.79 12.89 38.26
N TYR E 1250 -13.39 11.65 38.55
CA TYR E 1250 -12.20 11.14 37.91
C TYR E 1250 -12.43 10.89 36.43
N ALA E 1251 -13.64 10.52 36.04
CA ALA E 1251 -13.89 10.41 34.60
C ALA E 1251 -13.76 11.77 33.94
N LEU E 1252 -14.33 12.81 34.56
CA LEU E 1252 -14.19 14.15 34.01
C LEU E 1252 -12.72 14.60 33.97
N THR E 1253 -11.93 14.18 34.94
CA THR E 1253 -10.50 14.46 34.92
C THR E 1253 -9.82 13.76 33.74
N ILE E 1254 -10.08 12.45 33.58
CA ILE E 1254 -9.42 11.69 32.54
C ILE E 1254 -9.83 12.18 31.18
N THR E 1255 -10.95 12.90 31.10
CA THR E 1255 -11.42 13.42 29.82
C THR E 1255 -10.32 14.21 29.12
N ASN E 1256 -9.53 14.96 29.88
CA ASN E 1256 -8.61 15.92 29.29
C ASN E 1256 -7.19 15.41 29.05
N TYR E 1257 -6.78 14.33 29.71
CA TYR E 1257 -5.38 13.90 29.69
C TYR E 1257 -4.98 13.14 28.43
N LEU E 1258 -5.94 12.75 27.61
CA LEU E 1258 -5.68 11.96 26.40
C LEU E 1258 -4.83 12.71 25.38
N ASN E 1259 -5.10 14.00 25.16
CA ASN E 1259 -4.28 14.75 24.21
C ASN E 1259 -2.83 14.76 24.65
N TRP E 1260 -2.60 14.99 25.95
CA TRP E 1260 -1.26 14.87 26.50
C TRP E 1260 -0.67 13.49 26.23
N VAL E 1261 -1.44 12.43 26.45
CA VAL E 1261 -0.87 11.10 26.28
C VAL E 1261 -0.40 10.90 24.83
N VAL E 1262 -1.25 11.25 23.86
CA VAL E 1262 -0.90 11.03 22.47
C VAL E 1262 0.31 11.90 22.08
N ARG E 1263 0.24 13.19 22.42
CA ARG E 1263 1.31 14.11 22.05
C ARG E 1263 2.63 13.72 22.71
N ASN E 1264 2.59 13.35 23.98
CA ASN E 1264 3.81 12.95 24.68
C ASN E 1264 4.38 11.67 24.10
N LEU E 1265 3.54 10.73 23.67
CA LEU E 1265 4.08 9.54 23.02
C LEU E 1265 4.82 9.94 21.75
N ALA E 1266 4.24 10.84 20.96
CA ALA E 1266 4.90 11.32 19.75
C ALA E 1266 6.22 12.01 20.08
N ASP E 1267 6.22 12.85 21.11
CA ASP E 1267 7.41 13.58 21.51
C ASP E 1267 8.52 12.63 21.94
N LEU E 1268 8.18 11.62 22.73
CA LEU E 1268 9.17 10.65 23.18
C LEU E 1268 9.75 9.92 21.98
N GLU E 1269 8.90 9.53 21.02
CA GLU E 1269 9.37 8.83 19.84
C GLU E 1269 10.39 9.71 19.10
N VAL E 1270 10.06 10.98 18.89
CA VAL E 1270 10.95 11.87 18.16
C VAL E 1270 12.27 12.06 18.92
N GLN E 1271 12.19 12.24 20.24
CA GLN E 1271 13.41 12.45 21.02
C GLN E 1271 14.33 11.23 20.95
N MET E 1272 13.76 10.03 21.09
CA MET E 1272 14.60 8.84 21.04
C MET E 1272 15.15 8.58 19.65
N GLY E 1273 14.38 8.92 18.61
CA GLY E 1273 14.92 8.83 17.27
C GLY E 1273 16.08 9.77 17.04
N ALA E 1274 15.99 11.00 17.56
CA ALA E 1274 17.12 11.91 17.46
C ALA E 1274 18.33 11.40 18.23
N VAL E 1275 18.12 10.80 19.40
CA VAL E 1275 19.23 10.24 20.15
C VAL E 1275 19.91 9.12 19.37
N LYS E 1276 19.13 8.26 18.73
CA LYS E 1276 19.72 7.09 18.07
C LYS E 1276 20.66 7.50 16.95
N LYS E 1277 20.58 8.75 16.50
CA LYS E 1277 21.44 9.25 15.45
C LYS E 1277 22.89 9.31 15.89
N VAL E 1278 23.12 9.61 17.16
CA VAL E 1278 24.46 9.64 17.73
C VAL E 1278 24.74 8.49 18.68
N ASN E 1279 23.72 7.71 19.08
CA ASN E 1279 24.01 6.54 19.89
C ASN E 1279 24.68 5.43 19.10
N SER E 1280 24.67 5.51 17.76
CA SER E 1280 25.44 4.56 16.97
C SER E 1280 26.93 4.86 17.03
N PHE E 1281 27.29 6.13 17.19
CA PHE E 1281 28.68 6.53 17.42
C PHE E 1281 28.92 6.79 18.90
N LEU E 1282 28.26 6.01 19.77
CA LEU E 1282 28.33 6.25 21.21
C LEU E 1282 29.73 6.00 21.75
N THR E 1283 30.31 4.85 21.42
CA THR E 1283 31.61 4.51 22.01
C THR E 1283 32.55 3.81 21.03
N MET E 1284 32.28 3.87 19.74
CA MET E 1284 33.12 3.16 18.77
C MET E 1284 34.54 3.72 18.76
N GLU E 1285 35.52 2.80 18.79
CA GLU E 1285 36.94 3.12 18.63
C GLU E 1285 37.50 2.22 17.55
N SER E 1286 38.17 2.82 16.55
CA SER E 1286 38.65 2.04 15.41
C SER E 1286 40.09 2.35 15.04
N GLU E 1287 40.92 2.73 16.02
CA GLU E 1287 42.37 2.82 15.81
C GLU E 1287 43.01 2.60 17.18
N ASN E 1288 43.39 1.36 17.46
CA ASN E 1288 43.82 1.00 18.81
C ASN E 1288 45.25 1.45 19.06
N TYR E 1289 45.58 1.58 20.35
CA TYR E 1289 46.93 2.00 20.75
C TYR E 1289 47.28 1.20 22.00
N GLU E 1290 47.91 0.05 21.79
CA GLU E 1290 48.35 -0.85 22.86
C GLU E 1290 49.73 -1.37 22.45
N GLY E 1291 50.77 -0.68 22.90
CA GLY E 1291 52.11 -1.03 22.48
C GLY E 1291 52.91 -1.64 23.61
N THR E 1292 53.72 -2.63 23.25
CA THR E 1292 54.57 -3.34 24.19
C THR E 1292 56.06 -3.07 23.96
N MET E 1293 56.41 -1.94 23.36
CA MET E 1293 57.80 -1.63 23.09
C MET E 1293 58.60 -1.47 24.37
N ASP E 1294 59.79 -2.05 24.40
CA ASP E 1294 60.68 -1.89 25.54
C ASP E 1294 61.18 -0.46 25.61
N PRO E 1295 61.63 -0.01 26.79
CA PRO E 1295 62.13 1.37 26.92
C PRO E 1295 63.32 1.69 26.03
N SER E 1296 63.27 2.86 25.39
CA SER E 1296 64.34 3.37 24.54
C SER E 1296 64.74 4.77 24.99
N GLN E 1297 66.00 5.13 24.78
CA GLN E 1297 66.49 6.46 25.16
C GLN E 1297 65.72 7.54 24.42
N VAL E 1298 65.58 7.39 23.11
CA VAL E 1298 64.89 8.35 22.24
C VAL E 1298 65.40 9.77 22.46
N PRO E 1299 66.69 10.05 22.20
CA PRO E 1299 67.15 11.44 22.23
C PRO E 1299 66.77 12.19 20.97
N GLU E 1300 67.24 13.43 20.83
CA GLU E 1300 66.97 14.21 19.62
C GLU E 1300 68.12 14.14 18.61
N HIS E 1301 68.93 13.08 18.66
CA HIS E 1301 70.12 12.96 17.84
C HIS E 1301 69.82 12.56 16.40
N TRP E 1302 70.76 12.87 15.51
CA TRP E 1302 70.78 12.29 14.18
C TRP E 1302 71.52 10.96 14.23
N PRO E 1303 70.86 9.83 13.96
CA PRO E 1303 71.49 8.53 14.23
C PRO E 1303 72.76 8.23 13.45
N GLN E 1304 72.67 8.17 12.12
CA GLN E 1304 73.81 7.86 11.27
C GLN E 1304 73.75 8.68 10.00
N GLU E 1305 73.31 9.93 10.12
CA GLU E 1305 72.95 10.79 8.98
C GLU E 1305 71.72 10.26 8.25
N GLY E 1306 70.78 9.68 8.99
CA GLY E 1306 69.44 9.44 8.51
C GLY E 1306 69.22 8.54 7.31
N GLU E 1307 69.82 7.35 7.30
CA GLU E 1307 69.56 6.40 6.23
C GLU E 1307 68.11 5.92 6.29
N ILE E 1308 67.34 6.20 5.24
CA ILE E 1308 65.92 5.84 5.22
C ILE E 1308 65.66 4.80 4.13
N LYS E 1309 65.50 3.54 4.53
CA LYS E 1309 65.18 2.45 3.61
C LYS E 1309 64.25 1.45 4.29
N ILE E 1310 62.95 1.53 4.00
CA ILE E 1310 61.96 0.66 4.60
C ILE E 1310 61.05 -0.02 3.59
N HIS E 1311 61.14 0.35 2.31
CA HIS E 1311 60.19 -0.11 1.30
C HIS E 1311 60.92 -0.66 0.08
N ASP E 1312 60.56 -1.86 -0.34
CA ASP E 1312 61.01 -2.46 -1.59
C ASP E 1312 59.76 -3.02 -2.26
N LEU E 1313 59.27 -2.30 -3.28
CA LEU E 1313 57.97 -2.59 -3.89
C LEU E 1313 56.86 -2.50 -2.83
N CYS E 1314 56.64 -1.27 -2.36
CA CYS E 1314 55.68 -1.02 -1.28
C CYS E 1314 54.33 -1.62 -1.63
N VAL E 1315 53.94 -2.64 -0.86
CA VAL E 1315 52.84 -3.53 -1.20
C VAL E 1315 51.48 -2.92 -0.91
N ARG E 1316 50.43 -3.59 -1.35
CA ARG E 1316 49.05 -3.17 -1.12
C ARG E 1316 48.69 -3.27 0.36
N TYR E 1317 48.27 -2.15 0.94
CA TYR E 1317 47.80 -2.10 2.32
C TYR E 1317 46.40 -2.69 2.41
N GLU E 1318 45.76 -2.47 3.56
CA GLU E 1318 44.43 -3.03 3.76
C GLU E 1318 43.65 -2.06 4.64
N ASN E 1319 42.42 -2.46 5.02
CA ASN E 1319 41.52 -1.75 5.92
C ASN E 1319 40.96 -0.46 5.33
N ASN E 1320 41.11 -0.24 4.02
CA ASN E 1320 40.50 0.89 3.32
C ASN E 1320 40.88 2.23 3.96
N LEU E 1321 42.16 2.53 3.94
CA LEU E 1321 42.72 3.77 4.49
C LEU E 1321 43.60 4.45 3.45
N LYS E 1322 43.04 4.58 2.24
CA LYS E 1322 43.72 5.06 1.03
C LYS E 1322 44.93 4.18 0.72
N PRO E 1323 44.74 2.89 0.47
CA PRO E 1323 45.88 2.00 0.23
C PRO E 1323 46.54 2.31 -1.11
N VAL E 1324 47.84 2.03 -1.19
CA VAL E 1324 48.52 2.00 -2.48
C VAL E 1324 48.44 0.58 -3.01
N LEU E 1325 47.79 0.42 -4.16
CA LEU E 1325 47.42 -0.89 -4.69
C LEU E 1325 48.34 -1.33 -5.82
N LYS E 1326 49.62 -1.02 -5.69
CA LYS E 1326 50.64 -1.37 -6.68
C LYS E 1326 51.96 -1.57 -5.93
N HIS E 1327 53.06 -1.56 -6.68
CA HIS E 1327 54.39 -1.78 -6.11
C HIS E 1327 55.25 -0.57 -6.43
N VAL E 1328 55.93 -0.03 -5.42
CA VAL E 1328 56.77 1.15 -5.61
C VAL E 1328 58.07 1.02 -4.83
N LYS E 1329 59.15 0.67 -5.52
CA LYS E 1329 60.45 0.54 -4.87
C LYS E 1329 60.92 1.89 -4.34
N ALA E 1330 61.45 1.89 -3.12
CA ALA E 1330 61.85 3.12 -2.44
C ALA E 1330 63.31 3.01 -1.99
N TYR E 1331 64.11 4.04 -2.32
CA TYR E 1331 65.52 4.07 -1.89
C TYR E 1331 66.00 5.52 -2.01
N ILE E 1332 66.26 6.15 -0.86
CA ILE E 1332 66.57 7.57 -0.81
C ILE E 1332 68.02 7.79 -0.38
N LYS E 1333 68.42 9.06 -0.33
CA LYS E 1333 69.78 9.43 0.02
C LYS E 1333 69.90 9.63 1.53
N PRO E 1334 71.01 9.22 2.16
CA PRO E 1334 71.06 9.22 3.64
C PRO E 1334 70.94 10.59 4.27
N GLY E 1335 71.88 11.47 3.96
CA GLY E 1335 71.86 12.79 4.54
C GLY E 1335 71.13 13.75 3.62
N GLN E 1336 70.01 13.29 3.07
CA GLN E 1336 69.25 14.04 2.07
C GLN E 1336 68.29 14.98 2.77
N LYS E 1337 68.30 16.25 2.36
CA LYS E 1337 67.37 17.23 2.90
C LYS E 1337 66.30 17.58 1.88
N VAL E 1338 66.68 17.62 0.60
CA VAL E 1338 65.78 17.99 -0.48
C VAL E 1338 64.95 16.79 -0.90
N GLY E 1339 63.94 17.04 -1.71
CA GLY E 1339 63.07 15.98 -2.20
C GLY E 1339 63.68 15.19 -3.34
N ILE E 1340 63.00 14.08 -3.66
CA ILE E 1340 63.39 13.18 -4.74
C ILE E 1340 62.14 12.94 -5.59
N CYS E 1341 62.34 12.53 -6.84
CA CYS E 1341 61.25 12.52 -7.80
C CYS E 1341 60.15 11.55 -7.40
N GLY E 1342 58.93 12.08 -7.26
CA GLY E 1342 57.76 11.27 -7.08
C GLY E 1342 56.63 11.82 -7.94
N ARG E 1343 56.22 11.00 -8.91
CA ARG E 1343 55.27 11.44 -9.94
C ARG E 1343 53.85 11.46 -9.39
N THR E 1344 53.01 12.31 -9.99
CA THR E 1344 51.65 12.48 -9.51
C THR E 1344 50.90 11.15 -9.46
N GLY E 1345 51.25 10.22 -10.36
CA GLY E 1345 50.53 8.97 -10.42
C GLY E 1345 50.61 8.23 -9.10
N SER E 1346 51.77 8.34 -8.45
CA SER E 1346 52.07 7.76 -7.15
C SER E 1346 52.46 8.83 -6.14
N GLY E 1347 52.40 10.11 -6.53
CA GLY E 1347 52.81 11.19 -5.64
C GLY E 1347 51.96 11.26 -4.38
N LYS E 1348 50.64 11.10 -4.52
CA LYS E 1348 49.80 11.09 -3.33
C LYS E 1348 50.13 9.90 -2.44
N SER E 1349 50.36 8.73 -3.04
CA SER E 1349 50.68 7.55 -2.24
C SER E 1349 51.98 7.75 -1.46
N SER E 1350 53.00 8.32 -2.13
CA SER E 1350 54.26 8.62 -1.46
C SER E 1350 54.04 9.64 -0.35
N LEU E 1351 53.29 10.69 -0.64
CA LEU E 1351 53.00 11.72 0.35
C LEU E 1351 52.37 11.11 1.59
N SER E 1352 51.41 10.20 1.38
CA SER E 1352 50.85 9.47 2.52
C SER E 1352 51.85 8.54 3.16
N LEU E 1353 52.92 8.18 2.45
CA LEU E 1353 53.89 7.24 2.98
C LEU E 1353 55.02 7.92 3.74
N ALA E 1354 55.02 9.25 3.81
CA ALA E 1354 56.10 9.95 4.50
C ALA E 1354 56.08 9.69 5.99
N PHE E 1355 54.93 9.89 6.63
CA PHE E 1355 54.78 9.65 8.07
C PHE E 1355 53.51 8.91 8.45
N PHE E 1356 52.46 8.98 7.62
CA PHE E 1356 51.20 8.33 7.96
C PHE E 1356 51.30 6.82 7.83
N ARG E 1357 50.74 6.12 8.78
CA ARG E 1357 50.78 4.67 8.79
C ARG E 1357 49.70 4.10 7.86
N MET E 1358 49.67 2.78 7.78
CA MET E 1358 48.68 2.05 7.00
C MET E 1358 48.65 0.61 7.51
N VAL E 1359 48.04 -0.27 6.74
CA VAL E 1359 47.86 -1.65 7.17
C VAL E 1359 49.00 -2.52 6.68
N ASP E 1360 49.13 -2.63 5.35
CA ASP E 1360 50.14 -3.48 4.72
C ASP E 1360 50.97 -2.70 3.70
N ILE E 1361 51.32 -1.47 4.02
CA ILE E 1361 52.08 -0.61 3.11
C ILE E 1361 53.49 -0.46 3.66
N PHE E 1362 54.47 -0.91 2.88
CA PHE E 1362 55.89 -0.71 3.15
C PHE E 1362 56.36 -1.42 4.41
N ASP E 1363 55.54 -2.32 4.96
CA ASP E 1363 55.95 -3.05 6.14
C ASP E 1363 57.09 -4.00 5.82
N GLY E 1364 58.01 -4.16 6.77
CA GLY E 1364 59.05 -5.16 6.61
C GLY E 1364 60.31 -4.76 7.34
N LYS E 1365 61.40 -5.46 7.00
CA LYS E 1365 62.70 -5.14 7.54
C LYS E 1365 63.21 -3.81 7.00
N ILE E 1366 63.76 -3.00 7.88
CA ILE E 1366 64.21 -1.65 7.53
C ILE E 1366 65.47 -1.35 8.31
N VAL E 1367 66.35 -0.54 7.73
CA VAL E 1367 67.45 0.04 8.50
C VAL E 1367 67.16 1.53 8.60
N ILE E 1368 66.42 1.91 9.64
CA ILE E 1368 65.92 3.27 9.82
C ILE E 1368 65.53 3.47 11.26
N ASP E 1369 65.68 4.70 11.75
CA ASP E 1369 65.14 5.14 13.04
C ASP E 1369 65.84 4.52 14.23
N GLY E 1370 66.75 3.56 13.99
CA GLY E 1370 67.52 2.95 15.06
C GLY E 1370 66.70 2.32 16.16
N ILE E 1371 65.38 2.39 16.08
CA ILE E 1371 64.46 1.87 17.09
C ILE E 1371 63.30 1.21 16.35
N ASP E 1372 62.57 0.34 17.06
CA ASP E 1372 61.40 -0.29 16.49
C ASP E 1372 60.38 0.77 16.07
N ILE E 1373 59.68 0.53 14.97
CA ILE E 1373 58.88 1.60 14.39
C ILE E 1373 57.38 1.40 14.64
N SER E 1374 56.86 0.21 14.34
CA SER E 1374 55.42 0.01 14.42
C SER E 1374 54.94 -0.43 15.79
N LYS E 1375 55.81 -0.95 16.65
CA LYS E 1375 55.43 -1.47 17.95
C LYS E 1375 55.73 -0.50 19.10
N LEU E 1376 56.23 0.69 18.79
CA LEU E 1376 56.58 1.66 19.82
C LEU E 1376 55.32 2.11 20.56
N PRO E 1377 55.45 2.62 21.79
CA PRO E 1377 54.26 3.03 22.55
C PRO E 1377 53.49 4.11 21.79
N LEU E 1378 52.29 3.75 21.35
CA LEU E 1378 51.52 4.62 20.49
C LEU E 1378 50.96 5.84 21.23
N HIS E 1379 51.05 5.87 22.56
CA HIS E 1379 50.61 7.03 23.32
C HIS E 1379 51.67 8.14 23.36
N THR E 1380 52.95 7.80 23.14
CA THR E 1380 54.02 8.77 23.31
C THR E 1380 54.95 8.86 22.10
N LEU E 1381 55.08 7.74 21.35
CA LEU E 1381 55.97 7.69 20.20
C LEU E 1381 55.67 8.80 19.21
N ARG E 1382 54.38 9.08 19.00
CA ARG E 1382 53.90 10.08 18.07
C ARG E 1382 54.34 11.49 18.41
N SER E 1383 54.77 11.75 19.64
CA SER E 1383 55.27 13.08 19.95
C SER E 1383 56.62 13.34 19.30
N ARG E 1384 57.32 12.30 18.85
CA ARG E 1384 58.66 12.44 18.29
C ARG E 1384 58.62 12.69 16.78
N LEU E 1385 57.43 12.76 16.20
CA LEU E 1385 57.22 12.87 14.76
C LEU E 1385 57.44 14.31 14.31
N SER E 1386 57.27 14.55 13.02
CA SER E 1386 57.14 15.89 12.47
C SER E 1386 56.51 15.79 11.09
N ILE E 1387 55.59 16.70 10.79
CA ILE E 1387 54.94 16.77 9.48
C ILE E 1387 54.59 18.22 9.18
N ILE E 1388 54.11 18.49 7.98
CA ILE E 1388 53.56 19.79 7.60
C ILE E 1388 52.32 19.57 6.76
N LEU E 1389 51.28 20.35 7.03
CA LEU E 1389 50.06 20.26 6.23
C LEU E 1389 50.29 20.85 4.84
N GLN E 1390 49.51 20.36 3.88
CA GLN E 1390 49.59 20.85 2.51
C GLN E 1390 49.50 22.37 2.47
N ASP E 1391 48.39 22.92 2.95
CA ASP E 1391 48.29 24.35 3.18
C ASP E 1391 48.17 24.59 4.68
N PRO E 1392 49.29 24.81 5.38
CA PRO E 1392 49.25 24.89 6.84
C PRO E 1392 48.34 25.98 7.37
N ILE E 1393 47.25 25.58 8.02
CA ILE E 1393 46.43 26.47 8.82
C ILE E 1393 46.21 25.77 10.16
N LEU E 1394 46.67 26.39 11.24
CA LEU E 1394 46.47 25.85 12.58
C LEU E 1394 45.56 26.81 13.35
N PHE E 1395 44.28 26.45 13.42
CA PHE E 1395 43.29 27.33 14.03
C PHE E 1395 43.50 27.44 15.54
N SER E 1396 44.35 26.59 16.10
CA SER E 1396 44.54 26.56 17.54
C SER E 1396 45.33 27.78 18.00
N GLY E 1397 45.63 27.88 19.29
CA GLY E 1397 46.38 29.00 19.78
C GLY E 1397 47.83 29.00 19.31
N SER E 1398 48.60 28.04 19.80
CA SER E 1398 49.98 27.80 19.37
C SER E 1398 50.92 28.98 19.60
N ILE E 1399 50.45 30.04 20.25
CA ILE E 1399 51.34 31.16 20.59
C ILE E 1399 51.20 31.52 22.05
N ARG E 1400 49.99 31.88 22.47
CA ARG E 1400 49.73 32.15 23.88
C ARG E 1400 49.94 30.89 24.71
N PHE E 1401 49.47 29.77 24.21
CA PHE E 1401 49.66 28.45 24.82
C PHE E 1401 50.57 27.57 23.96
N ASN E 1402 51.57 28.19 23.30
CA ASN E 1402 52.51 27.44 22.48
C ASN E 1402 53.33 26.46 23.30
N LEU E 1403 53.53 26.72 24.59
CA LEU E 1403 54.25 25.82 25.49
C LEU E 1403 53.30 24.91 26.24
N ASP E 1404 52.49 24.13 25.51
CA ASP E 1404 51.58 23.18 26.15
C ASP E 1404 52.40 22.15 26.94
N PRO E 1405 53.51 21.61 26.39
CA PRO E 1405 54.46 20.94 27.28
C PRO E 1405 55.14 21.97 28.15
N GLU E 1406 55.57 21.58 29.35
CA GLU E 1406 56.11 22.53 30.33
C GLU E 1406 57.51 22.97 29.90
N CYS E 1407 57.57 24.11 29.21
CA CYS E 1407 58.86 24.70 28.83
C CYS E 1407 58.82 26.19 29.20
N LYS E 1408 59.93 26.66 29.75
CA LYS E 1408 60.27 28.08 29.74
C LYS E 1408 61.21 28.37 28.57
N CYS E 1409 60.72 28.16 27.35
CA CYS E 1409 61.59 28.11 26.18
C CYS E 1409 62.39 29.40 26.00
N THR E 1410 61.84 30.53 26.44
CA THR E 1410 62.58 31.80 26.56
C THR E 1410 63.17 32.28 25.23
N ASP E 1411 62.55 31.91 24.11
CA ASP E 1411 63.02 32.41 22.83
C ASP E 1411 61.87 32.82 21.93
N ASP E 1412 60.64 32.78 22.42
CA ASP E 1412 59.51 33.26 21.62
C ASP E 1412 59.42 34.78 21.61
N ARG E 1413 60.23 35.48 22.42
CA ARG E 1413 60.17 36.93 22.43
C ARG E 1413 60.89 37.53 21.23
N LEU E 1414 62.21 37.35 21.15
CA LEU E 1414 62.96 37.85 20.02
C LEU E 1414 64.13 36.96 19.59
N TRP E 1415 64.35 35.82 20.26
CA TRP E 1415 65.60 35.10 20.08
C TRP E 1415 65.61 34.17 18.88
N GLU E 1416 64.77 33.13 18.87
CA GLU E 1416 64.82 32.13 17.82
C GLU E 1416 63.67 32.24 16.83
N ALA E 1417 62.61 32.98 17.15
CA ALA E 1417 61.64 33.36 16.13
C ALA E 1417 62.27 34.29 15.11
N LEU E 1418 62.99 35.32 15.57
CA LEU E 1418 63.75 36.16 14.66
C LEU E 1418 64.86 35.38 13.99
N GLU E 1419 65.53 34.50 14.75
CA GLU E 1419 66.54 33.63 14.15
C GLU E 1419 65.91 32.69 13.13
N ILE E 1420 64.71 32.17 13.42
CA ILE E 1420 63.98 31.45 12.40
C ILE E 1420 63.43 32.41 11.37
N ALA E 1421 63.22 33.68 11.74
CA ALA E 1421 62.77 34.78 10.90
C ALA E 1421 61.36 34.56 10.37
N GLN E 1422 60.75 33.40 10.63
CA GLN E 1422 59.36 33.17 10.28
C GLN E 1422 58.40 33.96 11.15
N LEU E 1423 58.73 34.11 12.43
CA LEU E 1423 57.94 34.90 13.35
C LEU E 1423 58.62 36.19 13.80
N LYS E 1424 59.70 36.61 13.13
CA LYS E 1424 60.39 37.82 13.60
C LYS E 1424 59.45 39.01 13.55
N ASN E 1425 58.64 39.11 12.50
CA ASN E 1425 57.72 40.23 12.38
C ASN E 1425 56.72 40.23 13.54
N MET E 1426 56.17 39.05 13.84
CA MET E 1426 55.19 38.82 14.89
C MET E 1426 55.78 38.63 16.29
N VAL E 1427 57.09 38.52 16.46
CA VAL E 1427 57.62 38.28 17.80
C VAL E 1427 58.61 39.33 18.26
N LYS E 1428 59.74 39.44 17.56
CA LYS E 1428 60.84 40.26 18.05
C LYS E 1428 60.43 41.73 18.18
N SER E 1429 59.74 42.27 17.18
CA SER E 1429 59.34 43.67 17.20
C SER E 1429 57.84 43.80 17.05
N LEU E 1430 57.08 43.01 17.81
CA LEU E 1430 55.63 43.05 17.72
C LEU E 1430 55.01 43.25 19.09
N PRO E 1431 53.91 43.98 19.18
CA PRO E 1431 53.24 44.21 20.46
C PRO E 1431 52.14 43.21 20.78
N GLY E 1432 51.99 42.15 20.00
CA GLY E 1432 50.98 41.16 20.31
C GLY E 1432 51.16 40.54 21.68
N GLY E 1433 52.39 40.19 22.01
CA GLY E 1433 52.76 39.75 23.34
C GLY E 1433 52.92 38.24 23.42
N LEU E 1434 53.40 37.80 24.58
CA LEU E 1434 53.57 36.38 24.80
C LEU E 1434 52.24 35.65 24.97
N ASP E 1435 51.14 36.38 25.17
CA ASP E 1435 49.82 35.79 25.30
C ASP E 1435 48.85 36.50 24.35
N ALA E 1436 48.87 36.07 23.08
CA ALA E 1436 47.93 36.51 22.07
C ALA E 1436 48.14 35.62 20.84
N THR E 1437 47.05 35.12 20.29
CA THR E 1437 47.09 34.25 19.13
C THR E 1437 46.15 34.81 18.08
N VAL E 1438 45.82 34.00 17.09
CA VAL E 1438 44.88 34.38 16.06
C VAL E 1438 43.70 33.41 16.11
N THR E 1439 42.49 33.96 16.08
CA THR E 1439 41.29 33.15 16.17
C THR E 1439 41.07 32.46 14.84
N GLU E 1440 41.27 31.14 14.80
CA GLU E 1440 41.05 30.32 13.61
C GLU E 1440 41.83 30.87 12.42
N GLY E 1441 43.05 31.33 12.69
CA GLY E 1441 43.85 31.90 11.64
C GLY E 1441 45.28 31.41 11.60
N GLY E 1442 45.65 30.77 10.50
CA GLY E 1442 47.04 30.49 10.22
C GLY E 1442 47.53 31.56 9.28
N GLU E 1443 46.56 32.30 8.73
CA GLU E 1443 46.84 33.44 7.86
C GLU E 1443 45.91 34.63 8.13
N ASN E 1444 45.11 34.59 9.20
CA ASN E 1444 44.18 35.69 9.45
C ASN E 1444 44.91 36.92 9.96
N PHE E 1445 45.54 36.81 11.13
CA PHE E 1445 46.31 37.92 11.68
C PHE E 1445 47.81 37.66 11.71
N SER E 1446 48.24 36.42 11.45
CA SER E 1446 49.65 36.05 11.38
C SER E 1446 49.86 35.47 9.98
N VAL E 1447 50.14 36.34 9.00
CA VAL E 1447 50.25 35.92 7.61
C VAL E 1447 51.72 35.75 7.26
N GLY E 1448 52.61 36.24 8.12
CA GLY E 1448 54.03 36.13 7.85
C GLY E 1448 54.54 34.71 7.92
N GLN E 1449 53.91 33.86 8.73
CA GLN E 1449 54.31 32.46 8.80
C GLN E 1449 53.11 31.64 9.28
N ARG E 1450 52.52 30.87 8.35
CA ARG E 1450 51.50 29.92 8.74
C ARG E 1450 52.10 28.72 9.47
N GLN E 1451 53.36 28.41 9.20
CA GLN E 1451 54.12 27.42 9.97
C GLN E 1451 55.06 28.13 10.93
N LEU E 1452 54.98 27.76 12.19
CA LEU E 1452 55.75 28.43 13.23
C LEU E 1452 57.24 28.11 13.13
N PHE E 1453 58.01 28.65 14.08
CA PHE E 1453 59.45 28.43 14.15
C PHE E 1453 59.74 27.02 14.63
N CYS E 1454 60.34 26.20 13.76
CA CYS E 1454 60.66 24.82 14.10
C CYS E 1454 61.66 24.75 15.24
N LEU E 1455 62.70 25.59 15.19
CA LEU E 1455 63.69 25.58 16.25
C LEU E 1455 63.05 25.94 17.57
N ALA E 1456 62.12 26.91 17.56
CA ALA E 1456 61.49 27.32 18.80
C ALA E 1456 60.73 26.14 19.40
N ARG E 1457 60.02 25.39 18.55
CA ARG E 1457 59.32 24.18 18.97
C ARG E 1457 60.29 23.14 19.50
N ALA E 1458 61.55 23.21 19.07
CA ALA E 1458 62.58 22.30 19.58
C ALA E 1458 63.51 23.03 20.56
N PHE E 1459 63.35 24.34 20.69
CA PHE E 1459 64.16 25.13 21.63
C PHE E 1459 63.86 24.74 23.08
N SER E 1463 62.52 18.32 17.57
CA SER E 1463 63.43 17.29 17.09
C SER E 1463 64.29 17.81 15.94
N SER E 1464 64.85 16.90 15.15
CA SER E 1464 65.70 17.27 14.03
C SER E 1464 65.34 16.57 12.71
N ILE E 1465 64.05 16.43 12.40
CA ILE E 1465 63.59 15.81 11.17
C ILE E 1465 62.43 16.64 10.62
N LEU E 1466 62.52 17.01 9.35
CA LEU E 1466 61.52 17.83 8.69
C LEU E 1466 60.76 17.01 7.64
N ILE E 1467 59.45 17.20 7.57
CA ILE E 1467 58.59 16.57 6.57
C ILE E 1467 57.89 17.68 5.81
N MET E 1468 57.85 17.57 4.48
CA MET E 1468 57.49 18.69 3.62
C MET E 1468 56.06 18.59 3.09
N ASP E 1469 55.66 19.63 2.36
CA ASP E 1469 54.33 19.79 1.76
C ASP E 1469 54.49 20.61 0.49
N GLU E 1470 53.42 20.70 -0.32
CA GLU E 1470 53.49 21.24 -1.67
C GLU E 1470 53.13 22.72 -1.65
N ALA E 1471 53.91 23.52 -2.36
CA ALA E 1471 53.70 24.96 -2.41
C ALA E 1471 52.42 25.28 -3.18
N THR E 1472 51.33 25.53 -2.45
CA THR E 1472 50.03 25.71 -3.07
C THR E 1472 49.43 27.09 -2.82
N ALA E 1473 49.67 27.67 -1.64
CA ALA E 1473 49.04 28.94 -1.27
C ALA E 1473 50.06 29.93 -0.69
N SER E 1474 51.35 29.62 -0.81
CA SER E 1474 52.39 30.48 -0.29
C SER E 1474 53.09 31.18 -1.45
N ILE E 1475 53.33 32.49 -1.30
CA ILE E 1475 53.98 33.28 -2.35
C ILE E 1475 55.41 32.80 -2.57
N ASP E 1476 55.86 32.89 -3.82
CA ASP E 1476 57.16 32.32 -4.17
C ASP E 1476 58.30 32.98 -3.42
N MET E 1477 58.29 34.32 -3.33
CA MET E 1477 59.34 35.00 -2.57
C MET E 1477 59.36 34.55 -1.12
N ALA E 1478 58.18 34.48 -0.52
CA ALA E 1478 58.08 34.01 0.86
C ALA E 1478 58.56 32.57 0.94
N THR E 1479 58.23 31.77 -0.07
CA THR E 1479 58.71 30.39 -0.10
C THR E 1479 60.23 30.34 -0.17
N GLU E 1480 60.85 31.25 -0.93
CA GLU E 1480 62.31 31.30 -0.98
C GLU E 1480 62.89 31.68 0.38
N ASN E 1481 62.25 32.63 1.07
CA ASN E 1481 62.70 32.97 2.42
C ASN E 1481 62.56 31.76 3.34
N ILE E 1482 61.46 31.02 3.19
CA ILE E 1482 61.26 29.80 3.95
C ILE E 1482 62.32 28.77 3.57
N LEU E 1483 62.76 28.77 2.32
CA LEU E 1483 63.85 27.90 1.92
C LEU E 1483 65.16 28.30 2.61
N GLN E 1484 65.40 29.60 2.76
CA GLN E 1484 66.57 30.04 3.52
C GLN E 1484 66.47 29.59 4.98
N LYS E 1485 65.28 29.69 5.55
CA LYS E 1485 65.05 29.15 6.88
C LYS E 1485 65.23 27.64 6.90
N VAL E 1486 64.87 26.98 5.81
CA VAL E 1486 65.05 25.53 5.69
C VAL E 1486 66.53 25.20 5.67
N VAL E 1487 67.34 26.05 5.04
CA VAL E 1487 68.80 25.89 5.09
C VAL E 1487 69.33 26.12 6.50
N MET E 1488 68.81 27.12 7.23
CA MET E 1488 69.22 27.33 8.61
C MET E 1488 68.90 26.13 9.50
N THR E 1489 67.73 25.52 9.28
CA THR E 1489 67.37 24.29 9.98
C THR E 1489 68.18 23.10 9.50
N ALA E 1490 68.53 23.06 8.22
CA ALA E 1490 69.34 21.97 7.67
C ALA E 1490 70.71 21.90 8.31
N PHE E 1491 71.22 23.03 8.81
CA PHE E 1491 72.41 22.98 9.66
C PHE E 1491 72.19 22.10 10.88
N ALA E 1492 70.94 22.00 11.35
CA ALA E 1492 70.59 21.14 12.48
C ALA E 1492 70.12 19.76 12.07
N ASP E 1493 69.81 19.52 10.79
CA ASP E 1493 69.35 18.22 10.35
C ASP E 1493 70.33 17.53 9.42
N ARG E 1494 70.63 18.14 8.27
CA ARG E 1494 71.46 17.54 7.22
C ARG E 1494 70.95 16.17 6.77
N THR E 1495 69.67 15.88 7.05
CA THR E 1495 69.00 14.67 6.57
C THR E 1495 67.50 14.84 6.80
N VAL E 1496 66.71 14.80 5.73
CA VAL E 1496 65.28 15.11 5.79
C VAL E 1496 64.56 14.36 4.66
N VAL E 1497 63.23 14.30 4.73
CA VAL E 1497 62.40 13.79 3.65
C VAL E 1497 61.50 14.94 3.17
N THR E 1498 61.39 15.12 1.85
CA THR E 1498 60.60 16.21 1.28
C THR E 1498 59.79 15.71 0.09
N ILE E 1499 58.60 16.29 -0.06
CA ILE E 1499 57.68 15.96 -1.16
C ILE E 1499 57.24 17.25 -1.85
N ALA E 1500 57.51 17.35 -3.14
CA ALA E 1500 57.18 18.54 -3.94
C ALA E 1500 57.32 18.20 -5.41
N HIS E 1501 56.58 18.93 -6.24
CA HIS E 1501 56.50 18.64 -7.67
C HIS E 1501 56.90 19.80 -8.58
N ARG E 1502 57.14 20.99 -8.04
CA ARG E 1502 57.36 22.18 -8.85
C ARG E 1502 58.77 22.72 -8.65
N VAL E 1503 59.27 23.40 -9.68
CA VAL E 1503 60.67 23.83 -9.63
C VAL E 1503 60.89 24.86 -8.54
N HIS E 1504 59.86 25.65 -8.18
CA HIS E 1504 60.04 26.66 -7.15
C HIS E 1504 60.46 26.01 -5.84
N THR E 1505 60.12 24.72 -5.68
CA THR E 1505 60.49 23.89 -4.56
C THR E 1505 61.56 22.87 -4.92
N ILE E 1506 61.78 22.64 -6.21
CA ILE E 1506 62.72 21.63 -6.69
C ILE E 1506 63.79 22.27 -7.56
N LEU E 1507 64.17 23.50 -7.24
CA LEU E 1507 65.18 24.21 -8.00
C LEU E 1507 66.61 23.81 -7.62
N THR E 1508 67.02 24.08 -6.38
CA THR E 1508 68.39 23.82 -5.93
C THR E 1508 68.47 22.57 -5.06
N ALA E 1509 67.73 21.52 -5.42
CA ALA E 1509 67.70 20.33 -4.60
C ALA E 1509 69.11 19.76 -4.45
N ASP E 1510 69.55 19.60 -3.21
CA ASP E 1510 70.92 19.17 -2.91
C ASP E 1510 71.17 17.71 -3.17
N LEU E 1511 70.24 16.84 -2.79
CA LEU E 1511 70.32 15.41 -3.07
C LEU E 1511 69.05 14.99 -3.75
N VAL E 1512 69.16 14.31 -4.89
CA VAL E 1512 68.02 13.91 -5.70
C VAL E 1512 68.19 12.45 -6.08
N ILE E 1513 67.15 11.90 -6.72
CA ILE E 1513 67.14 10.49 -7.11
C ILE E 1513 66.58 10.33 -8.51
N VAL E 1514 66.85 9.16 -9.07
CA VAL E 1514 66.34 8.73 -10.37
C VAL E 1514 65.23 7.74 -10.08
N MET E 1515 64.00 8.10 -10.42
CA MET E 1515 62.84 7.41 -9.86
C MET E 1515 62.46 6.19 -10.70
N LYS E 1516 61.36 5.54 -10.31
CA LYS E 1516 60.84 4.40 -11.05
C LYS E 1516 59.32 4.40 -10.99
N ARG E 1517 58.68 4.93 -12.04
CA ARG E 1517 57.25 4.80 -12.29
C ARG E 1517 56.38 5.41 -11.21
N GLY E 1518 56.94 6.12 -10.25
CA GLY E 1518 56.13 6.64 -9.16
C GLY E 1518 56.83 6.66 -7.83
N ASN E 1519 58.03 6.11 -7.79
CA ASN E 1519 58.83 6.08 -6.57
C ASN E 1519 60.31 6.04 -6.94
N ILE E 1520 61.15 6.50 -6.02
CA ILE E 1520 62.57 6.65 -6.29
C ILE E 1520 63.18 5.27 -6.50
N LEU E 1521 64.01 5.15 -7.54
CA LEU E 1521 64.69 3.89 -7.85
C LEU E 1521 66.15 3.87 -7.41
N GLU E 1522 66.89 4.94 -7.62
CA GLU E 1522 68.29 4.96 -7.24
C GLU E 1522 68.67 6.38 -6.86
N TYR E 1523 69.80 6.52 -6.18
CA TYR E 1523 70.28 7.82 -5.73
C TYR E 1523 71.19 8.44 -6.78
N ASP E 1524 70.85 9.65 -7.20
CA ASP E 1524 71.69 10.39 -8.15
C ASP E 1524 71.41 11.87 -7.92
N THR E 1525 72.32 12.54 -7.20
CA THR E 1525 72.09 13.95 -6.87
C THR E 1525 72.04 14.86 -8.10
N PRO E 1526 73.00 14.81 -9.04
CA PRO E 1526 73.00 15.82 -10.11
C PRO E 1526 71.77 15.75 -10.99
N GLU E 1527 71.71 16.62 -12.00
CA GLU E 1527 70.50 16.70 -12.81
C GLU E 1527 70.71 16.26 -14.25
N SER E 1528 71.87 16.55 -14.83
CA SER E 1528 72.13 16.10 -16.20
C SER E 1528 72.20 14.58 -16.33
N LEU E 1529 72.76 13.88 -15.32
CA LEU E 1529 72.75 12.42 -15.34
C LEU E 1529 71.33 11.85 -15.32
N LEU E 1530 70.46 12.40 -14.49
CA LEU E 1530 69.05 12.02 -14.52
C LEU E 1530 68.40 12.38 -15.84
N ALA E 1531 68.89 13.43 -16.50
CA ALA E 1531 68.35 13.82 -17.80
C ALA E 1531 68.73 12.83 -18.89
N GLN E 1532 69.97 12.33 -18.88
CA GLN E 1532 70.36 11.34 -19.89
C GLN E 1532 69.52 10.07 -19.76
N GLU E 1533 69.25 9.65 -18.53
CA GLU E 1533 68.35 8.54 -18.27
C GLU E 1533 66.92 9.06 -18.13
N ASP E 1534 66.01 8.21 -17.65
CA ASP E 1534 64.63 8.60 -17.40
C ASP E 1534 64.42 9.24 -16.03
N GLY E 1535 65.47 9.78 -15.41
CA GLY E 1535 65.39 10.28 -14.06
C GLY E 1535 64.45 11.45 -13.85
N VAL E 1536 64.74 12.59 -14.47
CA VAL E 1536 63.97 13.81 -14.24
C VAL E 1536 63.36 14.29 -15.56
N PHE E 1537 63.12 13.36 -16.49
CA PHE E 1537 62.53 13.73 -17.77
C PHE E 1537 61.19 14.42 -17.56
N ALA E 1538 60.35 13.86 -16.70
CA ALA E 1538 59.10 14.51 -16.34
C ALA E 1538 59.31 15.85 -15.64
N SER E 1539 60.34 15.95 -14.80
CA SER E 1539 60.70 17.23 -14.20
C SER E 1539 61.24 18.23 -15.21
N PHE E 1540 62.01 17.77 -16.21
CA PHE E 1540 62.51 18.65 -17.26
C PHE E 1540 61.40 19.29 -18.08
N VAL E 1541 60.14 18.89 -17.90
CA VAL E 1541 59.00 19.39 -18.67
C VAL E 1541 58.82 20.90 -18.56
N ARG E 1542 59.42 21.53 -17.55
CA ARG E 1542 59.33 22.98 -17.40
C ARG E 1542 60.64 23.70 -17.66
N ALA E 1543 61.77 23.01 -17.63
CA ALA E 1543 63.06 23.64 -17.86
C ALA E 1543 63.97 22.76 -18.72
N MET F 1 -28.96 -46.65 37.03
CA MET F 1 -27.95 -47.38 37.78
C MET F 1 -26.65 -47.46 37.02
N SER F 2 -26.58 -46.76 35.90
CA SER F 2 -25.35 -46.69 35.14
C SER F 2 -25.13 -45.20 34.99
N LEU F 3 -24.01 -44.70 35.49
CA LEU F 3 -23.72 -43.27 35.41
C LEU F 3 -22.27 -43.01 35.62
N SER F 4 -21.88 -41.78 35.41
CA SER F 4 -20.54 -41.29 35.64
C SER F 4 -20.68 -39.88 36.24
N PHE F 5 -19.74 -39.47 37.08
CA PHE F 5 -19.76 -38.18 37.81
C PHE F 5 -20.93 -38.05 38.80
N CYS F 6 -21.46 -39.17 39.29
CA CYS F 6 -22.66 -39.21 40.13
C CYS F 6 -22.85 -39.94 41.47
N GLY F 7 -23.11 -39.12 42.47
CA GLY F 7 -23.51 -39.44 43.84
C GLY F 7 -24.79 -38.62 43.74
N ASN F 8 -25.93 -39.15 44.09
CA ASN F 8 -27.21 -38.54 43.70
C ASN F 8 -27.46 -37.05 43.88
N ASN F 9 -26.91 -36.46 44.90
CA ASN F 9 -27.11 -35.06 45.12
C ASN F 9 -25.97 -34.19 44.70
N ILE F 10 -24.85 -34.83 44.40
CA ILE F 10 -23.58 -34.17 44.09
C ILE F 10 -23.51 -33.34 42.85
N SER F 11 -24.36 -33.63 41.89
CA SER F 11 -24.30 -32.85 40.70
C SER F 11 -24.62 -31.40 41.02
N SER F 12 -25.63 -31.08 41.85
CA SER F 12 -25.89 -29.67 42.18
C SER F 12 -26.65 -29.36 43.44
N TYR F 13 -26.51 -28.15 43.93
CA TYR F 13 -27.25 -27.78 45.12
C TYR F 13 -27.60 -26.32 45.02
N ASN F 14 -28.71 -25.91 45.64
CA ASN F 14 -29.15 -24.54 45.51
C ASN F 14 -28.17 -23.54 46.03
N ILE F 15 -27.50 -23.83 47.15
CA ILE F 15 -26.56 -22.90 47.80
C ILE F 15 -25.39 -22.46 46.92
N TYR F 16 -24.93 -23.34 46.04
CA TYR F 16 -23.88 -22.97 45.12
C TYR F 16 -24.31 -23.17 43.66
N HIS F 17 -24.70 -24.39 43.29
CA HIS F 17 -25.15 -24.69 41.94
C HIS F 17 -24.17 -24.23 40.90
N GLY F 18 -24.64 -23.41 39.99
CA GLY F 18 -23.82 -22.89 38.92
C GLY F 18 -22.65 -22.07 39.39
N VAL F 19 -22.83 -21.32 40.47
CA VAL F 19 -21.74 -20.55 41.03
C VAL F 19 -20.72 -21.60 41.39
N LEU F 20 -19.45 -21.32 41.12
CA LEU F 20 -18.40 -22.31 41.29
C LEU F 20 -18.13 -22.88 42.67
N GLN F 21 -18.69 -22.33 43.74
CA GLN F 21 -18.50 -22.80 45.10
C GLN F 21 -18.84 -24.28 45.37
N ASN F 22 -19.70 -24.93 44.59
CA ASN F 22 -19.88 -26.34 44.81
C ASN F 22 -18.71 -26.80 44.03
N PRO F 23 -17.66 -27.25 44.72
CA PRO F 23 -16.33 -27.65 44.27
C PRO F 23 -16.43 -28.74 43.28
N CYS F 24 -17.33 -29.69 43.47
CA CYS F 24 -17.46 -30.77 42.51
C CYS F 24 -17.82 -30.23 41.12
N PHE F 25 -18.68 -29.20 41.04
CA PHE F 25 -19.08 -28.54 39.80
C PHE F 25 -18.03 -27.69 39.11
N VAL F 26 -16.93 -27.42 39.81
CA VAL F 26 -15.83 -26.63 39.32
C VAL F 26 -14.89 -27.55 38.67
N ASP F 27 -14.85 -28.78 39.17
CA ASP F 27 -13.95 -29.74 38.62
C ASP F 27 -14.14 -29.94 37.14
N ALA F 28 -15.36 -30.00 36.67
CA ALA F 28 -15.54 -30.25 35.25
C ALA F 28 -14.94 -29.22 34.34
N LEU F 29 -15.00 -27.96 34.72
CA LEU F 29 -14.49 -26.86 33.91
C LEU F 29 -13.13 -27.13 33.33
N ASN F 30 -12.19 -27.53 34.19
CA ASN F 30 -10.81 -27.89 33.78
C ASN F 30 -10.85 -28.80 32.51
N LEU F 31 -11.78 -29.75 32.51
CA LEU F 31 -11.93 -30.60 31.31
C LEU F 31 -12.29 -29.78 30.07
N VAL F 32 -13.13 -28.76 30.21
CA VAL F 32 -13.49 -27.95 29.09
C VAL F 32 -12.30 -27.32 28.47
N PRO F 33 -11.43 -26.75 29.30
CA PRO F 33 -10.28 -26.15 28.59
C PRO F 33 -9.42 -27.16 27.84
N HIS F 34 -9.23 -28.31 28.48
CA HIS F 34 -8.43 -29.32 27.76
C HIS F 34 -9.11 -29.76 26.45
N VAL F 35 -10.41 -29.94 26.48
CA VAL F 35 -11.13 -30.36 25.29
C VAL F 35 -10.99 -29.34 24.20
N PHE F 36 -11.08 -28.05 24.53
CA PHE F 36 -10.97 -27.06 23.48
C PHE F 36 -9.63 -27.16 22.80
N LEU F 37 -8.55 -27.26 23.58
CA LEU F 37 -7.27 -27.35 22.85
C LEU F 37 -7.12 -28.56 21.98
N LEU F 38 -7.54 -29.70 22.50
CA LEU F 38 -7.36 -30.88 21.67
C LEU F 38 -8.21 -30.84 20.43
N PHE F 39 -9.43 -30.34 20.56
CA PHE F 39 -10.31 -30.32 19.40
C PHE F 39 -9.73 -29.43 18.35
N ILE F 40 -9.24 -28.26 18.75
CA ILE F 40 -8.70 -27.38 17.72
C ILE F 40 -7.49 -28.02 17.05
N THR F 41 -6.63 -28.70 17.81
CA THR F 41 -5.51 -29.41 17.19
C THR F 41 -5.85 -30.64 16.28
N PHE F 42 -6.85 -31.45 16.61
CA PHE F 42 -7.10 -32.66 15.82
C PHE F 42 -7.28 -32.48 14.34
N PRO F 43 -7.84 -31.36 13.95
CA PRO F 43 -8.03 -30.95 12.55
C PRO F 43 -7.04 -29.92 12.05
N ILE F 44 -6.07 -29.51 12.87
CA ILE F 44 -5.01 -28.60 12.45
C ILE F 44 -3.70 -29.31 12.20
N LEU F 45 -3.68 -30.63 12.26
CA LEU F 45 -2.49 -31.38 11.86
C LEU F 45 -2.84 -32.53 10.92
N PHE F 46 -4.08 -33.04 10.99
CA PHE F 46 -4.51 -33.99 9.97
C PHE F 46 -4.48 -33.36 8.60
N ILE F 47 -4.74 -32.06 8.53
CA ILE F 47 -4.59 -31.28 7.31
C ILE F 47 -3.10 -31.15 7.05
N GLY F 48 -2.74 -30.68 5.86
CA GLY F 48 -1.35 -30.51 5.52
C GLY F 48 -0.92 -29.07 5.54
N TRP F 49 -0.16 -28.69 6.56
CA TRP F 49 0.32 -27.32 6.68
C TRP F 49 1.64 -27.10 5.97
N GLY F 50 2.18 -28.11 5.31
CA GLY F 50 3.48 -27.99 4.70
C GLY F 50 3.63 -28.72 3.38
N SER F 51 2.52 -29.04 2.72
CA SER F 51 2.59 -29.77 1.46
C SER F 51 2.61 -28.85 0.25
N GLN F 52 2.43 -27.54 0.44
CA GLN F 52 2.51 -26.59 -0.68
C GLN F 52 2.77 -25.21 -0.09
N SER F 53 3.95 -24.67 -0.36
CA SER F 53 4.33 -23.33 0.12
C SER F 53 5.61 -22.92 -0.61
N SER F 54 6.04 -21.69 -0.35
CA SER F 54 7.23 -21.10 -0.98
C SER F 54 8.28 -20.92 0.11
N LYS F 55 9.06 -21.96 0.36
CA LYS F 55 10.12 -21.92 1.34
C LYS F 55 11.22 -22.89 0.93
N VAL F 56 12.34 -22.81 1.62
CA VAL F 56 13.37 -23.84 1.50
C VAL F 56 12.72 -25.18 1.83
N GLN F 57 12.70 -26.09 0.85
CA GLN F 57 11.94 -27.32 1.01
C GLN F 57 12.50 -28.20 2.12
N ILE F 58 13.83 -28.23 2.26
CA ILE F 58 14.43 -29.14 3.21
C ILE F 58 13.99 -28.81 4.63
N HIS F 59 14.06 -29.81 5.50
CA HIS F 59 13.63 -29.67 6.89
C HIS F 59 14.88 -29.54 7.77
N HIS F 60 15.27 -28.30 8.03
CA HIS F 60 16.40 -28.10 8.93
C HIS F 60 16.27 -26.77 9.67
N ASN F 61 15.94 -26.81 10.96
CA ASN F 61 15.80 -25.57 11.72
C ASN F 61 15.86 -25.71 13.22
N THR F 62 16.18 -24.58 13.84
CA THR F 62 16.20 -24.36 15.29
C THR F 62 16.09 -22.83 15.43
N TRP F 63 14.94 -22.23 15.16
CA TRP F 63 14.85 -20.77 15.20
C TRP F 63 15.07 -20.04 16.54
N LEU F 64 14.40 -20.48 17.61
CA LEU F 64 14.52 -19.91 18.96
C LEU F 64 14.41 -21.06 19.95
N HIS F 65 14.91 -22.20 19.53
CA HIS F 65 14.81 -23.42 20.28
C HIS F 65 15.48 -23.47 21.63
N PHE F 66 16.64 -22.85 21.82
CA PHE F 66 17.34 -23.06 23.11
C PHE F 66 16.58 -22.66 24.37
N PRO F 67 15.82 -21.55 24.32
CA PRO F 67 15.02 -21.10 25.48
C PRO F 67 13.65 -21.73 25.46
N GLY F 68 13.33 -22.53 24.43
CA GLY F 68 12.07 -23.26 24.32
C GLY F 68 12.21 -24.77 24.51
N HIS F 69 13.39 -25.29 24.15
CA HIS F 69 13.76 -26.71 24.31
C HIS F 69 13.83 -26.98 25.77
N ASN F 70 14.41 -26.02 26.50
CA ASN F 70 14.49 -26.05 27.94
C ASN F 70 13.09 -25.98 28.49
N LEU F 71 12.27 -25.16 27.87
CA LEU F 71 10.92 -25.10 28.28
C LEU F 71 10.14 -26.37 27.98
N ARG F 72 9.90 -26.71 26.71
CA ARG F 72 8.93 -27.75 26.48
C ARG F 72 9.41 -29.12 26.90
N TRP F 73 10.59 -29.46 26.44
CA TRP F 73 11.07 -30.83 26.53
C TRP F 73 11.16 -31.32 27.91
N ILE F 74 11.43 -30.39 28.78
CA ILE F 74 11.44 -30.73 30.19
C ILE F 74 10.08 -30.39 30.80
N LEU F 75 9.52 -29.27 30.39
CA LEU F 75 8.27 -28.90 31.01
C LEU F 75 7.16 -29.90 30.77
N THR F 76 6.95 -30.29 29.53
CA THR F 76 5.86 -31.21 29.22
C THR F 76 6.07 -32.54 29.90
N PHE F 77 7.29 -33.01 29.92
CA PHE F 77 7.60 -34.28 30.55
C PHE F 77 7.27 -34.20 32.02
N ALA F 78 7.64 -33.10 32.65
CA ALA F 78 7.32 -32.92 34.02
C ALA F 78 5.82 -32.89 34.07
N LEU F 79 5.24 -32.10 33.18
CA LEU F 79 3.78 -31.98 33.17
C LEU F 79 3.13 -33.34 32.94
N LEU F 80 3.62 -34.08 31.96
CA LEU F 80 3.11 -35.44 31.74
C LEU F 80 3.33 -36.29 32.99
N PHE F 81 4.44 -36.07 33.68
CA PHE F 81 4.66 -36.75 34.95
C PHE F 81 3.59 -36.38 35.97
N VAL F 82 3.26 -35.09 36.06
CA VAL F 82 2.28 -34.63 37.04
C VAL F 82 0.89 -35.14 36.67
N HIS F 83 0.58 -35.19 35.38
CA HIS F 83 -0.69 -35.74 34.93
C HIS F 83 -0.78 -37.23 35.24
N VAL F 84 0.32 -37.95 35.08
CA VAL F 84 0.36 -39.35 35.52
C VAL F 84 0.11 -39.44 37.01
N CYS F 85 0.75 -38.58 37.80
CA CYS F 85 0.56 -38.58 39.25
C CYS F 85 -0.91 -38.35 39.60
N GLU F 86 -1.52 -37.36 38.96
CA GLU F 86 -2.93 -37.09 39.22
C GLU F 86 -3.79 -38.25 38.80
N ILE F 87 -3.46 -38.90 37.69
CA ILE F 87 -4.20 -40.09 37.28
C ILE F 87 -4.11 -41.15 38.36
N ALA F 88 -2.94 -41.32 38.96
CA ALA F 88 -2.76 -42.32 40.01
C ALA F 88 -3.62 -42.00 41.22
N GLU F 89 -3.51 -40.76 41.72
CA GLU F 89 -4.30 -40.36 42.87
C GLU F 89 -5.79 -40.53 42.58
N GLY F 90 -6.22 -40.16 41.39
CA GLY F 90 -7.62 -40.27 41.04
C GLY F 90 -8.08 -41.71 41.03
N ILE F 91 -7.30 -42.60 40.40
CA ILE F 91 -7.72 -43.98 40.26
C ILE F 91 -7.85 -44.62 41.62
N VAL F 92 -6.83 -44.46 42.46
CA VAL F 92 -6.88 -45.05 43.80
C VAL F 92 -8.02 -44.45 44.63
N SER F 93 -8.22 -43.14 44.52
CA SER F 93 -9.34 -42.55 45.26
C SER F 93 -10.67 -43.09 44.76
N ASP F 94 -10.83 -43.21 43.45
CA ASP F 94 -12.09 -43.70 42.88
C ASP F 94 -12.37 -45.12 43.35
N SER F 95 -11.31 -45.92 43.46
CA SER F 95 -11.49 -47.26 44.00
C SER F 95 -11.93 -47.19 45.45
N GLN F 96 -11.35 -46.24 46.20
CA GLN F 96 -11.74 -46.07 47.60
C GLN F 96 -13.20 -45.65 47.73
N ARG F 97 -13.65 -44.69 46.91
CA ARG F 97 -15.02 -44.18 46.99
C ARG F 97 -15.95 -45.10 46.18
N ALA F 98 -16.97 -45.64 46.84
CA ALA F 98 -17.70 -46.78 46.29
C ALA F 98 -18.34 -46.46 44.94
N SER F 99 -18.89 -45.28 44.77
CA SER F 99 -19.56 -44.98 43.50
C SER F 99 -18.61 -44.86 42.29
N ARG F 100 -19.17 -44.86 41.08
CA ARG F 100 -18.35 -44.77 39.89
C ARG F 100 -17.62 -43.48 39.95
N HIS F 101 -18.34 -42.40 40.20
CA HIS F 101 -17.77 -41.13 40.51
C HIS F 101 -16.59 -40.65 39.70
N LEU F 102 -16.60 -40.73 38.37
CA LEU F 102 -15.39 -40.32 37.66
C LEU F 102 -15.30 -38.83 37.56
N HIS F 103 -14.76 -38.17 38.57
CA HIS F 103 -14.59 -36.75 38.45
C HIS F 103 -13.14 -36.63 38.06
N LEU F 104 -12.29 -36.82 39.05
CA LEU F 104 -10.86 -36.65 38.84
C LEU F 104 -10.25 -37.57 37.80
N PHE F 105 -10.64 -38.84 37.74
CA PHE F 105 -10.02 -39.70 36.76
C PHE F 105 -10.27 -39.22 35.34
N MET F 106 -11.50 -38.89 35.01
CA MET F 106 -11.70 -38.46 33.63
C MET F 106 -11.00 -37.14 33.36
N PRO F 107 -11.04 -36.23 34.37
CA PRO F 107 -10.36 -34.97 34.09
C PRO F 107 -8.87 -35.18 33.84
N ALA F 108 -8.25 -36.02 34.64
CA ALA F 108 -6.85 -36.27 34.49
C ALA F 108 -6.55 -36.88 33.16
N VAL F 109 -7.35 -37.85 32.73
CA VAL F 109 -7.04 -38.47 31.47
C VAL F 109 -7.12 -37.46 30.31
N MET F 110 -8.15 -36.63 30.35
CA MET F 110 -8.27 -35.65 29.28
C MET F 110 -7.07 -34.69 29.31
N GLY F 111 -6.65 -34.26 30.50
CA GLY F 111 -5.52 -33.38 30.58
C GLY F 111 -4.27 -34.03 30.02
N PHE F 112 -4.04 -35.30 30.31
CA PHE F 112 -2.84 -35.93 29.76
C PHE F 112 -2.87 -35.97 28.26
N VAL F 113 -4.04 -36.29 27.72
CA VAL F 113 -4.15 -36.33 26.27
C VAL F 113 -3.87 -34.95 25.67
N ALA F 114 -4.40 -33.90 26.29
CA ALA F 114 -4.17 -32.57 25.80
C ALA F 114 -2.69 -32.26 25.84
N THR F 115 -1.99 -32.62 26.91
CA THR F 115 -0.57 -32.31 27.00
C THR F 115 0.20 -32.95 25.89
N THR F 116 -0.12 -34.21 25.64
CA THR F 116 0.59 -34.91 24.60
C THR F 116 0.37 -34.24 23.26
N THR F 117 -0.88 -33.86 22.98
CA THR F 117 -1.19 -33.19 21.73
C THR F 117 -0.48 -31.85 21.61
N SER F 118 -0.37 -31.13 22.70
CA SER F 118 0.31 -29.86 22.67
C SER F 118 1.73 -30.06 22.27
N ILE F 119 2.42 -31.06 22.82
CA ILE F 119 3.82 -31.21 22.39
C ILE F 119 4.02 -31.41 20.87
N VAL F 120 3.26 -32.33 20.34
CA VAL F 120 3.35 -32.70 18.93
C VAL F 120 3.14 -31.48 18.04
N TYR F 121 2.17 -30.62 18.41
CA TYR F 121 1.91 -29.43 17.60
C TYR F 121 3.13 -28.52 17.59
N TYR F 122 3.75 -28.36 18.75
CA TYR F 122 4.94 -27.51 18.80
C TYR F 122 6.05 -28.07 17.92
N HIS F 123 6.26 -29.39 17.95
CA HIS F 123 7.30 -29.97 17.11
C HIS F 123 7.01 -29.74 15.63
N ASN F 124 5.77 -29.97 15.21
CA ASN F 124 5.45 -29.77 13.80
C ASN F 124 5.62 -28.32 13.41
N ILE F 125 5.20 -27.40 14.29
CA ILE F 125 5.34 -25.97 14.00
C ILE F 125 6.81 -25.62 13.87
N GLU F 126 7.65 -26.23 14.70
CA GLU F 126 9.08 -25.96 14.64
C GLU F 126 9.67 -26.43 13.32
N THR F 127 9.24 -27.58 12.80
CA THR F 127 9.84 -28.06 11.57
C THR F 127 9.49 -27.15 10.40
N SER F 128 8.21 -27.04 10.07
CA SER F 128 7.74 -26.18 8.98
C SER F 128 7.21 -24.86 9.55
N ASN F 129 8.17 -24.03 9.98
CA ASN F 129 7.84 -22.88 10.82
C ASN F 129 6.88 -21.93 10.12
N PHE F 130 5.74 -21.69 10.77
CA PHE F 130 4.80 -20.63 10.41
C PHE F 130 4.46 -19.88 11.68
N PRO F 131 5.45 -19.21 12.28
CA PRO F 131 5.27 -18.67 13.64
C PRO F 131 4.16 -17.65 13.76
N LYS F 132 3.58 -17.26 12.62
CA LYS F 132 2.38 -16.43 12.65
C LYS F 132 1.17 -17.18 13.18
N LEU F 133 1.26 -18.50 13.29
CA LEU F 133 0.16 -19.29 13.85
C LEU F 133 0.47 -19.93 15.20
N LEU F 134 1.75 -20.15 15.51
CA LEU F 134 2.08 -20.86 16.75
C LEU F 134 1.75 -20.06 18.00
N LEU F 135 1.22 -18.85 17.88
CA LEU F 135 0.80 -18.13 19.08
C LEU F 135 -0.51 -18.67 19.66
N ALA F 136 -1.18 -19.59 18.96
CA ALA F 136 -2.45 -20.09 19.47
C ALA F 136 -2.24 -20.83 20.78
N LEU F 137 -1.15 -21.60 20.89
CA LEU F 137 -0.93 -22.38 22.09
C LEU F 137 -0.86 -21.49 23.32
N PHE F 138 -0.55 -20.21 23.12
CA PHE F 138 -0.47 -19.31 24.27
C PHE F 138 -1.81 -19.24 24.97
N LEU F 139 -2.89 -19.12 24.20
CA LEU F 139 -4.21 -19.00 24.82
C LEU F 139 -4.50 -20.24 25.65
N TYR F 140 -4.20 -21.42 25.11
CA TYR F 140 -4.48 -22.63 25.88
C TYR F 140 -3.63 -22.64 27.15
N TRP F 141 -2.35 -22.33 27.01
CA TRP F 141 -1.47 -22.41 28.18
C TRP F 141 -1.82 -21.34 29.19
N VAL F 142 -2.58 -20.33 28.79
CA VAL F 142 -3.03 -19.34 29.74
C VAL F 142 -4.39 -19.73 30.33
N MET F 143 -5.31 -20.22 29.50
CA MET F 143 -6.59 -20.66 30.05
C MET F 143 -6.42 -21.82 31.02
N ALA F 144 -5.46 -22.69 30.77
CA ALA F 144 -5.19 -23.75 31.73
C ALA F 144 -4.78 -23.16 33.07
N PHE F 145 -3.91 -22.15 33.04
CA PHE F 145 -3.50 -21.52 34.28
C PHE F 145 -4.71 -21.01 35.04
N ILE F 146 -5.67 -20.42 34.33
CA ILE F 146 -6.82 -19.86 35.02
C ILE F 146 -7.63 -20.97 35.69
N THR F 147 -7.91 -22.04 34.94
CA THR F 147 -8.75 -23.09 35.51
C THR F 147 -8.11 -23.71 36.73
N LYS F 148 -6.84 -24.08 36.62
CA LYS F 148 -6.19 -24.71 37.76
C LYS F 148 -6.00 -23.72 38.89
N THR F 149 -5.87 -22.44 38.57
CA THR F 149 -5.76 -21.47 39.64
C THR F 149 -7.06 -21.37 40.40
N ILE F 150 -8.19 -21.44 39.70
CA ILE F 150 -9.46 -21.42 40.40
C ILE F 150 -9.54 -22.63 41.32
N LYS F 151 -9.12 -23.80 40.82
CA LYS F 151 -9.16 -24.99 41.65
C LYS F 151 -8.27 -24.81 42.86
N LEU F 152 -7.08 -24.25 42.66
CA LEU F 152 -6.18 -24.07 43.79
C LEU F 152 -6.79 -23.11 44.80
N VAL F 153 -7.40 -22.03 44.32
CA VAL F 153 -7.99 -21.08 45.27
C VAL F 153 -9.10 -21.76 46.04
N LYS F 154 -9.92 -22.55 45.35
CA LYS F 154 -10.97 -23.28 46.06
C LYS F 154 -10.35 -24.22 47.07
N TYR F 155 -9.30 -24.91 46.67
CA TYR F 155 -8.62 -25.81 47.60
C TYR F 155 -8.23 -25.05 48.84
N TRP F 156 -7.59 -23.90 48.68
CA TRP F 156 -7.14 -23.16 49.84
C TRP F 156 -8.32 -22.70 50.68
N GLN F 157 -9.33 -22.11 50.05
CA GLN F 157 -10.47 -21.62 50.82
C GLN F 157 -11.20 -22.73 51.57
N LEU F 158 -11.13 -23.97 51.10
CA LEU F 158 -11.77 -25.08 51.79
C LEU F 158 -10.78 -25.92 52.58
N GLY F 159 -9.52 -25.51 52.68
CA GLY F 159 -8.54 -26.25 53.44
C GLY F 159 -8.45 -27.70 53.01
N TRP F 160 -8.00 -27.94 51.78
CA TRP F 160 -7.89 -29.29 51.23
C TRP F 160 -6.55 -29.94 51.56
N GLY F 161 -5.91 -29.53 52.65
CA GLY F 161 -4.73 -30.20 53.14
C GLY F 161 -3.46 -29.39 53.01
N MET F 162 -2.69 -29.30 54.09
CA MET F 162 -1.36 -28.70 54.04
C MET F 162 -0.34 -29.63 53.42
N SER F 163 -0.60 -30.94 53.46
CA SER F 163 0.36 -31.94 53.01
C SER F 163 -0.26 -32.92 52.02
N ASP F 164 -1.60 -33.06 52.08
CA ASP F 164 -2.29 -34.06 51.29
C ASP F 164 -1.96 -33.91 49.80
N LEU F 165 -1.72 -35.06 49.16
CA LEU F 165 -1.14 -35.06 47.81
C LEU F 165 -1.96 -34.25 46.82
N ARG F 166 -3.26 -34.07 47.07
CA ARG F 166 -4.05 -33.26 46.16
C ARG F 166 -3.59 -31.81 46.17
N PHE F 167 -3.40 -31.24 47.35
CA PHE F 167 -3.02 -29.82 47.45
C PHE F 167 -1.65 -29.60 46.84
N CYS F 168 -0.67 -30.42 47.22
CA CYS F 168 0.68 -30.27 46.69
C CYS F 168 0.74 -30.52 45.19
N ILE F 169 0.02 -31.54 44.70
CA ILE F 169 0.02 -31.82 43.28
C ILE F 169 -0.59 -30.65 42.51
N THR F 170 -1.70 -30.09 43.01
CA THR F 170 -2.31 -28.96 42.35
C THR F 170 -1.38 -27.75 42.38
N GLY F 171 -0.67 -27.55 43.49
CA GLY F 171 0.30 -26.47 43.54
C GLY F 171 1.41 -26.63 42.54
N VAL F 172 1.96 -27.84 42.42
CA VAL F 172 3.04 -28.08 41.46
C VAL F 172 2.52 -27.93 40.04
N MET F 173 1.28 -28.33 39.79
CA MET F 173 0.69 -28.12 38.47
C MET F 173 0.58 -26.64 38.16
N VAL F 174 0.14 -25.84 39.13
CA VAL F 174 0.07 -24.39 38.92
C VAL F 174 1.46 -23.83 38.65
N ILE F 175 2.46 -24.33 39.39
CA ILE F 175 3.81 -23.80 39.25
C ILE F 175 4.38 -24.11 37.87
N LEU F 176 4.35 -25.39 37.47
CA LEU F 176 4.85 -25.75 36.15
C LEU F 176 4.03 -25.10 35.05
N ASN F 177 2.73 -24.91 35.27
CA ASN F 177 1.92 -24.19 34.30
C ASN F 177 2.40 -22.76 34.14
N GLY F 178 2.74 -22.11 35.26
CA GLY F 178 3.30 -20.77 35.18
C GLY F 178 4.65 -20.75 34.49
N LEU F 179 5.48 -21.75 34.75
CA LEU F 179 6.80 -21.81 34.13
C LEU F 179 6.69 -21.98 32.61
N LEU F 180 5.83 -22.90 32.18
CA LEU F 180 5.59 -23.04 30.74
C LEU F 180 4.90 -21.81 30.17
N MET F 181 4.04 -21.15 30.94
CA MET F 181 3.43 -19.92 30.48
C MET F 181 4.47 -18.84 30.28
N ALA F 182 5.50 -18.84 31.13
CA ALA F 182 6.60 -17.92 30.94
C ALA F 182 7.49 -18.35 29.76
N VAL F 183 7.57 -19.64 29.49
CA VAL F 183 8.23 -20.09 28.27
C VAL F 183 7.51 -19.54 27.06
N GLU F 184 6.18 -19.59 27.07
CA GLU F 184 5.40 -18.96 26.02
C GLU F 184 5.59 -17.44 26.02
N ILE F 185 5.67 -16.83 27.21
CA ILE F 185 5.90 -15.40 27.27
C ILE F 185 7.25 -15.04 26.69
N ASN F 186 8.22 -15.96 26.76
CA ASN F 186 9.53 -15.69 26.17
C ASN F 186 9.54 -15.99 24.69
N VAL F 187 8.73 -16.95 24.22
CA VAL F 187 8.47 -17.05 22.80
C VAL F 187 7.84 -15.77 22.30
N ILE F 188 7.04 -15.12 23.13
CA ILE F 188 6.50 -13.80 22.81
C ILE F 188 7.59 -12.74 22.85
N ARG F 189 8.51 -12.84 23.82
CA ARG F 189 9.66 -11.94 23.90
C ARG F 189 10.65 -12.18 22.77
N VAL F 190 10.43 -13.21 21.97
CA VAL F 190 11.15 -13.40 20.72
C VAL F 190 10.30 -12.78 19.62
N ARG F 191 9.06 -13.27 19.50
CA ARG F 191 8.08 -12.74 18.56
C ARG F 191 7.80 -11.25 18.73
N ARG F 192 8.11 -10.67 19.89
CA ARG F 192 7.84 -9.25 20.12
C ARG F 192 9.12 -8.45 20.30
N TYR F 193 10.25 -8.97 19.83
CA TYR F 193 11.38 -8.09 19.55
C TYR F 193 10.93 -6.95 18.66
N VAL F 194 10.17 -7.28 17.62
CA VAL F 194 9.40 -6.32 16.83
C VAL F 194 7.99 -6.90 16.74
N PHE F 195 7.06 -6.31 17.49
CA PHE F 195 5.74 -6.90 17.72
C PHE F 195 4.92 -7.09 16.44
N PHE F 196 5.44 -6.63 15.32
CA PHE F 196 4.84 -6.91 14.02
C PHE F 196 5.79 -7.62 13.08
N MET F 197 7.01 -7.95 13.53
CA MET F 197 7.98 -8.65 12.70
C MET F 197 9.07 -9.30 13.54
N ASN F 198 8.79 -10.44 14.20
CA ASN F 198 9.78 -11.20 14.95
C ASN F 198 9.30 -12.60 15.28
#